data_6DID
#
_entry.id   6DID
#
loop_
_entity.id
_entity.type
_entity.pdbx_description
1 polymer 'Envelope glycoprotein gp160'
2 polymer 'Envelope glycoprotein gp160'
3 polymer 'Monoclonal antibody 10A light chain'
4 polymer 'Monoclonal antibody 10A heavy chain'
5 branched beta-D-mannopyranose-(1-4)-2-acetamido-2-deoxy-beta-D-glucopyranose-(1-4)-2-acetamido-2-deoxy-beta-D-glucopyranose
6 branched 2-acetamido-2-deoxy-beta-D-glucopyranose-(1-4)-2-acetamido-2-deoxy-beta-D-glucopyranose
7 branched alpha-D-mannopyranose-(1-2)-alpha-D-mannopyranose-(1-3)-[alpha-D-mannopyranose-(1-3)-alpha-D-mannopyranose-(1-6)]beta-D-mannopyranose-(1-4)-2-acetamido-2-deoxy-beta-D-glucopyranose-(1-4)-2-acetamido-2-deoxy-beta-D-glucopyranose
8 branched alpha-D-mannopyranose-(1-2)-alpha-D-mannopyranose-(1-3)-[alpha-D-mannopyranose-(1-3)-[alpha-D-mannopyranose-(1-6)]alpha-D-mannopyranose-(1-6)]beta-D-mannopyranose-(1-4)-2-acetamido-2-deoxy-beta-D-glucopyranose-(1-4)-2-acetamido-2-deoxy-beta-D-glucopyranose
9 branched alpha-D-mannopyranose-(1-3)-alpha-D-mannopyranose-(1-6)-[alpha-D-mannopyranose-(1-3)]beta-D-mannopyranose-(1-4)-2-acetamido-2-deoxy-beta-D-glucopyranose-(1-4)-2-acetamido-2-deoxy-beta-D-glucopyranose
10 branched alpha-D-mannopyranose-(1-6)-beta-D-mannopyranose-(1-4)-2-acetamido-2-deoxy-beta-D-glucopyranose-(1-4)-2-acetamido-2-deoxy-beta-D-glucopyranose
11 non-polymer 2-acetamido-2-deoxy-beta-D-glucopyranose
#
loop_
_entity_poly.entity_id
_entity_poly.type
_entity_poly.pdbx_seq_one_letter_code
_entity_poly.pdbx_strand_id
1 'polypeptide(L)'
;AENLWVTVYYGVPVWKDAETTLFCASDAKAYETEKHNVWATHACVPTDPNPQEIHLENVTEEFNMWKNNMVEQMHTDIIS
LWDQSLKPCVKLTPLCVTLQCTNVTNNITDDMRGELKNCSFNMTTELRDKKQKVYSLFYRLDVVQINENQGNRSNNSNKE
YRLINCNTSAITQACPKVSFEPIPIHYCAPAGFAILKCKDKKFNGTGPCPSVSTVQCTHGIKPVVSTQLLLNGSLAEEEV
MIRSENITNNAKNILVQFNTPVQINCTRPNNNTRKSIRIGPGQAFYATGDIIGDIRQAHCNVSKATWNETLGKVVKQLRK
HFGNNTIIRFANSSGGDLEVTTHSFNCGGEFFYCNTSGLFNSTWISNTSVQGSNSTGSNDSITLPCRIKQIINMWQRIGQ
AMYAPPIQGVIRCVSNITGLILTRDGGSTNSTTETFRPGGGDMRDNWRSELYKYKVVKIEPLGVAPTRCKRRVVGRRRRR
R
;
A,F,G
2 'polypeptide(L)'
;AVGIGAVFLGFLGAAGSTMGAASMTLTVQARNLLSGIVQQQSNLLRAPEAQQHLLKLTVWGIKQLQARVLAVERYLRDQQ
LLGIWGCSGKLICCTNVPWNSSWSNRNLSEIWDNMTWLQWDKEISNYTQIIYGLLEESQNQQEKNEQDLLALD
;
B,I,J
3 'polypeptide(L)'
;DIVMTQTPASVEAAVGGTVAIKCQASQSIRSYLAWYQQKPGQPPKLLIYEASKLASGVPSRFSGSGSGTQFTLTISGVEC
DDAATYYCQRNYDSYSGAYYPNGFGGGTEVVVKGDPVAPSVLIFPPAADQVATGTVTIVCVANKYFPDVTVTWEVDGTTQ
TTGIENSKTPQNSADCTYNLSSTLTLTSTQYNSHKEYTCKVTQGTTSVVQSFNRGDC
;
C,E,H
4 'polypeptide(L)'
;QLVESGGGLVQPGASLTLTCTASGFSFSSDYYMCWVRQAPGKGLEWIACIWTANSISYYARWAKGRFTISKTSSTTVTLQ
MTSLTAADTATYFCARGGSGDGQSLWGPGTLVTVSSGQPKAPSVFPLAPCCGDTPSSTVTLGCLVKGYLPEPVTVTWNSG
TLTNGVRTFPSVRQSSGLYSLSSVVSVTSSSQPVTCNVAHPATNTKVDKTVAPS
;
D,K,L
#
loop_
_chem_comp.id
_chem_comp.type
_chem_comp.name
_chem_comp.formula
BMA D-saccharide, beta linking beta-D-mannopyranose 'C6 H12 O6'
MAN D-saccharide, alpha linking alpha-D-mannopyranose 'C6 H12 O6'
NAG D-saccharide, beta linking 2-acetamido-2-deoxy-beta-D-glucopyranose 'C8 H15 N O6'
#
# COMPACT_ATOMS: atom_id res chain seq x y z
N GLU A 2 -4.41 31.37 -29.84
CA GLU A 2 -5.83 31.44 -30.11
C GLU A 2 -6.49 30.09 -30.11
N ASN A 3 -5.85 29.15 -30.77
CA ASN A 3 -6.40 27.82 -30.87
C ASN A 3 -6.40 27.17 -29.51
N LEU A 4 -7.45 26.43 -29.25
CA LEU A 4 -7.71 25.84 -27.95
C LEU A 4 -6.66 24.85 -27.52
N TRP A 5 -6.46 24.82 -26.20
CA TRP A 5 -5.50 23.91 -25.63
C TRP A 5 -6.25 22.92 -24.81
N VAL A 6 -5.92 21.67 -24.92
CA VAL A 6 -6.61 20.72 -24.08
C VAL A 6 -5.98 20.79 -22.72
N THR A 7 -6.77 20.83 -21.66
CA THR A 7 -6.12 20.89 -20.36
C THR A 7 -6.72 19.98 -19.32
N VAL A 8 -5.94 19.76 -18.29
CA VAL A 8 -6.27 18.86 -17.19
C VAL A 8 -7.31 19.31 -16.20
N TYR A 9 -8.17 18.35 -15.85
CA TYR A 9 -9.16 18.48 -14.81
C TYR A 9 -9.12 17.24 -13.95
N TYR A 10 -9.56 17.35 -12.71
CA TYR A 10 -9.55 16.16 -11.89
C TYR A 10 -10.75 16.11 -10.99
N GLY A 11 -11.18 14.89 -10.72
CA GLY A 11 -12.35 14.59 -9.94
C GLY A 11 -13.64 14.66 -10.76
N VAL A 12 -13.54 14.82 -12.07
CA VAL A 12 -14.77 14.86 -12.85
C VAL A 12 -15.37 13.48 -12.80
N PRO A 13 -16.69 13.32 -12.69
CA PRO A 13 -17.23 11.99 -12.66
C PRO A 13 -17.06 11.30 -13.99
N VAL A 14 -16.65 10.04 -13.92
CA VAL A 14 -16.61 9.14 -15.05
C VAL A 14 -17.01 7.77 -14.58
N TRP A 15 -17.81 7.04 -15.32
CA TRP A 15 -18.08 5.67 -14.90
C TRP A 15 -17.52 4.68 -15.87
N LYS A 16 -16.88 3.65 -15.34
CA LYS A 16 -16.49 2.56 -16.19
C LYS A 16 -17.06 1.30 -15.61
N ASP A 17 -17.56 0.40 -16.42
CA ASP A 17 -17.98 -0.83 -15.81
C ASP A 17 -16.74 -1.55 -15.33
N ALA A 18 -16.76 -2.03 -14.11
CA ALA A 18 -15.56 -2.69 -13.63
C ALA A 18 -15.86 -3.69 -12.55
N GLU A 19 -14.95 -4.62 -12.35
CA GLU A 19 -15.12 -5.53 -11.25
C GLU A 19 -13.98 -5.48 -10.28
N THR A 20 -14.34 -5.44 -9.02
CA THR A 20 -13.40 -5.48 -7.92
C THR A 20 -13.94 -6.46 -6.95
N THR A 21 -13.11 -6.90 -6.02
CA THR A 21 -13.64 -7.76 -5.03
C THR A 21 -14.54 -6.97 -4.10
N LEU A 22 -15.70 -7.51 -3.81
CA LEU A 22 -16.62 -6.87 -2.88
C LEU A 22 -16.12 -6.87 -1.45
N PHE A 23 -16.41 -5.82 -0.71
CA PHE A 23 -16.02 -5.80 0.68
C PHE A 23 -17.18 -6.13 1.61
N CYS A 24 -17.03 -7.19 2.41
CA CYS A 24 -18.08 -7.58 3.34
C CYS A 24 -18.26 -6.65 4.51
N ALA A 25 -19.50 -6.39 4.87
CA ALA A 25 -19.79 -5.59 6.03
C ALA A 25 -21.11 -6.01 6.65
N SER A 26 -21.32 -5.70 7.92
CA SER A 26 -22.59 -6.09 8.52
C SER A 26 -23.08 -5.17 9.62
N ASP A 27 -24.34 -5.33 9.94
CA ASP A 27 -24.91 -4.65 11.09
C ASP A 27 -24.28 -5.24 12.34
N ALA A 28 -23.92 -4.39 13.29
CA ALA A 28 -23.32 -4.87 14.53
C ALA A 28 -22.14 -5.79 14.25
N HIS A 36 -21.68 -17.86 17.38
CA HIS A 36 -21.11 -17.50 16.09
C HIS A 36 -22.02 -17.92 14.97
N ASN A 37 -22.17 -17.03 14.01
CA ASN A 37 -22.96 -17.35 12.84
C ASN A 37 -22.05 -17.60 11.68
N VAL A 38 -22.30 -18.68 10.93
CA VAL A 38 -21.43 -19.01 9.81
C VAL A 38 -21.32 -17.92 8.78
N TRP A 39 -22.44 -17.29 8.51
CA TRP A 39 -22.50 -16.34 7.43
C TRP A 39 -21.70 -15.08 7.60
N ALA A 40 -21.53 -14.61 8.83
CA ALA A 40 -20.72 -13.41 9.01
C ALA A 40 -19.47 -13.69 9.80
N THR A 41 -19.52 -14.77 10.61
CA THR A 41 -18.46 -15.24 11.53
C THR A 41 -18.03 -14.17 12.54
N HIS A 42 -18.72 -13.03 12.51
CA HIS A 42 -18.49 -11.79 13.19
C HIS A 42 -17.19 -11.15 12.67
N ALA A 43 -16.64 -11.67 11.55
CA ALA A 43 -15.43 -11.13 10.97
C ALA A 43 -15.69 -9.97 10.03
N CYS A 44 -16.94 -9.84 9.58
CA CYS A 44 -17.18 -8.70 8.70
C CYS A 44 -17.14 -7.44 9.50
N VAL A 45 -16.56 -6.41 8.91
CA VAL A 45 -16.48 -5.16 9.62
C VAL A 45 -17.89 -4.60 9.76
N PRO A 46 -18.24 -4.11 10.93
CA PRO A 46 -19.51 -3.49 11.24
C PRO A 46 -19.60 -2.23 10.43
N THR A 47 -20.80 -1.80 10.12
CA THR A 47 -20.85 -0.59 9.32
C THR A 47 -21.82 0.45 9.82
N ASP A 48 -21.57 1.65 9.33
CA ASP A 48 -22.33 2.82 9.68
C ASP A 48 -23.77 2.76 9.24
N PRO A 49 -24.71 3.17 10.08
CA PRO A 49 -26.14 3.28 9.84
C PRO A 49 -26.43 4.56 9.06
N ASN A 50 -25.73 4.73 7.95
CA ASN A 50 -25.85 5.89 7.12
C ASN A 50 -25.88 5.52 5.66
N PRO A 51 -26.99 4.99 5.18
CA PRO A 51 -27.26 4.58 3.82
C PRO A 51 -27.49 5.82 2.98
N GLN A 52 -26.45 6.62 2.80
CA GLN A 52 -26.65 7.88 2.14
C GLN A 52 -26.69 7.74 0.65
N GLU A 53 -27.86 7.37 0.18
CA GLU A 53 -28.12 7.29 -1.22
C GLU A 53 -28.03 8.63 -1.86
N ILE A 54 -27.49 8.68 -3.06
CA ILE A 54 -27.47 9.94 -3.76
C ILE A 54 -28.23 9.80 -5.03
N HIS A 55 -29.35 10.50 -5.13
CA HIS A 55 -30.08 10.42 -6.37
C HIS A 55 -29.28 11.06 -7.45
N LEU A 56 -29.20 10.41 -8.59
CA LEU A 56 -28.46 11.00 -9.66
C LEU A 56 -29.40 11.60 -10.66
N GLU A 57 -29.58 12.91 -10.54
CA GLU A 57 -30.46 13.63 -11.43
C GLU A 57 -29.99 13.53 -12.86
N ASN A 58 -30.93 13.42 -13.79
CA ASN A 58 -30.64 13.42 -15.22
C ASN A 58 -29.65 12.37 -15.69
N VAL A 59 -29.72 11.15 -15.18
CA VAL A 59 -28.82 10.14 -15.71
C VAL A 59 -29.57 8.89 -16.02
N THR A 60 -28.99 8.04 -16.85
CA THR A 60 -29.54 6.71 -17.01
C THR A 60 -28.37 5.78 -17.01
N GLU A 61 -28.61 4.52 -16.70
CA GLU A 61 -27.52 3.57 -16.81
C GLU A 61 -27.97 2.21 -17.20
N GLU A 62 -27.21 1.56 -18.05
CA GLU A 62 -27.49 0.18 -18.38
C GLU A 62 -27.20 -0.74 -17.22
N PHE A 63 -28.07 -1.69 -17.00
CA PHE A 63 -27.81 -2.73 -16.01
C PHE A 63 -28.12 -4.04 -16.65
N ASN A 64 -27.20 -4.98 -16.60
CA ASN A 64 -27.56 -6.24 -17.16
C ASN A 64 -27.52 -7.33 -16.14
N MET A 65 -28.69 -7.85 -15.88
CA MET A 65 -28.84 -8.96 -15.01
C MET A 65 -28.19 -10.12 -15.68
N TRP A 66 -27.68 -11.03 -14.88
CA TRP A 66 -26.97 -12.20 -15.31
C TRP A 66 -25.63 -11.88 -15.94
N LYS A 67 -25.20 -10.61 -15.88
CA LYS A 67 -23.89 -10.27 -16.37
C LYS A 67 -23.01 -9.80 -15.25
N ASN A 68 -23.62 -9.39 -14.15
CA ASN A 68 -22.87 -8.88 -13.02
C ASN A 68 -22.12 -9.99 -12.36
N ASN A 69 -20.85 -9.76 -12.04
CA ASN A 69 -20.10 -10.82 -11.41
C ASN A 69 -20.10 -10.73 -9.91
N MET A 70 -20.88 -9.79 -9.36
CA MET A 70 -21.08 -9.75 -7.93
C MET A 70 -21.76 -11.02 -7.51
N VAL A 71 -22.58 -11.52 -8.41
CA VAL A 71 -23.30 -12.73 -8.18
C VAL A 71 -22.38 -13.88 -8.03
N GLU A 72 -21.38 -13.92 -8.89
CA GLU A 72 -20.44 -14.99 -8.80
C GLU A 72 -19.61 -14.89 -7.56
N GLN A 73 -19.24 -13.67 -7.19
CA GLN A 73 -18.46 -13.54 -6.01
C GLN A 73 -19.21 -14.00 -4.80
N MET A 74 -20.49 -13.64 -4.74
CA MET A 74 -21.27 -14.10 -3.62
C MET A 74 -21.38 -15.58 -3.60
N HIS A 75 -21.53 -16.16 -4.78
CA HIS A 75 -21.66 -17.57 -4.84
C HIS A 75 -20.46 -18.30 -4.33
N THR A 76 -19.27 -17.77 -4.55
CA THR A 76 -18.13 -18.49 -4.03
C THR A 76 -17.71 -18.01 -2.67
N ASP A 77 -18.18 -16.84 -2.27
CA ASP A 77 -17.81 -16.34 -0.97
C ASP A 77 -18.46 -17.18 0.09
N ILE A 78 -19.73 -17.51 -0.12
CA ILE A 78 -20.43 -18.33 0.83
C ILE A 78 -19.91 -19.74 0.89
N ILE A 79 -19.34 -20.21 -0.21
CA ILE A 79 -18.84 -21.55 -0.21
C ILE A 79 -17.61 -21.60 0.62
N SER A 80 -16.77 -20.59 0.46
CA SER A 80 -15.58 -20.55 1.24
C SER A 80 -15.89 -20.48 2.70
N LEU A 81 -16.95 -19.76 3.06
CA LEU A 81 -17.33 -19.71 4.45
C LEU A 81 -17.77 -21.02 4.97
N TRP A 82 -18.53 -21.72 4.14
CA TRP A 82 -19.05 -22.97 4.57
C TRP A 82 -17.97 -23.95 4.89
N ASP A 83 -16.94 -23.95 4.05
CA ASP A 83 -15.87 -24.85 4.29
C ASP A 83 -15.06 -24.43 5.46
N GLN A 84 -14.93 -23.13 5.62
CA GLN A 84 -14.18 -22.63 6.72
C GLN A 84 -14.80 -23.03 8.03
N SER A 85 -16.13 -22.98 8.09
CA SER A 85 -16.78 -23.38 9.31
C SER A 85 -16.60 -24.84 9.60
N LEU A 86 -16.49 -25.66 8.56
CA LEU A 86 -16.32 -27.07 8.82
C LEU A 86 -14.91 -27.57 8.95
N LYS A 87 -13.91 -26.80 8.57
CA LYS A 87 -12.57 -27.36 8.71
C LYS A 87 -12.14 -27.70 10.14
N PRO A 88 -12.57 -26.96 11.17
CA PRO A 88 -12.36 -27.25 12.58
C PRO A 88 -13.04 -28.51 13.07
N CYS A 89 -14.07 -28.93 12.36
CA CYS A 89 -14.95 -29.97 12.79
C CYS A 89 -14.43 -31.42 12.62
N VAL A 90 -14.79 -32.27 13.59
CA VAL A 90 -14.41 -33.68 13.67
C VAL A 90 -15.01 -34.58 12.58
N LYS A 91 -14.16 -35.46 12.05
CA LYS A 91 -14.56 -36.41 11.02
C LYS A 91 -15.46 -37.50 11.58
N LEU A 92 -16.42 -37.95 10.80
CA LEU A 92 -17.30 -39.01 11.22
C LEU A 92 -17.00 -40.37 10.62
N THR A 93 -15.80 -40.58 10.10
CA THR A 93 -15.53 -41.81 9.36
C THR A 93 -15.65 -43.14 10.13
N PRO A 94 -15.62 -43.17 11.47
CA PRO A 94 -15.91 -44.35 12.28
C PRO A 94 -17.32 -44.89 12.06
N LEU A 95 -18.20 -44.09 11.46
CA LEU A 95 -19.57 -44.49 11.27
C LEU A 95 -19.83 -45.34 10.04
N CYS A 96 -18.80 -45.72 9.29
CA CYS A 96 -19.05 -46.60 8.16
C CYS A 96 -19.18 -48.07 8.51
N VAL A 97 -19.19 -48.38 9.81
CA VAL A 97 -19.48 -49.71 10.29
C VAL A 97 -20.91 -50.03 9.90
N THR A 98 -21.16 -51.26 9.46
CA THR A 98 -22.50 -51.63 9.05
C THR A 98 -23.46 -51.66 10.22
N LEU A 99 -24.74 -51.48 9.95
CA LEU A 99 -25.70 -51.42 11.04
C LEU A 99 -26.79 -52.43 10.94
N GLN A 100 -27.18 -52.97 12.09
CA GLN A 100 -28.35 -53.83 12.13
C GLN A 100 -29.53 -52.90 12.24
N CYS A 101 -30.65 -53.20 11.60
CA CYS A 101 -31.77 -52.31 11.83
C CYS A 101 -33.12 -52.96 11.86
N THR A 102 -34.08 -52.20 12.37
CA THR A 102 -35.49 -52.53 12.29
C THR A 102 -36.27 -51.29 11.95
N ASN A 103 -37.46 -51.47 11.42
CA ASN A 103 -38.32 -50.31 11.24
C ASN A 103 -38.82 -49.92 12.60
N VAL A 104 -38.88 -48.63 12.90
CA VAL A 104 -39.42 -48.26 14.19
C VAL A 104 -40.93 -48.47 14.18
N THR A 105 -41.46 -49.15 15.20
CA THR A 105 -42.89 -49.38 15.31
C THR A 105 -43.56 -48.67 16.49
N ASN A 106 -42.79 -47.88 17.23
CA ASN A 106 -43.32 -47.24 18.43
C ASN A 106 -44.11 -45.97 18.16
N ASN A 107 -45.44 -46.05 18.33
CA ASN A 107 -46.34 -44.91 18.18
C ASN A 107 -46.21 -44.22 16.83
N ILE A 108 -46.17 -45.00 15.79
CA ILE A 108 -45.99 -44.46 14.46
C ILE A 108 -47.31 -44.06 13.80
N THR A 109 -47.44 -42.81 13.36
CA THR A 109 -48.62 -42.44 12.58
C THR A 109 -48.56 -43.24 11.30
N ASP A 110 -49.70 -43.68 10.80
CA ASP A 110 -49.70 -44.58 9.64
C ASP A 110 -48.92 -44.09 8.43
N ASP A 111 -48.93 -42.79 8.13
CA ASP A 111 -48.18 -42.35 6.97
C ASP A 111 -46.70 -42.11 7.26
N MET A 112 -46.27 -42.41 8.47
CA MET A 112 -44.89 -42.34 8.84
C MET A 112 -44.26 -43.71 8.83
N ARG A 113 -45.03 -44.75 8.49
CA ARG A 113 -44.43 -46.05 8.61
C ARG A 113 -43.23 -46.22 7.71
N GLY A 114 -42.19 -46.77 8.30
CA GLY A 114 -40.94 -47.11 7.65
C GLY A 114 -40.06 -45.88 7.45
N GLU A 115 -40.46 -44.72 7.99
CA GLU A 115 -39.67 -43.51 7.83
C GLU A 115 -38.39 -43.52 8.63
N LEU A 116 -38.46 -44.17 9.77
CA LEU A 116 -37.34 -44.25 10.66
C LEU A 116 -36.94 -45.65 10.93
N LYS A 117 -35.66 -45.82 11.16
CA LYS A 117 -35.16 -47.12 11.51
C LYS A 117 -34.38 -47.00 12.80
N ASN A 118 -34.40 -48.04 13.56
CA ASN A 118 -33.64 -48.07 14.78
C ASN A 118 -32.50 -48.95 14.46
N CYS A 119 -31.28 -48.50 14.68
CA CYS A 119 -30.21 -49.37 14.28
C CYS A 119 -29.08 -49.38 15.24
N SER A 120 -28.21 -50.38 15.10
CA SER A 120 -27.09 -50.45 16.00
C SER A 120 -25.83 -50.99 15.37
N PHE A 121 -24.74 -50.69 16.03
CA PHE A 121 -23.42 -51.03 15.53
C PHE A 121 -22.34 -51.21 16.61
N ASN A 122 -21.22 -51.79 16.19
CA ASN A 122 -20.09 -52.16 17.05
C ASN A 122 -18.94 -51.14 17.13
N MET A 123 -19.21 -49.89 16.77
CA MET A 123 -18.19 -48.84 16.69
C MET A 123 -17.46 -48.55 18.01
N THR A 124 -16.21 -48.13 17.86
CA THR A 124 -15.23 -47.93 18.91
C THR A 124 -15.51 -46.91 19.99
N THR A 125 -14.96 -47.19 21.16
CA THR A 125 -14.95 -46.25 22.28
C THR A 125 -13.81 -45.31 22.00
N GLU A 126 -13.69 -44.26 22.78
CA GLU A 126 -12.54 -43.40 22.58
C GLU A 126 -11.19 -44.08 22.88
N LEU A 127 -11.20 -45.22 23.58
CA LEU A 127 -9.96 -45.94 23.81
C LEU A 127 -9.54 -46.63 22.55
N ARG A 128 -8.25 -46.67 22.28
CA ARG A 128 -7.80 -47.34 21.07
C ARG A 128 -8.13 -48.82 21.04
N ASP A 129 -8.09 -49.45 22.19
CA ASP A 129 -8.34 -50.86 22.30
C ASP A 129 -9.78 -51.30 22.65
N LYS A 130 -10.75 -50.40 22.66
CA LYS A 130 -12.09 -50.85 23.05
C LYS A 130 -13.21 -50.43 22.12
N LYS A 131 -14.29 -51.22 22.13
CA LYS A 131 -15.46 -50.97 21.31
C LYS A 131 -16.74 -51.06 22.12
N GLN A 132 -17.79 -50.43 21.61
CA GLN A 132 -19.05 -50.44 22.31
C GLN A 132 -20.25 -50.55 21.40
N LYS A 133 -21.32 -51.13 21.88
CA LYS A 133 -22.51 -51.14 21.06
C LYS A 133 -23.12 -49.77 21.08
N VAL A 134 -23.58 -49.31 19.93
CA VAL A 134 -24.21 -48.01 19.84
C VAL A 134 -25.48 -48.07 19.05
N TYR A 135 -26.50 -47.29 19.42
CA TYR A 135 -27.64 -47.26 18.55
C TYR A 135 -28.29 -45.87 18.49
N SER A 136 -28.97 -45.62 17.39
CA SER A 136 -29.70 -44.36 17.18
C SER A 136 -30.85 -44.51 16.24
N LEU A 137 -31.77 -43.57 16.32
CA LEU A 137 -32.78 -43.48 15.30
C LEU A 137 -32.13 -42.93 14.04
N PHE A 138 -32.59 -43.36 12.87
CA PHE A 138 -32.12 -42.75 11.64
C PHE A 138 -33.22 -42.57 10.62
N TYR A 139 -33.12 -41.54 9.81
CA TYR A 139 -34.04 -41.41 8.70
C TYR A 139 -33.68 -42.43 7.67
N ARG A 140 -34.67 -43.03 7.04
CA ARG A 140 -34.38 -43.98 5.98
C ARG A 140 -33.59 -43.36 4.84
N LEU A 141 -33.74 -42.05 4.65
CA LEU A 141 -33.04 -41.35 3.59
C LEU A 141 -31.54 -41.35 3.72
N ASP A 142 -31.04 -41.51 4.93
CA ASP A 142 -29.61 -41.46 5.11
C ASP A 142 -28.93 -42.82 5.04
N VAL A 143 -29.67 -43.88 4.74
CA VAL A 143 -29.03 -45.17 4.65
C VAL A 143 -29.42 -45.95 3.43
N VAL A 144 -28.60 -46.91 3.10
CA VAL A 144 -28.92 -47.83 2.04
C VAL A 144 -28.69 -49.22 2.56
N GLN A 145 -29.31 -50.19 1.94
CA GLN A 145 -29.10 -51.53 2.41
C GLN A 145 -27.67 -51.92 2.10
N ILE A 146 -27.03 -52.67 2.99
CA ILE A 146 -25.67 -53.11 2.69
C ILE A 146 -25.60 -54.07 1.51
N ASN A 147 -26.67 -54.82 1.31
CA ASN A 147 -26.86 -55.74 0.21
C ASN A 147 -28.34 -55.88 0.07
N GLU A 148 -28.83 -56.60 -0.93
CA GLU A 148 -30.27 -56.72 -0.96
C GLU A 148 -30.80 -57.50 0.24
N GLU A 160 -29.68 -55.14 7.09
CA GLU A 160 -28.46 -54.42 7.37
C GLU A 160 -28.28 -53.26 6.44
N TYR A 161 -27.69 -52.20 6.97
CA TYR A 161 -27.54 -50.96 6.25
C TYR A 161 -26.20 -50.30 6.43
N ARG A 162 -25.92 -49.34 5.58
CA ARG A 162 -24.71 -48.54 5.68
C ARG A 162 -25.09 -47.13 5.37
N LEU A 163 -24.29 -46.19 5.81
CA LEU A 163 -24.67 -44.83 5.48
C LEU A 163 -24.61 -44.67 4.00
N ILE A 164 -25.54 -43.90 3.49
CA ILE A 164 -25.65 -43.66 2.08
C ILE A 164 -24.44 -43.05 1.42
N ASN A 165 -23.64 -42.32 2.17
CA ASN A 165 -22.45 -41.73 1.58
C ASN A 165 -21.15 -42.45 1.85
N CYS A 166 -21.17 -43.67 2.37
CA CYS A 166 -19.87 -44.33 2.57
C CYS A 166 -19.14 -44.69 1.28
N ASN A 167 -19.83 -44.70 0.14
CA ASN A 167 -19.17 -44.94 -1.13
C ASN A 167 -18.84 -43.63 -1.86
N THR A 168 -18.95 -42.52 -1.14
CA THR A 168 -18.73 -41.17 -1.63
C THR A 168 -17.85 -40.49 -0.62
N SER A 169 -17.39 -39.29 -0.90
CA SER A 169 -16.49 -38.65 0.06
C SER A 169 -17.09 -38.61 1.44
N ALA A 170 -16.19 -38.75 2.41
CA ALA A 170 -16.54 -38.92 3.80
C ALA A 170 -17.36 -37.83 4.42
N ILE A 171 -18.22 -38.27 5.31
CA ILE A 171 -19.11 -37.47 6.11
C ILE A 171 -18.42 -36.88 7.32
N THR A 172 -18.63 -35.60 7.56
CA THR A 172 -18.11 -35.05 8.81
C THR A 172 -19.12 -34.17 9.50
N GLN A 173 -18.97 -34.00 10.82
CA GLN A 173 -19.77 -33.03 11.54
C GLN A 173 -19.32 -32.80 12.95
N ALA A 174 -19.18 -31.55 13.29
CA ALA A 174 -18.93 -31.11 14.63
C ALA A 174 -19.27 -29.66 14.66
N CYS A 175 -19.22 -29.07 15.83
CA CYS A 175 -19.39 -27.65 16.00
C CYS A 175 -20.83 -27.20 15.77
N PRO A 176 -21.82 -27.95 16.26
CA PRO A 176 -23.25 -27.69 16.11
C PRO A 176 -23.67 -26.32 16.65
N LYS A 177 -22.82 -25.75 17.50
CA LYS A 177 -23.03 -24.46 18.12
C LYS A 177 -23.11 -23.32 17.14
N VAL A 178 -22.44 -23.45 15.99
CA VAL A 178 -22.47 -22.39 15.03
C VAL A 178 -23.88 -22.27 14.45
N SER A 179 -24.36 -21.06 14.25
CA SER A 179 -25.69 -20.94 13.69
C SER A 179 -25.66 -20.83 12.20
N PHE A 180 -26.59 -21.52 11.57
CA PHE A 180 -26.74 -21.38 10.14
C PHE A 180 -27.87 -20.45 9.78
N GLU A 181 -28.47 -19.80 10.77
CA GLU A 181 -29.56 -18.91 10.44
C GLU A 181 -28.97 -17.78 9.62
N PRO A 182 -29.67 -17.32 8.62
CA PRO A 182 -29.22 -16.24 7.79
C PRO A 182 -29.10 -14.94 8.56
N ILE A 183 -28.15 -14.15 8.15
CA ILE A 183 -27.94 -12.80 8.65
C ILE A 183 -27.70 -11.98 7.42
N PRO A 184 -28.20 -10.78 7.33
CA PRO A 184 -27.98 -9.97 6.16
C PRO A 184 -26.50 -9.68 6.03
N ILE A 185 -26.05 -9.59 4.79
CA ILE A 185 -24.66 -9.29 4.48
C ILE A 185 -24.60 -8.14 3.53
N HIS A 186 -23.72 -7.20 3.80
CA HIS A 186 -23.66 -6.00 2.99
C HIS A 186 -22.39 -6.00 2.21
N TYR A 187 -22.42 -5.42 1.03
CA TYR A 187 -21.18 -5.34 0.31
C TYR A 187 -20.89 -3.93 -0.04
N CYS A 188 -19.64 -3.56 0.11
CA CYS A 188 -19.27 -2.20 -0.14
C CYS A 188 -18.21 -2.11 -1.19
N ALA A 189 -18.35 -1.11 -2.03
CA ALA A 189 -17.35 -0.83 -3.02
C ALA A 189 -16.04 -0.44 -2.34
N PRO A 190 -14.91 -0.79 -2.92
CA PRO A 190 -13.59 -0.33 -2.58
C PRO A 190 -13.54 1.16 -2.82
N ALA A 191 -12.67 1.86 -2.11
CA ALA A 191 -12.54 3.28 -2.33
C ALA A 191 -12.20 3.52 -3.80
N GLY A 192 -12.70 4.62 -4.35
CA GLY A 192 -12.52 4.90 -5.78
C GLY A 192 -13.51 4.14 -6.69
N PHE A 193 -14.49 3.46 -6.10
CA PHE A 193 -15.52 2.72 -6.83
C PHE A 193 -16.87 2.98 -6.22
N ALA A 194 -17.94 2.72 -6.96
CA ALA A 194 -19.26 2.94 -6.41
C ALA A 194 -20.28 2.00 -6.99
N ILE A 195 -21.35 1.77 -6.24
CA ILE A 195 -22.38 0.87 -6.69
C ILE A 195 -23.60 1.61 -7.23
N LEU A 196 -23.79 1.53 -8.53
CA LEU A 196 -24.98 2.13 -9.12
C LEU A 196 -26.19 1.25 -8.86
N LYS A 197 -27.35 1.85 -8.68
CA LYS A 197 -28.53 1.02 -8.55
C LYS A 197 -29.71 1.56 -9.31
N CYS A 198 -30.65 0.67 -9.62
CA CYS A 198 -31.86 1.07 -10.34
C CYS A 198 -33.07 0.92 -9.43
N LYS A 199 -33.80 2.01 -9.28
CA LYS A 199 -35.00 2.05 -8.47
C LYS A 199 -36.28 1.86 -9.26
N ASP A 200 -36.18 1.72 -10.57
CA ASP A 200 -37.38 1.61 -11.36
C ASP A 200 -38.10 0.32 -11.10
N LYS A 201 -39.33 0.45 -10.62
CA LYS A 201 -40.21 -0.66 -10.31
C LYS A 201 -40.59 -1.51 -11.51
N LYS A 202 -40.44 -0.95 -12.70
CA LYS A 202 -40.73 -1.61 -13.95
C LYS A 202 -39.51 -2.26 -14.61
N PHE A 203 -38.37 -2.22 -13.95
CA PHE A 203 -37.17 -2.67 -14.65
C PHE A 203 -37.14 -4.11 -15.15
N ASN A 204 -36.80 -4.21 -16.44
CA ASN A 204 -36.51 -5.45 -17.15
C ASN A 204 -35.20 -5.89 -16.66
N GLY A 205 -34.95 -7.18 -16.57
CA GLY A 205 -33.64 -7.60 -16.07
C GLY A 205 -32.43 -6.99 -16.80
N THR A 206 -32.59 -6.52 -18.04
CA THR A 206 -31.48 -5.92 -18.75
C THR A 206 -31.83 -4.58 -19.38
N GLY A 207 -30.79 -3.84 -19.77
CA GLY A 207 -30.92 -2.54 -20.42
C GLY A 207 -30.89 -1.35 -19.44
N PRO A 208 -31.00 -0.12 -19.96
CA PRO A 208 -30.96 1.16 -19.28
C PRO A 208 -32.05 1.38 -18.25
N CYS A 209 -31.70 2.17 -17.24
CA CYS A 209 -32.65 2.58 -16.23
C CYS A 209 -32.54 4.08 -15.93
N PRO A 210 -33.63 4.84 -16.01
CA PRO A 210 -33.79 6.28 -15.69
C PRO A 210 -33.78 6.64 -14.21
N SER A 211 -34.02 5.66 -13.35
CA SER A 211 -34.18 5.85 -11.91
C SER A 211 -32.90 5.86 -11.11
N VAL A 212 -31.77 5.86 -11.79
CA VAL A 212 -30.51 5.62 -11.15
C VAL A 212 -30.09 6.60 -10.09
N SER A 213 -29.55 5.99 -9.05
CA SER A 213 -29.02 6.65 -7.88
C SER A 213 -27.89 5.80 -7.40
N THR A 214 -27.06 6.32 -6.50
CA THR A 214 -25.96 5.47 -6.08
C THR A 214 -25.69 5.42 -4.61
N VAL A 215 -25.00 4.35 -4.24
CA VAL A 215 -24.52 4.12 -2.90
C VAL A 215 -23.08 3.63 -2.94
N GLN A 216 -22.33 3.85 -1.87
CA GLN A 216 -21.00 3.25 -1.83
C GLN A 216 -21.05 1.81 -1.32
N CYS A 217 -22.20 1.42 -0.80
CA CYS A 217 -22.37 0.11 -0.20
C CYS A 217 -23.81 -0.32 -0.31
N THR A 218 -24.13 -1.56 0.05
CA THR A 218 -25.51 -1.99 -0.10
C THR A 218 -26.09 -2.53 1.16
N HIS A 219 -27.41 -2.59 1.17
CA HIS A 219 -28.16 -3.10 2.29
C HIS A 219 -27.95 -4.56 2.37
N GLY A 220 -28.10 -5.10 3.55
CA GLY A 220 -27.79 -6.49 3.69
C GLY A 220 -28.74 -7.38 2.92
N ILE A 221 -28.20 -8.51 2.52
CA ILE A 221 -28.95 -9.53 1.84
C ILE A 221 -28.73 -10.83 2.56
N LYS A 222 -29.80 -11.52 2.89
CA LYS A 222 -29.59 -12.79 3.55
C LYS A 222 -29.04 -13.85 2.62
N PRO A 223 -28.17 -14.73 3.14
CA PRO A 223 -27.55 -15.93 2.59
C PRO A 223 -28.53 -17.08 2.39
N VAL A 224 -29.78 -16.89 2.81
CA VAL A 224 -30.77 -17.95 2.80
C VAL A 224 -31.02 -18.51 1.44
N VAL A 225 -31.20 -19.82 1.39
CA VAL A 225 -31.41 -20.50 0.15
C VAL A 225 -32.64 -21.36 0.11
N SER A 226 -33.08 -21.64 -1.09
CA SER A 226 -34.19 -22.51 -1.35
C SER A 226 -33.99 -23.21 -2.64
N THR A 227 -34.57 -24.38 -2.76
CA THR A 227 -34.43 -25.08 -4.01
C THR A 227 -35.55 -24.81 -5.01
N GLN A 228 -36.65 -24.21 -4.56
CA GLN A 228 -37.72 -23.98 -5.53
C GLN A 228 -38.40 -22.63 -5.46
N LEU A 229 -38.49 -22.07 -4.26
CA LEU A 229 -39.19 -20.82 -4.08
C LEU A 229 -38.30 -19.86 -3.36
N LEU A 230 -38.30 -18.61 -3.77
CA LEU A 230 -37.49 -17.66 -3.06
C LEU A 230 -38.06 -17.41 -1.70
N LEU A 231 -37.19 -17.26 -0.71
CA LEU A 231 -37.66 -16.98 0.63
C LEU A 231 -37.04 -15.73 1.19
N ASN A 232 -37.87 -14.89 1.77
CA ASN A 232 -37.47 -13.68 2.46
C ASN A 232 -36.74 -12.68 1.55
N GLY A 233 -37.00 -12.72 0.25
CA GLY A 233 -36.45 -11.77 -0.72
C GLY A 233 -37.15 -10.44 -0.63
N SER A 234 -36.56 -9.39 -1.19
CA SER A 234 -37.31 -8.15 -1.22
C SER A 234 -38.50 -8.33 -2.17
N LEU A 235 -39.62 -7.74 -1.82
CA LEU A 235 -40.81 -7.77 -2.64
C LEU A 235 -40.68 -6.90 -3.87
N ALA A 236 -41.32 -7.29 -4.95
CA ALA A 236 -41.32 -6.44 -6.12
C ALA A 236 -41.96 -5.13 -5.71
N GLU A 237 -41.47 -4.02 -6.25
CA GLU A 237 -41.99 -2.72 -5.87
C GLU A 237 -43.42 -2.43 -6.31
N GLU A 238 -43.82 -2.94 -7.46
CA GLU A 238 -45.16 -2.63 -7.94
C GLU A 238 -46.09 -3.80 -8.15
N GLU A 239 -45.59 -4.74 -8.92
CA GLU A 239 -46.36 -5.86 -9.41
C GLU A 239 -45.48 -7.06 -9.48
N VAL A 240 -46.07 -8.23 -9.58
CA VAL A 240 -45.29 -9.42 -9.70
C VAL A 240 -44.50 -9.30 -11.00
N MET A 241 -43.24 -9.71 -10.99
CA MET A 241 -42.45 -9.55 -12.21
C MET A 241 -41.70 -10.79 -12.59
N ILE A 242 -41.44 -10.89 -13.88
CA ILE A 242 -40.76 -12.06 -14.39
C ILE A 242 -39.52 -11.71 -15.18
N ARG A 243 -38.42 -12.39 -14.86
CA ARG A 243 -37.17 -12.14 -15.55
C ARG A 243 -36.56 -13.48 -16.04
N SER A 244 -36.98 -13.88 -17.23
CA SER A 244 -36.57 -15.11 -17.92
C SER A 244 -35.34 -15.03 -18.85
N GLU A 245 -34.64 -13.90 -18.88
CA GLU A 245 -33.61 -13.65 -19.90
C GLU A 245 -34.30 -13.67 -21.23
N ASN A 246 -33.66 -14.22 -22.26
CA ASN A 246 -34.38 -14.28 -23.49
C ASN A 246 -35.30 -15.45 -23.37
N ILE A 247 -36.56 -15.13 -23.13
CA ILE A 247 -37.63 -16.07 -22.87
C ILE A 247 -37.85 -17.12 -23.91
N THR A 248 -37.44 -16.85 -25.16
CA THR A 248 -37.65 -17.83 -26.19
C THR A 248 -36.80 -19.07 -25.96
N ASN A 249 -35.71 -18.91 -25.22
CA ASN A 249 -34.87 -20.03 -24.90
C ASN A 249 -35.42 -20.66 -23.66
N ASN A 250 -36.02 -21.84 -23.77
CA ASN A 250 -36.64 -22.36 -22.57
C ASN A 250 -35.69 -23.15 -21.71
N ALA A 251 -34.42 -23.18 -22.06
CA ALA A 251 -33.48 -23.80 -21.15
C ALA A 251 -33.23 -22.86 -19.97
N LYS A 252 -33.60 -21.59 -20.13
CA LYS A 252 -33.38 -20.61 -19.10
C LYS A 252 -34.34 -20.72 -17.94
N ASN A 253 -33.83 -20.45 -16.74
CA ASN A 253 -34.68 -20.38 -15.57
C ASN A 253 -35.50 -19.11 -15.60
N ILE A 254 -36.74 -19.21 -15.19
CA ILE A 254 -37.62 -18.07 -15.15
C ILE A 254 -37.69 -17.49 -13.75
N LEU A 255 -37.14 -16.30 -13.56
CA LEU A 255 -37.32 -15.69 -12.26
C LEU A 255 -38.72 -15.17 -12.06
N VAL A 256 -39.30 -15.39 -10.88
CA VAL A 256 -40.58 -14.77 -10.58
C VAL A 256 -40.51 -14.06 -9.25
N GLN A 257 -40.83 -12.77 -9.22
CA GLN A 257 -40.81 -12.06 -7.97
C GLN A 257 -42.18 -11.57 -7.58
N PHE A 258 -42.63 -12.00 -6.41
CA PHE A 258 -43.91 -11.58 -5.85
C PHE A 258 -43.87 -10.13 -5.46
N ASN A 259 -44.97 -9.39 -5.58
CA ASN A 259 -44.95 -8.07 -4.97
C ASN A 259 -45.60 -8.09 -3.58
N THR A 260 -45.97 -9.29 -3.10
CA THR A 260 -46.46 -9.45 -1.73
C THR A 260 -45.83 -10.70 -1.13
N PRO A 261 -45.71 -10.80 0.19
CA PRO A 261 -45.29 -11.96 0.92
C PRO A 261 -46.33 -13.04 0.89
N VAL A 262 -45.91 -14.29 0.95
CA VAL A 262 -46.88 -15.34 1.21
C VAL A 262 -46.42 -16.04 2.47
N GLN A 263 -47.21 -15.96 3.53
CA GLN A 263 -46.74 -16.59 4.75
C GLN A 263 -46.67 -18.09 4.62
N ILE A 264 -45.63 -18.66 5.22
CA ILE A 264 -45.56 -20.09 5.35
C ILE A 264 -45.15 -20.47 6.75
N ASN A 265 -45.82 -21.45 7.29
CA ASN A 265 -45.50 -21.95 8.59
C ASN A 265 -45.03 -23.38 8.47
N CYS A 266 -44.01 -23.80 9.19
CA CYS A 266 -43.74 -25.22 9.14
C CYS A 266 -43.34 -25.76 10.47
N THR A 267 -43.42 -27.08 10.57
CA THR A 267 -43.01 -27.72 11.79
C THR A 267 -42.29 -29.03 11.64
N ARG A 268 -41.63 -29.39 12.72
CA ARG A 268 -41.08 -30.72 12.91
C ARG A 268 -41.67 -31.17 14.22
N PRO A 269 -42.90 -31.67 14.16
CA PRO A 269 -43.80 -31.99 15.27
C PRO A 269 -43.27 -32.99 16.28
N ASN A 270 -42.30 -33.77 15.89
CA ASN A 270 -41.76 -34.75 16.78
C ASN A 270 -40.93 -34.12 17.89
N ASN A 271 -41.10 -34.60 19.11
CA ASN A 271 -40.29 -34.03 20.16
C ASN A 271 -38.95 -34.71 20.15
N ASN A 272 -38.04 -34.06 19.47
CA ASN A 272 -36.70 -34.56 19.29
C ASN A 272 -35.89 -34.58 20.56
N THR A 273 -35.10 -35.63 20.72
CA THR A 273 -34.23 -35.73 21.86
C THR A 273 -32.84 -36.09 21.34
N ARG A 274 -31.83 -35.88 22.16
CA ARG A 274 -30.45 -36.05 21.74
C ARG A 274 -29.62 -36.96 22.61
N LYS A 275 -28.67 -37.63 21.97
CA LYS A 275 -27.74 -38.52 22.63
C LYS A 275 -26.32 -38.07 22.30
N SER A 276 -25.36 -38.38 23.18
CA SER A 276 -23.98 -38.04 22.86
C SER A 276 -23.07 -39.25 22.99
N ILE A 277 -22.11 -39.30 22.09
CA ILE A 277 -21.18 -40.41 21.94
C ILE A 277 -19.73 -39.99 21.90
N ARG A 278 -18.83 -40.79 22.46
CA ARG A 278 -17.42 -40.45 22.30
C ARG A 278 -16.85 -41.37 21.24
N ILE A 279 -16.29 -40.79 20.18
CA ILE A 279 -15.71 -41.62 19.12
C ILE A 279 -14.19 -41.56 19.09
N GLY A 280 -13.64 -40.72 19.95
CA GLY A 280 -12.21 -40.57 20.13
C GLY A 280 -12.05 -39.54 21.22
N PRO A 281 -10.83 -39.22 21.64
CA PRO A 281 -10.66 -38.25 22.68
C PRO A 281 -11.09 -36.93 22.10
N GLY A 282 -11.87 -36.19 22.86
CA GLY A 282 -12.28 -34.86 22.46
C GLY A 282 -13.35 -34.90 21.38
N GLN A 283 -13.89 -36.08 21.08
CA GLN A 283 -14.78 -36.16 19.93
C GLN A 283 -16.19 -36.56 20.24
N ALA A 284 -16.99 -35.60 20.65
CA ALA A 284 -18.39 -35.85 20.86
C ALA A 284 -19.05 -36.22 19.54
N PHE A 285 -20.03 -37.11 19.60
CA PHE A 285 -20.82 -37.40 18.44
C PHE A 285 -22.28 -37.43 18.76
N TYR A 286 -23.02 -36.62 18.04
CA TYR A 286 -24.44 -36.51 18.24
C TYR A 286 -25.20 -37.69 17.69
N ALA A 287 -26.27 -38.04 18.36
CA ALA A 287 -27.10 -39.13 17.89
C ALA A 287 -28.53 -38.85 18.26
N THR A 288 -29.47 -39.46 17.53
CA THR A 288 -30.85 -39.11 17.78
C THR A 288 -31.45 -39.99 18.86
N GLY A 289 -31.94 -39.32 19.91
CA GLY A 289 -32.66 -39.94 21.01
C GLY A 289 -34.04 -40.37 20.59
N ASP A 290 -34.67 -41.24 21.35
CA ASP A 290 -36.04 -41.61 21.05
C ASP A 290 -36.97 -40.41 21.19
N ILE A 291 -37.87 -40.27 20.23
CA ILE A 291 -38.82 -39.18 20.19
C ILE A 291 -39.85 -39.27 21.30
N ILE A 292 -40.13 -38.15 21.93
CA ILE A 292 -41.17 -38.15 22.92
C ILE A 292 -42.52 -37.99 22.23
N GLY A 293 -43.44 -38.90 22.49
CA GLY A 293 -44.77 -38.85 21.91
C GLY A 293 -44.87 -39.53 20.54
N ASP A 294 -46.07 -39.44 19.96
CA ASP A 294 -46.40 -40.04 18.66
C ASP A 294 -45.63 -39.43 17.50
N ILE A 295 -45.18 -40.29 16.59
CA ILE A 295 -44.44 -39.83 15.43
C ILE A 295 -45.35 -39.24 14.38
N ARG A 296 -45.01 -38.04 13.93
CA ARG A 296 -45.79 -37.34 12.92
C ARG A 296 -44.91 -36.76 11.82
N GLN A 297 -45.47 -36.65 10.62
CA GLN A 297 -44.72 -36.08 9.51
C GLN A 297 -44.49 -34.58 9.66
N ALA A 298 -43.31 -34.13 9.24
CA ALA A 298 -43.03 -32.70 9.18
C ALA A 298 -43.98 -32.06 8.18
N HIS A 299 -44.41 -30.85 8.43
CA HIS A 299 -45.31 -30.27 7.45
C HIS A 299 -45.27 -28.77 7.33
N CYS A 300 -45.82 -28.26 6.23
CA CYS A 300 -45.90 -26.82 6.03
C CYS A 300 -47.28 -26.31 5.69
N ASN A 301 -47.68 -25.22 6.33
CA ASN A 301 -48.98 -24.64 6.06
C ASN A 301 -48.88 -23.33 5.31
N VAL A 302 -49.65 -23.20 4.24
CA VAL A 302 -49.74 -21.95 3.50
C VAL A 302 -51.18 -21.58 3.28
N SER A 303 -51.48 -20.30 3.05
CA SER A 303 -52.86 -19.99 2.73
C SER A 303 -53.20 -20.54 1.37
N LYS A 304 -54.33 -21.19 1.29
CA LYS A 304 -54.80 -21.73 0.05
C LYS A 304 -55.32 -20.65 -0.81
N ALA A 305 -56.10 -19.78 -0.17
CA ALA A 305 -56.69 -18.69 -0.90
C ALA A 305 -55.66 -17.74 -1.42
N THR A 306 -54.64 -17.47 -0.60
CA THR A 306 -53.63 -16.56 -1.04
C THR A 306 -52.84 -17.16 -2.17
N TRP A 307 -52.59 -18.46 -2.08
CA TRP A 307 -51.86 -19.10 -3.13
C TRP A 307 -52.59 -19.02 -4.45
N ASN A 308 -53.92 -19.09 -4.40
CA ASN A 308 -54.69 -18.98 -5.61
C ASN A 308 -54.60 -17.59 -6.16
N GLU A 309 -54.74 -16.60 -5.29
CA GLU A 309 -54.68 -15.23 -5.71
C GLU A 309 -53.37 -14.84 -6.32
N THR A 310 -52.27 -15.27 -5.69
CA THR A 310 -51.00 -14.89 -6.24
C THR A 310 -50.71 -15.59 -7.53
N LEU A 311 -51.26 -16.79 -7.72
CA LEU A 311 -51.07 -17.41 -9.00
C LEU A 311 -51.79 -16.65 -10.08
N GLY A 312 -52.94 -16.08 -9.72
CA GLY A 312 -53.63 -15.29 -10.71
C GLY A 312 -52.80 -14.09 -11.09
N LYS A 313 -52.07 -13.53 -10.12
CA LYS A 313 -51.21 -12.43 -10.48
C LYS A 313 -50.11 -12.87 -11.41
N VAL A 314 -49.59 -14.07 -11.17
CA VAL A 314 -48.53 -14.58 -11.99
C VAL A 314 -48.93 -14.86 -13.40
N VAL A 315 -50.09 -15.47 -13.59
CA VAL A 315 -50.48 -15.75 -14.95
C VAL A 315 -50.76 -14.50 -15.73
N LYS A 316 -51.19 -13.44 -15.05
CA LYS A 316 -51.37 -12.21 -15.78
C LYS A 316 -50.06 -11.71 -16.28
N GLN A 317 -49.01 -11.91 -15.49
CA GLN A 317 -47.71 -11.51 -15.91
C GLN A 317 -47.20 -12.35 -17.04
N LEU A 318 -47.50 -13.66 -17.00
CA LEU A 318 -47.03 -14.55 -18.04
C LEU A 318 -47.59 -14.18 -19.37
N ARG A 319 -48.85 -13.77 -19.38
CA ARG A 319 -49.53 -13.40 -20.58
C ARG A 319 -48.96 -12.20 -21.27
N LYS A 320 -48.10 -11.44 -20.62
CA LYS A 320 -47.53 -10.32 -21.30
C LYS A 320 -46.70 -10.75 -22.51
N HIS A 321 -46.23 -12.00 -22.53
CA HIS A 321 -45.48 -12.50 -23.67
C HIS A 321 -46.30 -13.37 -24.61
N PHE A 322 -47.61 -13.41 -24.41
CA PHE A 322 -48.47 -14.32 -25.16
C PHE A 322 -49.81 -13.66 -25.49
N GLY A 323 -50.58 -14.29 -26.38
CA GLY A 323 -51.90 -13.74 -26.61
C GLY A 323 -52.66 -13.91 -25.29
N ASN A 324 -53.64 -13.08 -25.02
CA ASN A 324 -54.19 -13.16 -23.69
C ASN A 324 -55.26 -14.22 -23.52
N ASN A 325 -55.54 -15.00 -24.58
CA ASN A 325 -56.44 -16.12 -24.42
C ASN A 325 -55.67 -17.43 -24.35
N THR A 326 -54.34 -17.35 -24.23
CA THR A 326 -53.55 -18.58 -24.19
C THR A 326 -53.71 -19.38 -22.91
N ILE A 327 -53.51 -20.68 -23.04
CA ILE A 327 -53.59 -21.58 -21.91
C ILE A 327 -52.30 -21.65 -21.12
N ILE A 328 -52.42 -21.55 -19.80
CA ILE A 328 -51.28 -21.63 -18.91
C ILE A 328 -51.44 -22.79 -17.97
N ARG A 329 -50.39 -23.56 -17.78
CA ARG A 329 -50.52 -24.72 -16.92
C ARG A 329 -49.39 -24.85 -15.93
N PHE A 330 -49.70 -25.48 -14.81
CA PHE A 330 -48.69 -25.80 -13.83
C PHE A 330 -48.63 -27.29 -13.69
N ALA A 331 -47.53 -27.81 -13.16
CA ALA A 331 -47.41 -29.24 -13.13
C ALA A 331 -46.55 -29.79 -12.03
N ASN A 332 -46.75 -31.09 -11.82
CA ASN A 332 -45.99 -31.89 -10.89
C ASN A 332 -44.59 -31.93 -11.41
N SER A 333 -43.64 -31.95 -10.50
CA SER A 333 -42.26 -31.92 -10.90
C SER A 333 -41.92 -33.06 -11.79
N SER A 334 -40.99 -32.81 -12.69
CA SER A 334 -40.53 -33.78 -13.65
C SER A 334 -39.47 -34.73 -13.07
N GLY A 335 -39.19 -34.62 -11.78
CA GLY A 335 -38.22 -35.50 -11.15
C GLY A 335 -36.80 -35.04 -11.33
N GLY A 336 -35.88 -35.98 -11.49
CA GLY A 336 -34.48 -35.63 -11.43
C GLY A 336 -34.08 -35.70 -9.97
N ASP A 337 -32.89 -35.21 -9.64
CA ASP A 337 -32.37 -35.32 -8.29
C ASP A 337 -33.29 -34.68 -7.27
N LEU A 338 -33.42 -35.33 -6.12
CA LEU A 338 -34.29 -34.87 -5.04
C LEU A 338 -34.08 -33.44 -4.63
N GLU A 339 -32.85 -32.97 -4.72
CA GLU A 339 -32.54 -31.62 -4.31
C GLU A 339 -33.26 -30.58 -5.15
N VAL A 340 -33.70 -30.93 -6.35
CA VAL A 340 -34.49 -30.00 -7.12
C VAL A 340 -35.91 -30.50 -7.30
N THR A 341 -36.09 -31.81 -7.11
CA THR A 341 -37.41 -32.40 -7.20
C THR A 341 -38.33 -31.89 -6.14
N THR A 342 -37.75 -31.50 -5.02
CA THR A 342 -38.55 -30.97 -3.93
C THR A 342 -38.00 -29.69 -3.41
N HIS A 343 -38.85 -28.99 -2.70
CA HIS A 343 -38.46 -27.74 -2.11
C HIS A 343 -37.66 -28.01 -0.90
N SER A 344 -36.56 -27.32 -0.71
CA SER A 344 -35.85 -27.55 0.52
C SER A 344 -35.34 -26.31 1.15
N PHE A 345 -35.21 -26.41 2.47
CA PHE A 345 -34.74 -25.33 3.30
C PHE A 345 -34.08 -25.80 4.59
N ASN A 346 -33.24 -24.94 5.17
CA ASN A 346 -32.56 -25.19 6.44
C ASN A 346 -33.17 -24.48 7.64
N CYS A 347 -34.40 -24.02 7.52
CA CYS A 347 -35.02 -23.23 8.57
C CYS A 347 -35.09 -24.01 9.87
N GLY A 348 -34.86 -23.29 10.95
CA GLY A 348 -34.85 -23.90 12.26
C GLY A 348 -33.53 -24.60 12.53
N GLY A 349 -32.56 -24.42 11.63
CA GLY A 349 -31.26 -25.04 11.78
C GLY A 349 -31.26 -26.49 11.31
N GLU A 350 -32.35 -26.93 10.67
CA GLU A 350 -32.35 -28.30 10.20
C GLU A 350 -32.99 -28.39 8.85
N PHE A 351 -32.44 -29.24 8.02
CA PHE A 351 -32.91 -29.41 6.67
C PHE A 351 -34.29 -30.03 6.54
N PHE A 352 -35.03 -29.56 5.55
CA PHE A 352 -36.33 -30.10 5.21
C PHE A 352 -36.53 -30.16 3.73
N TYR A 353 -37.40 -31.07 3.30
CA TYR A 353 -37.77 -31.20 1.91
C TYR A 353 -39.26 -31.31 1.82
N CYS A 354 -39.91 -30.80 0.78
CA CYS A 354 -41.34 -31.09 0.76
C CYS A 354 -41.92 -31.36 -0.61
N ASN A 355 -43.09 -31.97 -0.60
CA ASN A 355 -43.73 -32.26 -1.86
C ASN A 355 -44.61 -31.12 -2.22
N THR A 356 -44.05 -30.22 -2.99
CA THR A 356 -44.74 -29.04 -3.41
C THR A 356 -45.61 -29.23 -4.61
N SER A 357 -45.59 -30.43 -5.21
CA SER A 357 -46.34 -30.61 -6.45
C SER A 357 -47.82 -30.31 -6.34
N GLY A 358 -48.39 -30.45 -5.14
CA GLY A 358 -49.80 -30.13 -4.99
C GLY A 358 -50.08 -28.66 -5.26
N LEU A 359 -49.09 -27.80 -5.04
CA LEU A 359 -49.23 -26.38 -5.29
C LEU A 359 -49.39 -26.08 -6.76
N PHE A 360 -48.91 -26.98 -7.60
CA PHE A 360 -48.93 -26.77 -9.01
C PHE A 360 -50.05 -27.51 -9.68
N ASN A 361 -50.99 -28.06 -8.93
CA ASN A 361 -52.06 -28.80 -9.57
C ASN A 361 -53.17 -27.88 -10.06
N SER A 362 -52.86 -27.08 -11.08
CA SER A 362 -53.86 -26.20 -11.67
C SER A 362 -53.59 -25.90 -13.12
N THR A 363 -54.61 -25.40 -13.80
CA THR A 363 -54.47 -24.89 -15.15
C THR A 363 -55.19 -23.57 -15.19
N TRP A 364 -54.86 -22.74 -16.16
CA TRP A 364 -55.48 -21.44 -16.26
C TRP A 364 -56.01 -21.19 -17.65
N ILE A 365 -57.16 -20.55 -17.69
CA ILE A 365 -57.88 -20.28 -18.91
C ILE A 365 -58.21 -18.83 -19.04
N SER A 366 -58.59 -18.42 -20.23
CA SER A 366 -59.04 -17.06 -20.42
C SER A 366 -60.30 -16.88 -19.58
N ASN A 367 -60.50 -15.68 -19.07
CA ASN A 367 -61.65 -15.41 -18.20
C ASN A 367 -61.67 -16.38 -17.03
N ASN A 379 -58.91 -25.58 5.71
CA ASN A 379 -60.00 -25.04 4.90
C ASN A 379 -59.47 -23.96 3.98
N ASP A 380 -59.02 -22.88 4.59
CA ASP A 380 -58.44 -21.76 3.87
C ASP A 380 -56.94 -21.93 3.65
N SER A 381 -56.40 -23.12 3.98
CA SER A 381 -54.98 -23.38 3.92
C SER A 381 -54.65 -24.80 3.46
N ILE A 382 -53.40 -24.99 3.07
CA ILE A 382 -52.88 -26.26 2.57
C ILE A 382 -51.71 -26.73 3.40
N THR A 383 -51.72 -28.02 3.74
CA THR A 383 -50.63 -28.59 4.52
C THR A 383 -49.75 -29.51 3.68
N LEU A 384 -48.59 -29.02 3.25
CA LEU A 384 -47.70 -29.88 2.48
C LEU A 384 -47.00 -30.90 3.36
N PRO A 385 -46.83 -32.13 2.87
CA PRO A 385 -46.03 -33.20 3.44
C PRO A 385 -44.57 -32.84 3.33
N CYS A 386 -43.74 -33.31 4.25
CA CYS A 386 -42.32 -33.02 4.17
C CYS A 386 -41.42 -34.18 4.62
N ARG A 387 -40.12 -34.05 4.33
CA ARG A 387 -39.13 -35.08 4.63
C ARG A 387 -37.88 -34.47 5.23
N ILE A 388 -37.16 -35.25 6.00
CA ILE A 388 -35.91 -34.78 6.58
C ILE A 388 -34.75 -35.71 6.30
N LYS A 389 -33.65 -35.16 5.83
CA LYS A 389 -32.43 -35.95 5.60
C LYS A 389 -31.28 -35.35 6.42
N GLN A 390 -30.59 -36.16 7.22
CA GLN A 390 -29.48 -35.60 7.98
C GLN A 390 -28.14 -35.60 7.25
N ILE A 391 -27.99 -36.29 6.12
CA ILE A 391 -26.72 -36.13 5.41
C ILE A 391 -26.84 -35.14 4.30
N ILE A 392 -26.15 -34.04 4.44
CA ILE A 392 -26.22 -32.99 3.46
C ILE A 392 -25.07 -32.92 2.49
N ASN A 393 -25.38 -33.11 1.22
CA ASN A 393 -24.38 -32.88 0.20
C ASN A 393 -24.56 -31.47 -0.33
N MET A 394 -23.75 -30.53 0.13
CA MET A 394 -23.93 -29.15 -0.30
C MET A 394 -23.66 -28.85 -1.76
N TRP A 395 -24.47 -27.91 -2.24
CA TRP A 395 -24.45 -27.39 -3.57
C TRP A 395 -24.41 -28.51 -4.60
N GLN A 396 -23.62 -28.35 -5.64
CA GLN A 396 -23.46 -29.39 -6.62
C GLN A 396 -22.24 -30.25 -6.34
N ARG A 397 -21.49 -29.87 -5.31
CA ARG A 397 -20.24 -30.55 -5.01
C ARG A 397 -20.45 -31.98 -4.61
N ILE A 398 -19.53 -32.86 -5.00
CA ILE A 398 -19.58 -34.24 -4.55
C ILE A 398 -18.38 -34.64 -3.71
N GLY A 399 -17.45 -33.72 -3.52
CA GLY A 399 -16.25 -34.00 -2.74
C GLY A 399 -16.42 -33.89 -1.24
N GLN A 400 -17.59 -33.46 -0.78
CA GLN A 400 -17.82 -33.30 0.64
C GLN A 400 -19.21 -33.68 1.05
N ALA A 401 -19.37 -34.06 2.30
CA ALA A 401 -20.69 -34.28 2.84
C ALA A 401 -20.66 -34.05 4.32
N MET A 402 -21.79 -33.67 4.90
CA MET A 402 -21.78 -33.53 6.32
C MET A 402 -23.05 -33.95 6.99
N TYR A 403 -22.89 -34.43 8.21
CA TYR A 403 -23.98 -34.82 9.05
C TYR A 403 -24.68 -33.63 9.64
N ALA A 404 -25.99 -33.62 9.68
CA ALA A 404 -26.64 -32.56 10.40
C ALA A 404 -27.01 -33.10 11.76
N PRO A 405 -26.62 -32.46 12.85
CA PRO A 405 -26.93 -32.81 14.21
C PRO A 405 -28.41 -32.71 14.44
N PRO A 406 -28.96 -33.53 15.33
CA PRO A 406 -30.31 -33.49 15.80
C PRO A 406 -30.50 -32.21 16.58
N ILE A 407 -31.72 -31.68 16.59
CA ILE A 407 -32.01 -30.52 17.41
C ILE A 407 -33.17 -30.87 18.29
N GLN A 408 -32.98 -30.79 19.59
CA GLN A 408 -34.05 -31.22 20.46
C GLN A 408 -35.29 -30.33 20.41
N GLY A 409 -36.43 -30.97 20.62
CA GLY A 409 -37.73 -30.33 20.64
C GLY A 409 -38.37 -30.24 19.26
N VAL A 410 -39.56 -29.64 19.25
CA VAL A 410 -40.29 -29.37 18.02
C VAL A 410 -39.74 -28.18 17.28
N ILE A 411 -39.54 -28.33 15.98
CA ILE A 411 -39.10 -27.21 15.17
C ILE A 411 -40.26 -26.38 14.69
N ARG A 412 -40.16 -25.07 14.84
CA ARG A 412 -41.15 -24.20 14.23
C ARG A 412 -40.48 -23.24 13.28
N CYS A 413 -41.12 -22.98 12.16
CA CYS A 413 -40.55 -22.07 11.19
C CYS A 413 -41.57 -21.13 10.59
N VAL A 414 -41.21 -19.87 10.50
CA VAL A 414 -42.07 -18.90 9.84
C VAL A 414 -41.27 -18.11 8.83
N SER A 415 -41.79 -18.00 7.61
CA SER A 415 -41.11 -17.25 6.58
C SER A 415 -42.04 -16.62 5.57
N ASN A 416 -41.51 -15.68 4.82
CA ASN A 416 -42.31 -15.09 3.76
C ASN A 416 -41.83 -15.64 2.44
N ILE A 417 -42.74 -16.16 1.63
CA ILE A 417 -42.33 -16.61 0.33
C ILE A 417 -42.33 -15.42 -0.56
N THR A 418 -41.22 -15.17 -1.21
CA THR A 418 -41.15 -14.00 -2.04
C THR A 418 -41.03 -14.23 -3.54
N GLY A 419 -40.90 -15.46 -3.99
CA GLY A 419 -40.85 -15.66 -5.44
C GLY A 419 -40.74 -17.10 -5.87
N LEU A 420 -40.68 -17.32 -7.18
CA LEU A 420 -40.58 -18.67 -7.72
C LEU A 420 -39.45 -18.87 -8.70
N ILE A 421 -38.82 -20.04 -8.68
CA ILE A 421 -37.90 -20.38 -9.74
C ILE A 421 -38.64 -21.35 -10.66
N LEU A 422 -38.94 -20.92 -11.88
CA LEU A 422 -39.72 -21.75 -12.79
C LEU A 422 -39.06 -22.09 -14.09
N THR A 423 -39.52 -23.16 -14.72
CA THR A 423 -39.03 -23.50 -16.04
C THR A 423 -40.21 -23.77 -16.94
N ARG A 424 -39.96 -23.73 -18.25
CA ARG A 424 -41.03 -23.95 -19.21
C ARG A 424 -40.70 -25.09 -20.14
N ASP A 425 -41.71 -25.92 -20.43
CA ASP A 425 -41.50 -27.02 -21.36
C ASP A 425 -41.30 -26.58 -22.79
N GLY A 426 -40.30 -27.16 -23.42
CA GLY A 426 -39.99 -26.92 -24.83
C GLY A 426 -40.99 -27.56 -25.79
N GLY A 427 -40.96 -27.15 -27.05
CA GLY A 427 -41.74 -27.77 -28.11
C GLY A 427 -43.21 -27.37 -28.22
N SER A 428 -43.64 -26.36 -27.47
CA SER A 428 -45.03 -25.92 -27.56
C SER A 428 -45.35 -25.36 -28.93
N THR A 429 -46.62 -25.44 -29.33
CA THR A 429 -47.01 -24.86 -30.61
C THR A 429 -48.28 -24.03 -30.50
N ASN A 430 -48.47 -23.20 -31.52
CA ASN A 430 -49.62 -22.33 -31.69
C ASN A 430 -49.80 -21.42 -30.49
N SER A 431 -48.69 -20.93 -29.94
CA SER A 431 -48.66 -20.03 -28.80
C SER A 431 -49.57 -20.44 -27.64
N THR A 432 -49.86 -21.72 -27.45
CA THR A 432 -50.78 -22.08 -26.36
C THR A 432 -50.37 -23.27 -25.54
N THR A 433 -51.05 -23.40 -24.39
CA THR A 433 -50.86 -24.45 -23.38
C THR A 433 -49.47 -24.46 -22.81
N GLU A 434 -48.88 -23.28 -22.64
CA GLU A 434 -47.56 -23.24 -22.05
C GLU A 434 -47.66 -23.78 -20.67
N THR A 435 -46.64 -24.49 -20.22
CA THR A 435 -46.72 -25.01 -18.88
C THR A 435 -45.45 -24.79 -18.14
N PHE A 436 -45.57 -24.84 -16.83
CA PHE A 436 -44.44 -24.53 -16.00
C PHE A 436 -44.29 -25.46 -14.83
N ARG A 437 -43.07 -25.53 -14.37
CA ARG A 437 -42.69 -26.30 -13.21
C ARG A 437 -41.68 -25.57 -12.40
N PRO A 438 -41.55 -25.91 -11.13
CA PRO A 438 -40.51 -25.45 -10.25
C PRO A 438 -39.24 -26.01 -10.85
N GLY A 439 -38.13 -25.35 -10.63
CA GLY A 439 -36.91 -25.77 -11.33
C GLY A 439 -35.72 -24.95 -10.92
N GLY A 440 -34.61 -25.09 -11.65
CA GLY A 440 -33.41 -24.39 -11.25
C GLY A 440 -32.79 -25.03 -10.02
N GLY A 441 -32.58 -24.25 -8.99
CA GLY A 441 -31.88 -24.73 -7.82
C GLY A 441 -30.39 -24.40 -7.85
N ASP A 442 -29.89 -23.81 -8.93
CA ASP A 442 -28.55 -23.27 -8.83
C ASP A 442 -28.66 -22.07 -7.93
N MET A 443 -27.89 -22.05 -6.86
CA MET A 443 -27.96 -20.96 -5.91
C MET A 443 -27.65 -19.62 -6.51
N ARG A 444 -26.94 -19.60 -7.63
CA ARG A 444 -26.64 -18.35 -8.28
C ARG A 444 -27.88 -17.55 -8.61
N ASP A 445 -28.98 -18.23 -8.90
CA ASP A 445 -30.16 -17.48 -9.22
C ASP A 445 -30.77 -16.86 -8.00
N ASN A 446 -30.45 -17.38 -6.84
CA ASN A 446 -30.98 -16.79 -5.66
C ASN A 446 -30.24 -15.53 -5.42
N TRP A 447 -28.93 -15.54 -5.66
CA TRP A 447 -28.19 -14.33 -5.45
C TRP A 447 -28.66 -13.25 -6.40
N ARG A 448 -29.01 -13.66 -7.63
CA ARG A 448 -29.48 -12.76 -8.63
C ARG A 448 -30.78 -12.10 -8.29
N SER A 449 -31.63 -12.81 -7.57
CA SER A 449 -32.91 -12.24 -7.20
C SER A 449 -32.76 -10.93 -6.45
N GLU A 450 -31.62 -10.70 -5.80
CA GLU A 450 -31.42 -9.42 -5.16
C GLU A 450 -30.43 -8.54 -5.90
N LEU A 451 -29.37 -9.17 -6.39
CA LEU A 451 -28.28 -8.45 -6.99
C LEU A 451 -28.56 -7.81 -8.33
N TYR A 452 -29.64 -8.19 -8.99
CA TYR A 452 -30.00 -7.57 -10.25
C TYR A 452 -30.16 -6.06 -10.13
N LYS A 453 -30.46 -5.57 -8.93
CA LYS A 453 -30.62 -4.16 -8.68
C LYS A 453 -29.34 -3.32 -8.82
N TYR A 454 -28.16 -3.97 -8.86
CA TYR A 454 -26.93 -3.20 -8.79
C TYR A 454 -25.86 -3.52 -9.81
N LYS A 455 -25.01 -2.53 -10.06
CA LYS A 455 -23.80 -2.79 -10.82
C LYS A 455 -22.64 -2.01 -10.22
N VAL A 456 -21.45 -2.54 -10.36
CA VAL A 456 -20.25 -1.86 -9.90
C VAL A 456 -19.57 -1.07 -10.98
N VAL A 457 -19.23 0.17 -10.68
CA VAL A 457 -18.48 0.95 -11.62
C VAL A 457 -17.26 1.54 -11.01
N LYS A 458 -16.35 1.91 -11.86
CA LYS A 458 -15.11 2.51 -11.47
C LYS A 458 -15.12 3.97 -11.72
N ILE A 459 -14.67 4.72 -10.74
CA ILE A 459 -14.61 6.14 -10.89
C ILE A 459 -13.33 6.53 -11.55
N GLU A 460 -13.41 7.27 -12.64
CA GLU A 460 -12.19 7.76 -13.26
C GLU A 460 -12.16 9.29 -13.21
N PRO A 461 -11.71 9.86 -12.10
CA PRO A 461 -11.67 11.29 -11.81
C PRO A 461 -10.82 12.11 -12.76
N LEU A 462 -9.85 11.48 -13.38
CA LEU A 462 -9.01 12.18 -14.31
C LEU A 462 -9.72 12.50 -15.60
N GLY A 463 -9.46 13.69 -16.15
CA GLY A 463 -9.93 13.96 -17.49
C GLY A 463 -9.40 15.27 -17.99
N VAL A 464 -9.69 15.56 -19.25
CA VAL A 464 -9.24 16.80 -19.85
C VAL A 464 -10.35 17.45 -20.61
N ALA A 465 -10.21 18.73 -20.92
CA ALA A 465 -11.16 19.37 -21.83
C ALA A 465 -10.48 20.59 -22.44
N PRO A 466 -10.90 21.02 -23.62
CA PRO A 466 -10.35 22.20 -24.27
C PRO A 466 -10.61 23.46 -23.47
N THR A 467 -9.65 24.37 -23.53
CA THR A 467 -9.76 25.68 -22.90
C THR A 467 -9.20 26.80 -23.73
N ARG A 468 -9.58 28.02 -23.34
CA ARG A 468 -9.03 29.22 -23.96
C ARG A 468 -7.70 29.59 -23.30
N CYS A 469 -7.40 28.95 -22.17
CA CYS A 469 -6.16 29.14 -21.44
C CYS A 469 -4.94 28.49 -22.06
N LYS A 470 -3.82 29.15 -21.95
CA LYS A 470 -2.57 28.51 -22.32
C LYS A 470 -1.69 28.71 -21.09
N ARG A 471 -0.75 27.80 -20.86
CA ARG A 471 -0.01 27.86 -19.62
C ARG A 471 0.79 29.12 -19.43
N ARG A 472 0.86 29.55 -18.18
CA ARG A 472 1.60 30.71 -17.77
C ARG A 472 3.11 30.56 -17.95
N VAL A 473 3.76 31.67 -18.23
CA VAL A 473 5.21 31.71 -18.36
C VAL A 473 5.91 31.46 -17.03
N VAL A 474 6.98 30.67 -17.08
CA VAL A 474 7.75 30.38 -15.88
C VAL A 474 8.35 31.65 -15.28
N LEU B 9 -24.37 19.31 -1.97
CA LEU B 9 -24.95 18.16 -2.66
C LEU B 9 -24.34 16.87 -2.12
N GLY B 10 -23.64 16.12 -2.98
CA GLY B 10 -23.01 14.89 -2.57
C GLY B 10 -22.21 14.30 -3.72
N PHE B 11 -21.60 13.16 -3.46
CA PHE B 11 -20.76 12.51 -4.43
C PHE B 11 -21.53 12.18 -5.70
N LEU B 12 -20.87 12.44 -6.83
CA LEU B 12 -21.39 12.25 -8.18
C LEU B 12 -22.63 13.07 -8.48
N GLY B 13 -22.91 14.13 -7.72
CA GLY B 13 -24.08 14.95 -8.03
C GLY B 13 -23.94 15.63 -9.39
N ALA B 14 -22.69 15.85 -9.81
CA ALA B 14 -22.36 16.49 -11.07
C ALA B 14 -22.76 15.67 -12.28
N ALA B 15 -23.09 14.40 -12.11
CA ALA B 15 -23.51 13.61 -13.25
C ALA B 15 -24.82 14.15 -13.85
N GLY B 16 -25.55 14.96 -13.08
CA GLY B 16 -26.79 15.56 -13.54
C GLY B 16 -26.63 16.87 -14.28
N SER B 17 -25.39 17.29 -14.54
CA SER B 17 -25.20 18.60 -15.15
C SER B 17 -24.08 18.62 -16.15
N THR B 18 -24.06 19.68 -16.93
CA THR B 18 -23.07 19.88 -17.96
C THR B 18 -21.69 20.04 -17.40
N MET B 19 -20.72 19.79 -18.26
CA MET B 19 -19.32 19.81 -17.88
C MET B 19 -18.87 21.05 -17.15
N GLY B 20 -19.35 22.22 -17.55
CA GLY B 20 -18.92 23.40 -16.81
C GLY B 20 -19.43 23.40 -15.39
N ALA B 21 -20.66 22.93 -15.21
CA ALA B 21 -21.22 22.90 -13.87
C ALA B 21 -20.57 21.86 -13.01
N ALA B 22 -20.00 20.85 -13.64
CA ALA B 22 -19.36 19.78 -12.89
C ALA B 22 -18.15 20.26 -12.11
N SER B 23 -17.57 21.40 -12.52
CA SER B 23 -16.41 21.90 -11.83
C SER B 23 -16.65 22.24 -10.38
N MET B 24 -17.89 22.55 -10.05
CA MET B 24 -18.24 22.95 -8.71
C MET B 24 -18.05 21.88 -7.65
N THR B 25 -18.08 20.62 -8.05
CA THR B 25 -17.99 19.54 -7.09
C THR B 25 -16.67 18.83 -7.09
N LEU B 26 -15.70 19.32 -7.83
CA LEU B 26 -14.51 18.48 -7.99
C LEU B 26 -13.82 18.12 -6.69
N THR B 27 -13.84 19.02 -5.70
CA THR B 27 -13.21 18.69 -4.44
C THR B 27 -13.98 17.63 -3.69
N VAL B 28 -15.28 17.53 -3.97
CA VAL B 28 -16.10 16.52 -3.35
C VAL B 28 -15.74 15.19 -3.89
N GLN B 29 -15.56 15.16 -5.19
CA GLN B 29 -15.29 13.93 -5.86
C GLN B 29 -13.99 13.32 -5.42
N ALA B 30 -13.00 14.16 -5.17
CA ALA B 30 -11.72 13.66 -4.71
C ALA B 30 -11.77 13.06 -3.33
N ARG B 31 -12.81 13.39 -2.56
CA ARG B 31 -12.88 12.90 -1.20
C ARG B 31 -12.99 11.42 -1.08
N ASN B 32 -13.59 10.76 -2.06
CA ASN B 32 -13.79 9.35 -1.87
C ASN B 32 -12.78 8.44 -2.52
N LEU B 33 -11.69 9.00 -3.00
CA LEU B 33 -10.72 8.14 -3.63
C LEU B 33 -10.06 7.16 -2.67
N LEU B 34 -9.78 7.61 -1.44
CA LEU B 34 -9.21 6.73 -0.41
C LEU B 34 -10.17 6.39 0.75
N SER B 35 -11.32 7.04 0.76
CA SER B 35 -12.32 6.93 1.83
C SER B 35 -13.08 5.62 1.98
N GLY B 36 -13.53 5.39 3.22
CA GLY B 36 -14.40 4.26 3.59
C GLY B 36 -13.65 3.03 4.07
N ILE B 37 -12.34 3.06 4.01
CA ILE B 37 -11.53 1.98 4.54
C ILE B 37 -10.75 2.51 5.75
N VAL B 38 -11.08 3.74 6.15
CA VAL B 38 -10.41 4.42 7.24
C VAL B 38 -10.51 3.72 8.59
N GLN B 39 -11.65 3.05 8.85
CA GLN B 39 -11.82 2.39 10.13
C GLN B 39 -12.06 0.90 10.03
N GLN B 40 -11.31 0.13 10.81
CA GLN B 40 -11.48 -1.32 10.89
C GLN B 40 -11.17 -1.79 12.31
N LEU B 57 -9.06 -14.30 9.97
CA LEU B 57 -9.67 -15.08 8.92
C LEU B 57 -9.11 -14.73 7.56
N THR B 58 -8.78 -15.73 6.75
CA THR B 58 -8.33 -15.46 5.40
C THR B 58 -9.45 -14.91 4.54
N VAL B 59 -10.65 -15.46 4.75
CA VAL B 59 -11.82 -15.02 4.03
C VAL B 59 -12.13 -13.62 4.44
N TRP B 60 -12.46 -12.79 3.46
CA TRP B 60 -12.80 -11.39 3.69
C TRP B 60 -11.63 -10.54 4.03
N GLY B 61 -10.95 -10.82 5.13
CA GLY B 61 -9.83 -9.99 5.49
C GLY B 61 -8.78 -9.97 4.41
N ILE B 62 -8.55 -11.08 3.69
CA ILE B 62 -7.60 -10.99 2.60
C ILE B 62 -8.17 -10.14 1.49
N LYS B 63 -9.49 -10.20 1.34
CA LYS B 63 -10.14 -9.43 0.31
C LYS B 63 -10.08 -7.96 0.61
N GLN B 64 -10.20 -7.65 1.90
CA GLN B 64 -10.12 -6.30 2.37
C GLN B 64 -8.78 -5.74 2.09
N LEU B 65 -7.78 -6.57 2.35
CA LEU B 65 -6.44 -6.19 2.11
C LEU B 65 -6.18 -5.90 0.66
N GLN B 66 -6.74 -6.73 -0.22
CA GLN B 66 -6.57 -6.47 -1.63
C GLN B 66 -7.23 -5.18 -2.03
N ALA B 67 -8.39 -4.89 -1.44
CA ALA B 67 -9.06 -3.66 -1.74
C ALA B 67 -8.28 -2.46 -1.30
N ARG B 68 -7.61 -2.60 -0.14
CA ARG B 68 -6.83 -1.49 0.35
C ARG B 68 -5.69 -1.19 -0.56
N VAL B 69 -5.08 -2.24 -1.07
CA VAL B 69 -3.98 -2.05 -1.97
C VAL B 69 -4.41 -1.45 -3.27
N LEU B 70 -5.53 -1.92 -3.78
CA LEU B 70 -6.03 -1.40 -5.03
C LEU B 70 -6.33 0.06 -4.98
N ALA B 71 -6.97 0.49 -3.90
CA ALA B 71 -7.32 1.89 -3.79
C ALA B 71 -6.08 2.75 -3.78
N VAL B 72 -5.07 2.29 -3.06
CA VAL B 72 -3.85 3.04 -3.01
C VAL B 72 -3.17 3.13 -4.33
N GLU B 73 -3.11 2.02 -5.04
CA GLU B 73 -2.41 2.03 -6.29
C GLU B 73 -3.03 2.93 -7.30
N ARG B 74 -4.35 2.92 -7.36
CA ARG B 74 -4.97 3.76 -8.35
C ARG B 74 -4.77 5.22 -8.04
N TYR B 75 -4.82 5.53 -6.75
CA TYR B 75 -4.62 6.89 -6.35
C TYR B 75 -3.27 7.39 -6.73
N LEU B 76 -2.27 6.56 -6.51
CA LEU B 76 -0.94 6.94 -6.84
C LEU B 76 -0.70 7.10 -8.31
N ARG B 77 -1.36 6.29 -9.12
CA ARG B 77 -1.13 6.43 -10.55
C ARG B 77 -1.60 7.77 -11.05
N ASP B 78 -2.71 8.24 -10.50
CA ASP B 78 -3.17 9.53 -10.93
C ASP B 78 -2.27 10.63 -10.46
N GLN B 79 -1.78 10.49 -9.23
CA GLN B 79 -0.92 11.51 -8.70
C GLN B 79 0.36 11.58 -9.46
N GLN B 80 0.83 10.42 -9.90
CA GLN B 80 2.03 10.36 -10.67
C GLN B 80 1.89 11.12 -11.95
N LEU B 81 0.75 10.94 -12.62
CA LEU B 81 0.55 11.63 -13.85
C LEU B 81 0.45 13.11 -13.70
N LEU B 82 -0.19 13.55 -12.62
CA LEU B 82 -0.30 14.96 -12.41
C LEU B 82 1.04 15.59 -12.14
N GLY B 83 1.89 14.86 -11.42
CA GLY B 83 3.22 15.36 -11.17
C GLY B 83 4.01 15.47 -12.44
N ILE B 84 3.78 14.55 -13.37
CA ILE B 84 4.46 14.64 -14.64
C ILE B 84 3.99 15.83 -15.42
N TRP B 85 2.68 16.00 -15.42
CA TRP B 85 2.05 17.08 -16.13
C TRP B 85 2.23 18.45 -15.50
N GLY B 86 2.67 18.49 -14.25
CA GLY B 86 2.89 19.72 -13.52
C GLY B 86 1.58 20.25 -12.96
N CYS B 87 0.53 19.45 -13.07
CA CYS B 87 -0.78 19.81 -12.60
C CYS B 87 -1.05 19.31 -11.19
N SER B 88 0.00 18.83 -10.53
CA SER B 88 -0.15 18.32 -9.20
C SER B 88 -0.64 19.37 -8.25
N GLY B 89 -1.45 18.90 -7.31
CA GLY B 89 -2.01 19.72 -6.26
C GLY B 89 -3.19 20.54 -6.77
N LYS B 90 -3.63 20.31 -8.01
CA LYS B 90 -4.73 21.10 -8.51
C LYS B 90 -5.81 20.24 -9.13
N LEU B 91 -7.07 20.64 -8.99
CA LEU B 91 -8.14 19.93 -9.67
C LEU B 91 -8.42 20.53 -11.02
N ILE B 92 -7.87 21.70 -11.23
CA ILE B 92 -7.97 22.40 -12.47
C ILE B 92 -6.58 22.84 -12.84
N CYS B 93 -6.22 22.69 -14.07
CA CYS B 93 -4.89 23.10 -14.45
C CYS B 93 -4.91 23.67 -15.83
N CYS B 94 -3.83 24.34 -16.19
CA CYS B 94 -3.71 24.99 -17.48
C CYS B 94 -2.47 24.58 -18.22
N THR B 95 -2.60 23.50 -18.95
CA THR B 95 -1.56 22.98 -19.79
C THR B 95 -1.33 23.93 -20.94
N ASN B 96 -0.15 23.86 -21.51
CA ASN B 96 0.15 24.66 -22.68
C ASN B 96 0.00 23.87 -23.95
N VAL B 97 -0.61 22.70 -23.88
CA VAL B 97 -0.68 21.88 -25.07
C VAL B 97 -1.96 22.08 -25.88
N PRO B 98 -1.82 22.57 -27.12
CA PRO B 98 -2.86 22.73 -28.11
C PRO B 98 -3.30 21.36 -28.50
N TRP B 99 -4.53 21.20 -28.94
CA TRP B 99 -4.92 19.85 -29.34
C TRP B 99 -5.37 19.85 -30.77
N ASN B 100 -5.26 18.70 -31.42
CA ASN B 100 -5.63 18.67 -32.81
C ASN B 100 -7.12 18.67 -32.90
N SER B 101 -7.63 19.72 -33.51
CA SER B 101 -9.06 19.96 -33.60
C SER B 101 -9.84 18.84 -34.19
N SER B 102 -9.22 17.99 -35.00
CA SER B 102 -9.95 16.88 -35.59
C SER B 102 -10.59 15.95 -34.56
N TRP B 103 -10.06 15.92 -33.33
CA TRP B 103 -10.62 15.06 -32.31
C TRP B 103 -12.06 15.38 -31.96
N SER B 104 -12.47 16.64 -32.12
CA SER B 104 -13.86 17.03 -31.91
C SER B 104 -14.20 18.24 -32.75
N ASN B 105 -15.44 18.37 -33.17
CA ASN B 105 -15.77 19.52 -33.98
C ASN B 105 -17.05 20.17 -33.52
N ARG B 106 -16.94 20.85 -32.40
CA ARG B 106 -18.08 21.51 -31.81
C ARG B 106 -17.61 22.84 -31.24
N ASN B 107 -18.48 23.84 -31.20
CA ASN B 107 -18.03 25.11 -30.66
C ASN B 107 -17.78 24.90 -29.19
N LEU B 108 -16.77 25.54 -28.66
CA LEU B 108 -16.39 25.27 -27.29
C LEU B 108 -17.53 25.44 -26.30
N SER B 109 -18.32 26.51 -26.44
CA SER B 109 -19.48 26.68 -25.56
C SER B 109 -20.52 25.60 -25.76
N GLU B 110 -20.57 25.06 -26.98
CA GLU B 110 -21.48 23.99 -27.32
C GLU B 110 -21.05 22.68 -26.71
N ILE B 111 -19.86 22.64 -26.15
CA ILE B 111 -19.44 21.44 -25.50
C ILE B 111 -19.66 21.56 -24.03
N TRP B 112 -19.06 22.60 -23.46
CA TRP B 112 -19.11 22.83 -22.05
C TRP B 112 -20.48 23.06 -21.47
N ASP B 113 -21.38 23.64 -22.25
CA ASP B 113 -22.68 23.91 -21.71
C ASP B 113 -23.78 22.89 -21.98
N ASN B 114 -23.49 21.75 -22.62
CA ASN B 114 -24.63 20.87 -22.85
C ASN B 114 -24.41 19.37 -22.64
N MET B 115 -23.39 18.95 -21.94
CA MET B 115 -23.29 17.49 -21.78
C MET B 115 -22.67 17.05 -20.48
N THR B 116 -23.03 15.87 -20.03
CA THR B 116 -22.43 15.30 -18.85
C THR B 116 -21.00 15.06 -19.20
N TRP B 117 -20.08 15.27 -18.28
CA TRP B 117 -18.68 15.11 -18.61
C TRP B 117 -18.40 13.74 -19.16
N LEU B 118 -19.10 12.75 -18.62
CA LEU B 118 -19.00 11.40 -19.08
C LEU B 118 -19.38 11.22 -20.53
N GLN B 119 -20.39 11.95 -20.98
CA GLN B 119 -20.76 11.84 -22.37
C GLN B 119 -19.64 12.34 -23.23
N TRP B 120 -19.06 13.45 -22.78
CA TRP B 120 -17.95 14.02 -23.48
C TRP B 120 -16.76 13.09 -23.48
N ASP B 121 -16.61 12.35 -22.39
CA ASP B 121 -15.53 11.41 -22.25
C ASP B 121 -15.62 10.35 -23.30
N LYS B 122 -16.83 9.90 -23.58
CA LYS B 122 -16.94 8.90 -24.60
C LYS B 122 -16.47 9.40 -25.93
N GLU B 123 -16.73 10.68 -26.24
CA GLU B 123 -16.24 11.21 -27.50
C GLU B 123 -14.73 11.30 -27.59
N ILE B 124 -14.11 11.80 -26.53
CA ILE B 124 -12.65 11.92 -26.47
C ILE B 124 -11.90 10.62 -26.35
N SER B 125 -12.57 9.58 -25.92
CA SER B 125 -11.92 8.34 -25.51
C SER B 125 -10.93 7.70 -26.46
N ASN B 126 -10.96 7.97 -27.76
CA ASN B 126 -9.96 7.33 -28.57
C ASN B 126 -8.72 8.18 -28.82
N TYR B 127 -8.64 9.34 -28.18
CA TYR B 127 -7.47 10.18 -28.36
C TYR B 127 -6.66 10.33 -27.11
N THR B 128 -7.09 9.67 -26.04
CA THR B 128 -6.51 9.97 -24.74
C THR B 128 -5.06 9.65 -24.57
N GLN B 129 -4.55 8.68 -25.30
CA GLN B 129 -3.17 8.37 -25.10
C GLN B 129 -2.28 9.26 -25.91
N ILE B 130 -2.89 9.97 -26.85
CA ILE B 130 -2.13 10.87 -27.66
C ILE B 130 -1.81 12.02 -26.79
N ILE B 131 -2.85 12.44 -26.11
CA ILE B 131 -2.79 13.57 -25.26
C ILE B 131 -1.86 13.38 -24.13
N TYR B 132 -1.88 12.21 -23.52
CA TYR B 132 -1.03 12.02 -22.40
C TYR B 132 0.43 12.09 -22.75
N GLY B 133 0.79 11.55 -23.93
CA GLY B 133 2.18 11.66 -24.32
C GLY B 133 2.57 13.09 -24.60
N LEU B 134 1.63 13.85 -25.14
CA LEU B 134 1.90 15.24 -25.40
C LEU B 134 2.12 16.01 -24.15
N LEU B 135 1.32 15.72 -23.13
CA LEU B 135 1.46 16.47 -21.92
C LEU B 135 2.80 16.23 -21.28
N GLU B 136 3.25 14.99 -21.34
CA GLU B 136 4.53 14.66 -20.77
C GLU B 136 5.70 15.35 -21.39
N GLU B 137 5.75 15.40 -22.71
CA GLU B 137 6.90 15.98 -23.32
C GLU B 137 6.71 17.28 -24.06
N SER B 138 5.62 17.39 -24.82
CA SER B 138 5.48 18.57 -25.66
C SER B 138 5.44 19.82 -24.84
N GLN B 139 4.98 19.71 -23.59
CA GLN B 139 5.11 20.84 -22.74
C GLN B 139 5.92 20.59 -21.53
N ASN B 140 5.72 19.48 -20.83
CA ASN B 140 6.47 19.41 -19.59
C ASN B 140 7.93 19.08 -19.70
N GLN B 141 8.34 18.14 -20.54
CA GLN B 141 9.78 17.97 -20.66
C GLN B 141 10.41 19.20 -21.25
N GLN B 142 9.73 19.77 -22.24
CA GLN B 142 10.23 20.97 -22.85
C GLN B 142 10.28 22.14 -21.92
N GLU B 143 9.27 22.27 -21.06
CA GLU B 143 9.26 23.33 -20.11
C GLU B 143 10.40 23.20 -19.17
N LYS B 144 10.64 21.98 -18.73
CA LYS B 144 11.72 21.72 -17.81
C LYS B 144 13.05 22.03 -18.40
N ASN B 145 13.18 21.88 -19.71
CA ASN B 145 14.43 22.20 -20.35
C ASN B 145 14.62 23.70 -20.27
N GLU B 146 13.54 24.42 -20.54
CA GLU B 146 13.55 25.86 -20.46
C GLU B 146 13.72 26.35 -19.06
N GLN B 147 13.16 25.61 -18.10
CA GLN B 147 13.29 25.95 -16.70
C GLN B 147 14.73 25.87 -16.30
N ASP B 148 15.42 24.87 -16.84
CA ASP B 148 16.82 24.72 -16.54
C ASP B 148 17.61 25.86 -17.13
N LEU B 149 17.24 26.29 -18.33
CA LEU B 149 17.94 27.40 -18.91
C LEU B 149 17.74 28.65 -18.07
N LEU B 150 16.54 28.82 -17.55
CA LEU B 150 16.27 29.92 -16.65
C LEU B 150 17.03 29.76 -15.34
N ALA B 151 17.20 28.52 -14.91
CA ALA B 151 17.94 28.23 -13.70
C ALA B 151 19.42 28.60 -13.85
N LEU B 152 19.88 28.63 -15.09
CA LEU B 152 21.24 29.00 -15.37
C LEU B 152 21.43 30.50 -15.60
N ASP B 153 20.36 31.28 -15.43
CA ASP B 153 20.44 32.71 -15.60
C ASP B 153 20.65 33.41 -14.27
N GLU C 2 28.34 32.33 -6.76
CA GLU C 2 29.24 31.83 -7.79
C GLU C 2 29.56 30.37 -7.64
N ASN C 3 29.85 29.98 -6.41
CA ASN C 3 30.19 28.60 -6.14
C ASN C 3 29.00 27.72 -6.37
N LEU C 4 29.26 26.56 -6.93
CA LEU C 4 28.23 25.64 -7.36
C LEU C 4 27.36 25.13 -6.24
N TRP C 5 26.10 24.88 -6.60
CA TRP C 5 25.16 24.37 -5.65
C TRP C 5 24.79 22.99 -6.08
N VAL C 6 24.72 22.07 -5.15
CA VAL C 6 24.31 20.75 -5.55
C VAL C 6 22.82 20.77 -5.66
N THR C 7 22.25 20.22 -6.71
CA THR C 7 20.80 20.25 -6.78
C THR C 7 20.16 18.96 -7.21
N VAL C 8 18.88 18.87 -6.90
CA VAL C 8 18.06 17.69 -7.17
C VAL C 8 17.68 17.39 -8.60
N TYR C 9 17.77 16.11 -8.93
CA TYR C 9 17.31 15.55 -10.18
C TYR C 9 16.53 14.28 -9.89
N TYR C 10 15.65 13.89 -10.78
CA TYR C 10 14.91 12.68 -10.51
C TYR C 10 14.68 11.90 -11.78
N GLY C 11 14.65 10.59 -11.62
CA GLY C 11 14.51 9.64 -12.69
C GLY C 11 15.83 9.33 -13.39
N VAL C 12 16.95 9.82 -12.86
CA VAL C 12 18.22 9.51 -13.52
C VAL C 12 18.46 8.03 -13.32
N PRO C 13 18.96 7.29 -14.29
CA PRO C 13 19.20 5.89 -14.07
C PRO C 13 20.29 5.68 -13.06
N VAL C 14 20.06 4.74 -12.16
CA VAL C 14 21.03 4.24 -11.23
C VAL C 14 20.81 2.76 -11.05
N TRP C 15 21.84 1.94 -11.01
CA TRP C 15 21.60 0.55 -10.72
C TRP C 15 22.20 0.14 -9.41
N LYS C 16 21.44 -0.59 -8.63
CA LYS C 16 22.01 -1.18 -7.44
C LYS C 16 21.76 -2.65 -7.50
N ASP C 17 22.72 -3.47 -7.11
CA ASP C 17 22.38 -4.87 -7.07
C ASP C 17 21.38 -5.06 -5.97
N ALA C 18 20.31 -5.78 -6.24
CA ALA C 18 19.33 -5.95 -5.18
C ALA C 18 18.53 -7.20 -5.36
N GLU C 19 17.91 -7.64 -4.28
CA GLU C 19 17.04 -8.77 -4.41
C GLU C 19 15.64 -8.45 -3.94
N THR C 20 14.70 -8.88 -4.75
CA THR C 20 13.29 -8.75 -4.46
C THR C 20 12.67 -10.07 -4.78
N THR C 21 11.47 -10.30 -4.30
CA THR C 21 10.84 -11.53 -4.68
C THR C 21 10.45 -11.43 -6.14
N LEU C 22 10.73 -12.48 -6.90
CA LEU C 22 10.33 -12.54 -8.30
C LEU C 22 8.84 -12.64 -8.49
N PHE C 23 8.31 -12.04 -9.53
CA PHE C 23 6.90 -12.17 -9.80
C PHE C 23 6.61 -13.17 -10.90
N CYS C 24 5.85 -14.22 -10.59
CA CYS C 24 5.52 -15.22 -11.59
C CYS C 24 4.56 -14.77 -12.65
N ALA C 25 4.82 -15.17 -13.89
CA ALA C 25 3.92 -14.86 -14.98
C ALA C 25 4.00 -15.95 -16.03
N SER C 26 2.97 -16.06 -16.86
CA SER C 26 3.03 -17.09 -17.88
C SER C 26 2.28 -16.76 -19.15
N ASP C 27 2.59 -17.52 -20.20
CA ASP C 27 1.84 -17.44 -21.43
C ASP C 27 0.45 -17.97 -21.16
N ALA C 28 -0.58 -17.31 -21.68
CA ALA C 28 -1.95 -17.75 -21.49
C ALA C 28 -2.25 -17.96 -20.00
N HIS C 36 -5.19 -29.00 -14.99
CA HIS C 36 -4.32 -28.16 -14.20
C HIS C 36 -2.90 -28.64 -14.24
N ASN C 37 -1.99 -27.72 -14.40
CA ASN C 37 -0.57 -28.06 -14.39
C ASN C 37 0.04 -27.61 -13.09
N VAL C 38 0.81 -28.49 -12.45
CA VAL C 38 1.39 -28.13 -11.17
C VAL C 38 2.25 -26.90 -11.20
N TRP C 39 3.02 -26.77 -12.26
CA TRP C 39 3.99 -25.72 -12.34
C TRP C 39 3.46 -24.32 -12.41
N ALA C 40 2.30 -24.12 -13.01
CA ALA C 40 1.75 -22.77 -13.06
C ALA C 40 0.48 -22.65 -12.27
N THR C 41 -0.22 -23.80 -12.10
CA THR C 41 -1.53 -23.97 -11.43
C THR C 41 -2.63 -23.08 -12.03
N HIS C 42 -2.28 -22.38 -13.12
CA HIS C 42 -2.99 -21.36 -13.81
C HIS C 42 -3.13 -20.12 -12.92
N ALA C 43 -2.41 -20.08 -11.79
CA ALA C 43 -2.46 -18.94 -10.89
C ALA C 43 -1.51 -17.84 -11.28
N CYS C 44 -0.52 -18.14 -12.12
CA CYS C 44 0.35 -17.06 -12.51
C CYS C 44 -0.38 -16.13 -13.43
N VAL C 45 -0.13 -14.86 -13.25
CA VAL C 45 -0.79 -13.89 -14.09
C VAL C 45 -0.26 -14.04 -15.49
N PRO C 46 -1.14 -14.04 -16.49
CA PRO C 46 -0.83 -14.12 -17.89
C PRO C 46 -0.07 -12.88 -18.26
N THR C 47 0.77 -12.95 -19.27
CA THR C 47 1.49 -11.73 -19.59
C THR C 47 1.50 -11.36 -21.04
N ASP C 48 1.82 -10.10 -21.24
CA ASP C 48 1.85 -9.48 -22.55
C ASP C 48 2.92 -10.07 -23.44
N PRO C 49 2.61 -10.31 -24.71
CA PRO C 49 3.48 -10.78 -25.77
C PRO C 49 4.31 -9.61 -26.31
N ASN C 50 4.96 -8.89 -25.40
CA ASN C 50 5.75 -7.74 -25.73
C ASN C 50 7.06 -7.74 -24.98
N PRO C 51 8.01 -8.57 -25.38
CA PRO C 51 9.34 -8.72 -24.84
C PRO C 51 10.18 -7.56 -25.29
N GLN C 52 9.86 -6.38 -24.80
CA GLN C 52 10.52 -5.20 -25.32
C GLN C 52 11.84 -5.00 -24.67
N GLU C 53 12.82 -5.71 -25.20
CA GLU C 53 14.19 -5.58 -24.79
C GLU C 53 14.70 -4.21 -25.13
N ILE C 54 15.51 -3.66 -24.26
CA ILE C 54 16.11 -2.40 -24.57
C ILE C 54 17.59 -2.55 -24.57
N HIS C 55 18.20 -2.41 -25.73
CA HIS C 55 19.64 -2.51 -25.77
C HIS C 55 20.22 -1.34 -25.02
N LEU C 56 21.20 -1.61 -24.18
CA LEU C 56 21.79 -0.53 -23.46
C LEU C 56 23.11 -0.18 -24.09
N GLU C 57 23.09 0.84 -24.91
CA GLU C 57 24.28 1.29 -25.58
C GLU C 57 25.33 1.75 -24.59
N ASN C 58 26.58 1.47 -24.88
CA ASN C 58 27.73 1.92 -24.09
C ASN C 58 27.67 1.54 -22.62
N VAL C 59 27.26 0.34 -22.27
CA VAL C 59 27.31 -0.03 -20.87
C VAL C 59 27.95 -1.38 -20.71
N THR C 60 28.41 -1.67 -19.51
CA THR C 60 28.80 -3.02 -19.22
C THR C 60 28.27 -3.33 -17.85
N GLU C 61 28.11 -4.60 -17.54
CA GLU C 61 27.70 -4.93 -16.19
C GLU C 61 28.27 -6.22 -15.71
N GLU C 62 28.66 -6.26 -14.46
CA GLU C 62 29.09 -7.50 -13.86
C GLU C 62 27.93 -8.45 -13.67
N PHE C 63 28.14 -9.72 -13.95
CA PHE C 63 27.15 -10.73 -13.64
C PHE C 63 27.86 -11.85 -12.98
N ASN C 64 27.39 -12.28 -11.83
CA ASN C 64 28.07 -13.41 -11.26
C ASN C 64 27.15 -14.57 -11.10
N MET C 65 27.47 -15.60 -11.85
CA MET C 65 26.77 -16.83 -11.78
C MET C 65 27.06 -17.41 -10.43
N TRP C 66 26.11 -18.16 -9.92
CA TRP C 66 26.17 -18.78 -8.62
C TRP C 66 26.09 -17.76 -7.48
N LYS C 67 25.85 -16.49 -7.80
CA LYS C 67 25.67 -15.51 -6.76
C LYS C 67 24.26 -14.98 -6.77
N ASN C 68 23.58 -15.14 -7.89
CA ASN C 68 22.23 -14.63 -8.02
C ASN C 68 21.29 -15.43 -7.15
N ASN C 69 20.42 -14.75 -6.42
CA ASN C 69 19.51 -15.50 -5.58
C ASN C 69 18.19 -15.77 -6.24
N MET C 70 18.06 -15.43 -7.52
CA MET C 70 16.88 -15.80 -8.27
C MET C 70 16.83 -17.29 -8.34
N VAL C 71 18.02 -17.88 -8.36
CA VAL C 71 18.16 -19.30 -8.42
C VAL C 71 17.60 -19.94 -7.20
N GLU C 72 17.89 -19.34 -6.06
CA GLU C 72 17.38 -19.89 -4.85
C GLU C 72 15.90 -19.72 -4.76
N GLN C 73 15.40 -18.59 -5.23
CA GLN C 73 13.97 -18.42 -5.15
C GLN C 73 13.27 -19.41 -6.01
N MET C 74 13.80 -19.68 -7.20
CA MET C 74 13.18 -20.67 -8.03
C MET C 74 13.22 -22.02 -7.39
N HIS C 75 14.33 -22.30 -6.74
CA HIS C 75 14.47 -23.58 -6.12
C HIS C 75 13.45 -23.82 -5.04
N THR C 76 13.09 -22.78 -4.30
CA THR C 76 12.10 -23.05 -3.28
C THR C 76 10.69 -22.75 -3.74
N ASP C 77 10.56 -22.03 -4.84
CA ASP C 77 9.23 -21.74 -5.33
C ASP C 77 8.60 -23.00 -5.85
N ILE C 78 9.38 -23.78 -6.57
CA ILE C 78 8.87 -25.02 -7.09
C ILE C 78 8.58 -26.03 -6.02
N ILE C 79 9.29 -25.95 -4.92
CA ILE C 79 9.05 -26.89 -3.87
C ILE C 79 7.75 -26.60 -3.23
N SER C 80 7.50 -25.32 -3.01
CA SER C 80 6.26 -24.95 -2.43
C SER C 80 5.10 -25.37 -3.31
N LEU C 81 5.28 -25.28 -4.62
CA LEU C 81 4.23 -25.72 -5.50
C LEU C 81 3.98 -27.18 -5.41
N TRP C 82 5.06 -27.92 -5.30
CA TRP C 82 4.94 -29.34 -5.26
C TRP C 82 4.15 -29.79 -4.08
N ASP C 83 4.41 -29.16 -2.95
CA ASP C 83 3.70 -29.53 -1.77
C ASP C 83 2.30 -29.09 -1.83
N GLN C 84 2.08 -27.94 -2.43
CA GLN C 84 0.76 -27.44 -2.55
C GLN C 84 -0.11 -28.34 -3.37
N SER C 85 0.46 -28.90 -4.43
CA SER C 85 -0.31 -29.81 -5.23
C SER C 85 -0.65 -31.08 -4.50
N LEU C 86 0.22 -31.49 -3.58
CA LEU C 86 -0.08 -32.71 -2.86
C LEU C 86 -0.86 -32.56 -1.58
N LYS C 87 -1.00 -31.37 -1.03
CA LYS C 87 -1.74 -31.31 0.22
C LYS C 87 -3.21 -31.75 0.14
N PRO C 88 -3.90 -31.53 -0.98
CA PRO C 88 -5.26 -32.03 -1.24
C PRO C 88 -5.37 -33.53 -1.35
N CYS C 89 -4.25 -34.17 -1.64
CA CYS C 89 -4.22 -35.56 -1.98
C CYS C 89 -4.32 -36.56 -0.81
N VAL C 90 -5.00 -37.68 -1.05
CA VAL C 90 -5.23 -38.77 -0.10
C VAL C 90 -4.00 -39.55 0.32
N LYS C 91 -3.92 -39.83 1.62
CA LYS C 91 -2.82 -40.59 2.20
C LYS C 91 -2.89 -42.06 1.82
N LEU C 92 -1.75 -42.68 1.61
CA LEU C 92 -1.71 -44.09 1.29
C LEU C 92 -1.30 -45.01 2.42
N THR C 93 -1.41 -44.55 3.67
CA THR C 93 -0.88 -45.32 4.78
C THR C 93 -1.49 -46.72 5.03
N PRO C 94 -2.70 -47.04 4.52
CA PRO C 94 -3.27 -48.38 4.55
C PRO C 94 -2.41 -49.41 3.82
N LEU C 95 -1.48 -48.96 2.99
CA LEU C 95 -0.68 -49.85 2.21
C LEU C 95 0.54 -50.43 2.92
N CYS C 96 0.71 -50.14 4.20
CA CYS C 96 1.85 -50.73 4.91
C CYS C 96 1.60 -52.17 5.39
N VAL C 97 0.46 -52.73 5.00
CA VAL C 97 0.17 -54.13 5.25
C VAL C 97 1.18 -54.94 4.45
N THR C 98 1.69 -56.02 5.04
CA THR C 98 2.69 -56.83 4.36
C THR C 98 2.09 -57.54 3.16
N LEU C 99 2.94 -57.87 2.19
CA LEU C 99 2.42 -58.48 0.98
C LEU C 99 3.02 -59.83 0.67
N GLN C 100 2.18 -60.73 0.17
CA GLN C 100 2.69 -61.99 -0.32
C GLN C 100 3.15 -61.73 -1.72
N CYS C 101 4.24 -62.32 -2.18
CA CYS C 101 4.55 -62.08 -3.58
C CYS C 101 5.16 -63.25 -4.31
N THR C 102 5.16 -63.10 -5.64
CA THR C 102 5.88 -63.99 -6.52
C THR C 102 6.55 -63.18 -7.59
N ASN C 103 7.56 -63.72 -8.21
CA ASN C 103 8.13 -63.04 -9.36
C ASN C 103 7.16 -63.23 -10.50
N VAL C 104 6.91 -62.21 -11.30
CA VAL C 104 6.02 -62.43 -12.42
C VAL C 104 6.74 -63.26 -13.48
N THR C 105 6.08 -64.32 -13.96
CA THR C 105 6.66 -65.16 -15.01
C THR C 105 5.92 -65.11 -16.34
N ASN C 106 4.91 -64.26 -16.44
CA ASN C 106 4.08 -64.21 -17.65
C ASN C 106 4.70 -63.38 -18.78
N ASN C 107 5.15 -64.07 -19.82
CA ASN C 107 5.71 -63.42 -21.02
C ASN C 107 6.83 -62.46 -20.72
N ILE C 108 7.75 -62.88 -19.87
CA ILE C 108 8.85 -62.02 -19.47
C ILE C 108 10.04 -62.10 -20.41
N THR C 109 10.48 -60.95 -20.95
CA THR C 109 11.71 -60.96 -21.72
C THR C 109 12.83 -61.33 -20.76
N ASP C 110 13.80 -62.11 -21.22
CA ASP C 110 14.83 -62.61 -20.32
C ASP C 110 15.54 -61.57 -19.46
N ASP C 111 15.78 -60.38 -19.99
CA ASP C 111 16.47 -59.39 -19.16
C ASP C 111 15.53 -58.61 -18.25
N MET C 112 14.26 -58.97 -18.26
CA MET C 112 13.28 -58.40 -17.38
C MET C 112 13.00 -59.31 -16.22
N ARG C 113 13.67 -60.46 -16.16
CA ARG C 113 13.28 -61.37 -15.11
C ARG C 113 13.53 -60.78 -13.75
N GLY C 114 12.52 -60.96 -12.92
CA GLY C 114 12.51 -60.56 -11.52
C GLY C 114 12.27 -59.07 -11.36
N GLU C 115 11.97 -58.36 -12.45
CA GLU C 115 11.74 -56.92 -12.38
C GLU C 115 10.45 -56.56 -11.71
N LEU C 116 9.47 -57.42 -11.90
CA LEU C 116 8.15 -57.21 -11.36
C LEU C 116 7.73 -58.31 -10.47
N LYS C 117 6.93 -57.97 -9.49
CA LYS C 117 6.39 -58.95 -8.62
C LYS C 117 4.90 -58.81 -8.59
N ASN C 118 4.23 -59.92 -8.41
CA ASN C 118 2.80 -59.89 -8.30
C ASN C 118 2.55 -60.09 -6.85
N CYS C 119 1.79 -59.22 -6.23
CA CYS C 119 1.65 -59.42 -4.82
C CYS C 119 0.27 -59.16 -4.33
N SER C 120 0.00 -59.62 -3.11
CA SER C 120 -1.32 -59.40 -2.57
C SER C 120 -1.35 -59.19 -1.08
N PHE C 121 -2.45 -58.59 -0.65
CA PHE C 121 -2.63 -58.21 0.72
C PHE C 121 -4.07 -58.14 1.22
N ASN C 122 -4.23 -58.07 2.54
CA ASN C 122 -5.50 -58.11 3.24
C ASN C 122 -6.11 -56.74 3.59
N MET C 123 -5.68 -55.68 2.91
CA MET C 123 -6.09 -54.30 3.21
C MET C 123 -7.60 -54.04 3.09
N THR C 124 -8.05 -53.10 3.92
CA THR C 124 -9.44 -52.74 4.15
C THR C 124 -10.27 -52.23 2.99
N THR C 125 -11.56 -52.50 3.09
CA THR C 125 -12.57 -51.94 2.18
C THR C 125 -12.85 -50.57 2.70
N GLU C 126 -13.60 -49.77 1.98
CA GLU C 126 -13.96 -48.48 2.51
C GLU C 126 -14.85 -48.56 3.76
N LEU C 127 -15.47 -49.72 4.04
CA LEU C 127 -16.24 -49.87 5.25
C LEU C 127 -15.32 -49.98 6.43
N ARG C 128 -15.69 -49.41 7.55
CA ARG C 128 -14.83 -49.51 8.72
C ARG C 128 -14.64 -50.94 9.20
N ASP C 129 -15.68 -51.74 9.07
CA ASP C 129 -15.65 -53.10 9.53
C ASP C 129 -15.28 -54.18 8.51
N LYS C 130 -14.84 -53.82 7.30
CA LYS C 130 -14.56 -54.90 6.33
C LYS C 130 -13.22 -54.79 5.64
N LYS C 131 -12.72 -55.94 5.20
CA LYS C 131 -11.45 -56.05 4.49
C LYS C 131 -11.56 -56.86 3.24
N GLN C 132 -10.63 -56.66 2.33
CA GLN C 132 -10.67 -57.37 1.06
C GLN C 132 -9.29 -57.78 0.57
N LYS C 133 -9.21 -58.88 -0.17
CA LYS C 133 -7.94 -59.20 -0.76
C LYS C 133 -7.67 -58.26 -1.90
N VAL C 134 -6.45 -57.80 -2.01
CA VAL C 134 -6.07 -56.92 -3.10
C VAL C 134 -4.78 -57.34 -3.74
N TYR C 135 -4.64 -57.19 -5.06
CA TYR C 135 -3.32 -57.45 -5.60
C TYR C 135 -2.99 -56.51 -6.74
N SER C 136 -1.68 -56.34 -6.96
CA SER C 136 -1.18 -55.50 -8.06
C SER C 136 0.20 -55.91 -8.49
N LEU C 137 0.55 -55.51 -9.69
CA LEU C 137 1.92 -55.64 -10.11
C LEU C 137 2.73 -54.59 -9.37
N PHE C 138 3.98 -54.88 -9.04
CA PHE C 138 4.85 -53.87 -8.47
C PHE C 138 6.26 -53.95 -9.00
N TYR C 139 6.92 -52.82 -9.10
CA TYR C 139 8.34 -52.85 -9.41
C TYR C 139 9.08 -53.34 -8.22
N ARG C 140 10.11 -54.15 -8.44
CA ARG C 140 10.91 -54.61 -7.32
C ARG C 140 11.55 -53.45 -6.55
N LEU C 141 11.79 -52.33 -7.23
CA LEU C 141 12.40 -51.17 -6.61
C LEU C 141 11.58 -50.56 -5.50
N ASP C 142 10.27 -50.75 -5.53
CA ASP C 142 9.45 -50.15 -4.53
C ASP C 142 9.20 -51.00 -3.31
N VAL C 143 9.82 -52.18 -3.23
CA VAL C 143 9.59 -53.02 -2.07
C VAL C 143 10.86 -53.57 -1.50
N VAL C 144 10.77 -53.98 -0.25
CA VAL C 144 11.86 -54.68 0.38
C VAL C 144 11.31 -55.90 1.03
N GLN C 145 12.15 -56.88 1.28
CA GLN C 145 11.63 -58.06 1.92
C GLN C 145 11.24 -57.70 3.33
N ILE C 146 10.16 -58.29 3.84
CA ILE C 146 9.79 -58.02 5.21
C ILE C 146 10.81 -58.54 6.22
N ASN C 147 11.48 -59.62 5.84
CA ASN C 147 12.55 -60.24 6.59
C ASN C 147 13.37 -60.97 5.58
N GLU C 148 14.48 -61.58 5.96
CA GLU C 148 15.19 -62.30 4.93
C GLU C 148 14.37 -63.49 4.41
N GLU C 160 7.78 -62.54 1.34
CA GLU C 160 6.96 -61.45 1.82
C GLU C 160 7.70 -60.14 1.76
N TYR C 161 6.95 -59.09 1.48
CA TYR C 161 7.50 -57.77 1.26
C TYR C 161 6.72 -56.67 1.92
N ARG C 162 7.34 -55.51 2.00
CA ARG C 162 6.68 -54.32 2.49
C ARG C 162 7.13 -53.18 1.63
N LEU C 163 6.38 -52.11 1.61
CA LEU C 163 6.83 -51.01 0.78
C LEU C 163 8.11 -50.50 1.35
N ILE C 164 9.00 -50.12 0.46
CA ILE C 164 10.30 -49.64 0.83
C ILE C 164 10.31 -48.43 1.74
N ASN C 165 9.27 -47.61 1.69
CA ASN C 165 9.24 -46.45 2.55
C ASN C 165 8.39 -46.57 3.80
N CYS C 166 7.95 -47.76 4.18
CA CYS C 166 7.16 -47.83 5.41
C CYS C 166 7.97 -47.53 6.68
N ASN C 167 9.30 -47.56 6.61
CA ASN C 167 10.12 -47.19 7.76
C ASN C 167 10.60 -45.74 7.66
N THR C 168 10.01 -44.98 6.74
CA THR C 168 10.34 -43.60 6.44
C THR C 168 9.03 -42.86 6.38
N SER C 169 9.05 -41.55 6.25
CA SER C 169 7.79 -40.83 6.25
C SER C 169 6.84 -41.38 5.22
N ALA C 170 5.57 -41.34 5.58
CA ALA C 170 4.49 -41.96 4.84
C ALA C 170 4.34 -41.51 3.41
N ILE C 171 3.95 -42.48 2.61
CA ILE C 171 3.65 -42.35 1.20
C ILE C 171 2.26 -41.81 0.95
N THR C 172 2.13 -40.83 0.06
CA THR C 172 0.78 -40.43 -0.32
C THR C 172 0.64 -40.27 -1.82
N GLN C 173 -0.59 -40.36 -2.30
CA GLN C 173 -0.86 -40.03 -3.70
C GLN C 173 -2.32 -39.96 -4.03
N ALA C 174 -2.68 -38.90 -4.68
CA ALA C 174 -3.99 -38.71 -5.24
C ALA C 174 -3.85 -37.60 -6.23
N CYS C 175 -4.92 -37.34 -6.95
CA CYS C 175 -5.00 -36.22 -7.86
C CYS C 175 -4.13 -36.38 -9.08
N PRO C 176 -4.09 -37.59 -9.69
CA PRO C 176 -3.30 -37.95 -10.86
C PRO C 176 -3.58 -37.06 -12.07
N LYS C 177 -4.73 -36.40 -12.03
CA LYS C 177 -5.18 -35.51 -13.08
C LYS C 177 -4.29 -34.32 -13.31
N VAL C 178 -3.58 -33.88 -12.27
CA VAL C 178 -2.71 -32.74 -12.42
C VAL C 178 -1.56 -33.11 -13.33
N SER C 179 -1.15 -32.22 -14.21
CA SER C 179 -0.04 -32.56 -15.06
C SER C 179 1.27 -32.11 -14.50
N PHE C 180 2.27 -32.96 -14.62
CA PHE C 180 3.59 -32.58 -14.23
C PHE C 180 4.44 -32.18 -15.41
N GLU C 181 3.83 -32.11 -16.60
CA GLU C 181 4.63 -31.71 -17.73
C GLU C 181 5.08 -30.29 -17.51
N PRO C 182 6.30 -29.96 -17.86
CA PRO C 182 6.81 -28.62 -17.72
C PRO C 182 6.07 -27.63 -18.58
N ILE C 183 5.97 -26.43 -18.07
CA ILE C 183 5.44 -25.28 -18.76
C ILE C 183 6.41 -24.18 -18.49
N PRO C 184 6.73 -23.33 -19.42
CA PRO C 184 7.65 -22.26 -19.19
C PRO C 184 7.07 -21.34 -18.13
N ILE C 185 7.95 -20.77 -17.33
CA ILE C 185 7.58 -19.84 -16.28
C ILE C 185 8.39 -18.59 -16.42
N HIS C 186 7.75 -17.45 -16.31
CA HIS C 186 8.41 -16.19 -16.53
C HIS C 186 8.52 -15.46 -15.23
N TYR C 187 9.58 -14.69 -15.06
CA TYR C 187 9.63 -13.91 -13.84
C TYR C 187 9.80 -12.49 -14.18
N CYS C 188 9.08 -11.66 -13.45
CA CYS C 188 9.13 -10.26 -13.74
C CYS C 188 9.56 -9.46 -12.54
N ALA C 189 10.37 -8.47 -12.79
CA ALA C 189 10.78 -7.55 -11.77
C ALA C 189 9.56 -6.81 -11.24
N PRO C 190 9.55 -6.49 -9.95
CA PRO C 190 8.62 -5.59 -9.29
C PRO C 190 8.81 -4.22 -9.89
N ALA C 191 7.77 -3.40 -9.85
CA ALA C 191 7.91 -2.05 -10.37
C ALA C 191 9.05 -1.36 -9.62
N GLY C 192 9.77 -0.49 -10.32
CA GLY C 192 10.94 0.17 -9.75
C GLY C 192 12.22 -0.71 -9.77
N PHE C 193 12.15 -1.86 -10.43
CA PHE C 193 13.28 -2.79 -10.56
C PHE C 193 13.37 -3.28 -11.98
N ALA C 194 14.52 -3.81 -12.36
CA ALA C 194 14.64 -4.32 -13.72
C ALA C 194 15.64 -5.45 -13.82
N ILE C 195 15.48 -6.29 -14.82
CA ILE C 195 16.36 -7.40 -15.00
C ILE C 195 17.41 -7.16 -16.08
N LEU C 196 18.65 -7.02 -15.66
CA LEU C 196 19.72 -6.88 -16.63
C LEU C 196 20.05 -8.22 -17.24
N LYS C 197 20.44 -8.25 -18.50
CA LYS C 197 20.86 -9.52 -19.06
C LYS C 197 22.10 -9.38 -19.93
N CYS C 198 22.81 -10.48 -20.09
CA CYS C 198 24.01 -10.50 -20.92
C CYS C 198 23.77 -11.36 -22.14
N LYS C 199 23.98 -10.76 -23.31
CA LYS C 199 23.82 -11.43 -24.58
C LYS C 199 25.11 -11.97 -25.16
N ASP C 200 26.22 -11.75 -24.47
CA ASP C 200 27.49 -12.18 -25.04
C ASP C 200 27.60 -13.68 -25.05
N LYS C 201 27.75 -14.20 -26.26
CA LYS C 201 27.89 -15.62 -26.52
C LYS C 201 29.13 -16.25 -25.91
N LYS C 202 30.11 -15.42 -25.59
CA LYS C 202 31.36 -15.83 -24.98
C LYS C 202 31.37 -15.72 -23.47
N PHE C 203 30.25 -15.34 -22.86
CA PHE C 203 30.31 -15.05 -21.44
C PHE C 203 30.76 -16.18 -20.49
N ASN C 204 31.74 -15.82 -19.67
CA ASN C 204 32.23 -16.61 -18.55
C ASN C 204 31.19 -16.55 -17.51
N GLY C 205 31.00 -17.57 -16.72
CA GLY C 205 29.94 -17.49 -15.71
C GLY C 205 30.03 -16.26 -14.78
N THR C 206 31.19 -15.63 -14.64
CA THR C 206 31.29 -14.46 -13.79
C THR C 206 32.01 -13.30 -14.46
N GLY C 207 31.88 -12.11 -13.87
CA GLY C 207 32.51 -10.88 -14.34
C GLY C 207 31.62 -10.07 -15.30
N PRO C 208 32.13 -8.92 -15.78
CA PRO C 208 31.50 -7.95 -16.66
C PRO C 208 31.10 -8.46 -18.02
N CYS C 209 30.04 -7.86 -18.56
CA CYS C 209 29.58 -8.17 -19.89
C CYS C 209 29.26 -6.87 -20.65
N PRO C 210 29.84 -6.66 -21.85
CA PRO C 210 29.63 -5.56 -22.80
C PRO C 210 28.31 -5.57 -23.59
N SER C 211 27.67 -6.74 -23.63
CA SER C 211 26.46 -6.98 -24.43
C SER C 211 25.17 -6.59 -23.77
N VAL C 212 25.24 -5.96 -22.62
CA VAL C 212 24.08 -5.77 -21.80
C VAL C 212 22.94 -4.97 -22.38
N SER C 213 21.78 -5.50 -22.08
CA SER C 213 20.50 -4.97 -22.48
C SER C 213 19.54 -5.33 -21.38
N THR C 214 18.36 -4.73 -21.35
CA THR C 214 17.48 -5.10 -20.27
C THR C 214 16.04 -5.37 -20.62
N VAL C 215 15.41 -6.08 -19.71
CA VAL C 215 13.99 -6.38 -19.78
C VAL C 215 13.37 -6.17 -18.41
N GLN C 216 12.06 -5.91 -18.37
CA GLN C 216 11.41 -5.86 -17.08
C GLN C 216 10.99 -7.25 -16.61
N CYS C 217 11.06 -8.22 -17.51
CA CYS C 217 10.62 -9.56 -17.24
C CYS C 217 11.40 -10.55 -18.10
N THR C 218 11.23 -11.85 -17.88
CA THR C 218 12.00 -12.78 -18.67
C THR C 218 11.16 -13.80 -19.36
N HIS C 219 11.76 -14.43 -20.36
CA HIS C 219 11.13 -15.45 -21.14
C HIS C 219 10.96 -16.65 -20.29
N GLY C 220 9.99 -17.46 -20.62
CA GLY C 220 9.73 -18.57 -19.76
C GLY C 220 10.85 -19.57 -19.73
N ILE C 221 10.96 -20.24 -18.61
CA ILE C 221 11.92 -21.30 -18.39
C ILE C 221 11.19 -22.50 -17.88
N LYS C 222 11.40 -23.64 -18.50
CA LYS C 222 10.72 -24.80 -17.99
C LYS C 222 11.29 -25.28 -16.66
N PRO C 223 10.43 -25.78 -15.77
CA PRO C 223 10.63 -26.43 -14.47
C PRO C 223 11.26 -27.81 -14.58
N VAL C 224 11.48 -28.29 -15.81
CA VAL C 224 11.95 -29.63 -16.05
C VAL C 224 13.28 -29.91 -15.42
N VAL C 225 13.40 -31.12 -14.90
CA VAL C 225 14.60 -31.52 -14.21
C VAL C 225 15.21 -32.79 -14.73
N SER C 226 16.48 -32.95 -14.45
CA SER C 226 17.23 -34.13 -14.76
C SER C 226 18.28 -34.35 -13.75
N THR C 227 18.66 -35.60 -13.56
CA THR C 227 19.71 -35.85 -12.61
C THR C 227 21.11 -35.86 -13.20
N GLN C 228 21.23 -35.92 -14.53
CA GLN C 228 22.58 -35.97 -15.07
C GLN C 228 22.83 -35.10 -16.29
N LEU C 229 21.81 -34.93 -17.12
CA LEU C 229 21.97 -34.18 -18.35
C LEU C 229 20.92 -33.13 -18.43
N LEU C 230 21.28 -31.95 -18.88
CA LEU C 230 20.27 -30.92 -18.99
C LEU C 230 19.33 -31.28 -20.11
N LEU C 231 18.05 -31.01 -19.92
CA LEU C 231 17.09 -31.27 -20.97
C LEU C 231 16.29 -30.04 -21.32
N ASN C 232 16.16 -29.81 -22.61
CA ASN C 232 15.36 -28.74 -23.18
C ASN C 232 15.82 -27.34 -22.74
N GLY C 233 17.09 -27.19 -22.39
CA GLY C 233 17.70 -25.91 -22.04
C GLY C 233 17.93 -25.05 -23.27
N SER C 234 18.15 -23.76 -23.11
CA SER C 234 18.52 -23.01 -24.28
C SER C 234 19.91 -23.45 -24.73
N LEU C 235 20.12 -23.51 -26.03
CA LEU C 235 21.42 -23.85 -26.60
C LEU C 235 22.43 -22.76 -26.42
N ALA C 236 23.70 -23.14 -26.29
CA ALA C 236 24.72 -22.11 -26.23
C ALA C 236 24.65 -21.35 -27.54
N GLU C 237 24.89 -20.05 -27.49
CA GLU C 237 24.80 -19.22 -28.68
C GLU C 237 25.85 -19.48 -29.75
N GLU C 238 27.07 -19.84 -29.35
CA GLU C 238 28.12 -20.04 -30.32
C GLU C 238 28.73 -21.41 -30.38
N GLU C 239 29.19 -21.83 -29.23
CA GLU C 239 29.98 -23.03 -29.06
C GLU C 239 29.64 -23.68 -27.77
N VAL C 240 30.01 -24.93 -27.62
CA VAL C 240 29.75 -25.59 -26.38
C VAL C 240 30.53 -24.85 -25.30
N MET C 241 29.94 -24.67 -24.13
CA MET C 241 30.65 -23.90 -23.11
C MET C 241 30.64 -24.56 -21.77
N ILE C 242 31.66 -24.24 -21.00
CA ILE C 242 31.79 -24.84 -19.69
C ILE C 242 31.92 -23.82 -18.59
N ARG C 243 31.13 -24.01 -17.53
CA ARG C 243 31.15 -23.09 -16.41
C ARG C 243 31.30 -23.87 -15.09
N SER C 244 32.56 -24.13 -14.73
CA SER C 244 32.97 -24.87 -13.53
C SER C 244 33.22 -24.04 -12.25
N GLU C 245 32.92 -22.75 -12.26
CA GLU C 245 33.33 -21.85 -11.18
C GLU C 245 34.84 -21.86 -11.15
N ASN C 246 35.44 -21.82 -9.97
CA ASN C 246 36.87 -21.90 -9.99
C ASN C 246 37.21 -23.35 -10.17
N ILE C 247 37.58 -23.67 -11.41
CA ILE C 247 37.85 -25.01 -11.88
C ILE C 247 38.88 -25.78 -11.10
N THR C 248 39.78 -25.08 -10.41
CA THR C 248 40.79 -25.79 -9.68
C THR C 248 40.21 -26.54 -8.51
N ASN C 249 39.05 -26.11 -8.05
CA ASN C 249 38.37 -26.80 -6.98
C ASN C 249 37.53 -27.87 -7.59
N ASN C 250 37.92 -29.13 -7.44
CA ASN C 250 37.14 -30.12 -8.15
C ASN C 250 35.95 -30.61 -7.37
N ALA C 251 35.66 -30.00 -6.22
CA ALA C 251 34.42 -30.34 -5.57
C ALA C 251 33.26 -29.69 -6.31
N LYS C 252 33.57 -28.71 -7.16
CA LYS C 252 32.54 -28.00 -7.89
C LYS C 252 31.97 -28.78 -9.05
N ASN C 253 30.68 -28.60 -9.28
CA ASN C 253 30.03 -29.18 -10.43
C ASN C 253 30.44 -28.42 -11.68
N ILE C 254 30.66 -29.14 -12.75
CA ILE C 254 31.02 -28.54 -14.01
C ILE C 254 29.82 -28.38 -14.91
N LEU C 255 29.39 -27.16 -15.16
CA LEU C 255 28.31 -27.00 -16.12
C LEU C 255 28.79 -27.21 -17.54
N VAL C 256 28.03 -27.92 -18.35
CA VAL C 256 28.35 -28.01 -19.76
C VAL C 256 27.14 -27.66 -20.58
N GLN C 257 27.27 -26.70 -21.49
CA GLN C 257 26.13 -26.35 -22.32
C GLN C 257 26.43 -26.63 -23.78
N PHE C 258 25.60 -27.46 -24.39
CA PHE C 258 25.71 -27.77 -25.81
C PHE C 258 25.33 -26.58 -26.65
N ASN C 259 25.96 -26.39 -27.82
CA ASN C 259 25.40 -25.38 -28.70
C ASN C 259 24.47 -26.00 -29.74
N THR C 260 24.24 -27.32 -29.64
CA THR C 260 23.26 -27.98 -30.49
C THR C 260 22.42 -28.94 -29.64
N PRO C 261 21.21 -29.28 -30.04
CA PRO C 261 20.36 -30.27 -29.44
C PRO C 261 20.88 -31.67 -29.68
N VAL C 262 20.64 -32.58 -28.77
CA VAL C 262 20.86 -33.98 -29.11
C VAL C 262 19.54 -34.68 -28.92
N GLN C 263 18.97 -35.19 -29.99
CA GLN C 263 17.68 -35.83 -29.81
C GLN C 263 17.75 -37.08 -28.97
N ILE C 264 16.75 -37.26 -28.14
CA ILE C 264 16.61 -38.49 -27.43
C ILE C 264 15.18 -38.98 -27.49
N ASN C 265 15.02 -40.26 -27.75
CA ASN C 265 13.71 -40.86 -27.78
C ASN C 265 13.61 -41.86 -26.67
N CYS C 266 12.50 -41.94 -25.97
CA CYS C 266 12.43 -43.06 -25.04
C CYS C 266 11.06 -43.67 -25.00
N THR C 267 11.01 -44.87 -24.47
CA THR C 267 9.74 -45.53 -24.32
C THR C 267 9.55 -46.33 -23.05
N ARG C 268 8.28 -46.61 -22.80
CA ARG C 268 7.87 -47.57 -21.81
C ARG C 268 6.99 -48.52 -22.57
N PRO C 269 7.61 -49.48 -23.26
CA PRO C 269 7.05 -50.40 -24.24
C PRO C 269 5.91 -51.28 -23.75
N ASN C 270 5.81 -51.44 -22.45
CA ASN C 270 4.77 -52.28 -21.92
C ASN C 270 3.41 -51.62 -22.03
N ASN C 271 2.41 -52.40 -22.43
CA ASN C 271 1.10 -51.79 -22.51
C ASN C 271 0.47 -51.81 -21.14
N ASN C 272 0.66 -50.69 -20.48
CA ASN C 272 0.19 -50.50 -19.13
C ASN C 272 -1.30 -50.46 -19.00
N THR C 273 -1.81 -51.06 -17.94
CA THR C 273 -3.22 -51.03 -17.68
C THR C 273 -3.42 -50.63 -16.23
N ARG C 274 -4.61 -50.20 -15.89
CA ARG C 274 -4.88 -49.65 -14.56
C ARG C 274 -6.04 -50.29 -13.83
N LYS C 275 -5.91 -50.31 -12.51
CA LYS C 275 -6.93 -50.83 -11.64
C LYS C 275 -7.30 -49.76 -10.62
N SER C 276 -8.51 -49.82 -10.08
CA SER C 276 -8.89 -48.84 -9.06
C SER C 276 -9.42 -49.53 -7.82
N ILE C 277 -9.09 -48.95 -6.69
CA ILE C 277 -9.38 -49.48 -5.37
C ILE C 277 -10.02 -48.47 -4.44
N ARG C 278 -10.92 -48.91 -3.57
CA ARG C 278 -11.44 -47.97 -2.59
C ARG C 278 -10.76 -48.27 -1.27
N ILE C 279 -10.09 -47.28 -0.69
CA ILE C 279 -9.43 -47.51 0.59
C ILE C 279 -10.11 -46.79 1.74
N GLY C 280 -11.13 -46.01 1.41
CA GLY C 280 -11.96 -45.30 2.37
C GLY C 280 -13.00 -44.61 1.55
N PRO C 281 -13.94 -43.90 2.16
CA PRO C 281 -14.93 -43.21 1.39
C PRO C 281 -14.24 -42.12 0.65
N GLY C 282 -14.54 -41.99 -0.63
CA GLY C 282 -14.00 -40.90 -1.44
C GLY C 282 -12.55 -41.16 -1.81
N GLN C 283 -12.03 -42.35 -1.52
CA GLN C 283 -10.60 -42.53 -1.71
C GLN C 283 -10.21 -43.57 -2.71
N ALA C 284 -10.21 -43.17 -3.97
CA ALA C 284 -9.73 -44.05 -5.01
C ALA C 284 -8.26 -44.35 -4.81
N PHE C 285 -7.86 -45.56 -5.15
CA PHE C 285 -6.45 -45.89 -5.14
C PHE C 285 -6.05 -46.63 -6.39
N TYR C 286 -5.09 -46.07 -7.06
CA TYR C 286 -4.59 -46.64 -8.29
C TYR C 286 -3.75 -47.86 -8.08
N ALA C 287 -3.84 -48.80 -9.01
CA ALA C 287 -3.03 -49.99 -8.91
C ALA C 287 -2.68 -50.45 -10.30
N THR C 288 -1.61 -51.22 -10.44
CA THR C 288 -1.19 -51.57 -11.77
C THR C 288 -1.85 -52.85 -12.24
N GLY C 289 -2.56 -52.72 -13.37
CA GLY C 289 -3.19 -53.83 -14.06
C GLY C 289 -2.17 -54.71 -14.75
N ASP C 290 -2.56 -55.91 -15.11
CA ASP C 290 -1.65 -56.76 -15.87
C ASP C 290 -1.34 -56.15 -17.22
N ILE C 291 -0.07 -56.19 -17.60
CA ILE C 291 0.40 -55.65 -18.86
C ILE C 291 -0.09 -56.43 -20.05
N ILE C 292 -0.53 -55.72 -21.07
CA ILE C 292 -0.93 -56.41 -22.28
C ILE C 292 0.32 -56.69 -23.11
N GLY C 293 0.52 -57.94 -23.48
CA GLY C 293 1.66 -58.34 -24.30
C GLY C 293 2.92 -58.66 -23.49
N ASP C 294 3.99 -58.96 -24.22
CA ASP C 294 5.29 -59.32 -23.66
C ASP C 294 5.96 -58.19 -22.89
N ILE C 295 6.56 -58.53 -21.76
CA ILE C 295 7.24 -57.54 -20.94
C ILE C 295 8.59 -57.18 -21.51
N ARG C 296 8.82 -55.89 -21.65
CA ARG C 296 10.07 -55.38 -22.19
C ARG C 296 10.64 -54.24 -21.36
N GLN C 297 11.96 -54.10 -21.35
CA GLN C 297 12.59 -53.03 -20.60
C GLN C 297 12.35 -51.66 -21.22
N ALA C 298 12.17 -50.65 -20.37
CA ALA C 298 12.08 -49.27 -20.84
C ALA C 298 13.40 -48.90 -21.48
N HIS C 299 13.39 -48.09 -22.51
CA HIS C 299 14.66 -47.74 -23.08
C HIS C 299 14.74 -46.38 -23.75
N CYS C 300 15.97 -45.93 -23.98
CA CYS C 300 16.18 -44.67 -24.67
C CYS C 300 17.13 -44.74 -25.83
N ASN C 301 16.75 -44.12 -26.94
CA ASN C 301 17.59 -44.10 -28.12
C ASN C 301 18.20 -42.74 -28.38
N VAL C 302 19.51 -42.73 -28.62
CA VAL C 302 20.19 -41.50 -29.00
C VAL C 302 21.07 -41.76 -30.19
N SER C 303 21.40 -40.71 -30.96
CA SER C 303 22.33 -40.98 -32.04
C SER C 303 23.69 -41.27 -31.49
N LYS C 304 24.29 -42.31 -32.01
CA LYS C 304 25.61 -42.71 -31.61
C LYS C 304 26.62 -41.78 -32.18
N ALA C 305 26.40 -41.51 -33.47
CA ALA C 305 27.32 -40.66 -34.18
C ALA C 305 27.30 -39.26 -33.63
N THR C 306 26.10 -38.77 -33.32
CA THR C 306 26.02 -37.43 -32.79
C THR C 306 26.64 -37.36 -31.45
N TRP C 307 26.45 -38.40 -30.65
CA TRP C 307 27.05 -38.41 -29.34
C TRP C 307 28.55 -38.34 -29.42
N ASN C 308 29.12 -38.99 -30.42
CA ASN C 308 30.55 -38.94 -30.57
C ASN C 308 31.00 -37.57 -30.97
N GLU C 309 30.28 -36.98 -31.92
CA GLU C 309 30.63 -35.66 -32.38
C GLU C 309 30.55 -34.61 -31.30
N THR C 310 29.49 -34.65 -30.51
CA THR C 310 29.37 -33.65 -29.49
C THR C 310 30.38 -33.82 -28.40
N LEU C 311 30.81 -35.06 -28.15
CA LEU C 311 31.87 -35.22 -27.19
C LEU C 311 33.14 -34.63 -27.68
N GLY C 312 33.37 -34.71 -29.00
CA GLY C 312 34.56 -34.09 -29.52
C GLY C 312 34.50 -32.60 -29.31
N LYS C 313 33.30 -32.02 -29.42
CA LYS C 313 33.21 -30.60 -29.15
C LYS C 313 33.53 -30.29 -27.71
N VAL C 314 33.08 -31.17 -26.82
CA VAL C 314 33.31 -30.96 -25.41
C VAL C 314 34.74 -31.05 -25.01
N VAL C 315 35.46 -32.04 -25.53
CA VAL C 315 36.83 -32.14 -25.14
C VAL C 315 37.66 -31.00 -25.65
N LYS C 316 37.26 -30.42 -26.79
CA LYS C 316 37.98 -29.26 -27.23
C LYS C 316 37.80 -28.13 -26.26
N GLN C 317 36.61 -28.04 -25.68
CA GLN C 317 36.38 -27.01 -24.70
C GLN C 317 37.14 -27.27 -23.42
N LEU C 318 37.25 -28.54 -23.05
CA LEU C 318 37.96 -28.87 -21.83
C LEU C 318 39.40 -28.49 -21.90
N ARG C 319 39.98 -28.68 -23.06
CA ARG C 319 41.37 -28.38 -23.28
C ARG C 319 41.71 -26.92 -23.15
N LYS C 320 40.72 -26.04 -23.14
CA LYS C 320 41.06 -24.65 -22.96
C LYS C 320 41.75 -24.38 -21.62
N HIS C 321 41.55 -25.26 -20.64
CA HIS C 321 42.21 -25.11 -19.36
C HIS C 321 43.42 -26.01 -19.18
N PHE C 322 43.86 -26.66 -20.25
CA PHE C 322 44.93 -27.65 -20.17
C PHE C 322 45.84 -27.59 -21.38
N GLY C 323 46.98 -28.26 -21.32
CA GLY C 323 47.81 -28.30 -22.51
C GLY C 323 46.99 -29.08 -23.53
N ASN C 324 47.21 -28.84 -24.81
CA ASN C 324 46.30 -29.47 -25.75
C ASN C 324 46.65 -30.89 -26.12
N ASN C 325 47.72 -31.45 -25.51
CA ASN C 325 48.00 -32.85 -25.72
C ASN C 325 47.58 -33.67 -24.51
N THR C 326 46.85 -33.06 -23.58
CA THR C 326 46.46 -33.78 -22.38
C THR C 326 45.40 -34.84 -22.63
N ILE C 327 45.43 -35.87 -21.78
CA ILE C 327 44.46 -36.95 -21.85
C ILE C 327 43.16 -36.63 -21.15
N ILE C 328 42.06 -36.91 -21.82
CA ILE C 328 40.74 -36.69 -21.26
C ILE C 328 39.99 -37.99 -21.20
N ARG C 329 39.33 -38.25 -20.09
CA ARG C 329 38.63 -39.51 -19.97
C ARG C 329 37.23 -39.37 -19.44
N PHE C 330 36.39 -40.31 -19.81
CA PHE C 330 35.04 -40.38 -19.27
C PHE C 330 34.90 -41.67 -18.55
N ALA C 331 33.92 -41.78 -17.67
CA ALA C 331 33.84 -42.98 -16.87
C ALA C 331 32.47 -43.34 -16.39
N ASN C 332 32.38 -44.61 -15.99
CA ASN C 332 31.22 -45.19 -15.38
C ASN C 332 31.02 -44.50 -14.09
N SER C 333 29.78 -44.32 -13.70
CA SER C 333 29.47 -43.60 -12.50
C SER C 333 30.12 -44.24 -11.30
N SER C 334 30.47 -43.40 -10.35
CA SER C 334 31.10 -43.83 -9.12
C SER C 334 30.10 -44.33 -8.07
N GLY C 335 28.83 -44.41 -8.45
CA GLY C 335 27.84 -44.91 -7.52
C GLY C 335 27.32 -43.85 -6.57
N GLY C 336 27.03 -44.23 -5.34
CA GLY C 336 26.32 -43.33 -4.46
C GLY C 336 24.85 -43.56 -4.70
N ASP C 337 24.00 -42.70 -4.16
CA ASP C 337 22.57 -42.88 -4.26
C ASP C 337 22.10 -42.95 -5.69
N LEU C 338 21.14 -43.84 -5.94
CA LEU C 338 20.58 -44.07 -7.27
C LEU C 338 20.12 -42.83 -7.97
N GLU C 339 19.63 -41.86 -7.22
CA GLU C 339 19.11 -40.66 -7.82
C GLU C 339 20.19 -39.86 -8.54
N VAL C 340 21.46 -40.08 -8.22
CA VAL C 340 22.51 -39.43 -8.98
C VAL C 340 23.33 -40.44 -9.74
N THR C 341 23.25 -41.71 -9.33
CA THR C 341 23.95 -42.77 -10.01
C THR C 341 23.43 -42.97 -11.40
N THR C 342 22.17 -42.64 -11.61
CA THR C 342 21.58 -42.79 -12.91
C THR C 342 20.86 -41.54 -13.33
N HIS C 343 20.63 -41.47 -14.64
CA HIS C 343 19.92 -40.35 -15.17
C HIS C 343 18.47 -40.53 -14.92
N SER C 344 17.79 -39.48 -14.49
CA SER C 344 16.38 -39.67 -14.32
C SER C 344 15.57 -38.50 -14.79
N PHE C 345 14.34 -38.85 -15.19
CA PHE C 345 13.38 -37.89 -15.69
C PHE C 345 11.93 -38.32 -15.47
N ASN C 346 11.04 -37.34 -15.48
CA ASN C 346 9.60 -37.56 -15.35
C ASN C 346 8.81 -37.48 -16.65
N CYS C 347 9.50 -37.60 -17.78
CA CYS C 347 8.84 -37.41 -19.06
C CYS C 347 7.74 -38.41 -19.26
N GLY C 348 6.67 -37.95 -19.87
CA GLY C 348 5.50 -38.78 -20.10
C GLY C 348 4.66 -38.88 -18.84
N GLY C 349 4.99 -38.09 -17.82
CA GLY C 349 4.27 -38.10 -16.58
C GLY C 349 4.69 -39.25 -15.68
N GLU C 350 5.75 -39.97 -16.04
CA GLU C 350 6.18 -41.05 -15.17
C GLU C 350 7.67 -41.10 -15.09
N PHE C 351 8.16 -41.39 -13.90
CA PHE C 351 9.57 -41.43 -13.63
C PHE C 351 10.33 -42.54 -14.33
N PHE C 352 11.54 -42.23 -14.74
CA PHE C 352 12.45 -43.19 -15.34
C PHE C 352 13.86 -42.98 -14.86
N TYR C 353 14.65 -44.05 -14.91
CA TYR C 353 16.05 -43.99 -14.57
C TYR C 353 16.83 -44.72 -15.64
N CYS C 354 18.05 -44.32 -15.96
CA CYS C 354 18.74 -45.19 -16.91
C CYS C 354 20.22 -45.34 -16.67
N ASN C 355 20.77 -46.39 -17.28
CA ASN C 355 22.17 -46.63 -17.12
C ASN C 355 22.90 -45.93 -18.22
N THR C 356 23.31 -44.72 -17.91
CA THR C 356 24.00 -43.90 -18.86
C THR C 356 25.47 -44.17 -18.94
N SER C 357 25.99 -45.06 -18.10
CA SER C 357 27.43 -45.26 -18.08
C SER C 357 28.03 -45.66 -19.42
N GLY C 358 27.24 -46.31 -20.27
CA GLY C 358 27.76 -46.68 -21.58
C GLY C 358 28.14 -45.46 -22.41
N LEU C 359 27.47 -44.33 -22.15
CA LEU C 359 27.75 -43.11 -22.86
C LEU C 359 29.12 -42.56 -22.54
N PHE C 360 29.64 -42.94 -21.38
CA PHE C 360 30.90 -42.45 -20.93
C PHE C 360 32.03 -43.41 -21.16
N ASN C 361 31.79 -44.48 -21.92
CA ASN C 361 32.86 -45.44 -22.12
C ASN C 361 33.81 -45.00 -23.23
N SER C 362 34.58 -43.94 -22.98
CA SER C 362 35.55 -43.47 -23.94
C SER C 362 36.71 -42.75 -23.28
N THR C 363 37.79 -42.60 -24.04
CA THR C 363 38.91 -41.78 -23.64
C THR C 363 39.28 -40.94 -24.83
N TRP C 364 39.98 -39.85 -24.60
CA TRP C 364 40.35 -38.96 -25.67
C TRP C 364 41.83 -38.64 -25.64
N ILE C 365 42.39 -38.58 -26.82
CA ILE C 365 43.81 -38.38 -27.02
C ILE C 365 44.07 -37.22 -27.94
N SER C 366 45.31 -36.75 -27.94
CA SER C 366 45.68 -35.72 -28.89
C SER C 366 45.53 -36.30 -30.28
N ASN C 367 45.16 -35.46 -31.23
CA ASN C 367 44.92 -35.93 -32.60
C ASN C 367 43.90 -37.06 -32.62
N ASN C 379 22.54 -49.15 -35.18
CA ASN C 379 23.76 -48.97 -35.95
C ASN C 379 24.32 -47.59 -35.70
N ASP C 380 23.57 -46.59 -36.12
CA ASP C 380 23.93 -45.20 -35.94
C ASP C 380 23.42 -44.64 -34.61
N SER C 381 22.89 -45.52 -33.74
CA SER C 381 22.27 -45.12 -32.49
C SER C 381 22.53 -46.10 -31.35
N ILE C 382 22.30 -45.63 -30.13
CA ILE C 382 22.50 -46.40 -28.91
C ILE C 382 21.22 -46.50 -28.12
N THR C 383 20.93 -47.71 -27.63
CA THR C 383 19.73 -47.91 -26.83
C THR C 383 20.08 -48.13 -25.36
N LEU C 384 19.91 -47.11 -24.53
CA LEU C 384 20.18 -47.28 -23.12
C LEU C 384 19.08 -48.07 -22.42
N PRO C 385 19.43 -48.96 -21.49
CA PRO C 385 18.56 -49.68 -20.57
C PRO C 385 17.98 -48.70 -19.58
N CYS C 386 16.78 -48.98 -19.08
CA CYS C 386 16.18 -48.09 -18.09
C CYS C 386 15.37 -48.81 -17.01
N ARG C 387 15.02 -48.07 -15.97
CA ARG C 387 14.29 -48.59 -14.81
C ARG C 387 13.17 -47.67 -14.40
N ILE C 388 12.16 -48.22 -13.75
CA ILE C 388 11.07 -47.38 -13.27
C ILE C 388 10.77 -47.64 -11.80
N LYS C 389 10.67 -46.56 -11.03
CA LYS C 389 10.31 -46.67 -9.62
C LYS C 389 9.05 -45.85 -9.36
N GLN C 390 8.03 -46.43 -8.74
CA GLN C 390 6.84 -45.64 -8.47
C GLN C 390 6.85 -44.89 -7.14
N ILE C 391 7.78 -45.16 -6.24
CA ILE C 391 7.82 -44.32 -5.04
C ILE C 391 8.85 -43.25 -5.17
N ILE C 392 8.40 -42.01 -5.24
CA ILE C 392 9.28 -40.91 -5.42
C ILE C 392 9.62 -40.13 -4.17
N ASN C 393 10.89 -40.14 -3.80
CA ASN C 393 11.32 -39.27 -2.73
C ASN C 393 11.88 -37.99 -3.35
N MET C 394 11.08 -36.92 -3.37
CA MET C 394 11.55 -35.70 -4.02
C MET C 394 12.71 -34.98 -3.37
N TRP C 395 13.50 -34.41 -4.26
CA TRP C 395 14.67 -33.63 -3.95
C TRP C 395 15.56 -34.35 -2.96
N GLN C 396 16.11 -33.62 -2.01
CA GLN C 396 16.91 -34.25 -0.98
C GLN C 396 16.10 -34.53 0.27
N ARG C 397 14.83 -34.11 0.26
CA ARG C 397 14.00 -34.23 1.43
C ARG C 397 13.74 -35.67 1.81
N ILE C 398 13.65 -35.93 3.11
CA ILE C 398 13.28 -37.26 3.55
C ILE C 398 11.99 -37.29 4.34
N GLY C 399 11.38 -36.11 4.53
CA GLY C 399 10.14 -36.03 5.28
C GLY C 399 8.89 -36.36 4.48
N GLN C 400 9.03 -36.59 3.19
CA GLN C 400 7.87 -36.88 2.35
C GLN C 400 8.16 -37.91 1.30
N ALA C 401 7.14 -38.59 0.86
CA ALA C 401 7.27 -39.50 -0.26
C ALA C 401 5.95 -39.62 -0.96
N MET C 402 5.97 -39.91 -2.25
CA MET C 402 4.69 -40.11 -2.89
C MET C 402 4.70 -41.20 -3.92
N TYR C 403 3.55 -41.83 -4.05
CA TYR C 403 3.32 -42.84 -5.06
C TYR C 403 3.12 -42.24 -6.41
N ALA C 404 3.69 -42.81 -7.45
CA ALA C 404 3.36 -42.32 -8.76
C ALA C 404 2.33 -43.28 -9.33
N PRO C 405 1.18 -42.80 -9.78
CA PRO C 405 0.12 -43.56 -10.41
C PRO C 405 0.61 -44.17 -11.69
N PRO C 406 0.08 -45.31 -12.07
CA PRO C 406 0.30 -45.99 -13.31
C PRO C 406 -0.31 -45.14 -14.41
N ILE C 407 0.24 -45.20 -15.60
CA ILE C 407 -0.34 -44.51 -16.74
C ILE C 407 -0.58 -45.52 -17.82
N GLN C 408 -1.82 -45.67 -18.24
CA GLN C 408 -2.09 -46.71 -19.21
C GLN C 408 -1.47 -46.47 -20.57
N GLY C 409 -1.12 -47.57 -21.22
CA GLY C 409 -0.53 -47.57 -22.55
C GLY C 409 0.98 -47.45 -22.53
N VAL C 410 1.54 -47.44 -23.74
CA VAL C 410 2.97 -47.24 -23.93
C VAL C 410 3.36 -45.79 -23.79
N ILE C 411 4.42 -45.53 -23.05
CA ILE C 411 4.94 -44.17 -22.93
C ILE C 411 5.88 -43.85 -24.04
N ARG C 412 5.70 -42.69 -24.66
CA ARG C 412 6.72 -42.24 -25.60
C ARG C 412 7.23 -40.89 -25.17
N CYS C 413 8.52 -40.67 -25.35
CA CYS C 413 9.11 -39.41 -24.97
C CYS C 413 10.11 -38.89 -25.97
N VAL C 414 10.02 -37.61 -26.27
CA VAL C 414 11.01 -37.00 -27.14
C VAL C 414 11.53 -35.72 -26.52
N SER C 415 12.83 -35.58 -26.47
CA SER C 415 13.43 -34.39 -25.88
C SER C 415 14.75 -34.01 -26.51
N ASN C 416 15.17 -32.78 -26.27
CA ASN C 416 16.47 -32.36 -26.75
C ASN C 416 17.42 -32.33 -25.57
N ILE C 417 18.56 -32.99 -25.68
CA ILE C 417 19.52 -32.91 -24.62
C ILE C 417 20.31 -31.67 -24.85
N THR C 418 20.37 -30.81 -23.86
CA THR C 418 21.07 -29.57 -24.04
C THR C 418 22.33 -29.36 -23.22
N GLY C 419 22.67 -30.29 -22.33
CA GLY C 419 23.93 -30.10 -21.62
C GLY C 419 24.27 -31.20 -20.64
N LEU C 420 25.40 -31.06 -19.96
CA LEU C 420 25.84 -32.07 -19.00
C LEU C 420 26.18 -31.52 -17.64
N ILE C 421 25.86 -32.28 -16.59
CA ILE C 421 26.38 -31.94 -15.27
C ILE C 421 27.54 -32.88 -14.99
N LEU C 422 28.75 -32.36 -14.94
CA LEU C 422 29.93 -33.20 -14.78
C LEU C 422 30.77 -32.91 -13.57
N THR C 423 31.55 -33.89 -13.14
CA THR C 423 32.49 -33.67 -12.07
C THR C 423 33.83 -34.21 -12.47
N ARG C 424 34.87 -33.77 -11.78
CA ARG C 424 36.23 -34.18 -12.10
C ARG C 424 36.91 -34.83 -10.90
N ASP C 425 37.62 -35.92 -11.16
CA ASP C 425 38.35 -36.58 -10.08
C ASP C 425 39.53 -35.77 -9.57
N GLY C 426 39.62 -35.70 -8.25
CA GLY C 426 40.73 -35.02 -7.56
C GLY C 426 42.04 -35.80 -7.63
N GLY C 427 43.14 -35.12 -7.30
CA GLY C 427 44.45 -35.76 -7.17
C GLY C 427 45.22 -36.02 -8.45
N SER C 428 44.76 -35.51 -9.58
CA SER C 428 45.48 -35.71 -10.84
C SER C 428 46.84 -35.04 -10.80
N THR C 429 47.79 -35.57 -11.58
CA THR C 429 49.11 -34.94 -11.65
C THR C 429 49.59 -34.78 -13.08
N ASN C 430 50.58 -33.92 -13.22
CA ASN C 430 51.27 -33.60 -14.46
C ASN C 430 50.29 -33.17 -15.54
N SER C 431 49.28 -32.40 -15.14
CA SER C 431 48.25 -31.87 -16.03
C SER C 431 47.65 -32.88 -17.00
N THR C 432 47.62 -34.17 -16.66
CA THR C 432 47.09 -35.12 -17.64
C THR C 432 46.18 -36.18 -17.08
N THR C 433 45.49 -36.85 -17.99
CA THR C 433 44.50 -37.92 -17.75
C THR C 433 43.36 -37.46 -16.89
N GLU C 434 42.92 -36.22 -17.09
CA GLU C 434 41.79 -35.75 -16.33
C GLU C 434 40.61 -36.59 -16.70
N THR C 435 39.74 -36.86 -15.75
CA THR C 435 38.60 -37.66 -16.09
C THR C 435 37.35 -37.08 -15.52
N PHE C 436 36.24 -37.48 -16.12
CA PHE C 436 34.99 -36.93 -15.74
C PHE C 436 33.88 -37.94 -15.65
N ARG C 437 32.90 -37.57 -14.85
CA ARG C 437 31.71 -38.35 -14.66
C ARG C 437 30.51 -37.47 -14.56
N PRO C 438 29.33 -38.00 -14.81
CA PRO C 438 28.07 -37.35 -14.58
C PRO C 438 28.01 -37.15 -13.09
N GLY C 439 27.29 -36.15 -12.65
CA GLY C 439 27.35 -35.82 -11.23
C GLY C 439 26.42 -34.69 -10.88
N GLY C 440 26.54 -34.16 -9.65
CA GLY C 440 25.63 -33.12 -9.22
C GLY C 440 24.26 -33.70 -8.93
N GLY C 441 23.24 -33.17 -9.59
CA GLY C 441 21.88 -33.55 -9.28
C GLY C 441 21.21 -32.62 -8.28
N ASP C 442 21.94 -31.63 -7.75
CA ASP C 442 21.22 -30.60 -7.02
C ASP C 442 20.47 -29.82 -8.06
N MET C 443 19.16 -29.71 -7.90
CA MET C 443 18.35 -29.01 -8.88
C MET C 443 18.73 -27.57 -9.07
N ARG C 444 19.39 -26.99 -8.07
CA ARG C 444 19.83 -25.63 -8.18
C ARG C 444 20.69 -25.39 -9.39
N ASP C 445 21.47 -26.38 -9.79
CA ASP C 445 22.30 -26.17 -10.95
C ASP C 445 21.51 -26.17 -12.22
N ASN C 446 20.32 -26.76 -12.18
CA ASN C 446 19.53 -26.76 -13.35
C ASN C 446 18.96 -25.38 -13.51
N TRP C 447 18.56 -24.78 -12.39
CA TRP C 447 18.03 -23.44 -12.50
C TRP C 447 19.09 -22.49 -13.01
N ARG C 448 20.33 -22.72 -12.59
CA ARG C 448 21.45 -21.90 -12.99
C ARG C 448 21.74 -21.97 -14.44
N SER C 449 21.49 -23.13 -15.05
CA SER C 449 21.78 -23.26 -16.46
C SER C 449 21.04 -22.23 -17.29
N GLU C 450 19.92 -21.69 -16.79
CA GLU C 450 19.26 -20.64 -17.52
C GLU C 450 19.46 -19.28 -16.90
N LEU C 451 19.40 -19.25 -15.57
CA LEU C 451 19.41 -18.00 -14.83
C LEU C 451 20.72 -17.26 -14.83
N TYR C 452 21.81 -17.91 -15.21
CA TYR C 452 23.10 -17.24 -15.27
C TYR C 452 23.06 -16.01 -16.20
N LYS C 453 22.13 -16.00 -17.15
CA LYS C 453 21.98 -14.89 -18.07
C LYS C 453 21.51 -13.58 -17.43
N TYR C 454 21.00 -13.63 -16.20
CA TYR C 454 20.36 -12.44 -15.65
C TYR C 454 20.75 -12.02 -14.26
N LYS C 455 20.58 -10.73 -13.98
CA LYS C 455 20.69 -10.25 -12.63
C LYS C 455 19.62 -9.21 -12.36
N VAL C 456 19.19 -9.11 -11.12
CA VAL C 456 18.21 -8.11 -10.71
C VAL C 456 18.85 -6.88 -10.13
N VAL C 457 18.42 -5.72 -10.61
CA VAL C 457 18.91 -4.49 -10.03
C VAL C 457 17.78 -3.61 -9.63
N LYS C 458 18.11 -2.68 -8.77
CA LYS C 458 17.19 -1.72 -8.26
C LYS C 458 17.42 -0.39 -8.89
N ILE C 459 16.33 0.22 -9.30
CA ILE C 459 16.43 1.52 -9.90
C ILE C 459 16.41 2.58 -8.84
N GLU C 460 17.42 3.43 -8.81
CA GLU C 460 17.39 4.54 -7.87
C GLU C 460 17.33 5.86 -8.61
N PRO C 461 16.13 6.31 -8.99
CA PRO C 461 15.85 7.50 -9.79
C PRO C 461 16.30 8.80 -9.16
N LEU C 462 16.39 8.82 -7.85
CA LEU C 462 16.82 10.01 -7.16
C LEU C 462 18.30 10.28 -7.34
N GLY C 463 18.65 11.54 -7.51
CA GLY C 463 20.05 11.89 -7.47
C GLY C 463 20.25 13.39 -7.50
N VAL C 464 21.49 13.81 -7.36
CA VAL C 464 21.81 15.22 -7.37
C VAL C 464 23.01 15.48 -8.24
N ALA C 465 23.21 16.72 -8.64
CA ALA C 465 24.45 17.08 -9.30
C ALA C 465 24.67 18.57 -9.14
N PRO C 466 25.91 19.05 -9.21
CA PRO C 466 26.22 20.46 -9.10
C PRO C 466 25.63 21.27 -10.24
N THR C 467 25.23 22.49 -9.93
CA THR C 467 24.71 23.43 -10.90
C THR C 467 25.19 24.85 -10.70
N ARG C 468 25.02 25.64 -11.74
CA ARG C 468 25.30 27.07 -11.65
C ARG C 468 24.10 27.83 -11.08
N CYS C 469 22.96 27.14 -10.99
CA CYS C 469 21.74 27.67 -10.42
C CYS C 469 21.73 27.76 -8.91
N LYS C 470 21.10 28.81 -8.41
CA LYS C 470 20.83 28.88 -6.99
C LYS C 470 19.35 29.15 -6.91
N ARG C 471 18.71 28.70 -5.83
CA ARG C 471 17.26 28.80 -5.79
C ARG C 471 16.71 30.19 -5.86
N ARG C 472 15.58 30.31 -6.53
CA ARG C 472 14.86 31.55 -6.70
C ARG C 472 14.32 32.10 -5.39
N VAL C 473 14.25 33.43 -5.33
CA VAL C 473 13.70 34.11 -4.17
C VAL C 473 12.20 33.90 -4.05
N VAL C 474 11.74 33.69 -2.82
CA VAL C 474 10.32 33.48 -2.55
C VAL C 474 9.51 34.70 -2.96
N LEU D 9 13.06 6.70 -27.51
CA LEU D 9 13.93 5.60 -27.11
C LEU D 9 13.18 4.61 -26.22
N GLY D 10 13.61 4.48 -24.97
CA GLY D 10 12.96 3.58 -24.04
C GLY D 10 13.61 3.67 -22.67
N PHE D 11 13.10 2.89 -21.75
CA PHE D 11 13.56 2.91 -20.38
C PHE D 11 15.05 2.58 -20.29
N LEU D 12 15.74 3.35 -19.48
CA LEU D 12 17.17 3.28 -19.23
C LEU D 12 18.03 3.52 -20.47
N GLY D 13 17.47 4.15 -21.51
CA GLY D 13 18.29 4.43 -22.68
C GLY D 13 19.42 5.40 -22.36
N ALA D 14 19.21 6.23 -21.34
CA ALA D 14 20.17 7.22 -20.89
C ALA D 14 21.44 6.62 -20.31
N ALA D 15 21.44 5.33 -20.01
CA ALA D 15 22.65 4.72 -19.49
C ALA D 15 23.78 4.76 -20.51
N GLY D 16 23.44 4.96 -21.79
CA GLY D 16 24.44 5.06 -22.85
C GLY D 16 25.00 6.45 -23.07
N SER D 17 24.65 7.41 -22.22
CA SER D 17 25.10 8.76 -22.46
C SER D 17 25.46 9.51 -21.21
N THR D 18 26.14 10.63 -21.40
CA THR D 18 26.59 11.45 -20.31
C THR D 18 25.44 12.07 -19.55
N MET D 19 25.75 12.48 -18.33
CA MET D 19 24.76 13.01 -17.43
C MET D 19 23.90 14.12 -17.98
N GLY D 20 24.48 15.02 -18.77
CA GLY D 20 23.62 16.06 -19.30
C GLY D 20 22.60 15.52 -20.28
N ALA D 21 23.01 14.53 -21.07
CA ALA D 21 22.10 13.95 -22.03
C ALA D 21 21.03 13.12 -21.37
N ALA D 22 21.32 12.63 -20.17
CA ALA D 22 20.38 11.81 -19.46
C ALA D 22 19.11 12.57 -19.08
N SER D 23 19.20 13.91 -19.02
CA SER D 23 18.05 14.69 -18.65
C SER D 23 16.88 14.54 -19.60
N MET D 24 17.17 14.19 -20.84
CA MET D 24 16.14 14.08 -21.85
C MET D 24 15.12 12.98 -21.60
N THR D 25 15.49 11.96 -20.85
CA THR D 25 14.60 10.84 -20.63
C THR D 25 13.99 10.80 -19.26
N LEU D 26 14.18 11.82 -18.45
CA LEU D 26 13.78 11.65 -17.07
C LEU D 26 12.31 11.33 -16.88
N THR D 27 11.43 11.88 -17.74
CA THR D 27 10.02 11.56 -17.60
C THR D 27 9.73 10.13 -17.98
N VAL D 28 10.58 9.54 -18.82
CA VAL D 28 10.42 8.16 -19.20
C VAL D 28 10.73 7.30 -18.06
N GLN D 29 11.80 7.64 -17.38
CA GLN D 29 12.27 6.85 -16.29
C GLN D 29 11.28 6.77 -15.16
N ALA D 30 10.59 7.87 -14.92
CA ALA D 30 9.60 7.90 -13.88
C ALA D 30 8.39 7.02 -14.18
N ARG D 31 8.19 6.68 -15.45
CA ARG D 31 7.02 5.91 -15.81
C ARG D 31 6.98 4.54 -15.22
N ASN D 32 8.13 3.94 -14.95
CA ASN D 32 8.06 2.58 -14.49
C ASN D 32 8.17 2.39 -13.01
N LEU D 33 8.09 3.46 -12.25
CA LEU D 33 8.19 3.27 -10.82
C LEU D 33 7.03 2.48 -10.21
N LEU D 34 5.81 2.70 -10.72
CA LEU D 34 4.64 1.95 -10.26
C LEU D 34 4.06 0.97 -11.31
N SER D 35 4.59 1.03 -12.52
CA SER D 35 4.11 0.26 -13.67
C SER D 35 4.33 -1.25 -13.67
N GLY D 36 3.46 -1.94 -14.41
CA GLY D 36 3.54 -3.38 -14.67
C GLY D 36 2.77 -4.25 -13.68
N ILE D 37 2.21 -3.64 -12.66
CA ILE D 37 1.36 -4.33 -11.72
C ILE D 37 -0.07 -3.82 -11.87
N VAL D 38 -0.27 -2.99 -12.89
CA VAL D 38 -1.55 -2.36 -13.15
C VAL D 38 -2.69 -3.33 -13.44
N GLN D 39 -2.39 -4.46 -14.08
CA GLN D 39 -3.44 -5.41 -14.42
C GLN D 39 -3.23 -6.79 -13.82
N GLN D 40 -4.28 -7.31 -13.17
CA GLN D 40 -4.27 -8.67 -12.64
C GLN D 40 -5.66 -9.28 -12.73
N LEU D 57 -4.54 -18.71 -4.02
CA LEU D 57 -3.32 -19.42 -3.68
C LEU D 57 -2.38 -18.54 -2.87
N THR D 58 -1.82 -19.09 -1.78
CA THR D 58 -0.84 -18.33 -1.03
C THR D 58 0.45 -18.16 -1.82
N VAL D 59 0.82 -19.19 -2.56
CA VAL D 59 2.01 -19.16 -3.37
C VAL D 59 1.79 -18.17 -4.48
N TRP D 60 2.80 -17.36 -4.75
CA TRP D 60 2.76 -16.34 -5.79
C TRP D 60 1.90 -15.17 -5.43
N GLY D 61 0.62 -15.38 -5.22
CA GLY D 61 -0.23 -14.24 -4.92
C GLY D 61 0.24 -13.53 -3.67
N ILE D 62 0.77 -14.23 -2.65
CA ILE D 62 1.29 -13.49 -1.54
C ILE D 62 2.54 -12.73 -1.94
N LYS D 63 3.28 -13.31 -2.87
CA LYS D 63 4.50 -12.69 -3.32
C LYS D 63 4.19 -11.47 -4.13
N GLN D 64 3.11 -11.54 -4.89
CA GLN D 64 2.65 -10.43 -5.69
C GLN D 64 2.27 -9.31 -4.81
N LEU D 65 1.58 -9.65 -3.74
CA LEU D 65 1.16 -8.68 -2.79
C LEU D 65 2.33 -7.98 -2.16
N GLN D 66 3.37 -8.74 -1.83
CA GLN D 66 4.53 -8.12 -1.25
C GLN D 66 5.19 -7.19 -2.23
N ALA D 67 5.21 -7.58 -3.50
CA ALA D 67 5.80 -6.72 -4.51
C ALA D 67 5.02 -5.45 -4.67
N ARG D 68 3.69 -5.54 -4.56
CA ARG D 68 2.89 -4.35 -4.70
C ARG D 68 3.16 -3.38 -3.60
N VAL D 69 3.32 -3.92 -2.41
CA VAL D 69 3.61 -3.07 -1.28
C VAL D 69 4.96 -2.43 -1.39
N LEU D 70 5.94 -3.21 -1.81
CA LEU D 70 7.27 -2.68 -1.95
C LEU D 70 7.36 -1.55 -2.92
N ALA D 71 6.70 -1.71 -4.06
CA ALA D 71 6.77 -0.66 -5.06
C ALA D 71 6.17 0.62 -4.54
N VAL D 72 5.07 0.49 -3.81
CA VAL D 72 4.46 1.66 -3.27
C VAL D 72 5.30 2.35 -2.25
N GLU D 73 5.90 1.57 -1.38
CA GLU D 73 6.68 2.17 -0.34
C GLU D 73 7.86 2.91 -0.85
N ARG D 74 8.54 2.36 -1.84
CA ARG D 74 9.69 3.05 -2.33
C ARG D 74 9.32 4.32 -3.01
N TYR D 75 8.21 4.28 -3.72
CA TYR D 75 7.75 5.45 -4.41
C TYR D 75 7.46 6.57 -3.45
N LEU D 76 6.80 6.22 -2.36
CA LEU D 76 6.47 7.22 -1.39
C LEU D 76 7.65 7.80 -0.69
N ARG D 77 8.69 6.99 -0.47
CA ARG D 77 9.83 7.54 0.21
C ARG D 77 10.49 8.61 -0.60
N ASP D 78 10.52 8.42 -1.92
CA ASP D 78 11.12 9.45 -2.73
C ASP D 78 10.27 10.68 -2.76
N GLN D 79 8.95 10.49 -2.82
CA GLN D 79 8.09 11.63 -2.87
C GLN D 79 8.16 12.42 -1.61
N GLN D 80 8.34 11.71 -0.50
CA GLN D 80 8.45 12.37 0.76
C GLN D 80 9.65 13.26 0.79
N LEU D 81 10.77 12.76 0.29
CA LEU D 81 11.96 13.56 0.28
C LEU D 81 11.86 14.78 -0.58
N LEU D 82 11.22 14.64 -1.72
CA LEU D 82 11.06 15.77 -2.59
C LEU D 82 10.21 16.83 -1.97
N GLY D 83 9.17 16.40 -1.25
CA GLY D 83 8.32 17.35 -0.58
C GLY D 83 9.08 18.09 0.50
N ILE D 84 10.01 17.40 1.14
CA ILE D 84 10.82 18.06 2.14
C ILE D 84 11.72 19.07 1.52
N TRP D 85 12.33 18.67 0.41
CA TRP D 85 13.24 19.48 -0.31
C TRP D 85 12.61 20.62 -1.11
N GLY D 86 11.29 20.55 -1.29
CA GLY D 86 10.55 21.56 -2.02
C GLY D 86 10.66 21.31 -3.52
N CYS D 87 11.24 20.18 -3.89
CA CYS D 87 11.43 19.83 -5.27
C CYS D 87 10.33 18.95 -5.80
N SER D 88 9.26 18.83 -5.02
CA SER D 88 8.16 18.00 -5.42
C SER D 88 7.52 18.48 -6.70
N GLY D 89 7.08 17.51 -7.47
CA GLY D 89 6.42 17.73 -8.74
C GLY D 89 7.41 18.06 -9.84
N LYS D 90 8.71 17.95 -9.57
CA LYS D 90 9.66 18.28 -10.61
C LYS D 90 10.72 17.21 -10.76
N LEU D 91 11.18 16.98 -11.99
CA LEU D 91 12.29 16.05 -12.18
C LEU D 91 13.61 16.77 -12.15
N ILE D 92 13.53 18.08 -12.22
CA ILE D 92 14.67 18.94 -12.13
C ILE D 92 14.35 20.01 -11.14
N CYS D 93 15.28 20.32 -10.28
CA CYS D 93 14.99 21.33 -9.30
C CYS D 93 16.22 22.15 -9.05
N CYS D 94 16.02 23.28 -8.39
CA CYS D 94 17.10 24.20 -8.10
C CYS D 94 17.18 24.55 -6.64
N THR D 95 17.90 23.71 -5.92
CA THR D 95 18.15 23.92 -4.52
C THR D 95 19.06 25.10 -4.34
N ASN D 96 19.02 25.69 -3.16
CA ASN D 96 19.90 26.78 -2.85
C ASN D 96 21.10 26.33 -2.07
N VAL D 97 21.33 25.03 -1.99
CA VAL D 97 22.40 24.56 -1.16
C VAL D 97 23.73 24.37 -1.91
N PRO D 98 24.76 25.14 -1.55
CA PRO D 98 26.12 25.07 -2.02
C PRO D 98 26.67 23.76 -1.53
N TRP D 99 27.64 23.20 -2.23
CA TRP D 99 28.18 21.95 -1.70
C TRP D 99 29.66 22.08 -1.47
N ASN D 100 30.18 21.28 -0.56
CA ASN D 100 31.59 21.42 -0.26
C ASN D 100 32.36 20.80 -1.36
N SER D 101 33.13 21.64 -2.04
CA SER D 101 33.87 21.24 -3.22
C SER D 101 34.78 20.06 -3.04
N SER D 102 35.20 19.77 -1.80
CA SER D 102 36.06 18.63 -1.59
C SER D 102 35.46 17.31 -2.05
N TRP D 103 34.13 17.23 -2.12
CA TRP D 103 33.48 15.99 -2.53
C TRP D 103 33.84 15.57 -3.95
N SER D 104 34.18 16.52 -4.82
CA SER D 104 34.63 16.21 -6.16
C SER D 104 35.53 17.32 -6.69
N ASN D 105 36.48 16.99 -7.53
CA ASN D 105 37.35 18.04 -8.02
C ASN D 105 37.53 17.94 -9.51
N ARG D 106 36.49 18.31 -10.23
CA ARG D 106 36.50 18.27 -11.66
C ARG D 106 35.76 19.49 -12.18
N ASN D 107 36.14 19.98 -13.36
CA ASN D 107 35.44 21.15 -13.86
C ASN D 107 34.04 20.73 -14.16
N LEU D 108 33.08 21.61 -13.91
CA LEU D 108 31.70 21.22 -14.03
C LEU D 108 31.35 20.64 -15.40
N SER D 109 31.85 21.25 -16.48
CA SER D 109 31.61 20.71 -17.82
C SER D 109 32.28 19.36 -18.00
N GLU D 110 33.38 19.15 -17.29
CA GLU D 110 34.11 17.90 -17.32
C GLU D 110 33.37 16.81 -16.60
N ILE D 111 32.31 17.16 -15.89
CA ILE D 111 31.56 16.14 -15.23
C ILE D 111 30.34 15.81 -16.05
N TRP D 112 29.57 16.84 -16.33
CA TRP D 112 28.34 16.70 -17.06
C TRP D 112 28.46 16.16 -18.46
N ASP D 113 29.58 16.45 -19.12
CA ASP D 113 29.70 16.01 -20.47
C ASP D 113 30.46 14.71 -20.71
N ASN D 114 30.89 14.00 -19.68
CA ASN D 114 31.63 12.79 -20.03
C ASN D 114 31.36 11.53 -19.20
N MET D 115 30.25 11.43 -18.48
CA MET D 115 30.07 10.18 -17.77
C MET D 115 28.64 9.77 -17.59
N THR D 116 28.41 8.46 -17.47
CA THR D 116 27.09 7.96 -17.21
C THR D 116 26.73 8.46 -15.84
N TRP D 117 25.49 8.82 -15.62
CA TRP D 117 25.13 9.37 -14.33
C TRP D 117 25.48 8.42 -13.21
N LEU D 118 25.34 7.13 -13.48
CA LEU D 118 25.70 6.10 -12.55
C LEU D 118 27.16 6.12 -12.17
N GLN D 119 28.04 6.43 -13.12
CA GLN D 119 29.43 6.49 -12.80
C GLN D 119 29.67 7.61 -11.84
N TRP D 120 29.01 8.73 -12.11
CA TRP D 120 29.10 9.86 -11.24
C TRP D 120 28.55 9.57 -9.88
N ASP D 121 27.52 8.73 -9.84
CA ASP D 121 26.90 8.35 -8.60
C ASP D 121 27.86 7.64 -7.72
N LYS D 122 28.68 6.79 -8.32
CA LYS D 122 29.63 6.10 -7.50
C LYS D 122 30.60 7.05 -6.84
N GLU D 123 30.99 8.12 -7.55
CA GLU D 123 31.87 9.09 -6.92
C GLU D 123 31.23 9.85 -5.76
N ILE D 124 30.00 10.31 -5.97
CA ILE D 124 29.27 11.03 -4.93
C ILE D 124 28.83 10.20 -3.75
N SER D 125 28.76 8.89 -3.93
CA SER D 125 28.11 8.00 -2.98
C SER D 125 28.48 8.10 -1.52
N ASN D 126 29.64 8.62 -1.17
CA ASN D 126 29.90 8.68 0.27
C ASN D 126 29.53 10.03 0.89
N TYR D 127 28.93 10.91 0.13
CA TYR D 127 28.54 12.20 0.69
C TYR D 127 27.05 12.38 0.74
N THR D 128 26.31 11.38 0.29
CA THR D 128 24.90 11.59 0.07
C THR D 128 24.06 11.89 1.27
N GLN D 129 24.49 11.44 2.44
CA GLN D 129 23.65 11.73 3.58
C GLN D 129 23.96 13.08 4.14
N ILE D 130 25.07 13.65 3.71
CA ILE D 130 25.42 14.95 4.18
C ILE D 130 24.50 15.89 3.51
N ILE D 131 24.39 15.64 2.22
CA ILE D 131 23.60 16.45 1.37
C ILE D 131 22.17 16.43 1.73
N TYR D 132 21.65 15.26 2.04
CA TYR D 132 20.25 15.21 2.33
C TYR D 132 19.88 15.98 3.57
N GLY D 133 20.76 15.94 4.59
CA GLY D 133 20.46 16.73 5.77
C GLY D 133 20.51 18.20 5.47
N LEU D 134 21.43 18.59 4.60
CA LEU D 134 21.53 19.98 4.23
C LEU D 134 20.32 20.46 3.51
N LEU D 135 19.79 19.62 2.63
CA LEU D 135 18.65 20.05 1.88
C LEU D 135 17.46 20.28 2.76
N GLU D 136 17.30 19.40 3.75
CA GLU D 136 16.20 19.53 4.67
C GLU D 136 16.21 20.80 5.48
N GLU D 137 17.35 21.16 6.02
CA GLU D 137 17.35 22.31 6.88
C GLU D 137 18.08 23.52 6.39
N SER D 138 19.27 23.33 5.80
CA SER D 138 20.08 24.49 5.45
C SER D 138 19.35 25.37 4.48
N GLN D 139 18.47 24.79 3.68
CA GLN D 139 17.66 25.63 2.87
C GLN D 139 16.20 25.48 3.13
N ASN D 140 15.68 24.27 3.23
CA ASN D 140 14.25 24.23 3.35
C ASN D 140 13.66 24.61 4.68
N GLN D 141 14.21 24.16 5.80
CA GLN D 141 13.64 24.68 7.04
C GLN D 141 13.87 26.15 7.16
N GLN D 142 15.06 26.58 6.76
CA GLN D 142 15.37 27.98 6.80
C GLN D 142 14.51 28.82 5.88
N GLU D 143 14.23 28.28 4.71
CA GLU D 143 13.39 28.99 3.79
C GLU D 143 12.02 29.14 4.34
N LYS D 144 11.52 28.09 4.95
CA LYS D 144 10.21 28.11 5.54
C LYS D 144 10.11 29.09 6.66
N ASN D 145 11.21 29.32 7.35
CA ASN D 145 11.18 30.30 8.41
C ASN D 145 11.02 31.67 7.80
N GLU D 146 11.76 31.88 6.72
CA GLU D 146 11.69 33.13 5.99
C GLU D 146 10.36 33.30 5.31
N GLN D 147 9.78 32.19 4.85
CA GLN D 147 8.48 32.23 4.22
C GLN D 147 7.46 32.68 5.21
N ASP D 148 7.62 32.23 6.45
CA ASP D 148 6.70 32.65 7.48
C ASP D 148 6.85 34.11 7.77
N LEU D 149 8.08 34.60 7.76
CA LEU D 149 8.26 36.01 7.98
C LEU D 149 7.61 36.82 6.89
N LEU D 150 7.70 36.32 5.66
CA LEU D 150 7.02 36.96 4.55
C LEU D 150 5.52 36.85 4.68
N ALA D 151 5.06 35.74 5.25
CA ALA D 151 3.65 35.54 5.47
C ALA D 151 3.10 36.53 6.48
N LEU D 152 3.97 37.04 7.33
CA LEU D 152 3.58 38.01 8.32
C LEU D 152 3.69 39.45 7.81
N ASP D 153 4.03 39.63 6.53
CA ASP D 153 4.14 40.96 5.97
C ASP D 153 2.87 41.34 5.24
N GLU E 2 -7.39 41.99 8.70
CA GLU E 2 -6.90 42.20 10.05
C GLU E 2 -7.18 41.01 10.94
N ASN E 3 -8.40 40.51 10.87
CA ASN E 3 -8.79 39.40 11.70
C ASN E 3 -8.02 38.18 11.31
N LEU E 4 -7.64 37.41 12.30
CA LEU E 4 -6.79 36.25 12.13
C LEU E 4 -7.36 35.17 11.26
N TRP E 5 -6.46 34.50 10.56
CA TRP E 5 -6.86 33.43 9.70
C TRP E 5 -6.30 32.16 10.26
N VAL E 6 -7.09 31.12 10.28
CA VAL E 6 -6.53 29.89 10.79
C VAL E 6 -5.74 29.28 9.65
N THR E 7 -4.53 28.80 9.92
CA THR E 7 -3.81 28.22 8.81
C THR E 7 -3.12 26.91 9.13
N VAL E 8 -2.79 26.21 8.07
CA VAL E 8 -2.18 24.89 8.12
C VAL E 8 -0.73 24.79 8.54
N TYR E 9 -0.47 23.79 9.38
CA TYR E 9 0.85 23.40 9.81
C TYR E 9 0.96 21.89 9.71
N TYR E 10 2.17 21.37 9.58
CA TYR E 10 2.27 19.95 9.51
C TYR E 10 3.51 19.46 10.22
N GLY E 11 3.39 18.26 10.78
CA GLY E 11 4.41 17.62 11.57
C GLY E 11 4.40 18.09 13.02
N VAL E 12 3.41 18.87 13.42
CA VAL E 12 3.40 19.30 14.83
C VAL E 12 3.12 18.08 15.65
N PRO E 13 3.76 17.88 16.80
CA PRO E 13 3.45 16.70 17.59
C PRO E 13 2.05 16.76 18.12
N VAL E 14 1.36 15.63 18.04
CA VAL E 14 0.08 15.40 18.67
C VAL E 14 0.04 13.97 19.13
N TRP E 15 -0.48 13.70 20.33
CA TRP E 15 -0.61 12.32 20.70
C TRP E 15 -2.05 11.92 20.83
N LYS E 16 -2.39 10.76 20.29
CA LYS E 16 -3.71 10.23 20.54
C LYS E 16 -3.53 8.85 21.10
N ASP E 17 -4.32 8.47 22.08
CA ASP E 17 -4.18 7.09 22.48
C ASP E 17 -4.70 6.24 21.36
N ALA E 18 -3.96 5.21 21.00
CA ALA E 18 -4.43 4.39 19.90
C ALA E 18 -3.90 2.99 19.97
N GLU E 19 -4.56 2.09 19.27
CA GLU E 19 -4.03 0.75 19.20
C GLU E 19 -3.79 0.32 17.79
N THR E 20 -2.63 -0.27 17.59
CA THR E 20 -2.24 -0.84 16.32
C THR E 20 -1.66 -2.18 16.62
N THR E 21 -1.53 -3.01 15.62
CA THR E 21 -0.89 -4.27 15.89
C THR E 21 0.59 -4.02 16.13
N LEU E 22 1.13 -4.62 17.17
CA LEU E 22 2.55 -4.52 17.45
C LEU E 22 3.41 -5.23 16.43
N PHE E 23 4.59 -4.68 16.15
CA PHE E 23 5.48 -5.34 15.24
C PHE E 23 6.60 -6.08 15.96
N CYS E 24 6.68 -7.39 15.75
CA CYS E 24 7.72 -8.18 16.40
C CYS E 24 9.11 -7.95 15.85
N ALA E 25 10.08 -7.90 16.75
CA ALA E 25 11.46 -7.78 16.36
C ALA E 25 12.37 -8.44 17.38
N SER E 26 13.58 -8.79 16.97
CA SER E 26 14.46 -9.42 17.94
C SER E 26 15.93 -9.16 17.72
N ASP E 27 16.71 -9.45 18.74
CA ASP E 27 18.15 -9.42 18.63
C ASP E 27 18.57 -10.55 17.70
N ALA E 28 19.50 -10.29 16.80
CA ALA E 28 19.97 -11.31 15.88
C ALA E 28 18.79 -11.97 15.16
N HIS E 36 15.77 -24.03 16.28
CA HIS E 36 14.67 -23.10 16.22
C HIS E 36 14.05 -22.91 17.56
N ASN E 37 13.76 -21.66 17.88
CA ASN E 37 13.09 -21.35 19.13
C ASN E 37 11.66 -21.00 18.86
N VAL E 38 10.73 -21.57 19.62
CA VAL E 38 9.32 -21.31 19.38
C VAL E 38 8.95 -19.85 19.45
N TRP E 39 9.52 -19.18 20.41
CA TRP E 39 9.14 -17.82 20.67
C TRP E 39 9.45 -16.80 19.61
N ALA E 40 10.52 -17.00 18.85
CA ALA E 40 10.81 -16.05 17.79
C ALA E 40 10.71 -16.68 16.43
N THR E 41 10.89 -18.01 16.39
CA THR E 41 10.90 -18.89 15.19
C THR E 41 11.94 -18.45 14.14
N HIS E 42 12.73 -17.43 14.52
CA HIS E 42 13.69 -16.69 13.74
C HIS E 42 12.96 -15.88 12.67
N ALA E 43 11.61 -15.79 12.74
CA ALA E 43 10.84 -15.04 11.78
C ALA E 43 10.74 -13.58 12.13
N CYS E 44 11.02 -13.22 13.38
CA CYS E 44 10.95 -11.80 13.69
C CYS E 44 12.10 -11.10 13.04
N VAL E 45 11.82 -9.92 12.53
CA VAL E 45 12.86 -9.18 11.88
C VAL E 45 13.86 -8.75 12.93
N PRO E 46 15.16 -8.89 12.67
CA PRO E 46 16.24 -8.50 13.51
C PRO E 46 16.21 -7.01 13.64
N THR E 47 16.72 -6.47 14.72
CA THR E 47 16.66 -5.03 14.82
C THR E 47 17.93 -4.37 15.23
N ASP E 48 17.97 -3.09 14.93
CA ASP E 48 19.10 -2.22 15.18
C ASP E 48 19.39 -2.07 16.65
N PRO E 49 20.66 -2.12 17.05
CA PRO E 49 21.19 -1.90 18.38
C PRO E 49 21.28 -0.40 18.67
N ASN E 50 20.17 0.29 18.44
CA ASN E 50 20.09 1.72 18.62
C ASN E 50 18.81 2.11 19.32
N PRO E 51 18.73 1.90 20.63
CA PRO E 51 17.63 2.21 21.50
C PRO E 51 17.64 3.69 21.77
N GLN E 52 17.35 4.47 20.74
CA GLN E 52 17.49 5.90 20.89
C GLN E 52 16.29 6.50 21.55
N GLU E 53 16.31 6.42 22.86
CA GLU E 53 15.31 7.04 23.69
C GLU E 53 15.37 8.52 23.55
N ILE E 54 14.21 9.15 23.54
CA ILE E 54 14.21 10.59 23.52
C ILE E 54 13.52 11.09 24.75
N HIS E 55 14.26 11.76 25.62
CA HIS E 55 13.62 12.30 26.77
C HIS E 55 12.69 13.38 26.35
N LEU E 56 11.49 13.38 26.90
CA LEU E 56 10.57 14.41 26.54
C LEU E 56 10.50 15.44 27.64
N GLU E 57 11.24 16.51 27.45
CA GLU E 57 11.28 17.57 28.42
C GLU E 57 9.91 18.20 28.59
N ASN E 58 9.59 18.56 29.82
CA ASN E 58 8.35 19.26 30.16
C ASN E 58 7.07 18.57 29.71
N VAL E 59 6.96 17.25 29.85
CA VAL E 59 5.70 16.63 29.50
C VAL E 59 5.26 15.70 30.58
N THR E 60 3.99 15.38 30.60
CA THR E 60 3.55 14.30 31.45
C THR E 60 2.59 13.47 30.64
N GLU E 61 2.40 12.23 31.01
CA GLU E 61 1.40 11.46 30.31
C GLU E 61 0.72 10.46 31.19
N GLU E 62 -0.58 10.30 31.01
CA GLU E 62 -1.30 9.27 31.71
C GLU E 62 -0.92 7.90 31.19
N PHE E 63 -0.76 6.95 32.09
CA PHE E 63 -0.57 5.57 31.70
C PHE E 63 -1.49 4.75 32.54
N ASN E 64 -2.29 3.90 31.92
CA ASN E 64 -3.10 3.08 32.77
C ASN E 64 -2.81 1.64 32.56
N MET E 65 -2.28 1.05 33.61
CA MET E 65 -2.02 -0.34 33.66
C MET E 65 -3.35 -1.03 33.62
N TRP E 66 -3.35 -2.21 33.06
CA TRP E 66 -4.54 -3.03 32.87
C TRP E 66 -5.50 -2.45 31.86
N LYS E 67 -5.11 -1.37 31.17
CA LYS E 67 -5.95 -0.84 30.13
C LYS E 67 -5.29 -0.98 28.78
N ASN E 68 -3.98 -1.16 28.79
CA ASN E 68 -3.24 -1.27 27.56
C ASN E 68 -3.55 -2.57 26.87
N ASN E 69 -3.81 -2.52 25.57
CA ASN E 69 -4.13 -3.76 24.90
C ASN E 69 -2.92 -4.42 24.27
N MET E 70 -1.73 -3.87 24.52
CA MET E 70 -0.52 -4.54 24.10
C MET E 70 -0.42 -5.84 24.82
N VAL E 71 -0.96 -5.84 26.04
CA VAL E 71 -0.97 -7.00 26.87
C VAL E 71 -1.78 -8.08 26.25
N GLU E 72 -2.92 -7.70 25.72
CA GLU E 72 -3.76 -8.68 25.11
C GLU E 72 -3.15 -9.20 23.84
N GLN E 73 -2.50 -8.32 23.09
CA GLN E 73 -1.89 -8.79 21.88
C GLN E 73 -0.82 -9.78 22.17
N MET E 74 -0.01 -9.50 23.20
CA MET E 74 1.01 -10.44 23.54
C MET E 74 0.44 -11.74 23.97
N HIS E 75 -0.65 -11.66 24.71
CA HIS E 75 -1.25 -12.87 25.18
C HIS E 75 -1.74 -13.75 24.08
N THR E 76 -2.23 -13.19 22.99
CA THR E 76 -2.68 -14.07 21.95
C THR E 76 -1.61 -14.33 20.91
N ASP E 77 -0.57 -13.50 20.90
CA ASP E 77 0.48 -13.71 19.92
C ASP E 77 1.24 -14.96 20.26
N ILE E 78 1.52 -15.14 21.55
CA ILE E 78 2.21 -16.32 21.98
C ILE E 78 1.41 -17.57 21.81
N ILE E 79 0.09 -17.45 21.87
CA ILE E 79 -0.72 -18.61 21.72
C ILE E 79 -0.67 -19.07 20.32
N SER E 80 -0.75 -18.11 19.41
CA SER E 80 -0.69 -18.46 18.02
C SER E 80 0.63 -19.12 17.70
N LEU E 81 1.71 -18.66 18.33
CA LEU E 81 2.98 -19.30 18.09
C LEU E 81 3.02 -20.70 18.57
N TRP E 82 2.43 -20.90 19.73
CA TRP E 82 2.46 -22.20 20.32
C TRP E 82 1.78 -23.21 19.46
N ASP E 83 0.65 -22.81 18.89
CA ASP E 83 -0.06 -23.71 18.05
C ASP E 83 0.64 -23.92 16.77
N GLN E 84 1.28 -22.86 16.28
CA GLN E 84 2.00 -22.98 15.06
C GLN E 84 3.13 -23.96 15.17
N SER E 85 3.80 -23.95 16.32
CA SER E 85 4.88 -24.89 16.49
C SER E 85 4.39 -26.31 16.55
N LEU E 86 3.17 -26.51 17.06
CA LEU E 86 2.68 -27.86 17.13
C LEU E 86 1.91 -28.37 15.95
N LYS E 87 1.48 -27.51 15.03
CA LYS E 87 0.72 -28.08 13.93
C LYS E 87 1.49 -29.08 13.04
N PRO E 88 2.80 -28.94 12.84
CA PRO E 88 3.66 -29.88 12.14
C PRO E 88 3.81 -31.23 12.84
N CYS E 89 3.56 -31.22 14.13
CA CYS E 89 3.85 -32.35 14.98
C CYS E 89 2.85 -33.52 14.92
N VAL E 90 3.39 -34.74 15.05
CA VAL E 90 2.67 -36.01 15.02
C VAL E 90 1.73 -36.25 16.19
N LYS E 91 0.53 -36.76 15.86
CA LYS E 91 -0.49 -37.09 16.84
C LYS E 91 -0.11 -38.31 17.66
N LEU E 92 -0.45 -38.30 18.94
CA LEU E 92 -0.19 -39.45 19.79
C LEU E 92 -1.37 -40.34 20.09
N THR E 93 -2.42 -40.27 19.28
CA THR E 93 -3.66 -40.97 19.61
C THR E 93 -3.58 -42.51 19.73
N PRO E 94 -2.57 -43.19 19.16
CA PRO E 94 -2.32 -44.62 19.37
C PRO E 94 -2.07 -44.98 20.82
N LEU E 95 -1.78 -43.99 21.65
CA LEU E 95 -1.46 -44.23 23.03
C LEU E 95 -2.65 -44.37 23.97
N CYS E 96 -3.87 -44.34 23.45
CA CYS E 96 -5.01 -44.54 24.34
C CYS E 96 -5.32 -46.00 24.65
N VAL E 97 -4.45 -46.90 24.20
CA VAL E 97 -4.52 -48.30 24.56
C VAL E 97 -4.28 -48.38 26.07
N THR E 98 -5.04 -49.24 26.75
CA THR E 98 -4.90 -49.35 28.19
C THR E 98 -3.56 -49.95 28.57
N LEU E 99 -3.09 -49.65 29.77
CA LEU E 99 -1.78 -50.12 30.16
C LEU E 99 -1.78 -50.97 31.41
N GLN E 100 -0.95 -51.99 31.41
CA GLN E 100 -0.74 -52.76 32.63
C GLN E 100 0.29 -52.01 33.41
N CYS E 101 0.19 -51.95 34.73
CA CYS E 101 1.28 -51.29 35.42
C CYS E 101 1.64 -51.86 36.76
N THR E 102 2.81 -51.44 37.22
CA THR E 102 3.26 -51.69 38.57
C THR E 102 3.90 -50.44 39.12
N ASN E 103 3.97 -50.33 40.42
CA ASN E 103 4.72 -49.23 40.99
C ASN E 103 6.18 -49.55 40.80
N VAL E 104 7.00 -48.57 40.44
CA VAL E 104 8.41 -48.89 40.30
C VAL E 104 9.01 -49.06 41.69
N THR E 105 9.75 -50.15 41.90
CA THR E 105 10.41 -50.40 43.18
C THR E 105 11.94 -50.36 43.12
N ASN E 106 12.49 -50.03 41.97
CA ASN E 106 13.94 -50.07 41.81
C ASN E 106 14.65 -48.82 42.32
N ASN E 107 15.37 -48.98 43.44
CA ASN E 107 16.17 -47.90 44.04
C ASN E 107 15.36 -46.64 44.30
N ILE E 108 14.19 -46.81 44.88
CA ILE E 108 13.33 -45.68 45.13
C ILE E 108 13.59 -45.01 46.47
N THR E 109 13.87 -43.71 46.46
CA THR E 109 13.98 -42.99 47.73
C THR E 109 12.61 -43.06 48.40
N ASP E 110 12.57 -43.20 49.71
CA ASP E 110 11.28 -43.40 50.39
C ASP E 110 10.19 -42.38 50.08
N ASP E 111 10.54 -41.12 49.89
CA ASP E 111 9.48 -40.16 49.60
C ASP E 111 9.12 -40.10 48.12
N MET E 112 9.73 -40.96 47.32
CA MET E 112 9.40 -41.08 45.93
C MET E 112 8.51 -42.27 45.69
N ARG E 113 8.14 -43.00 46.75
CA ARG E 113 7.39 -44.19 46.47
C ARG E 113 6.07 -43.91 45.83
N GLY E 114 5.81 -44.68 44.79
CA GLY E 114 4.57 -44.67 44.03
C GLY E 114 4.55 -43.50 43.03
N GLU E 115 5.65 -42.76 42.91
CA GLU E 115 5.68 -41.63 42.00
C GLU E 115 5.69 -42.03 40.55
N LEU E 116 6.32 -43.16 40.29
CA LEU E 116 6.46 -43.67 38.95
C LEU E 116 5.87 -45.02 38.82
N LYS E 117 5.38 -45.29 37.63
CA LYS E 117 4.85 -46.59 37.35
C LYS E 117 5.53 -47.11 36.12
N ASN E 118 5.69 -48.41 36.07
CA ASN E 118 6.26 -49.03 34.91
C ASN E 118 5.09 -49.65 34.23
N CYS E 119 4.89 -49.36 32.95
CA CYS E 119 3.71 -49.92 32.37
C CYS E 119 3.92 -50.41 30.98
N SER E 120 2.97 -51.22 30.51
CA SER E 120 3.10 -51.72 29.17
C SER E 120 1.81 -51.88 28.44
N PHE E 121 1.94 -51.95 27.12
CA PHE E 121 0.80 -52.01 26.24
C PHE E 121 1.04 -52.69 24.89
N ASN E 122 -0.05 -53.00 24.21
CA ASN E 122 -0.09 -53.75 22.95
C ASN E 122 -0.11 -52.90 21.67
N MET E 123 0.28 -51.64 21.76
CA MET E 123 0.20 -50.69 20.64
C MET E 123 1.00 -51.08 19.40
N THR E 124 0.48 -50.65 18.25
CA THR E 124 0.92 -51.00 16.91
C THR E 124 2.34 -50.63 16.49
N THR E 125 2.86 -51.45 15.59
CA THR E 125 4.12 -51.19 14.91
C THR E 125 3.79 -50.24 13.80
N GLU E 126 4.78 -49.70 13.13
CA GLU E 126 4.46 -48.85 12.00
C GLU E 126 3.77 -49.61 10.85
N LEU E 127 3.83 -50.95 10.83
CA LEU E 127 3.12 -51.69 9.81
C LEU E 127 1.64 -51.66 10.10
N ARG E 128 0.82 -51.57 9.08
CA ARG E 128 -0.61 -51.57 9.33
C ARG E 128 -1.13 -52.84 9.98
N ASP E 129 -0.52 -53.95 9.62
CA ASP E 129 -0.93 -55.24 10.13
C ASP E 129 -0.19 -55.79 11.35
N LYS E 130 0.66 -55.00 12.00
CA LYS E 130 1.40 -55.59 13.13
C LYS E 130 1.38 -54.76 14.40
N LYS E 131 1.54 -55.45 15.53
CA LYS E 131 1.56 -54.82 16.85
C LYS E 131 2.75 -55.29 17.67
N GLN E 132 3.12 -54.50 18.66
CA GLN E 132 4.25 -54.84 19.49
C GLN E 132 4.05 -54.48 20.95
N LYS E 133 4.67 -55.23 21.85
CA LYS E 133 4.59 -54.83 23.22
C LYS E 133 5.48 -53.63 23.44
N VAL E 134 5.00 -52.66 24.21
CA VAL E 134 5.79 -51.49 24.50
C VAL E 134 5.74 -51.15 25.96
N TYR E 135 6.84 -50.66 26.53
CA TYR E 135 6.72 -50.18 27.89
C TYR E 135 7.57 -48.95 28.15
N SER E 136 7.15 -48.18 29.15
CA SER E 136 7.88 -46.99 29.59
C SER E 136 7.62 -46.64 31.02
N LEU E 137 8.52 -45.86 31.58
CA LEU E 137 8.24 -45.28 32.87
C LEU E 137 7.21 -44.20 32.68
N PHE E 138 6.34 -43.99 33.65
CA PHE E 138 5.43 -42.86 33.59
C PHE E 138 5.24 -42.20 34.94
N TYR E 139 5.01 -40.90 34.94
CA TYR E 139 4.63 -40.24 36.18
C TYR E 139 3.22 -40.62 36.51
N ARG E 140 2.94 -40.84 37.78
CA ARG E 140 1.58 -41.14 38.17
C ARG E 140 0.60 -40.04 37.80
N LEU E 141 1.09 -38.80 37.69
CA LEU E 141 0.25 -37.68 37.35
C LEU E 141 -0.36 -37.76 35.97
N ASP E 142 0.29 -38.48 35.06
CA ASP E 142 -0.22 -38.54 33.72
C ASP E 142 -1.18 -39.68 33.46
N VAL E 143 -1.53 -40.45 34.48
CA VAL E 143 -2.45 -41.55 34.25
C VAL E 143 -3.54 -41.62 35.27
N VAL E 144 -4.60 -42.30 34.90
CA VAL E 144 -5.67 -42.59 35.83
C VAL E 144 -5.98 -44.04 35.74
N GLN E 145 -6.59 -44.58 36.75
CA GLN E 145 -6.91 -45.99 36.68
C GLN E 145 -7.98 -46.17 35.63
N ILE E 146 -7.92 -47.26 34.89
CA ILE E 146 -8.97 -47.51 33.91
C ILE E 146 -10.33 -47.76 34.54
N ASN E 147 -10.31 -48.33 35.74
CA ASN E 147 -11.46 -48.58 36.57
C ASN E 147 -10.94 -48.62 37.97
N GLU E 148 -11.80 -48.77 38.97
CA GLU E 148 -11.21 -48.85 40.29
C GLU E 148 -10.37 -50.11 40.45
N GLU E 160 -4.58 -51.42 36.15
CA GLU E 160 -4.63 -50.93 34.79
C GLU E 160 -4.92 -49.47 34.73
N TYR E 161 -4.33 -48.81 33.75
CA TYR E 161 -4.41 -47.37 33.62
C TYR E 161 -4.62 -46.90 32.21
N ARG E 162 -4.99 -45.64 32.09
CA ARG E 162 -5.12 -45.00 30.80
C ARG E 162 -4.58 -43.61 30.93
N LEU E 163 -4.20 -43.00 29.83
CA LEU E 163 -3.70 -41.67 29.97
C LEU E 163 -4.79 -40.80 30.48
N ILE E 164 -4.42 -39.88 31.34
CA ILE E 164 -5.36 -38.98 31.96
C ILE E 164 -6.17 -38.13 31.01
N ASN E 165 -5.65 -37.86 29.83
CA ASN E 165 -6.39 -37.06 28.88
C ASN E 165 -7.11 -37.82 27.78
N CYS E 166 -7.23 -39.14 27.87
CA CYS E 166 -7.96 -39.82 26.80
C CYS E 166 -9.46 -39.51 26.76
N ASN E 167 -10.02 -38.95 27.84
CA ASN E 167 -11.41 -38.53 27.81
C ASN E 167 -11.55 -37.04 27.52
N THR E 168 -10.47 -36.42 27.06
CA THR E 168 -10.36 -35.00 26.75
C THR E 168 -9.70 -34.91 25.41
N SER E 169 -9.60 -33.73 24.83
CA SER E 169 -9.01 -33.65 23.50
C SER E 169 -7.65 -34.29 23.46
N ALA E 170 -7.39 -34.90 22.31
CA ALA E 170 -6.22 -35.73 22.09
C ALA E 170 -4.88 -35.07 22.32
N ILE E 171 -4.00 -35.90 22.82
CA ILE E 171 -2.62 -35.59 23.10
C ILE E 171 -1.74 -35.67 21.85
N THR E 172 -0.90 -34.66 21.64
CA THR E 172 0.06 -34.80 20.57
C THR E 172 1.44 -34.38 20.98
N GLN E 173 2.46 -34.88 20.27
CA GLN E 173 3.81 -34.37 20.46
C GLN E 173 4.78 -34.88 19.44
N ALA E 174 5.53 -33.96 18.89
CA ALA E 174 6.64 -34.23 18.02
C ALA E 174 7.44 -32.97 17.98
N CYS E 175 8.58 -33.05 17.32
CA CYS E 175 9.41 -31.89 17.09
C CYS E 175 10.09 -31.37 18.34
N PRO E 176 10.61 -32.26 19.19
CA PRO E 176 11.28 -31.96 20.46
C PRO E 176 12.47 -31.03 20.29
N LYS E 177 12.98 -30.96 19.07
CA LYS E 177 14.10 -30.14 18.70
C LYS E 177 13.88 -28.66 18.90
N VAL E 178 12.64 -28.21 18.81
CA VAL E 178 12.37 -26.81 18.98
C VAL E 178 12.62 -26.43 20.43
N SER E 179 13.21 -25.27 20.65
CA SER E 179 13.46 -24.89 22.03
C SER E 179 12.34 -24.05 22.59
N PHE E 180 11.99 -24.34 23.83
CA PHE E 180 11.02 -23.53 24.50
C PHE E 180 11.67 -22.54 25.44
N GLU E 181 13.01 -22.45 25.41
CA GLU E 181 13.63 -21.50 26.29
C GLU E 181 13.23 -20.13 25.86
N PRO E 182 12.97 -19.22 26.77
CA PRO E 182 12.59 -17.87 26.45
C PRO E 182 13.69 -17.14 25.74
N ILE E 183 13.28 -16.24 24.88
CA ILE E 183 14.14 -15.32 24.18
C ILE E 183 13.44 -14.00 24.28
N PRO E 184 14.12 -12.89 24.48
CA PRO E 184 13.47 -11.62 24.56
C PRO E 184 12.80 -11.32 23.25
N ILE E 185 11.68 -10.63 23.32
CA ILE E 185 10.93 -10.22 22.16
C ILE E 185 10.66 -8.75 22.22
N HIS E 186 10.86 -8.06 21.11
CA HIS E 186 10.74 -6.63 21.11
C HIS E 186 9.54 -6.25 20.30
N TYR E 187 8.89 -5.16 20.67
CA TYR E 187 7.79 -4.74 19.83
C TYR E 187 8.00 -3.34 19.40
N CYS E 188 7.69 -3.10 18.14
CA CYS E 188 7.92 -1.80 17.60
C CYS E 188 6.65 -1.19 17.07
N ALA E 189 6.51 0.08 17.31
CA ALA E 189 5.39 0.81 16.76
C ALA E 189 5.48 0.82 15.24
N PRO E 190 4.35 0.79 14.55
CA PRO E 190 4.20 1.02 13.14
C PRO E 190 4.63 2.43 12.84
N ALA E 191 5.08 2.69 11.63
CA ALA E 191 5.47 4.04 11.27
C ALA E 191 4.28 4.97 11.51
N GLY E 192 4.56 6.20 11.93
CA GLY E 192 3.51 7.14 12.27
C GLY E 192 2.92 6.93 13.69
N PHE E 193 3.55 6.05 14.48
CA PHE E 193 3.13 5.77 15.86
C PHE E 193 4.35 5.70 16.74
N ALA E 194 4.16 5.84 18.05
CA ALA E 194 5.31 5.76 18.94
C ALA E 194 4.92 5.22 20.30
N ILE E 195 5.91 4.66 20.99
CA ILE E 195 5.65 4.11 22.30
C ILE E 195 6.11 5.02 23.43
N LEU E 196 5.16 5.59 24.15
CA LEU E 196 5.52 6.40 25.28
C LEU E 196 5.91 5.52 26.45
N LYS E 197 6.85 5.95 27.28
CA LYS E 197 7.14 5.17 28.46
C LYS E 197 7.33 6.02 29.69
N CYS E 198 7.15 5.41 30.85
CA CYS E 198 7.34 6.10 32.12
C CYS E 198 8.52 5.53 32.85
N LYS E 199 9.46 6.42 33.19
CA LYS E 199 10.66 6.06 33.90
C LYS E 199 10.57 6.28 35.41
N ASP E 200 9.44 6.80 35.87
CA ASP E 200 9.35 7.10 37.29
C ASP E 200 9.33 5.84 38.11
N LYS E 201 10.32 5.74 38.98
CA LYS E 201 10.49 4.62 39.89
C LYS E 201 9.37 4.46 40.90
N LYS E 202 8.63 5.53 41.13
CA LYS E 202 7.51 5.57 42.04
C LYS E 202 6.17 5.33 41.39
N PHE E 203 6.14 5.03 40.09
CA PHE E 203 4.86 4.98 39.43
C PHE E 203 3.83 3.97 39.94
N ASN E 204 2.63 4.52 40.18
CA ASN E 204 1.42 3.79 40.50
C ASN E 204 0.99 3.16 39.24
N GLY E 205 0.38 1.99 39.28
CA GLY E 205 -0.01 1.37 38.02
C GLY E 205 -0.89 2.26 37.10
N THR E 206 -1.56 3.28 37.64
CA THR E 206 -2.36 4.15 36.79
C THR E 206 -2.11 5.63 37.06
N GLY E 207 -2.58 6.46 36.12
CA GLY E 207 -2.45 7.92 36.20
C GLY E 207 -1.19 8.47 35.50
N PRO E 208 -1.01 9.79 35.52
CA PRO E 208 0.05 10.57 34.91
C PRO E 208 1.44 10.28 35.40
N CYS E 209 2.41 10.46 34.52
CA CYS E 209 3.81 10.31 34.86
C CYS E 209 4.63 11.47 34.27
N PRO E 210 5.42 12.18 35.11
CA PRO E 210 6.35 13.27 34.78
C PRO E 210 7.65 12.87 34.09
N SER E 211 8.00 11.59 34.19
CA SER E 211 9.28 11.04 33.70
C SER E 211 9.30 10.67 32.24
N VAL E 212 8.24 10.99 31.52
CA VAL E 212 8.05 10.46 30.20
C VAL E 212 9.10 10.80 29.17
N SER E 213 9.38 9.76 28.41
CA SER E 213 10.32 9.75 27.33
C SER E 213 9.80 8.77 26.32
N THR E 214 10.33 8.78 25.11
CA THR E 214 9.78 7.83 24.16
C THR E 214 10.75 7.06 23.33
N VAL E 215 10.26 5.95 22.83
CA VAL E 215 10.97 5.09 21.91
C VAL E 215 10.06 4.67 20.77
N GLN E 216 10.63 4.33 19.62
CA GLN E 216 9.79 3.79 18.56
C GLN E 216 9.57 2.29 18.74
N CYS E 217 10.35 1.69 19.63
CA CYS E 217 10.32 0.26 19.85
C CYS E 217 10.72 -0.06 21.27
N THR E 218 10.60 -1.31 21.69
CA THR E 218 10.95 -1.60 23.07
C THR E 218 11.96 -2.69 23.19
N HIS E 219 12.55 -2.75 24.37
CA HIS E 219 13.55 -3.74 24.71
C HIS E 219 12.87 -5.04 24.82
N GLY E 220 13.63 -6.10 24.60
CA GLY E 220 12.99 -7.38 24.60
C GLY E 220 12.46 -7.77 25.94
N ILE E 221 11.41 -8.57 25.90
CA ILE E 221 10.78 -9.12 27.06
C ILE E 221 10.67 -10.61 26.89
N LYS E 222 11.13 -11.36 27.86
CA LYS E 222 10.99 -12.78 27.70
C LYS E 222 9.55 -13.27 27.84
N PRO E 223 9.17 -14.28 27.05
CA PRO E 223 7.93 -15.06 27.00
C PRO E 223 7.74 -15.96 28.23
N VAL E 224 8.72 -16.00 29.11
CA VAL E 224 8.72 -16.92 30.24
C VAL E 224 7.55 -16.74 31.14
N VAL E 225 7.03 -17.85 31.62
CA VAL E 225 5.87 -17.84 32.47
C VAL E 225 6.06 -18.57 33.77
N SER E 226 5.21 -18.21 34.71
CA SER E 226 5.14 -18.85 36.00
C SER E 226 3.75 -18.82 36.51
N THR E 227 3.42 -19.79 37.34
CA THR E 227 2.08 -19.77 37.88
C THR E 227 1.95 -19.05 39.21
N GLN E 228 3.07 -18.74 39.87
CA GLN E 228 2.92 -18.06 41.16
C GLN E 228 3.88 -16.91 41.42
N LEU E 229 5.09 -17.02 40.88
CA LEU E 229 6.09 -16.00 41.13
C LEU E 229 6.66 -15.52 39.84
N LEU E 230 6.87 -14.24 39.72
CA LEU E 230 7.45 -13.76 38.49
C LEU E 230 8.87 -14.21 38.39
N LEU E 231 9.31 -14.57 37.18
CA LEU E 231 10.67 -14.98 36.99
C LEU E 231 11.36 -14.18 35.93
N ASN E 232 12.56 -13.72 36.22
CA ASN E 232 13.43 -13.01 35.32
C ASN E 232 12.83 -11.69 34.80
N GLY E 233 11.92 -11.08 35.57
CA GLY E 233 11.32 -9.79 35.26
C GLY E 233 12.30 -8.67 35.53
N SER E 234 12.05 -7.48 34.99
CA SER E 234 12.91 -6.38 35.39
C SER E 234 12.66 -6.07 36.85
N LEU E 235 13.71 -5.72 37.58
CA LEU E 235 13.61 -5.34 38.97
C LEU E 235 12.98 -3.98 39.15
N ALA E 236 12.26 -3.80 40.25
CA ALA E 236 11.75 -2.47 40.52
C ALA E 236 12.92 -1.53 40.63
N GLU E 237 12.76 -0.31 40.14
CA GLU E 237 13.85 0.65 40.15
C GLU E 237 14.30 1.12 41.53
N GLU E 238 13.39 1.25 42.47
CA GLU E 238 13.77 1.75 43.78
C GLU E 238 13.53 0.83 44.94
N GLU E 239 12.31 0.40 45.04
CA GLU E 239 11.80 -0.34 46.17
C GLU E 239 10.82 -1.35 45.70
N VAL E 240 10.51 -2.31 46.54
CA VAL E 240 9.53 -3.29 46.17
C VAL E 240 8.22 -2.56 45.96
N MET E 241 7.46 -2.92 44.94
CA MET E 241 6.22 -2.19 44.71
C MET E 241 5.04 -3.08 44.48
N ILE E 242 3.88 -2.55 44.79
CA ILE E 242 2.67 -3.31 44.67
C ILE E 242 1.62 -2.62 43.81
N ARG E 243 1.06 -3.38 42.87
CA ARG E 243 0.06 -2.83 41.98
C ARG E 243 -1.18 -3.74 41.94
N SER E 244 -2.08 -3.51 42.90
CA SER E 244 -3.33 -4.25 43.09
C SER E 244 -4.58 -3.73 42.36
N GLU E 245 -4.44 -2.73 41.49
CA GLU E 245 -5.60 -2.01 40.93
C GLU E 245 -6.32 -1.37 42.10
N ASN E 246 -7.65 -1.35 42.06
CA ASN E 246 -8.29 -0.79 43.21
C ASN E 246 -8.28 -1.88 44.25
N ILE E 247 -7.37 -1.70 45.19
CA ILE E 247 -7.07 -2.65 46.25
C ILE E 247 -8.23 -3.06 47.11
N THR E 248 -9.26 -2.22 47.19
CA THR E 248 -10.38 -2.56 48.02
C THR E 248 -11.14 -3.74 47.47
N ASN E 249 -11.01 -3.98 46.17
CA ASN E 249 -11.64 -5.11 45.56
C ASN E 249 -10.70 -6.28 45.69
N ASN E 250 -11.01 -7.24 46.54
CA ASN E 250 -10.02 -8.28 46.71
C ASN E 250 -10.14 -9.39 45.71
N ALA E 251 -11.03 -9.26 44.73
CA ALA E 251 -11.03 -10.24 43.68
C ALA E 251 -9.84 -10.00 42.76
N LYS E 252 -9.23 -8.82 42.85
CA LYS E 252 -8.11 -8.48 42.01
C LYS E 252 -6.81 -9.13 42.43
N ASN E 253 -6.01 -9.48 41.43
CA ASN E 253 -4.68 -10.00 41.69
C ASN E 253 -3.77 -8.88 42.14
N ILE E 254 -2.92 -9.16 43.09
CA ILE E 254 -1.98 -8.19 43.58
C ILE E 254 -0.63 -8.36 42.95
N LEU E 255 -0.21 -7.42 42.11
CA LEU E 255 1.13 -7.52 41.59
C LEU E 255 2.16 -7.17 42.64
N VAL E 256 3.24 -7.94 42.73
CA VAL E 256 4.35 -7.54 43.59
C VAL E 256 5.64 -7.57 42.82
N GLN E 257 6.37 -6.46 42.81
CA GLN E 257 7.64 -6.47 42.11
C GLN E 257 8.79 -6.23 43.05
N PHE E 258 9.73 -7.18 43.08
CA PHE E 258 10.92 -7.07 43.89
C PHE E 258 11.84 -6.01 43.36
N ASN E 259 12.57 -5.30 44.21
CA ASN E 259 13.61 -4.45 43.64
C ASN E 259 14.97 -5.15 43.66
N THR E 260 15.01 -6.43 44.08
CA THR E 260 16.21 -7.23 43.99
C THR E 260 15.85 -8.62 43.47
N PRO E 261 16.78 -9.36 42.87
CA PRO E 261 16.63 -10.73 42.45
C PRO E 261 16.62 -11.65 43.65
N VAL E 262 15.94 -12.77 43.54
CA VAL E 262 16.13 -13.81 44.53
C VAL E 262 16.58 -15.04 43.78
N GLN E 263 17.80 -15.49 44.03
CA GLN E 263 18.24 -16.64 43.27
C GLN E 263 17.47 -17.88 43.60
N ILE E 264 17.21 -18.67 42.58
CA ILE E 264 16.65 -19.99 42.79
C ILE E 264 17.38 -21.00 41.95
N ASN E 265 17.69 -22.12 42.56
CA ASN E 265 18.32 -23.20 41.85
C ASN E 265 17.39 -24.38 41.83
N CYS E 266 17.29 -25.10 40.72
CA CYS E 266 16.50 -26.31 40.84
C CYS E 266 17.10 -27.45 40.07
N THR E 267 16.67 -28.64 40.41
CA THR E 267 17.13 -29.80 39.69
C THR E 267 16.11 -30.87 39.42
N ARG E 268 16.47 -31.72 38.48
CA ARG E 268 15.79 -32.97 38.23
C ARG E 268 16.88 -34.00 38.32
N PRO E 269 17.20 -34.40 39.56
CA PRO E 269 18.34 -35.22 39.96
C PRO E 269 18.43 -36.59 39.32
N ASN E 270 17.34 -37.09 38.80
CA ASN E 270 17.36 -38.38 38.19
C ASN E 270 18.09 -38.38 36.87
N ASN E 271 18.90 -39.39 36.63
CA ASN E 271 19.59 -39.42 35.36
C ASN E 271 18.67 -40.01 34.33
N ASN E 272 17.99 -39.11 33.66
CA ASN E 272 17.01 -39.46 32.67
C ASN E 272 17.60 -40.11 31.44
N THR E 273 16.90 -41.10 30.92
CA THR E 273 17.34 -41.74 29.71
C THR E 273 16.13 -41.81 28.77
N ARG E 274 16.39 -42.05 27.49
CA ARG E 274 15.34 -41.98 26.48
C ARG E 274 15.23 -43.21 25.61
N LYS E 275 14.01 -43.48 25.19
CA LYS E 275 13.71 -44.58 24.30
C LYS E 275 12.98 -44.04 23.07
N SER E 276 13.08 -44.74 21.94
CA SER E 276 12.34 -44.29 20.76
C SER E 276 11.50 -45.41 20.20
N ILE E 277 10.33 -45.02 19.71
CA ILE E 277 9.30 -45.91 19.21
C ILE E 277 8.77 -45.53 17.85
N ARG E 278 8.43 -46.50 17.01
CA ARG E 278 7.79 -46.14 15.75
C ARG E 278 6.32 -46.41 15.89
N ILE E 279 5.48 -45.39 15.69
CA ILE E 279 4.05 -45.60 15.79
C ILE E 279 3.34 -45.53 14.45
N GLY E 280 4.11 -45.23 13.41
CA GLY E 280 3.65 -45.19 12.04
C GLY E 280 4.85 -44.83 11.22
N PRO E 281 4.75 -44.77 9.90
CA PRO E 281 5.90 -44.43 9.11
C PRO E 281 6.22 -42.99 9.41
N GLY E 282 7.49 -42.72 9.63
CA GLY E 282 7.95 -41.36 9.84
C GLY E 282 7.60 -40.87 11.24
N GLN E 283 7.11 -41.74 12.12
CA GLN E 283 6.60 -41.24 13.38
C GLN E 283 7.32 -41.73 14.60
N ALA E 284 8.43 -41.10 14.91
CA ALA E 284 9.13 -41.41 16.13
C ALA E 284 8.27 -41.09 17.33
N PHE E 285 8.38 -41.89 18.37
CA PHE E 285 7.72 -41.58 19.60
C PHE E 285 8.64 -41.75 20.78
N TYR E 286 8.78 -40.69 21.53
CA TYR E 286 9.64 -40.68 22.70
C TYR E 286 9.07 -41.45 23.86
N ALA E 287 9.93 -42.08 24.62
CA ALA E 287 9.48 -42.79 25.80
C ALA E 287 10.55 -42.71 26.85
N THR E 288 10.17 -42.89 28.10
CA THR E 288 11.16 -42.70 29.14
C THR E 288 11.89 -43.99 29.46
N GLY E 289 13.21 -43.94 29.30
CA GLY E 289 14.13 -45.01 29.63
C GLY E 289 14.26 -45.17 31.14
N ASP E 290 14.77 -46.31 31.57
CA ASP E 290 15.01 -46.47 33.00
C ASP E 290 16.07 -45.49 33.48
N ILE E 291 15.80 -44.90 34.64
CA ILE E 291 16.69 -43.93 35.25
C ILE E 291 17.99 -44.54 35.72
N ILE E 292 19.09 -43.87 35.46
CA ILE E 292 20.34 -44.36 35.98
C ILE E 292 20.50 -43.87 37.41
N GLY E 293 20.75 -44.80 38.33
CA GLY E 293 20.94 -44.46 39.73
C GLY E 293 19.63 -44.38 40.54
N ASP E 294 19.77 -44.02 41.81
CA ASP E 294 18.68 -43.89 42.77
C ASP E 294 17.68 -42.80 42.41
N ILE E 295 16.39 -43.10 42.58
CA ILE E 295 15.36 -42.13 42.29
C ILE E 295 15.23 -41.10 43.39
N ARG E 296 15.25 -39.84 42.99
CA ARG E 296 15.13 -38.73 43.92
C ARG E 296 14.13 -37.69 43.46
N GLN E 297 13.50 -36.99 44.41
CA GLN E 297 12.54 -35.96 44.07
C GLN E 297 13.20 -34.73 43.46
N ALA E 298 12.53 -34.13 42.47
CA ALA E 298 12.97 -32.86 41.92
C ALA E 298 12.92 -31.81 43.01
N HIS E 299 13.84 -30.88 43.02
CA HIS E 299 13.75 -29.88 44.07
C HIS E 299 14.30 -28.52 43.74
N CYS E 300 13.92 -27.53 44.55
CA CYS E 300 14.42 -26.17 44.37
C CYS E 300 15.02 -25.56 45.62
N ASN E 301 16.18 -24.93 45.46
CA ASN E 301 16.82 -24.28 46.58
C ASN E 301 16.77 -22.77 46.49
N VAL E 302 16.36 -22.14 47.58
CA VAL E 302 16.37 -20.68 47.67
C VAL E 302 17.02 -20.24 48.95
N SER E 303 17.55 -19.02 49.01
CA SER E 303 18.07 -18.60 50.28
C SER E 303 16.95 -18.39 51.26
N LYS E 304 17.13 -18.91 52.44
CA LYS E 304 16.16 -18.78 53.49
C LYS E 304 16.21 -17.41 54.04
N ALA E 305 17.43 -16.96 54.27
CA ALA E 305 17.63 -15.66 54.84
C ALA E 305 17.16 -14.57 53.92
N THR E 306 17.43 -14.74 52.62
CA THR E 306 17.00 -13.73 51.70
C THR E 306 15.52 -13.71 51.59
N TRP E 307 14.91 -14.88 51.65
CA TRP E 307 13.47 -14.94 51.57
C TRP E 307 12.83 -14.21 52.72
N ASN E 308 13.47 -14.30 53.89
CA ASN E 308 12.92 -13.61 55.04
C ASN E 308 13.06 -12.11 54.87
N GLU E 309 14.24 -11.70 54.41
CA GLU E 309 14.47 -10.29 54.22
C GLU E 309 13.55 -9.66 53.20
N THR E 310 13.35 -10.33 52.07
CA THR E 310 12.50 -9.75 51.10
C THR E 310 11.07 -9.73 51.51
N LEU E 311 10.65 -10.67 52.35
CA LEU E 311 9.30 -10.58 52.85
C LEU E 311 9.15 -9.39 53.74
N GLY E 312 10.20 -9.06 54.49
CA GLY E 312 10.10 -7.89 55.32
C GLY E 312 9.94 -6.66 54.45
N LYS E 313 10.59 -6.65 53.29
CA LYS E 313 10.39 -5.51 52.42
C LYS E 313 8.97 -5.45 51.92
N VAL E 314 8.39 -6.62 51.64
CA VAL E 314 7.04 -6.66 51.16
C VAL E 314 6.02 -6.20 52.15
N VAL E 315 6.16 -6.64 53.39
CA VAL E 315 5.16 -6.23 54.35
C VAL E 315 5.23 -4.75 54.62
N LYS E 316 6.41 -4.16 54.49
CA LYS E 316 6.47 -2.73 54.65
C LYS E 316 5.68 -2.05 53.58
N GLN E 317 5.73 -2.61 52.37
CA GLN E 317 4.97 -2.06 51.30
C GLN E 317 3.49 -2.24 51.50
N LEU E 318 3.10 -3.40 52.05
CA LEU E 318 1.69 -3.66 52.27
C LEU E 318 1.08 -2.69 53.21
N ARG E 319 1.84 -2.33 54.23
CA ARG E 319 1.39 -1.41 55.24
C ARG E 319 1.11 -0.03 54.74
N LYS E 320 1.55 0.32 53.55
CA LYS E 320 1.23 1.63 53.04
C LYS E 320 -0.27 1.85 52.90
N HIS E 321 -1.04 0.76 52.79
CA HIS E 321 -2.48 0.88 52.70
C HIS E 321 -3.20 0.59 54.00
N PHE E 322 -2.46 0.45 55.09
CA PHE E 322 -3.03 0.05 56.37
C PHE E 322 -2.38 0.77 57.54
N GLY E 323 -2.97 0.66 58.72
CA GLY E 323 -2.30 1.27 59.86
C GLY E 323 -1.01 0.47 60.03
N ASN E 324 0.02 1.07 60.59
CA ASN E 324 1.27 0.34 60.57
C ASN E 324 1.44 -0.65 61.69
N ASN E 325 0.41 -0.82 62.55
CA ASN E 325 0.46 -1.87 63.54
C ASN E 325 -0.40 -3.05 63.13
N THR E 326 -0.90 -3.05 61.89
CA THR E 326 -1.76 -4.13 61.46
C THR E 326 -1.05 -5.45 61.26
N ILE E 327 -1.80 -6.53 61.44
CA ILE E 327 -1.28 -7.87 61.26
C ILE E 327 -1.31 -8.32 59.81
N ILE E 328 -0.19 -8.88 59.37
CA ILE E 328 -0.07 -9.40 58.02
C ILE E 328 0.23 -10.87 58.06
N ARG E 329 -0.45 -11.64 57.23
CA ARG E 329 -0.22 -13.06 57.25
C ARG E 329 -0.04 -13.68 55.89
N PHE E 330 0.69 -14.77 55.85
CA PHE E 330 0.84 -15.53 54.64
C PHE E 330 0.27 -16.90 54.86
N ALA E 331 -0.06 -17.61 53.81
CA ALA E 331 -0.71 -18.87 54.02
C ALA E 331 -0.49 -19.90 52.94
N ASN E 332 -0.80 -21.13 53.33
CA ASN E 332 -0.79 -22.29 52.48
C ASN E 332 -1.85 -22.07 51.45
N SER E 333 -1.61 -22.54 50.25
CA SER E 333 -2.54 -22.33 49.17
C SER E 333 -3.89 -22.89 49.50
N SER E 334 -4.90 -22.22 48.98
CA SER E 334 -6.29 -22.61 49.18
C SER E 334 -6.73 -23.71 48.23
N GLY E 335 -5.82 -24.25 47.44
CA GLY E 335 -6.18 -25.33 46.53
C GLY E 335 -6.77 -24.85 45.24
N GLY E 336 -7.72 -25.59 44.70
CA GLY E 336 -8.18 -25.32 43.37
C GLY E 336 -7.28 -26.11 42.43
N ASP E 337 -7.37 -25.84 41.14
CA ASP E 337 -6.61 -26.60 40.16
C ASP E 337 -5.12 -26.54 40.42
N LEU E 338 -4.45 -27.67 40.22
CA LEU E 338 -3.02 -27.79 40.43
C LEU E 338 -2.19 -26.74 39.76
N GLU E 339 -2.62 -26.30 38.59
CA GLU E 339 -1.86 -25.33 37.85
C GLU E 339 -1.73 -24.00 38.58
N VAL E 340 -2.60 -23.72 39.55
CA VAL E 340 -2.42 -22.52 40.33
C VAL E 340 -2.12 -22.87 41.77
N THR E 341 -2.45 -24.10 42.15
CA THR E 341 -2.16 -24.56 43.51
C THR E 341 -0.69 -24.64 43.77
N THR E 342 0.08 -24.85 42.71
CA THR E 342 1.51 -24.94 42.85
C THR E 342 2.21 -24.06 41.86
N HIS E 343 3.46 -23.80 42.17
CA HIS E 343 4.27 -23.01 41.29
C HIS E 343 4.72 -23.85 40.17
N SER E 344 4.65 -23.33 38.95
CA SER E 344 5.17 -24.15 37.88
C SER E 344 5.96 -23.37 36.87
N PHE E 345 6.87 -24.11 36.25
CA PHE E 345 7.77 -23.58 35.25
C PHE E 345 8.25 -24.62 34.25
N ASN E 346 8.68 -24.15 33.08
CA ASN E 346 9.22 -25.01 32.03
C ASN E 346 10.75 -24.97 31.92
N CYS E 347 11.42 -24.51 32.95
CA CYS E 347 12.87 -24.34 32.88
C CYS E 347 13.56 -25.64 32.61
N GLY E 348 14.60 -25.57 31.79
CA GLY E 348 15.35 -26.74 31.40
C GLY E 348 14.63 -27.49 30.28
N GLY E 349 13.57 -26.89 29.75
CA GLY E 349 12.81 -27.50 28.68
C GLY E 349 11.82 -28.52 29.22
N GLU E 350 11.64 -28.61 30.53
CA GLU E 350 10.68 -29.56 31.04
C GLU E 350 9.91 -28.98 32.18
N PHE E 351 8.63 -29.30 32.22
CA PHE E 351 7.74 -28.79 33.22
C PHE E 351 8.01 -29.27 34.63
N PHE E 352 7.81 -28.36 35.58
CA PHE E 352 7.91 -28.67 36.99
C PHE E 352 6.84 -27.99 37.78
N TYR E 353 6.52 -28.56 38.94
CA TYR E 353 5.56 -27.99 39.85
C TYR E 353 6.13 -28.04 41.24
N CYS E 354 5.85 -27.09 42.12
CA CYS E 354 6.38 -27.33 43.46
C CYS E 354 5.48 -26.88 44.58
N ASN E 355 5.77 -27.41 45.76
CA ASN E 355 4.97 -27.04 46.91
C ASN E 355 5.59 -25.87 47.56
N THR E 356 5.13 -24.72 47.17
CA THR E 356 5.64 -23.47 47.68
C THR E 356 5.03 -23.05 48.98
N SER E 357 4.04 -23.79 49.48
CA SER E 357 3.36 -23.35 50.68
C SER E 357 4.26 -23.14 51.87
N GLY E 358 5.39 -23.85 51.94
CA GLY E 358 6.31 -23.64 53.04
C GLY E 358 6.86 -22.22 53.07
N LEU E 359 6.94 -21.59 51.90
CA LEU E 359 7.42 -20.23 51.80
C LEU E 359 6.50 -19.24 52.46
N PHE E 360 5.24 -19.61 52.58
CA PHE E 360 4.25 -18.74 53.12
C PHE E 360 3.93 -19.05 54.56
N ASN E 361 4.72 -19.90 55.21
CA ASN E 361 4.40 -20.23 56.59
C ASN E 361 4.93 -19.18 57.56
N SER E 362 4.35 -17.98 57.52
CA SER E 362 4.74 -16.92 58.42
C SER E 362 3.62 -15.95 58.71
N THR E 363 3.80 -15.17 59.78
CA THR E 363 2.91 -14.07 60.08
C THR E 363 3.79 -12.90 60.42
N TRP E 364 3.24 -11.70 60.34
CA TRP E 364 4.01 -10.52 60.61
C TRP E 364 3.30 -9.61 61.59
N ILE E 365 4.08 -9.04 62.48
CA ILE E 365 3.60 -8.19 63.55
C ILE E 365 4.28 -6.86 63.56
N SER E 366 3.70 -5.92 64.29
CA SER E 366 4.37 -4.64 64.44
C SER E 366 5.68 -4.89 65.17
N ASN E 367 6.69 -4.09 64.87
CA ASN E 367 8.01 -4.29 65.47
C ASN E 367 8.50 -5.71 65.24
N ASN E 379 20.77 -24.90 55.73
CA ASN E 379 20.90 -24.02 56.89
C ASN E 379 20.40 -22.63 56.55
N ASP E 380 21.13 -21.99 55.65
CA ASP E 380 20.79 -20.66 55.17
C ASP E 380 19.84 -20.72 53.97
N SER E 381 19.34 -21.92 53.64
CA SER E 381 18.51 -22.12 52.47
C SER E 381 17.39 -23.13 52.68
N ILE E 382 16.42 -23.10 51.77
CA ILE E 382 15.25 -23.96 51.81
C ILE E 382 15.14 -24.80 50.57
N THR E 383 14.86 -26.08 50.72
CA THR E 383 14.69 -26.97 49.57
C THR E 383 13.23 -27.35 49.35
N LEU E 384 12.58 -26.72 48.39
CA LEU E 384 11.20 -27.09 48.11
C LEU E 384 11.10 -28.42 47.37
N PRO E 385 10.12 -29.25 47.70
CA PRO E 385 9.72 -30.46 47.02
C PRO E 385 9.11 -30.10 45.68
N CYS E 386 9.22 -30.98 44.68
CA CYS E 386 8.63 -30.68 43.39
C CYS E 386 8.05 -31.92 42.69
N ARG E 387 7.30 -31.66 41.62
CA ARG E 387 6.61 -32.71 40.86
C ARG E 387 6.76 -32.47 39.37
N ILE E 388 6.67 -33.54 38.60
CA ILE E 388 6.74 -33.41 37.15
C ILE E 388 5.59 -34.10 36.45
N LYS E 389 4.94 -33.39 35.54
CA LYS E 389 3.87 -33.96 34.74
C LYS E 389 4.22 -33.85 33.26
N GLN E 390 4.15 -34.95 32.51
CA GLN E 390 4.48 -34.83 31.09
C GLN E 390 3.28 -34.47 30.20
N ILE E 391 2.05 -34.53 30.69
CA ILE E 391 0.97 -34.05 29.81
C ILE E 391 0.60 -32.64 30.14
N ILE E 392 0.87 -31.75 29.21
CA ILE E 392 0.61 -30.36 29.42
C ILE E 392 -0.66 -29.83 28.79
N ASN E 393 -1.58 -29.38 29.62
CA ASN E 393 -2.73 -28.66 29.09
C ASN E 393 -2.45 -27.17 29.14
N MET E 394 -2.06 -26.59 28.02
CA MET E 394 -1.70 -25.17 28.03
C MET E 394 -2.82 -24.19 28.32
N TRP E 395 -2.41 -23.14 29.01
CA TRP E 395 -3.23 -22.03 29.41
C TRP E 395 -4.52 -22.50 30.04
N GLN E 396 -5.63 -21.85 29.73
CA GLN E 396 -6.91 -22.29 30.23
C GLN E 396 -7.62 -23.17 29.23
N ARG E 397 -7.03 -23.36 28.06
CA ARG E 397 -7.68 -24.09 27.00
C ARG E 397 -7.89 -25.54 27.35
N ILE E 398 -8.98 -26.11 26.89
CA ILE E 398 -9.21 -27.53 27.09
C ILE E 398 -9.30 -28.30 25.77
N GLY E 399 -9.19 -27.59 24.65
CA GLY E 399 -9.28 -28.22 23.35
C GLY E 399 -7.99 -28.86 22.87
N GLN E 400 -6.90 -28.71 23.62
CA GLN E 400 -5.63 -29.27 23.20
C GLN E 400 -4.83 -29.79 24.36
N ALA E 401 -3.96 -30.74 24.08
CA ALA E 401 -3.02 -31.20 25.08
C ALA E 401 -1.79 -31.72 24.41
N MET E 402 -0.65 -31.66 25.08
CA MET E 402 0.51 -32.25 24.46
C MET E 402 1.43 -32.95 25.41
N TYR E 403 2.08 -33.96 24.89
CA TYR E 403 3.08 -34.71 25.61
C TYR E 403 4.37 -33.95 25.72
N ALA E 404 5.02 -33.96 26.86
CA ALA E 404 6.33 -33.38 26.90
C ALA E 404 7.32 -34.53 26.80
N PRO E 405 8.26 -34.51 25.86
CA PRO E 405 9.30 -35.48 25.67
C PRO E 405 10.21 -35.50 26.86
N PRO E 406 10.80 -36.64 27.17
CA PRO E 406 11.81 -36.84 28.17
C PRO E 406 13.05 -36.11 27.73
N ILE E 407 13.85 -35.66 28.67
CA ILE E 407 15.12 -35.03 28.34
C ILE E 407 16.19 -35.77 29.09
N GLN E 408 17.14 -36.33 28.38
CA GLN E 408 18.14 -37.13 29.07
C GLN E 408 19.05 -36.33 29.99
N GLY E 409 19.47 -36.98 31.06
CA GLY E 409 20.37 -36.43 32.05
C GLY E 409 19.65 -35.67 33.16
N VAL E 410 20.45 -35.14 34.06
CA VAL E 410 19.96 -34.32 35.15
C VAL E 410 19.65 -32.91 34.68
N ILE E 411 18.48 -32.40 35.07
CA ILE E 411 18.14 -31.02 34.74
C ILE E 411 18.68 -30.06 35.77
N ARG E 412 19.30 -28.99 35.32
CA ARG E 412 19.66 -27.94 36.26
C ARG E 412 19.04 -26.65 35.81
N CYS E 413 18.60 -25.85 36.77
CA CYS E 413 17.97 -24.59 36.46
C CYS E 413 18.39 -23.47 37.38
N VAL E 414 18.69 -22.32 36.81
CA VAL E 414 19.00 -21.16 37.62
C VAL E 414 18.20 -19.97 37.13
N SER E 415 17.55 -19.29 38.06
CA SER E 415 16.75 -18.13 37.70
C SER E 415 16.69 -17.08 38.78
N ASN E 416 16.27 -15.88 38.40
CA ASN E 416 16.08 -14.86 39.40
C ASN E 416 14.59 -14.69 39.64
N ILE E 417 14.17 -14.74 40.88
CA ILE E 417 12.78 -14.49 41.16
C ILE E 417 12.61 -13.03 41.25
N THR E 418 11.70 -12.49 40.47
CA THR E 418 11.54 -11.06 40.47
C THR E 418 10.22 -10.52 41.01
N GLY E 419 9.28 -11.38 41.37
CA GLY E 419 8.06 -10.84 41.96
C GLY E 419 7.04 -11.89 42.37
N LEU E 420 5.91 -11.43 42.90
CA LEU E 420 4.86 -12.34 43.35
C LEU E 420 3.49 -12.03 42.78
N ILE E 421 2.72 -13.08 42.49
CA ILE E 421 1.31 -12.85 42.19
C ILE E 421 0.52 -13.24 43.43
N LEU E 422 -0.09 -12.27 44.09
CA LEU E 422 -0.78 -12.54 45.34
C LEU E 422 -2.24 -12.20 45.37
N THR E 423 -2.97 -12.82 46.27
CA THR E 423 -4.36 -12.47 46.45
C THR E 423 -4.64 -12.26 47.92
N ARG E 424 -5.74 -11.59 48.22
CA ARG E 424 -6.08 -11.29 49.60
C ARG E 424 -7.45 -11.83 49.96
N ASP E 425 -7.55 -12.41 51.15
CA ASP E 425 -8.85 -12.93 51.60
C ASP E 425 -9.85 -11.83 51.91
N GLY E 426 -11.07 -12.03 51.41
CA GLY E 426 -12.19 -11.13 51.64
C GLY E 426 -12.73 -11.22 53.07
N GLY E 427 -13.55 -10.23 53.45
CA GLY E 427 -14.27 -10.25 54.73
C GLY E 427 -13.50 -9.85 55.98
N SER E 428 -12.29 -9.33 55.81
CA SER E 428 -11.51 -8.91 56.97
C SER E 428 -12.17 -7.74 57.69
N THR E 429 -11.93 -7.61 58.99
CA THR E 429 -12.48 -6.48 59.73
C THR E 429 -11.44 -5.80 60.60
N ASN E 430 -11.78 -4.58 60.99
CA ASN E 430 -11.00 -3.73 61.87
C ASN E 430 -9.60 -3.52 61.34
N SER E 431 -9.49 -3.37 60.03
CA SER E 431 -8.23 -3.15 59.34
C SER E 431 -7.08 -4.07 59.76
N THR E 432 -7.35 -5.29 60.24
CA THR E 432 -6.24 -6.12 60.69
C THR E 432 -6.31 -7.57 60.27
N THR E 433 -5.17 -8.24 60.44
CA THR E 433 -4.93 -9.65 60.11
C THR E 433 -5.15 -9.94 58.65
N GLU E 434 -4.79 -9.01 57.79
CA GLU E 434 -4.93 -9.27 56.38
C GLU E 434 -4.04 -10.42 56.03
N THR E 435 -4.48 -11.25 55.10
CA THR E 435 -3.64 -12.37 54.75
C THR E 435 -3.56 -12.54 53.28
N PHE E 436 -2.52 -13.23 52.87
CA PHE E 436 -2.26 -13.37 51.46
C PHE E 436 -1.83 -14.75 51.08
N ARG E 437 -2.08 -15.04 49.82
CA ARG E 437 -1.70 -16.28 49.20
C ARG E 437 -1.23 -16.06 47.80
N PRO E 438 -0.45 -16.97 47.25
CA PRO E 438 -0.05 -17.01 45.87
C PRO E 438 -1.35 -17.20 45.12
N GLY E 439 -1.42 -16.74 43.89
CA GLY E 439 -2.71 -16.75 43.21
C GLY E 439 -2.58 -16.25 41.79
N GLY E 440 -3.73 -16.03 41.13
CA GLY E 440 -3.68 -15.62 39.74
C GLY E 440 -3.30 -16.78 38.85
N GLY E 441 -2.25 -16.60 38.07
CA GLY E 441 -1.89 -17.60 37.08
C GLY E 441 -2.46 -17.31 35.70
N ASP E 442 -3.27 -16.26 35.56
CA ASP E 442 -3.59 -15.85 34.21
C ASP E 442 -2.32 -15.25 33.67
N MET E 443 -1.84 -15.75 32.54
CA MET E 443 -0.60 -15.27 31.97
C MET E 443 -0.63 -13.81 31.63
N ARG E 444 -1.82 -13.25 31.45
CA ARG E 444 -1.93 -11.84 31.16
C ARG E 444 -1.26 -10.98 32.20
N ASP E 445 -1.26 -11.42 33.45
CA ASP E 445 -0.64 -10.61 34.46
C ASP E 445 0.86 -10.66 34.37
N ASN E 446 1.38 -11.70 33.73
CA ASN E 446 2.79 -11.76 33.58
C ASN E 446 3.19 -10.77 32.52
N TRP E 447 2.38 -10.68 31.48
CA TRP E 447 2.72 -9.72 30.45
C TRP E 447 2.68 -8.31 31.01
N ARG E 448 1.72 -8.07 31.91
CA ARG E 448 1.56 -6.78 32.52
C ARG E 448 2.69 -6.38 33.38
N SER E 449 3.36 -7.35 34.00
CA SER E 449 4.47 -7.02 34.86
C SER E 449 5.55 -6.24 34.11
N GLU E 450 5.62 -6.37 32.79
CA GLU E 450 6.58 -5.58 32.05
C GLU E 450 5.92 -4.44 31.29
N LEU E 451 4.78 -4.76 30.69
CA LEU E 451 4.11 -3.83 29.79
C LEU E 451 3.49 -2.62 30.43
N TYR E 452 3.34 -2.63 31.75
CA TYR E 452 2.79 -1.47 32.43
C TYR E 452 3.61 -0.21 32.17
N LYS E 453 4.89 -0.38 31.84
CA LYS E 453 5.77 0.74 31.56
C LYS E 453 5.42 1.53 30.29
N TYR E 454 4.57 0.98 29.41
CA TYR E 454 4.38 1.62 28.12
C TYR E 454 2.96 1.82 27.65
N LYS E 455 2.80 2.81 26.78
CA LYS E 455 1.53 2.96 26.07
C LYS E 455 1.80 3.34 24.62
N VAL E 456 0.90 2.94 23.74
CA VAL E 456 0.99 3.30 22.34
C VAL E 456 0.18 4.52 21.99
N VAL E 457 0.79 5.45 21.29
CA VAL E 457 0.05 6.60 20.83
C VAL E 457 0.22 6.79 19.36
N LYS E 458 -0.71 7.54 18.81
CA LYS E 458 -0.72 7.86 17.42
C LYS E 458 -0.28 9.26 17.20
N ILE E 459 0.59 9.43 16.22
CA ILE E 459 1.07 10.73 15.91
C ILE E 459 0.13 11.40 14.95
N GLU E 460 -0.35 12.58 15.29
CA GLU E 460 -1.18 13.31 14.34
C GLU E 460 -0.51 14.61 13.95
N PRO E 461 0.39 14.56 12.96
CA PRO E 461 1.21 15.67 12.49
C PRO E 461 0.43 16.84 11.92
N LEU E 462 -0.76 16.59 11.45
CA LEU E 462 -1.57 17.66 10.94
C LEU E 462 -2.10 18.58 12.00
N GLY E 463 -2.12 19.87 11.73
CA GLY E 463 -2.81 20.77 12.63
C GLY E 463 -2.89 22.16 12.05
N VAL E 464 -3.60 23.04 12.74
CA VAL E 464 -3.74 24.41 12.31
C VAL E 464 -3.52 25.36 13.45
N ALA E 465 -3.27 26.61 13.16
CA ALA E 465 -3.26 27.62 14.21
C ALA E 465 -3.52 28.98 13.58
N PRO E 466 -4.04 29.95 14.33
CA PRO E 466 -4.29 31.28 13.83
C PRO E 466 -3.00 32.00 13.44
N THR E 467 -3.10 32.82 12.41
CA THR E 467 -2.00 33.63 11.94
C THR E 467 -2.40 35.02 11.53
N ARG E 468 -1.41 35.89 11.43
CA ARG E 468 -1.62 37.23 10.91
C ARG E 468 -1.57 37.23 9.39
N CYS E 469 -1.11 36.13 8.80
CA CYS E 469 -1.05 35.93 7.37
C CYS E 469 -2.38 35.66 6.70
N LYS E 470 -2.53 36.18 5.50
CA LYS E 470 -3.67 35.80 4.69
C LYS E 470 -3.06 35.36 3.38
N ARG E 471 -3.70 34.45 2.67
CA ARG E 471 -3.06 33.90 1.49
C ARG E 471 -2.75 34.90 0.41
N ARG E 472 -1.63 34.66 -0.25
CA ARG E 472 -1.15 35.46 -1.34
C ARG E 472 -2.05 35.41 -2.57
N VAL E 473 -2.09 36.52 -3.29
CA VAL E 473 -2.85 36.62 -4.53
C VAL E 473 -2.27 35.74 -5.62
N VAL E 474 -3.13 35.08 -6.38
CA VAL E 474 -2.71 34.23 -7.48
C VAL E 474 -1.97 35.04 -8.53
N LEU F 9 18.20 17.87 17.88
CA LEU F 9 17.44 17.20 18.94
C LEU F 9 17.01 15.81 18.48
N GLY F 10 15.70 15.59 18.38
CA GLY F 10 15.18 14.31 17.94
C GLY F 10 13.67 14.35 17.84
N PHE F 11 13.09 13.22 17.46
CA PHE F 11 11.67 13.14 17.25
C PHE F 11 10.90 13.47 18.53
N LEU F 12 9.85 14.25 18.34
CA LEU F 12 8.97 14.76 19.39
C LEU F 12 9.66 15.62 20.43
N GLY F 13 10.84 16.17 20.12
CA GLY F 13 11.49 17.04 21.08
C GLY F 13 10.68 18.30 21.35
N ALA F 14 9.87 18.69 20.37
CA ALA F 14 9.02 19.86 20.43
C ALA F 14 7.91 19.76 21.47
N ALA F 15 7.66 18.56 21.99
CA ALA F 15 6.63 18.44 23.01
C ALA F 15 7.01 19.20 24.28
N GLY F 16 8.30 19.53 24.44
CA GLY F 16 8.78 20.29 25.58
C GLY F 16 8.71 21.80 25.42
N SER F 17 8.11 22.28 24.34
CA SER F 17 8.10 23.71 24.11
C SER F 17 6.82 24.23 23.52
N THR F 18 6.68 25.54 23.57
CA THR F 18 5.50 26.20 23.08
C THR F 18 5.36 26.07 21.59
N MET F 19 4.13 26.27 21.13
CA MET F 19 3.79 26.09 19.73
C MET F 19 4.68 26.82 18.76
N GLY F 20 5.10 28.04 19.07
CA GLY F 20 5.98 28.70 18.12
C GLY F 20 7.32 28.00 17.99
N ALA F 21 7.84 27.51 19.11
CA ALA F 21 9.10 26.83 19.08
C ALA F 21 9.02 25.49 18.39
N ALA F 22 7.82 24.92 18.38
CA ALA F 22 7.63 23.62 17.76
C ALA F 22 7.88 23.65 16.27
N SER F 23 7.80 24.83 15.65
CA SER F 23 8.00 24.94 14.23
C SER F 23 9.39 24.52 13.78
N MET F 24 10.36 24.63 14.68
CA MET F 24 11.72 24.32 14.34
C MET F 24 11.98 22.87 14.00
N THR F 25 11.14 21.97 14.47
CA THR F 25 11.38 20.56 14.26
C THR F 25 10.45 19.93 13.26
N LEU F 26 9.64 20.72 12.57
CA LEU F 26 8.61 20.08 11.79
C LEU F 26 9.13 19.11 10.73
N THR F 27 10.30 19.42 10.14
CA THR F 27 10.83 18.50 9.15
C THR F 27 11.31 17.21 9.78
N VAL F 28 11.66 17.26 11.06
CA VAL F 28 12.07 16.08 11.77
C VAL F 28 10.91 15.19 11.98
N GLN F 29 9.81 15.80 12.35
CA GLN F 29 8.63 15.06 12.67
C GLN F 29 8.11 14.30 11.48
N ALA F 30 8.21 14.91 10.31
CA ALA F 30 7.74 14.25 9.11
C ALA F 30 8.58 13.04 8.73
N ARG F 31 9.80 12.95 9.26
CA ARG F 31 10.67 11.86 8.89
C ARG F 31 10.17 10.51 9.28
N ASN F 32 9.40 10.42 10.36
CA ASN F 32 9.04 9.10 10.79
C ASN F 32 7.67 8.63 10.37
N LEU F 33 7.03 9.35 9.46
CA LEU F 33 5.72 8.90 9.06
C LEU F 33 5.73 7.57 8.31
N LEU F 34 6.74 7.35 7.46
CA LEU F 34 6.90 6.09 6.75
C LEU F 34 8.09 5.23 7.20
N SER F 35 8.91 5.79 8.08
CA SER F 35 10.16 5.17 8.55
C SER F 35 10.05 3.96 9.46
N GLY F 36 11.12 3.16 9.43
CA GLY F 36 11.32 1.99 10.29
C GLY F 36 10.81 0.67 9.74
N ILE F 37 10.17 0.73 8.58
CA ILE F 37 9.73 -0.47 7.89
C ILE F 37 10.54 -0.60 6.60
N VAL F 38 11.52 0.27 6.44
CA VAL F 38 12.34 0.32 5.25
C VAL F 38 13.14 -0.95 4.97
N GLN F 39 13.58 -1.65 6.01
CA GLN F 39 14.36 -2.86 5.81
C GLN F 39 13.74 -4.11 6.41
N GLN F 40 13.66 -5.16 5.60
CA GLN F 40 13.19 -6.47 6.05
C GLN F 40 13.93 -7.57 5.32
N LEU F 57 5.72 -17.33 7.28
CA LEU F 57 4.85 -17.49 8.43
C LEU F 57 3.70 -16.51 8.40
N THR F 58 2.49 -17.01 8.67
CA THR F 58 1.36 -16.09 8.76
C THR F 58 1.45 -15.20 9.97
N VAL F 59 1.94 -15.77 11.07
CA VAL F 59 2.11 -15.03 12.29
C VAL F 59 3.18 -14.02 12.08
N TRP F 60 2.94 -12.81 12.58
CA TRP F 60 3.87 -11.70 12.47
C TRP F 60 3.96 -11.13 11.09
N GLY F 61 4.37 -11.92 10.11
CA GLY F 61 4.49 -11.37 8.78
C GLY F 61 3.17 -10.82 8.28
N ILE F 62 2.03 -11.45 8.63
CA ILE F 62 0.79 -10.83 8.21
C ILE F 62 0.56 -9.54 8.96
N LYS F 63 1.04 -9.51 10.21
CA LYS F 63 0.88 -8.34 11.03
C LYS F 63 1.72 -7.20 10.51
N GLN F 64 2.91 -7.56 10.02
CA GLN F 64 3.81 -6.62 9.44
C GLN F 64 3.22 -6.01 8.24
N LEU F 65 2.60 -6.85 7.45
CA LEU F 65 1.95 -6.41 6.26
C LEU F 65 0.84 -5.44 6.56
N GLN F 66 0.05 -5.73 7.60
CA GLN F 66 -0.99 -4.83 7.97
C GLN F 66 -0.45 -3.50 8.41
N ALA F 67 0.67 -3.54 9.13
CA ALA F 67 1.29 -2.31 9.57
C ALA F 67 1.80 -1.49 8.41
N ARG F 68 2.32 -2.17 7.38
CA ARG F 68 2.81 -1.45 6.23
C ARG F 68 1.71 -0.74 5.53
N VAL F 69 0.57 -1.42 5.44
CA VAL F 69 -0.56 -0.82 4.78
C VAL F 69 -1.10 0.35 5.55
N LEU F 70 -1.18 0.20 6.86
CA LEU F 70 -1.68 1.27 7.68
C LEU F 70 -0.87 2.52 7.60
N ALA F 71 0.46 2.36 7.63
CA ALA F 71 1.30 3.52 7.56
C ALA F 71 1.11 4.26 6.27
N VAL F 72 0.99 3.50 5.19
CA VAL F 72 0.79 4.13 3.92
C VAL F 72 -0.51 4.85 3.82
N GLU F 73 -1.56 4.24 4.31
CA GLU F 73 -2.84 4.86 4.20
C GLU F 73 -2.94 6.14 4.95
N ARG F 74 -2.39 6.17 6.16
CA ARG F 74 -2.50 7.39 6.90
C ARG F 74 -1.72 8.50 6.26
N TYR F 75 -0.56 8.14 5.71
CA TYR F 75 0.24 9.13 5.05
C TYR F 75 -0.47 9.74 3.90
N LEU F 76 -1.12 8.91 3.12
CA LEU F 76 -1.84 9.40 1.98
C LEU F 76 -3.01 10.26 2.33
N ARG F 77 -3.68 9.97 3.43
CA ARG F 77 -4.82 10.78 3.77
C ARG F 77 -4.41 12.18 4.08
N ASP F 78 -3.27 12.34 4.73
CA ASP F 78 -2.83 13.67 5.01
C ASP F 78 -2.41 14.39 3.77
N GLN F 79 -1.74 13.67 2.88
CA GLN F 79 -1.30 14.30 1.66
C GLN F 79 -2.45 14.72 0.82
N GLN F 80 -3.51 13.92 0.85
CA GLN F 80 -4.69 14.25 0.12
C GLN F 80 -5.28 15.54 0.58
N LEU F 81 -5.35 15.71 1.90
CA LEU F 81 -5.91 16.92 2.42
C LEU F 81 -5.10 18.14 2.10
N LEU F 82 -3.78 18.00 2.13
CA LEU F 82 -2.95 19.12 1.82
C LEU F 82 -3.11 19.53 0.38
N GLY F 83 -3.26 18.54 -0.50
CA GLY F 83 -3.46 18.85 -1.90
C GLY F 83 -4.76 19.56 -2.11
N ILE F 84 -5.77 19.22 -1.31
CA ILE F 84 -7.03 19.92 -1.41
C ILE F 84 -6.90 21.34 -0.97
N TRP F 85 -6.21 21.49 0.14
CA TRP F 85 -5.99 22.78 0.75
C TRP F 85 -5.01 23.67 0.02
N GLY F 86 -4.24 23.08 -0.89
CA GLY F 86 -3.24 23.80 -1.66
C GLY F 86 -1.96 24.00 -0.85
N CYS F 87 -1.90 23.35 0.30
CA CYS F 87 -0.77 23.44 1.19
C CYS F 87 0.22 22.32 0.98
N SER F 88 0.04 21.57 -0.10
CA SER F 88 0.90 20.47 -0.38
C SER F 88 2.32 20.91 -0.59
N GLY F 89 3.22 20.05 -0.14
CA GLY F 89 4.64 20.25 -0.25
C GLY F 89 5.16 21.22 0.80
N LYS F 90 4.31 21.63 1.75
CA LYS F 90 4.78 22.56 2.73
C LYS F 90 4.43 22.13 4.15
N LEU F 91 5.31 22.41 5.11
CA LEU F 91 4.97 22.13 6.49
C LEU F 91 4.31 23.31 7.15
N ILE F 92 4.40 24.44 6.47
CA ILE F 92 3.79 25.66 6.90
C ILE F 92 3.05 26.22 5.73
N CYS F 93 1.86 26.69 5.93
CA CYS F 93 1.14 27.22 4.82
C CYS F 93 0.33 28.41 5.27
N CYS F 94 -0.16 29.16 4.30
CA CYS F 94 -0.93 30.36 4.57
C CYS F 94 -2.25 30.36 3.86
N THR F 95 -3.23 29.77 4.52
CA THR F 95 -4.59 29.74 4.06
C THR F 95 -5.18 31.12 4.10
N ASN F 96 -6.20 31.34 3.30
CA ASN F 96 -6.89 32.61 3.32
C ASN F 96 -8.14 32.54 4.16
N VAL F 97 -8.30 31.49 4.95
CA VAL F 97 -9.54 31.36 5.67
C VAL F 97 -9.50 31.94 7.08
N PRO F 98 -10.30 32.97 7.35
CA PRO F 98 -10.52 33.60 8.63
C PRO F 98 -11.19 32.60 9.50
N TRP F 99 -11.03 32.69 10.80
CA TRP F 99 -11.75 31.71 11.62
C TRP F 99 -12.64 32.41 12.60
N ASN F 100 -13.69 31.73 13.03
CA ASN F 100 -14.61 32.39 13.92
C ASN F 100 -13.99 32.44 15.28
N SER F 101 -13.76 33.65 15.73
CA SER F 101 -13.05 33.91 16.97
C SER F 101 -13.64 33.22 18.18
N SER F 102 -14.92 32.87 18.14
CA SER F 102 -15.50 32.20 19.29
C SER F 102 -14.82 30.90 19.65
N TRP F 103 -14.13 30.27 18.69
CA TRP F 103 -13.46 29.01 18.97
C TRP F 103 -12.37 29.12 20.03
N SER F 104 -11.77 30.31 20.17
CA SER F 104 -10.78 30.53 21.22
C SER F 104 -10.75 32.01 21.57
N ASN F 105 -10.44 32.34 22.82
CA ASN F 105 -10.41 33.74 23.18
C ASN F 105 -9.19 34.07 23.96
N ARG F 106 -8.07 34.12 23.26
CA ARG F 106 -6.80 34.42 23.88
C ARG F 106 -6.01 35.29 22.92
N ASN F 107 -5.14 36.15 23.44
CA ASN F 107 -4.38 36.98 22.53
C ASN F 107 -3.45 36.08 21.77
N LEU F 108 -3.24 36.37 20.51
CA LEU F 108 -2.48 35.46 19.69
C LEU F 108 -1.10 35.12 20.26
N SER F 109 -0.39 36.13 20.77
CA SER F 109 0.91 35.85 21.40
C SER F 109 0.77 35.01 22.66
N GLU F 110 -0.38 35.14 23.31
CA GLU F 110 -0.68 34.37 24.50
C GLU F 110 -0.96 32.93 24.18
N ILE F 111 -1.11 32.62 22.90
CA ILE F 111 -1.34 31.25 22.55
C ILE F 111 -0.05 30.63 22.11
N TRP F 112 0.56 31.26 21.12
CA TRP F 112 1.78 30.77 20.54
C TRP F 112 2.97 30.69 21.46
N ASP F 113 3.03 31.57 22.44
CA ASP F 113 4.17 31.56 23.31
C ASP F 113 4.04 30.81 24.62
N ASN F 114 2.92 30.13 24.89
CA ASN F 114 2.89 29.47 26.20
C ASN F 114 2.29 28.07 26.27
N MET F 115 2.17 27.35 25.17
CA MET F 115 1.62 26.01 25.36
C MET F 115 2.15 24.99 24.39
N THR F 116 2.14 23.73 24.80
CA THR F 116 2.54 22.66 23.92
C THR F 116 1.48 22.62 22.86
N TRP F 117 1.87 22.35 21.62
CA TRP F 117 0.90 22.37 20.56
C TRP F 117 -0.26 21.43 20.84
N LEU F 118 0.06 20.31 21.47
CA LEU F 118 -0.93 19.35 21.88
C LEU F 118 -1.95 19.91 22.85
N GLN F 119 -1.52 20.77 23.76
CA GLN F 119 -2.46 21.36 24.67
C GLN F 119 -3.43 22.22 23.91
N TRP F 120 -2.87 22.96 22.96
CA TRP F 120 -3.68 23.79 22.13
C TRP F 120 -4.65 22.98 21.30
N ASP F 121 -4.18 21.79 20.89
CA ASP F 121 -4.99 20.91 20.10
C ASP F 121 -6.22 20.50 20.84
N LYS F 122 -6.07 20.25 22.13
CA LYS F 122 -7.22 19.88 22.87
C LYS F 122 -8.27 20.98 22.87
N GLU F 123 -7.82 22.24 22.94
CA GLU F 123 -8.80 23.32 22.89
C GLU F 123 -9.54 23.42 21.56
N ILE F 124 -8.78 23.35 20.47
CA ILE F 124 -9.36 23.43 19.13
C ILE F 124 -10.19 22.24 18.72
N SER F 125 -9.99 21.11 19.38
CA SER F 125 -10.52 19.83 18.93
C SER F 125 -12.00 19.72 18.58
N ASN F 126 -12.85 20.61 19.08
CA ASN F 126 -14.23 20.44 18.66
C ASN F 126 -14.62 21.31 17.47
N TYR F 127 -13.67 21.99 16.87
CA TYR F 127 -13.99 22.82 15.72
C TYR F 127 -13.33 22.32 14.46
N THR F 128 -12.60 21.23 14.56
CA THR F 128 -11.74 20.85 13.45
C THR F 128 -12.42 20.48 12.18
N GLN F 129 -13.64 20.00 12.25
CA GLN F 129 -14.26 19.62 11.01
C GLN F 129 -14.91 20.79 10.35
N ILE F 130 -15.06 21.87 11.10
CA ILE F 130 -15.64 23.05 10.54
C ILE F 130 -14.62 23.63 9.65
N ILE F 131 -13.43 23.66 10.20
CA ILE F 131 -12.31 24.23 9.54
C ILE F 131 -11.96 23.50 8.30
N TYR F 132 -11.98 22.18 8.35
CA TYR F 132 -11.59 21.46 7.18
C TYR F 132 -12.52 21.70 6.01
N GLY F 133 -13.82 21.81 6.30
CA GLY F 133 -14.73 22.08 5.20
C GLY F 133 -14.50 23.47 4.63
N LEU F 134 -14.16 24.40 5.52
CA LEU F 134 -13.88 25.73 5.05
C LEU F 134 -12.68 25.79 4.18
N LEU F 135 -11.65 25.05 4.54
CA LEU F 135 -10.47 25.09 3.75
C LEU F 135 -10.68 24.58 2.37
N GLU F 136 -11.49 23.52 2.27
CA GLU F 136 -11.79 22.94 0.99
C GLU F 136 -12.50 23.85 0.04
N GLU F 137 -13.52 24.54 0.53
CA GLU F 137 -14.28 25.35 -0.38
C GLU F 137 -14.20 26.84 -0.22
N SER F 138 -14.24 27.31 1.03
CA SER F 138 -14.30 28.75 1.23
C SER F 138 -13.11 29.43 0.63
N GLN F 139 -11.99 28.72 0.56
CA GLN F 139 -10.90 29.31 -0.16
C GLN F 139 -10.45 28.48 -1.31
N ASN F 140 -10.30 27.18 -1.16
CA ASN F 140 -9.72 26.51 -2.30
C ASN F 140 -10.63 26.26 -3.47
N GLN F 141 -11.88 25.85 -3.28
CA GLN F 141 -12.71 25.75 -4.47
C GLN F 141 -12.92 27.11 -5.07
N GLN F 142 -13.12 28.11 -4.20
CA GLN F 142 -13.31 29.45 -4.67
C GLN F 142 -12.11 30.01 -5.37
N GLU F 143 -10.94 29.69 -4.85
CA GLU F 143 -9.73 30.17 -5.47
C GLU F 143 -9.59 29.58 -6.82
N LYS F 144 -9.89 28.30 -6.94
CA LYS F 144 -9.80 27.62 -8.20
C LYS F 144 -10.74 28.17 -9.22
N ASN F 145 -11.87 28.69 -8.76
CA ASN F 145 -12.80 29.28 -9.68
C ASN F 145 -12.18 30.54 -10.23
N GLU F 146 -11.58 31.31 -9.33
CA GLU F 146 -10.90 32.53 -9.70
C GLU F 146 -9.68 32.26 -10.54
N GLN F 147 -9.00 31.14 -10.26
CA GLN F 147 -7.84 30.76 -11.02
C GLN F 147 -8.24 30.48 -12.43
N ASP F 148 -9.40 29.88 -12.60
CA ASP F 148 -9.89 29.60 -13.92
C ASP F 148 -10.22 30.87 -14.64
N LEU F 149 -10.79 31.84 -13.93
CA LEU F 149 -11.08 33.09 -14.57
C LEU F 149 -9.80 33.77 -15.02
N LEU F 150 -8.76 33.66 -14.22
CA LEU F 150 -7.46 34.17 -14.59
C LEU F 150 -6.88 33.41 -15.76
N ALA F 151 -7.16 32.10 -15.80
CA ALA F 151 -6.70 31.25 -16.88
C ALA F 151 -7.34 31.65 -18.21
N LEU F 152 -8.51 32.28 -18.12
CA LEU F 152 -9.20 32.73 -19.30
C LEU F 152 -8.81 34.15 -19.72
N ASP F 153 -7.83 34.75 -19.02
CA ASP F 153 -7.39 36.08 -19.36
C ASP F 153 -6.16 36.04 -20.24
N ASP G 1 22.39 0.73 -35.04
CA ASP G 1 23.33 0.21 -34.04
C ASP G 1 24.57 1.11 -33.86
N ILE G 2 25.69 0.49 -33.54
CA ILE G 2 26.93 1.21 -33.28
C ILE G 2 27.50 1.73 -34.60
N VAL G 3 27.89 3.00 -34.62
CA VAL G 3 28.48 3.63 -35.80
C VAL G 3 29.98 3.73 -35.58
N MET G 4 30.73 3.43 -36.63
CA MET G 4 32.19 3.46 -36.62
C MET G 4 32.65 4.62 -37.50
N THR G 5 33.26 5.63 -36.89
CA THR G 5 33.70 6.80 -37.62
C THR G 5 35.22 6.76 -37.73
N GLN G 6 35.71 6.85 -38.97
CA GLN G 6 37.14 6.76 -39.25
C GLN G 6 37.65 8.10 -39.77
N THR G 7 38.80 8.52 -39.27
CA THR G 7 39.41 9.79 -39.67
C THR G 7 40.93 9.67 -39.67
N PRO G 8 41.63 10.42 -40.53
CA PRO G 8 41.12 11.30 -41.57
C PRO G 8 40.65 10.47 -42.74
N ALA G 9 40.00 11.07 -43.75
CA ALA G 9 39.63 10.29 -44.92
C ALA G 9 40.83 10.00 -45.81
N SER G 10 41.84 10.87 -45.83
CA SER G 10 43.07 10.57 -46.54
C SER G 10 44.21 11.29 -45.85
N VAL G 11 45.41 10.76 -46.04
CA VAL G 11 46.59 11.28 -45.38
C VAL G 11 47.80 11.04 -46.29
N GLU G 12 48.69 12.01 -46.30
CA GLU G 12 49.95 11.94 -47.02
C GLU G 12 51.07 11.84 -46.02
N ALA G 13 52.00 10.91 -46.22
CA ALA G 13 53.19 10.82 -45.39
C ALA G 13 54.41 10.55 -46.25
N ALA G 14 55.52 11.22 -45.91
CA ALA G 14 56.80 10.91 -46.52
C ALA G 14 57.25 9.51 -46.13
N VAL G 15 57.99 8.85 -47.04
CA VAL G 15 58.69 7.63 -46.68
C VAL G 15 59.48 7.88 -45.42
N GLY G 16 59.29 7.01 -44.43
CA GLY G 16 59.96 7.10 -43.14
C GLY G 16 59.21 7.84 -42.08
N GLY G 17 58.10 8.49 -42.42
CA GLY G 17 57.37 9.23 -41.43
C GLY G 17 56.46 8.34 -40.63
N THR G 18 55.74 8.95 -39.70
CA THR G 18 54.74 8.22 -38.92
C THR G 18 53.36 8.76 -39.26
N VAL G 19 52.40 7.85 -39.33
CA VAL G 19 51.03 8.21 -39.67
C VAL G 19 50.11 7.50 -38.70
N ALA G 20 49.10 8.22 -38.20
CA ALA G 20 48.15 7.72 -37.21
C ALA G 20 46.73 7.83 -37.76
N ILE G 21 46.01 6.72 -37.77
CA ILE G 21 44.66 6.66 -38.31
C ILE G 21 43.73 6.29 -37.16
N LYS G 22 42.65 7.04 -37.02
CA LYS G 22 41.76 6.90 -35.88
C LYS G 22 40.41 6.33 -36.29
N CYS G 23 39.81 5.62 -35.35
N CYS G 23 39.86 5.53 -35.39
CA CYS G 23 38.52 5.00 -35.53
CA CYS G 23 38.50 5.05 -35.51
C CYS G 23 37.75 5.15 -34.23
C CYS G 23 37.78 5.27 -34.20
N GLN G 24 36.57 5.79 -34.29
CA GLN G 24 35.74 6.05 -33.13
C GLN G 24 34.51 5.17 -33.19
N ALA G 25 34.18 4.54 -32.06
CA ALA G 25 32.94 3.82 -31.91
C ALA G 25 31.98 4.65 -31.06
N SER G 26 30.71 4.68 -31.46
CA SER G 26 29.71 5.44 -30.72
C SER G 26 29.27 4.77 -29.41
N GLN G 27 29.50 3.47 -29.29
CA GLN G 27 29.33 2.78 -28.02
C GLN G 27 30.62 2.00 -27.75
N SER G 28 30.89 1.73 -26.49
CA SER G 28 32.14 1.04 -26.19
C SER G 28 32.09 -0.38 -26.75
N ILE G 29 33.20 -0.80 -27.36
CA ILE G 29 33.38 -2.17 -27.79
C ILE G 29 34.57 -2.80 -27.10
N ARG G 30 34.97 -2.23 -25.96
CA ARG G 30 36.14 -2.68 -25.23
C ARG G 30 37.27 -2.78 -26.24
N SER G 31 37.86 -3.97 -26.42
CA SER G 31 39.05 -4.09 -27.27
C SER G 31 38.74 -4.72 -28.63
N TYR G 32 37.46 -4.93 -28.97
CA TYR G 32 37.09 -5.79 -30.10
C TYR G 32 36.97 -4.94 -31.37
N LEU G 33 38.14 -4.68 -31.94
CA LEU G 33 38.31 -3.78 -33.07
C LEU G 33 39.47 -4.33 -33.88
N ALA G 34 39.27 -4.52 -35.17
CA ALA G 34 40.33 -4.99 -36.04
C ALA G 34 40.67 -3.93 -37.08
N TRP G 35 41.84 -4.08 -37.67
CA TRP G 35 42.31 -3.15 -38.69
C TRP G 35 42.79 -3.93 -39.90
N TYR G 36 42.42 -3.44 -41.08
CA TYR G 36 42.74 -4.04 -42.35
C TYR G 36 43.48 -3.09 -43.28
N GLN G 37 44.32 -3.67 -44.11
CA GLN G 37 44.98 -2.97 -45.22
C GLN G 37 44.40 -3.51 -46.52
N GLN G 38 44.09 -2.62 -47.45
CA GLN G 38 43.64 -3.04 -48.77
C GLN G 38 44.37 -2.28 -49.89
N LYS G 39 45.09 -3.02 -50.72
CA LYS G 39 45.65 -2.50 -51.97
C LYS G 39 44.59 -2.53 -53.07
N PRO G 40 44.53 -1.53 -53.95
CA PRO G 40 43.59 -1.60 -55.07
C PRO G 40 43.63 -2.95 -55.78
N GLY G 41 42.44 -3.51 -56.02
CA GLY G 41 42.33 -4.76 -56.73
C GLY G 41 42.60 -6.02 -55.93
N GLN G 42 42.90 -5.93 -54.64
CA GLN G 42 43.12 -7.09 -53.81
C GLN G 42 42.03 -7.16 -52.75
N PRO G 43 41.78 -8.32 -52.17
CA PRO G 43 40.99 -8.37 -50.95
C PRO G 43 41.75 -7.74 -49.81
N PRO G 44 41.05 -7.28 -48.78
CA PRO G 44 41.72 -6.74 -47.60
C PRO G 44 42.56 -7.79 -46.90
N LYS G 45 43.50 -7.31 -46.07
N LYS G 45 43.53 -7.31 -46.11
CA LYS G 45 44.46 -8.11 -45.33
CA LYS G 45 44.45 -8.14 -45.33
C LYS G 45 44.40 -7.70 -43.87
C LYS G 45 44.38 -7.71 -43.88
N LEU G 46 44.23 -8.67 -42.98
CA LEU G 46 44.22 -8.37 -41.55
C LEU G 46 45.61 -7.94 -41.06
N LEU G 47 45.63 -6.78 -40.38
CA LEU G 47 46.81 -6.20 -39.74
C LEU G 47 46.82 -6.41 -38.23
N ILE G 48 45.74 -6.00 -37.58
CA ILE G 48 45.62 -5.92 -36.13
C ILE G 48 44.25 -6.46 -35.76
N TYR G 49 44.22 -7.26 -34.71
CA TYR G 49 42.94 -7.67 -34.12
C TYR G 49 43.00 -7.42 -32.61
N GLU G 50 41.81 -7.29 -32.01
CA GLU G 50 41.68 -7.00 -30.59
C GLU G 50 42.45 -5.72 -30.21
N ALA G 51 42.38 -4.74 -31.12
CA ALA G 51 42.80 -3.36 -30.91
C ALA G 51 44.31 -3.16 -31.04
N SER G 52 45.10 -4.19 -30.71
CA SER G 52 46.54 -4.05 -30.63
C SER G 52 47.32 -5.34 -30.89
N LYS G 53 46.65 -6.48 -31.09
CA LYS G 53 47.40 -7.70 -31.37
C LYS G 53 47.75 -7.75 -32.86
N LEU G 54 49.03 -8.02 -33.15
CA LEU G 54 49.51 -8.07 -34.53
C LEU G 54 49.21 -9.42 -35.17
N ALA G 55 48.67 -9.38 -36.37
CA ALA G 55 48.37 -10.60 -37.11
C ALA G 55 49.65 -11.22 -37.67
N SER G 56 49.55 -12.49 -38.04
CA SER G 56 50.74 -13.21 -38.47
C SER G 56 51.34 -12.57 -39.72
N GLY G 57 52.64 -12.33 -39.68
CA GLY G 57 53.32 -11.91 -40.87
C GLY G 57 53.15 -10.45 -41.21
N VAL G 58 52.81 -9.61 -40.26
CA VAL G 58 52.58 -8.18 -40.48
C VAL G 58 53.78 -7.42 -39.93
N PRO G 59 54.40 -6.54 -40.71
CA PRO G 59 55.60 -5.86 -40.20
C PRO G 59 55.35 -5.13 -38.90
N SER G 60 56.39 -5.08 -38.07
CA SER G 60 56.36 -4.41 -36.76
C SER G 60 56.10 -2.92 -36.84
N ARG G 61 56.18 -2.30 -38.01
CA ARG G 61 55.89 -0.87 -38.06
C ARG G 61 54.40 -0.60 -37.94
N PHE G 62 53.57 -1.62 -38.01
CA PHE G 62 52.15 -1.48 -37.70
C PHE G 62 51.92 -1.72 -36.22
N SER G 63 51.18 -0.82 -35.59
CA SER G 63 50.72 -1.03 -34.22
C SER G 63 49.32 -0.44 -34.03
N GLY G 64 48.63 -0.99 -33.04
CA GLY G 64 47.31 -0.53 -32.68
C GLY G 64 47.20 -0.26 -31.20
N SER G 65 46.43 0.77 -30.87
CA SER G 65 46.16 1.14 -29.48
C SER G 65 44.68 1.43 -29.30
N GLY G 66 44.29 1.66 -28.07
CA GLY G 66 42.94 2.15 -27.79
C GLY G 66 42.06 1.09 -27.19
N SER G 67 40.92 1.55 -26.69
CA SER G 67 40.00 0.65 -26.01
C SER G 67 38.71 1.40 -25.71
N GLY G 68 37.61 0.66 -25.72
CA GLY G 68 36.32 1.23 -25.50
C GLY G 68 35.77 1.91 -26.73
N THR G 69 36.11 3.19 -26.87
CA THR G 69 35.49 4.07 -27.86
C THR G 69 36.47 4.66 -28.86
N GLN G 70 37.77 4.65 -28.57
CA GLN G 70 38.75 5.35 -29.39
C GLN G 70 39.91 4.45 -29.69
N PHE G 71 40.28 4.38 -30.97
CA PHE G 71 41.34 3.48 -31.42
C PHE G 71 42.21 4.18 -32.43
N THR G 72 43.44 3.70 -32.52
CA THR G 72 44.44 4.31 -33.38
C THR G 72 45.28 3.22 -34.03
N LEU G 73 45.35 3.24 -35.36
CA LEU G 73 46.35 2.52 -36.13
C LEU G 73 47.52 3.46 -36.39
N THR G 74 48.72 3.07 -35.96
CA THR G 74 49.93 3.83 -36.21
C THR G 74 50.85 3.04 -37.13
N ILE G 75 51.32 3.69 -38.20
CA ILE G 75 52.39 3.14 -39.04
C ILE G 75 53.63 3.97 -38.74
N SER G 76 54.64 3.34 -38.13
CA SER G 76 55.83 4.04 -37.66
C SER G 76 56.98 3.74 -38.64
N GLY G 77 57.24 4.67 -39.57
CA GLY G 77 58.23 4.49 -40.62
C GLY G 77 57.60 4.02 -41.91
N VAL G 78 56.80 4.90 -42.50
CA VAL G 78 55.99 4.51 -43.65
C VAL G 78 56.87 4.11 -44.83
N GLU G 79 56.47 3.08 -45.54
CA GLU G 79 57.14 2.65 -46.77
C GLU G 79 56.19 2.77 -47.95
N CYS G 80 56.76 2.71 -49.15
CA CYS G 80 55.94 2.82 -50.36
C CYS G 80 54.90 1.70 -50.43
N ASP G 81 55.25 0.51 -49.92
CA ASP G 81 54.31 -0.62 -49.90
C ASP G 81 53.08 -0.35 -49.05
N ASP G 82 53.14 0.65 -48.18
CA ASP G 82 52.04 0.95 -47.28
C ASP G 82 50.98 1.83 -47.93
N ALA G 83 51.22 2.28 -49.17
CA ALA G 83 50.23 3.07 -49.88
C ALA G 83 49.01 2.18 -50.15
N ALA G 84 47.91 2.45 -49.46
CA ALA G 84 46.74 1.58 -49.44
C ALA G 84 45.59 2.30 -48.75
N THR G 85 44.46 1.64 -48.66
CA THR G 85 43.36 2.14 -47.88
C THR G 85 43.24 1.25 -46.67
N TYR G 86 43.09 1.85 -45.50
CA TYR G 86 43.00 1.13 -44.23
C TYR G 86 41.60 1.26 -43.65
N TYR G 87 41.07 0.16 -43.11
CA TYR G 87 39.74 0.10 -42.53
C TYR G 87 39.82 -0.42 -41.11
N CYS G 88 39.08 0.21 -40.20
CA CYS G 88 38.79 -0.47 -38.95
C CYS G 88 37.47 -1.27 -39.04
N GLN G 89 37.32 -2.27 -38.18
CA GLN G 89 36.14 -3.11 -38.15
C GLN G 89 35.72 -3.42 -36.73
N ARG G 90 34.45 -3.16 -36.45
CA ARG G 90 33.85 -3.54 -35.18
C ARG G 90 33.75 -5.06 -35.09
N ASN G 91 34.17 -5.62 -33.96
CA ASN G 91 34.27 -7.08 -33.79
C ASN G 91 33.40 -7.58 -32.63
N TYR G 92 32.42 -6.79 -32.20
CA TYR G 92 31.54 -7.13 -31.08
C TYR G 92 30.17 -6.53 -31.36
N ASP G 93 29.13 -7.21 -30.88
CA ASP G 93 27.76 -6.82 -31.13
C ASP G 93 27.06 -6.68 -29.80
N SER G 94 26.65 -5.45 -29.47
CA SER G 94 26.05 -5.18 -28.15
C SER G 94 24.70 -5.90 -27.99
N TYR G 95 23.87 -5.91 -29.04
CA TYR G 95 22.57 -6.56 -28.96
C TYR G 95 22.72 -8.02 -28.58
N SER G 96 23.48 -8.79 -29.36
CA SER G 96 23.52 -10.23 -29.18
C SER G 96 24.56 -10.70 -28.19
N GLY G 97 25.53 -9.86 -27.83
CA GLY G 97 26.67 -10.30 -27.05
C GLY G 97 27.70 -11.14 -27.79
N ALA G 98 27.57 -11.31 -29.09
CA ALA G 98 28.49 -12.17 -29.84
C ALA G 98 29.65 -11.34 -30.41
N TYR G 99 30.70 -12.01 -30.86
CA TYR G 99 31.95 -11.35 -31.25
C TYR G 99 32.32 -11.62 -32.71
N TYR G 100 31.34 -11.66 -33.61
CA TYR G 100 31.64 -11.78 -35.02
C TYR G 100 32.15 -10.45 -35.58
N PRO G 101 32.94 -10.49 -36.66
CA PRO G 101 33.43 -9.24 -37.27
C PRO G 101 32.35 -8.63 -38.12
N ASN G 102 32.02 -7.35 -37.88
CA ASN G 102 30.90 -6.75 -38.61
C ASN G 102 31.19 -5.39 -39.24
N GLY G 103 30.57 -4.32 -38.74
CA GLY G 103 30.57 -3.07 -39.46
C GLY G 103 31.97 -2.47 -39.55
N PHE G 104 32.26 -1.88 -40.70
CA PHE G 104 33.54 -1.26 -41.03
C PHE G 104 33.47 0.25 -40.82
N GLY G 105 34.63 0.84 -40.55
CA GLY G 105 34.79 2.27 -40.75
C GLY G 105 34.81 2.61 -42.23
N GLY G 106 34.66 3.91 -42.49
CA GLY G 106 34.64 4.44 -43.86
C GLY G 106 35.96 4.35 -44.61
N GLY G 107 37.06 4.12 -43.92
CA GLY G 107 38.31 3.89 -44.62
C GLY G 107 39.18 5.14 -44.67
N THR G 108 40.49 4.93 -44.65
CA THR G 108 41.45 6.04 -44.78
C THR G 108 42.48 5.71 -45.84
N GLU G 109 42.61 6.57 -46.85
CA GLU G 109 43.60 6.40 -47.89
C GLU G 109 44.94 6.99 -47.41
N VAL G 110 46.02 6.22 -47.54
CA VAL G 110 47.37 6.65 -47.21
C VAL G 110 48.16 6.75 -48.52
N VAL G 111 48.53 7.99 -48.85
CA VAL G 111 49.42 8.31 -49.96
C VAL G 111 50.84 8.47 -49.41
N VAL G 112 51.83 7.89 -50.10
CA VAL G 112 53.22 7.89 -49.61
C VAL G 112 54.06 8.74 -50.54
N LYS G 113 54.73 9.76 -49.99
N LYS G 113 54.76 9.73 -49.98
CA LYS G 113 55.55 10.67 -50.79
CA LYS G 113 55.56 10.67 -50.75
C LYS G 113 56.98 10.12 -50.85
C LYS G 113 57.00 10.13 -50.84
N GLY G 114 57.39 9.69 -52.03
CA GLY G 114 58.69 9.17 -52.26
C GLY G 114 59.56 10.14 -53.03
N ASP G 115 60.62 9.62 -53.60
CA ASP G 115 61.58 10.45 -54.30
C ASP G 115 61.00 10.93 -55.62
N PRO G 116 61.26 12.16 -56.04
CA PRO G 116 60.69 12.62 -57.33
C PRO G 116 61.32 11.89 -58.52
N VAL G 117 60.45 11.50 -59.46
N VAL G 117 60.49 11.48 -59.48
CA VAL G 117 60.81 10.78 -60.68
CA VAL G 117 61.00 10.88 -60.69
C VAL G 117 60.06 11.39 -61.85
C VAL G 117 60.14 11.36 -61.86
N ALA G 118 60.81 11.79 -62.92
CA ALA G 118 60.19 12.45 -64.06
C ALA G 118 59.64 11.40 -65.02
N PRO G 119 58.45 11.62 -65.57
CA PRO G 119 57.84 10.60 -66.40
C PRO G 119 58.47 10.49 -67.78
N SER G 120 58.39 9.28 -68.33
N SER G 120 58.39 9.27 -68.32
CA SER G 120 58.54 9.09 -69.77
CA SER G 120 58.52 9.06 -69.76
C SER G 120 57.15 9.21 -70.39
C SER G 120 57.13 9.23 -70.37
N VAL G 121 57.06 9.89 -71.52
CA VAL G 121 55.78 10.27 -72.12
C VAL G 121 55.66 9.66 -73.51
N LEU G 122 54.52 9.05 -73.79
CA LEU G 122 54.27 8.27 -74.98
C LEU G 122 52.93 8.66 -75.54
N ILE G 123 52.83 8.89 -76.85
CA ILE G 123 51.54 9.11 -77.49
C ILE G 123 51.36 8.03 -78.55
N PHE G 124 50.14 7.50 -78.62
CA PHE G 124 49.77 6.40 -79.51
C PHE G 124 48.65 6.87 -80.42
N PRO G 125 48.86 6.98 -81.73
CA PRO G 125 47.76 7.33 -82.63
C PRO G 125 46.84 6.13 -82.79
N PRO G 126 45.58 6.36 -83.16
CA PRO G 126 44.60 5.26 -83.22
C PRO G 126 44.91 4.31 -84.36
N ALA G 127 44.89 3.01 -84.05
CA ALA G 127 45.02 2.02 -85.10
C ALA G 127 43.97 2.25 -86.19
N ALA G 128 44.27 1.76 -87.39
CA ALA G 128 43.41 2.03 -88.53
C ALA G 128 42.01 1.45 -88.33
N ASP G 129 41.90 0.34 -87.61
CA ASP G 129 40.59 -0.29 -87.43
C ASP G 129 39.68 0.57 -86.57
N GLN G 130 40.23 1.40 -85.69
CA GLN G 130 39.39 2.25 -84.87
C GLN G 130 38.48 3.13 -85.72
N VAL G 131 39.03 3.74 -86.77
CA VAL G 131 38.29 4.76 -87.50
C VAL G 131 37.06 4.16 -88.15
N ALA G 132 37.21 2.99 -88.80
CA ALA G 132 36.08 2.34 -89.44
C ALA G 132 34.92 2.18 -88.47
N THR G 133 35.21 2.08 -87.19
CA THR G 133 34.16 2.00 -86.19
C THR G 133 33.49 3.35 -85.97
N GLY G 134 34.04 4.42 -86.56
CA GLY G 134 33.52 5.76 -86.41
C GLY G 134 33.90 6.47 -85.12
N THR G 135 34.57 5.78 -84.18
CA THR G 135 35.11 6.40 -82.98
C THR G 135 36.61 6.13 -82.89
N VAL G 136 37.35 7.13 -82.45
CA VAL G 136 38.82 7.09 -82.40
C VAL G 136 39.24 7.44 -80.98
N THR G 137 40.11 6.63 -80.40
CA THR G 137 40.68 6.91 -79.08
C THR G 137 42.17 7.10 -79.24
N ILE G 138 42.67 8.28 -78.87
CA ILE G 138 44.10 8.58 -78.83
C ILE G 138 44.58 8.40 -77.39
N VAL G 139 45.67 7.66 -77.22
CA VAL G 139 46.15 7.29 -75.88
C VAL G 139 47.48 7.98 -75.63
N CYS G 140 47.59 8.64 -74.48
CA CYS G 140 48.84 9.22 -74.01
C CYS G 140 49.21 8.57 -72.68
N VAL G 141 50.45 8.16 -72.54
CA VAL G 141 50.93 7.47 -71.35
C VAL G 141 52.04 8.28 -70.71
N ALA G 142 51.95 8.46 -69.38
CA ALA G 142 53.03 9.00 -68.57
C ALA G 142 53.47 7.88 -67.66
N ASN G 143 54.65 7.36 -67.90
CA ASN G 143 55.09 6.18 -67.14
C ASN G 143 56.08 6.54 -66.05
N LYS G 144 55.94 5.86 -64.91
CA LYS G 144 56.89 5.83 -63.80
C LYS G 144 57.28 7.23 -63.34
N TYR G 145 56.42 7.87 -62.56
CA TYR G 145 56.63 9.25 -62.16
C TYR G 145 56.12 9.50 -60.74
N PHE G 146 56.76 10.44 -60.04
CA PHE G 146 56.28 11.01 -58.80
C PHE G 146 56.86 12.40 -58.68
N PRO G 147 56.08 13.38 -58.19
CA PRO G 147 54.68 13.43 -57.76
C PRO G 147 53.74 13.51 -58.95
N ASP G 148 52.48 13.81 -58.68
CA ASP G 148 51.47 13.81 -59.72
C ASP G 148 51.82 14.77 -60.86
N VAL G 149 51.30 14.47 -62.05
CA VAL G 149 51.48 15.32 -63.21
C VAL G 149 50.15 15.96 -63.60
N THR G 150 50.19 16.89 -64.53
N THR G 150 50.21 16.93 -64.51
CA THR G 150 48.98 17.35 -65.17
CA THR G 150 49.06 17.49 -65.21
C THR G 150 49.09 17.17 -66.67
C THR G 150 49.14 17.07 -66.67
N VAL G 151 48.00 16.70 -67.26
CA VAL G 151 47.96 16.35 -68.68
C VAL G 151 47.05 17.33 -69.41
N THR G 152 47.56 17.94 -70.45
N THR G 152 47.57 17.93 -70.46
CA THR G 152 46.77 18.83 -71.29
CA THR G 152 46.83 18.83 -71.31
C THR G 152 46.82 18.32 -72.72
C THR G 152 46.80 18.23 -72.72
N TRP G 153 45.66 18.31 -73.37
CA TRP G 153 45.55 17.86 -74.73
C TRP G 153 45.30 19.06 -75.63
N GLU G 154 46.00 19.11 -76.76
CA GLU G 154 45.74 20.12 -77.77
C GLU G 154 45.49 19.48 -79.13
N VAL G 155 44.63 20.13 -79.92
CA VAL G 155 44.36 19.69 -81.28
C VAL G 155 44.48 20.90 -82.19
N ASP G 156 45.42 20.82 -83.13
CA ASP G 156 45.88 21.98 -83.91
C ASP G 156 46.02 23.22 -83.04
N GLY G 157 46.65 23.04 -81.88
CA GLY G 157 46.90 24.12 -80.96
C GLY G 157 45.72 24.53 -80.08
N THR G 158 44.55 23.94 -80.25
CA THR G 158 43.41 24.24 -79.41
C THR G 158 43.36 23.26 -78.24
N THR G 159 43.25 23.80 -77.02
CA THR G 159 43.14 22.97 -75.84
C THR G 159 41.83 22.20 -75.82
N GLN G 160 41.91 20.94 -75.41
CA GLN G 160 40.74 20.08 -75.38
C GLN G 160 40.16 20.05 -73.97
N THR G 161 38.86 20.31 -73.89
CA THR G 161 38.09 20.36 -72.64
C THR G 161 37.24 19.12 -72.41
N THR G 162 36.94 18.35 -73.45
CA THR G 162 36.00 17.25 -73.33
C THR G 162 36.58 16.03 -74.01
N GLY G 163 36.01 14.87 -73.70
CA GLY G 163 36.44 13.63 -74.32
C GLY G 163 37.67 13.01 -73.71
N ILE G 164 38.10 13.46 -72.53
CA ILE G 164 39.36 13.04 -71.93
C ILE G 164 39.08 12.19 -70.70
N GLU G 165 39.68 11.01 -70.65
CA GLU G 165 39.57 10.10 -69.51
C GLU G 165 40.98 9.76 -69.04
N ASN G 166 41.18 9.84 -67.73
CA ASN G 166 42.47 9.56 -67.11
C ASN G 166 42.37 8.37 -66.18
N SER G 167 43.40 7.53 -66.20
CA SER G 167 43.45 6.37 -65.34
C SER G 167 44.86 6.22 -64.82
N LYS G 168 45.00 6.17 -63.50
CA LYS G 168 46.29 6.18 -62.81
C LYS G 168 46.46 4.90 -61.99
N THR G 169 47.57 4.20 -62.21
CA THR G 169 47.82 2.98 -61.46
C THR G 169 48.03 3.31 -59.97
N PRO G 170 47.86 2.33 -59.10
CA PRO G 170 48.28 2.52 -57.70
C PRO G 170 49.78 2.79 -57.61
N GLN G 171 50.17 3.48 -56.55
CA GLN G 171 51.58 3.73 -56.31
C GLN G 171 52.37 2.44 -56.23
N ASN G 172 53.55 2.44 -56.82
CA ASN G 172 54.37 1.23 -56.93
C ASN G 172 54.88 0.86 -55.54
N SER G 173 54.82 -0.41 -55.19
CA SER G 173 55.19 -0.78 -53.83
C SER G 173 56.68 -0.63 -53.55
N ALA G 174 57.51 -0.47 -54.58
CA ALA G 174 58.94 -0.31 -54.35
C ALA G 174 59.43 1.14 -54.42
N ASP G 175 58.89 1.96 -55.31
CA ASP G 175 59.44 3.31 -55.46
C ASP G 175 58.38 4.40 -55.42
N CYS G 176 57.14 4.06 -55.08
CA CYS G 176 56.05 4.99 -54.86
C CYS G 176 55.52 5.62 -56.14
N THR G 177 56.02 5.23 -57.31
CA THR G 177 55.67 5.95 -58.52
C THR G 177 54.29 5.56 -59.04
N TYR G 178 53.78 6.43 -59.89
CA TYR G 178 52.52 6.25 -60.61
C TYR G 178 52.79 5.94 -62.07
N ASN G 179 51.76 5.48 -62.75
CA ASN G 179 51.68 5.47 -64.20
C ASN G 179 50.30 5.99 -64.57
N LEU G 180 50.24 6.72 -65.70
CA LEU G 180 49.02 7.40 -66.10
C LEU G 180 48.68 7.07 -67.55
N SER G 181 47.43 6.71 -67.79
CA SER G 181 46.88 6.63 -69.14
C SER G 181 45.87 7.75 -69.30
N SER G 182 46.08 8.62 -70.28
CA SER G 182 45.13 9.67 -70.61
C SER G 182 44.64 9.43 -72.03
N THR G 183 43.33 9.40 -72.22
CA THR G 183 42.77 9.10 -73.52
C THR G 183 41.90 10.25 -73.98
N LEU G 184 42.01 10.59 -75.27
CA LEU G 184 41.15 11.55 -75.94
C LEU G 184 40.32 10.78 -76.95
N THR G 185 39.00 10.83 -76.79
CA THR G 185 38.09 10.12 -77.69
C THR G 185 37.34 11.14 -78.56
N LEU G 186 37.33 10.89 -79.87
CA LEU G 186 36.64 11.74 -80.83
C LEU G 186 35.90 10.86 -81.81
N THR G 187 34.86 11.42 -82.42
CA THR G 187 34.26 10.77 -83.57
C THR G 187 35.29 10.74 -84.69
N SER G 188 35.19 9.73 -85.55
CA SER G 188 36.12 9.61 -86.67
C SER G 188 36.15 10.87 -87.55
N THR G 189 35.09 11.67 -87.57
CA THR G 189 35.07 12.81 -88.48
C THR G 189 35.74 14.03 -87.85
N GLN G 190 35.54 14.26 -86.55
CA GLN G 190 36.41 15.17 -85.82
C GLN G 190 37.88 14.85 -86.12
N TYR G 191 38.24 13.58 -86.00
CA TYR G 191 39.66 13.20 -86.03
C TYR G 191 40.27 13.47 -87.40
N ASN G 192 39.52 13.20 -88.48
CA ASN G 192 40.00 13.46 -89.83
C ASN G 192 39.98 14.94 -90.19
N SER G 193 39.16 15.74 -89.51
CA SER G 193 39.13 17.17 -89.77
C SER G 193 40.45 17.85 -89.40
N HIS G 194 41.14 17.32 -88.39
CA HIS G 194 42.28 17.99 -87.79
C HIS G 194 43.57 17.23 -88.02
N LYS G 195 44.69 17.94 -87.80
CA LYS G 195 46.02 17.48 -88.18
C LYS G 195 46.93 17.16 -86.99
N GLU G 196 47.06 18.07 -86.02
CA GLU G 196 48.05 17.95 -84.95
C GLU G 196 47.43 17.52 -83.64
N TYR G 197 47.91 16.38 -83.12
CA TYR G 197 47.44 15.81 -81.86
C TYR G 197 48.60 15.87 -80.87
N THR G 198 48.35 16.51 -79.72
CA THR G 198 49.40 16.87 -78.78
C THR G 198 49.01 16.45 -77.38
N CYS G 199 49.91 15.72 -76.72
CA CYS G 199 49.78 15.40 -75.31
C CYS G 199 50.89 16.12 -74.57
N LYS G 200 50.52 17.02 -73.68
CA LYS G 200 51.50 17.74 -72.88
C LYS G 200 51.39 17.27 -71.44
N VAL G 201 52.50 16.80 -70.89
CA VAL G 201 52.53 16.30 -69.53
C VAL G 201 53.43 17.22 -68.73
N THR G 202 52.86 17.84 -67.70
CA THR G 202 53.57 18.79 -66.87
C THR G 202 53.82 18.19 -65.49
N GLN G 203 55.07 18.33 -65.03
CA GLN G 203 55.45 17.98 -63.67
C GLN G 203 56.32 19.13 -63.14
N GLY G 204 55.83 19.82 -62.13
CA GLY G 204 56.64 20.88 -61.56
C GLY G 204 57.03 21.89 -62.62
N THR G 205 58.32 22.10 -62.80
CA THR G 205 58.81 23.19 -63.65
C THR G 205 58.97 22.80 -65.11
N THR G 206 58.70 21.55 -65.45
CA THR G 206 59.02 20.96 -66.75
C THR G 206 57.74 20.43 -67.41
N SER G 207 57.52 20.81 -68.66
CA SER G 207 56.57 20.15 -69.53
C SER G 207 57.28 19.40 -70.66
N VAL G 208 56.73 18.23 -70.97
CA VAL G 208 57.15 17.40 -72.08
C VAL G 208 55.96 17.31 -73.02
N VAL G 209 56.19 17.61 -74.28
CA VAL G 209 55.11 17.65 -75.26
C VAL G 209 55.39 16.57 -76.28
N GLN G 210 54.44 15.66 -76.41
CA GLN G 210 54.50 14.64 -77.44
C GLN G 210 53.36 14.86 -78.40
N SER G 211 53.69 14.96 -79.70
CA SER G 211 52.73 15.28 -80.75
C SER G 211 52.87 14.31 -81.90
N PHE G 212 51.79 14.19 -82.68
CA PHE G 212 51.86 13.55 -83.98
C PHE G 212 50.89 14.25 -84.94
N ASN G 213 51.14 14.07 -86.24
CA ASN G 213 50.26 14.54 -87.31
C ASN G 213 49.50 13.35 -87.86
N ARG G 214 48.19 13.51 -88.00
CA ARG G 214 47.36 12.40 -88.44
C ARG G 214 47.93 11.80 -89.72
N GLY G 215 48.40 12.64 -90.64
CA GLY G 215 48.83 12.15 -91.93
C GLY G 215 50.12 11.36 -91.89
N ASP G 216 50.98 11.64 -90.92
CA ASP G 216 52.31 11.04 -90.87
C ASP G 216 52.33 9.64 -90.27
N CYS G 217 51.22 9.17 -89.71
CA CYS G 217 51.25 7.89 -89.03
C CYS G 217 50.44 6.86 -89.79
N LEU H 2 39.89 -19.79 -49.63
CA LEU H 2 38.48 -19.54 -49.88
C LEU H 2 38.35 -19.07 -51.31
N VAL H 3 37.28 -19.46 -52.00
CA VAL H 3 37.03 -18.92 -53.33
C VAL H 3 35.53 -18.72 -53.51
N GLU H 4 35.15 -17.51 -53.86
CA GLU H 4 33.77 -17.18 -54.18
C GLU H 4 33.48 -17.52 -55.63
N SER H 5 32.24 -17.91 -55.89
CA SER H 5 31.78 -18.22 -57.24
C SER H 5 30.33 -17.80 -57.38
N GLY H 6 29.90 -17.60 -58.63
CA GLY H 6 28.52 -17.26 -58.90
C GLY H 6 28.29 -15.86 -59.42
N GLY H 7 29.29 -15.01 -59.44
CA GLY H 7 29.07 -13.66 -59.92
C GLY H 7 28.93 -13.58 -61.44
N GLY H 8 28.53 -12.41 -61.90
CA GLY H 8 28.33 -12.18 -63.30
C GLY H 8 27.36 -11.03 -63.49
N LEU H 9 26.85 -10.91 -64.72
CA LEU H 9 25.92 -9.85 -65.06
C LEU H 9 24.49 -10.35 -64.92
N VAL H 10 23.65 -9.54 -64.26
CA VAL H 10 22.23 -9.85 -64.06
C VAL H 10 21.43 -8.57 -64.19
N GLN H 11 20.20 -8.72 -64.49
CA GLN H 11 19.31 -7.61 -64.72
C GLN H 11 18.69 -7.13 -63.42
N PRO H 12 18.31 -5.86 -63.32
CA PRO H 12 17.62 -5.41 -62.12
C PRO H 12 16.40 -6.28 -61.89
N GLY H 13 16.09 -6.54 -60.62
CA GLY H 13 15.01 -7.47 -60.27
C GLY H 13 15.42 -8.92 -60.14
N ALA H 14 16.59 -9.30 -60.64
CA ALA H 14 17.04 -10.67 -60.60
C ALA H 14 17.37 -11.11 -59.18
N SER H 15 17.33 -12.45 -58.99
CA SER H 15 17.92 -13.12 -57.85
C SER H 15 19.22 -13.79 -58.28
N LEU H 16 20.13 -13.99 -57.33
CA LEU H 16 21.40 -14.64 -57.58
C LEU H 16 21.90 -15.33 -56.33
N THR H 17 22.57 -16.46 -56.50
CA THR H 17 23.22 -17.14 -55.40
C THR H 17 24.72 -17.20 -55.62
N LEU H 18 25.46 -16.73 -54.63
CA LEU H 18 26.91 -16.84 -54.61
C LEU H 18 27.31 -17.94 -53.65
N THR H 19 28.38 -18.65 -53.98
CA THR H 19 28.93 -19.68 -53.11
C THR H 19 30.35 -19.35 -52.71
N CYS H 20 30.64 -19.59 -51.44
CA CYS H 20 31.98 -19.52 -50.88
C CYS H 20 32.45 -20.94 -50.58
N THR H 21 33.54 -21.36 -51.20
CA THR H 21 34.05 -22.71 -51.05
C THR H 21 35.37 -22.72 -50.29
N ALA H 22 35.43 -23.52 -49.23
CA ALA H 22 36.64 -23.74 -48.47
C ALA H 22 37.48 -24.87 -49.07
N SER H 23 38.79 -24.66 -49.12
CA SER H 23 39.73 -25.74 -49.41
C SER H 23 40.81 -25.77 -48.33
N GLY H 24 41.30 -26.98 -48.04
CA GLY H 24 42.34 -27.18 -47.06
C GLY H 24 41.88 -27.12 -45.62
N PHE H 25 40.59 -26.92 -45.39
CA PHE H 25 40.06 -26.98 -44.03
C PHE H 25 38.56 -27.16 -44.16
N SER H 26 37.89 -27.31 -43.02
CA SER H 26 36.46 -27.57 -43.06
C SER H 26 35.82 -27.04 -41.78
N PHE H 27 34.52 -27.09 -41.76
CA PHE H 27 33.80 -26.67 -40.59
C PHE H 27 33.71 -27.78 -39.52
N SER H 28 34.59 -28.78 -39.54
CA SER H 28 34.80 -29.55 -38.32
C SER H 28 35.30 -28.65 -37.19
N SER H 29 35.92 -27.52 -37.53
CA SER H 29 36.25 -26.48 -36.56
C SER H 29 35.26 -25.34 -36.76
N ASP H 30 35.08 -24.54 -35.70
CA ASP H 30 34.03 -23.53 -35.66
C ASP H 30 34.59 -22.18 -36.07
N TYR H 31 33.85 -21.48 -36.92
CA TYR H 31 34.25 -20.17 -37.41
C TYR H 31 33.02 -19.32 -37.65
N TYR H 32 33.23 -18.01 -37.70
CA TYR H 32 32.34 -17.11 -38.41
C TYR H 32 32.79 -17.06 -39.87
N MET H 33 31.89 -17.34 -40.78
CA MET H 33 32.07 -17.11 -42.20
C MET H 33 31.20 -15.92 -42.56
N CYS H 34 31.79 -14.93 -43.22
CA CYS H 34 31.07 -13.70 -43.50
C CYS H 34 31.16 -13.33 -44.97
N TRP H 35 30.18 -12.55 -45.40
CA TRP H 35 30.15 -11.92 -46.71
C TRP H 35 30.29 -10.41 -46.52
N VAL H 36 31.19 -9.83 -47.31
CA VAL H 36 31.50 -8.41 -47.31
C VAL H 36 31.49 -7.98 -48.76
N ARG H 37 30.92 -6.80 -49.05
CA ARG H 37 30.96 -6.34 -50.43
C ARG H 37 31.63 -4.97 -50.54
N GLN H 38 31.95 -4.62 -51.76
CA GLN H 38 32.63 -3.38 -52.02
C GLN H 38 32.28 -2.92 -53.42
N ALA H 39 31.52 -1.83 -53.51
CA ALA H 39 31.21 -1.25 -54.80
C ALA H 39 32.47 -0.64 -55.37
N PRO H 40 32.54 -0.53 -56.69
CA PRO H 40 33.75 0.02 -57.30
C PRO H 40 34.03 1.43 -56.79
N GLY H 41 35.24 1.63 -56.28
CA GLY H 41 35.63 2.92 -55.77
C GLY H 41 35.17 3.23 -54.37
N LYS H 42 34.44 2.34 -53.70
CA LYS H 42 33.92 2.68 -52.38
C LYS H 42 34.48 1.70 -51.33
N GLY H 43 33.98 1.83 -50.10
CA GLY H 43 34.53 1.12 -48.98
C GLY H 43 33.93 -0.26 -48.75
N LEU H 44 34.50 -0.97 -47.78
CA LEU H 44 34.03 -2.30 -47.42
C LEU H 44 32.70 -2.16 -46.68
N GLU H 45 31.77 -3.08 -46.97
CA GLU H 45 30.43 -3.06 -46.38
C GLU H 45 30.11 -4.47 -45.93
N TRP H 46 29.94 -4.64 -44.62
CA TRP H 46 29.60 -5.94 -44.09
C TRP H 46 28.16 -6.31 -44.44
N ILE H 47 27.93 -7.59 -44.81
CA ILE H 47 26.60 -8.10 -45.16
C ILE H 47 26.06 -9.02 -44.07
N ALA H 48 26.81 -10.05 -43.70
CA ALA H 48 26.30 -11.06 -42.81
C ALA H 48 27.44 -11.99 -42.39
N CYS H 49 27.26 -12.60 -41.23
CA CYS H 49 28.09 -13.68 -40.74
C CYS H 49 27.22 -14.83 -40.26
N ILE H 50 27.77 -16.04 -40.37
CA ILE H 50 27.17 -17.26 -39.87
C ILE H 50 28.19 -18.00 -39.02
N TRP H 51 27.77 -18.45 -37.81
CA TRP H 51 28.56 -19.33 -36.97
C TRP H 51 28.37 -20.77 -37.44
N THR H 52 29.46 -21.38 -37.90
CA THR H 52 29.36 -22.61 -38.65
C THR H 52 28.93 -23.79 -37.78
N ALA H 53 28.98 -23.67 -36.45
CA ALA H 53 28.63 -24.78 -35.59
C ALA H 53 27.13 -25.03 -35.57
N ASN H 54 26.35 -23.95 -35.65
CA ASN H 54 24.91 -24.06 -35.46
C ASN H 54 24.12 -23.22 -36.45
N SER H 55 24.80 -22.61 -37.44
CA SER H 55 24.19 -21.80 -38.50
C SER H 55 23.49 -20.56 -37.97
N ILE H 56 23.76 -20.16 -36.72
CA ILE H 56 23.24 -18.90 -36.22
C ILE H 56 23.88 -17.75 -36.99
N SER H 57 23.05 -16.79 -37.38
CA SER H 57 23.46 -15.81 -38.38
C SER H 57 23.14 -14.39 -37.91
N TYR H 58 23.95 -13.45 -38.37
CA TYR H 58 23.80 -12.05 -38.06
C TYR H 58 23.85 -11.28 -39.37
N TYR H 59 23.02 -10.24 -39.46
CA TYR H 59 22.83 -9.49 -40.70
C TYR H 59 22.93 -7.99 -40.46
N ALA H 60 23.51 -7.29 -41.43
CA ALA H 60 23.34 -5.85 -41.50
C ALA H 60 21.87 -5.49 -41.69
N ARG H 61 21.51 -4.31 -41.21
CA ARG H 61 20.11 -3.87 -41.27
C ARG H 61 19.60 -3.82 -42.70
N TRP H 62 20.46 -3.49 -43.66
CA TRP H 62 20.01 -3.37 -45.04
C TRP H 62 19.95 -4.72 -45.73
N ALA H 63 20.54 -5.76 -45.15
CA ALA H 63 20.57 -7.08 -45.77
C ALA H 63 19.46 -8.02 -45.27
N LYS H 64 19.11 -7.97 -44.00
CA LYS H 64 18.10 -8.88 -43.47
C LYS H 64 16.74 -8.62 -44.13
N GLY H 65 16.17 -9.66 -44.73
CA GLY H 65 14.96 -9.56 -45.51
C GLY H 65 15.19 -9.65 -47.00
N ARG H 66 16.43 -9.53 -47.47
CA ARG H 66 16.72 -9.54 -48.91
C ARG H 66 17.89 -10.44 -49.28
N PHE H 67 18.89 -10.54 -48.38
N PHE H 67 18.88 -10.56 -48.38
CA PHE H 67 20.00 -11.47 -48.50
CA PHE H 67 20.00 -11.49 -48.54
C PHE H 67 19.85 -12.56 -47.45
C PHE H 67 19.98 -12.52 -47.43
N THR H 68 20.29 -13.77 -47.79
CA THR H 68 20.28 -14.89 -46.87
C THR H 68 21.62 -15.61 -46.89
N ILE H 69 22.23 -15.79 -45.71
CA ILE H 69 23.47 -16.55 -45.58
C ILE H 69 23.12 -17.94 -45.09
N SER H 70 23.84 -18.94 -45.60
CA SER H 70 23.56 -20.34 -45.29
C SER H 70 24.87 -21.13 -45.32
N LYS H 71 25.00 -22.09 -44.40
CA LYS H 71 26.05 -23.12 -44.45
C LYS H 71 25.42 -24.33 -45.13
N THR H 72 25.90 -24.66 -46.32
CA THR H 72 25.29 -25.70 -47.12
C THR H 72 26.08 -27.02 -47.08
N SER H 73 27.28 -27.01 -46.52
CA SER H 73 28.09 -28.21 -46.36
C SER H 73 29.26 -27.90 -45.42
N SER H 74 30.09 -28.91 -45.17
CA SER H 74 31.27 -28.70 -44.34
C SER H 74 32.32 -27.84 -45.03
N THR H 75 32.17 -27.56 -46.33
CA THR H 75 33.08 -26.65 -47.04
C THR H 75 32.39 -25.55 -47.85
N THR H 76 31.11 -25.29 -47.67
CA THR H 76 30.48 -24.25 -48.48
C THR H 76 29.51 -23.40 -47.67
N VAL H 77 29.51 -22.09 -47.95
CA VAL H 77 28.53 -21.14 -47.44
C VAL H 77 27.99 -20.35 -48.62
N THR H 78 26.70 -20.03 -48.59
CA THR H 78 26.05 -19.36 -49.71
C THR H 78 25.53 -18.00 -49.26
N LEU H 79 25.30 -17.16 -50.25
CA LEU H 79 24.66 -15.87 -50.06
C LEU H 79 23.62 -15.77 -51.15
N GLN H 80 22.35 -15.85 -50.79
CA GLN H 80 21.27 -15.74 -51.76
C GLN H 80 20.81 -14.29 -51.74
N MET H 81 20.66 -13.70 -52.91
CA MET H 81 20.32 -12.30 -53.07
C MET H 81 19.08 -12.22 -53.92
N THR H 82 18.18 -11.31 -53.55
CA THR H 82 16.95 -11.10 -54.29
C THR H 82 16.73 -9.61 -54.57
N SER H 83 15.89 -9.35 -55.59
CA SER H 83 15.46 -7.99 -55.94
C SER H 83 16.65 -7.07 -56.12
N LEU H 84 17.59 -7.55 -56.92
CA LEU H 84 18.84 -6.85 -57.13
C LEU H 84 18.62 -5.55 -57.90
N THR H 85 19.44 -4.55 -57.57
CA THR H 85 19.42 -3.24 -58.20
C THR H 85 20.84 -2.90 -58.62
N ALA H 86 20.94 -1.88 -59.46
CA ALA H 86 22.24 -1.38 -59.87
C ALA H 86 23.13 -1.09 -58.67
N ALA H 87 22.54 -0.62 -57.57
CA ALA H 87 23.29 -0.28 -56.37
C ALA H 87 23.85 -1.50 -55.65
N ASP H 88 23.47 -2.71 -56.06
CA ASP H 88 24.10 -3.91 -55.51
C ASP H 88 25.34 -4.36 -56.31
N THR H 89 25.72 -3.62 -57.37
CA THR H 89 26.94 -3.90 -58.14
C THR H 89 28.15 -3.75 -57.24
N ALA H 90 28.95 -4.81 -57.15
CA ALA H 90 30.04 -4.78 -56.18
C ALA H 90 30.87 -6.03 -56.35
N THR H 91 32.09 -6.01 -55.78
CA THR H 91 32.81 -7.25 -55.55
C THR H 91 32.31 -7.84 -54.23
N TYR H 92 31.93 -9.10 -54.27
CA TYR H 92 31.49 -9.81 -53.07
C TYR H 92 32.60 -10.75 -52.61
N PHE H 93 33.04 -10.56 -51.36
CA PHE H 93 34.08 -11.34 -50.69
C PHE H 93 33.47 -12.22 -49.61
N CYS H 94 33.94 -13.46 -49.49
N CYS H 94 34.03 -13.42 -49.48
CA CYS H 94 33.73 -14.18 -48.25
CA CYS H 94 33.82 -14.27 -48.33
C CYS H 94 35.01 -14.17 -47.44
C CYS H 94 35.06 -14.22 -47.45
N ALA H 95 34.86 -14.26 -46.13
CA ALA H 95 35.99 -14.21 -45.19
C ALA H 95 35.70 -15.10 -44.00
N ARG H 96 36.76 -15.47 -43.28
CA ARG H 96 36.68 -16.37 -42.14
C ARG H 96 37.31 -15.69 -40.93
N GLY H 97 36.57 -15.69 -39.82
CA GLY H 97 37.06 -15.11 -38.60
C GLY H 97 36.80 -16.06 -37.44
N GLY H 98 37.52 -15.82 -36.34
CA GLY H 98 37.24 -16.47 -35.08
C GLY H 98 36.24 -15.68 -34.27
N SER H 99 36.27 -15.90 -32.96
CA SER H 99 35.52 -15.06 -32.04
C SER H 99 36.42 -13.91 -31.61
N GLY H 100 36.04 -12.70 -31.99
CA GLY H 100 36.71 -11.50 -31.54
C GLY H 100 38.06 -11.19 -32.17
N ASP H 101 38.51 -11.93 -33.18
CA ASP H 101 39.88 -11.85 -33.71
C ASP H 101 39.94 -11.48 -35.20
N GLY H 102 39.09 -10.55 -35.66
CA GLY H 102 39.08 -10.16 -37.06
C GLY H 102 38.87 -11.33 -38.06
N GLN H 103 39.21 -11.06 -39.32
CA GLN H 103 39.07 -12.02 -40.42
C GLN H 103 40.42 -12.15 -41.10
N SER H 104 41.10 -13.26 -40.85
CA SER H 104 42.45 -13.42 -41.38
C SER H 104 42.47 -14.03 -42.76
N LEU H 105 41.41 -14.70 -43.17
CA LEU H 105 41.38 -15.37 -44.45
C LEU H 105 40.26 -14.79 -45.29
N TRP H 106 40.59 -14.40 -46.53
CA TRP H 106 39.64 -13.85 -47.48
C TRP H 106 39.75 -14.54 -48.83
N GLY H 107 38.64 -14.65 -49.53
CA GLY H 107 38.68 -15.00 -50.93
C GLY H 107 39.06 -13.82 -51.80
N PRO H 108 39.28 -14.09 -53.08
CA PRO H 108 39.59 -13.03 -54.04
C PRO H 108 38.41 -12.17 -54.44
N GLY H 109 37.20 -12.63 -54.17
CA GLY H 109 36.01 -11.89 -54.49
C GLY H 109 35.45 -12.31 -55.83
N THR H 110 34.13 -12.19 -55.96
CA THR H 110 33.44 -12.43 -57.22
C THR H 110 32.64 -11.16 -57.53
N LEU H 111 32.66 -10.75 -58.79
CA LEU H 111 32.08 -9.48 -59.18
C LEU H 111 30.65 -9.68 -59.67
N VAL H 112 29.73 -8.95 -59.05
CA VAL H 112 28.32 -8.99 -59.43
C VAL H 112 28.03 -7.64 -60.07
N THR H 113 27.52 -7.69 -61.29
CA THR H 113 27.12 -6.48 -62.00
C THR H 113 25.64 -6.54 -62.30
N VAL H 114 24.89 -5.57 -61.78
CA VAL H 114 23.44 -5.50 -61.97
C VAL H 114 23.16 -4.36 -62.94
N SER H 115 22.66 -4.70 -64.12
CA SER H 115 22.52 -3.71 -65.16
C SER H 115 21.54 -4.19 -66.21
N SER H 116 20.84 -3.22 -66.81
CA SER H 116 19.96 -3.46 -67.95
C SER H 116 20.72 -3.72 -69.26
N GLY H 117 22.02 -3.43 -69.33
CA GLY H 117 22.76 -3.65 -70.57
C GLY H 117 23.06 -5.12 -70.81
N GLN H 118 23.17 -5.45 -72.05
CA GLN H 118 23.47 -6.83 -72.39
C GLN H 118 24.98 -7.04 -72.42
N PRO H 119 25.46 -8.24 -72.16
CA PRO H 119 26.90 -8.45 -72.19
C PRO H 119 27.44 -8.07 -73.55
N LYS H 120 28.63 -7.47 -73.56
CA LYS H 120 29.27 -7.04 -74.80
C LYS H 120 30.74 -7.41 -74.72
N ALA H 121 31.23 -8.18 -75.68
CA ALA H 121 32.64 -8.53 -75.72
C ALA H 121 33.48 -7.30 -76.09
N PRO H 122 34.77 -7.29 -75.74
CA PRO H 122 35.59 -6.13 -76.06
C PRO H 122 36.08 -6.13 -77.50
N SER H 123 36.29 -4.91 -78.02
CA SER H 123 37.11 -4.67 -79.20
C SER H 123 38.55 -4.39 -78.74
N VAL H 124 39.52 -5.03 -79.39
CA VAL H 124 40.92 -4.91 -78.98
C VAL H 124 41.67 -4.23 -80.11
N PHE H 125 42.39 -3.15 -79.77
CA PHE H 125 43.10 -2.40 -80.78
C PHE H 125 44.57 -2.28 -80.39
N PRO H 126 45.48 -2.40 -81.36
CA PRO H 126 46.89 -2.26 -81.02
C PRO H 126 47.27 -0.81 -80.70
N LEU H 127 48.20 -0.67 -79.76
CA LEU H 127 48.79 0.61 -79.42
C LEU H 127 50.27 0.55 -79.77
N ALA H 128 50.70 1.42 -80.68
CA ALA H 128 52.10 1.48 -81.10
C ALA H 128 52.42 2.91 -81.52
N PRO H 129 53.69 3.30 -81.51
CA PRO H 129 54.03 4.66 -81.91
C PRO H 129 53.74 4.89 -83.38
N CYS H 130 53.72 6.16 -83.73
CA CYS H 130 53.59 6.58 -85.13
C CYS H 130 54.58 5.83 -86.03
N CYS H 131 54.06 5.26 -87.12
CA CYS H 131 54.89 4.52 -88.08
C CYS H 131 56.14 5.29 -88.47
N GLY H 132 56.05 6.63 -88.53
CA GLY H 132 57.14 7.41 -89.08
C GLY H 132 58.41 7.35 -88.26
N ASP H 133 58.29 7.59 -86.95
CA ASP H 133 59.45 8.03 -86.20
C ASP H 133 60.57 7.00 -86.24
N THR H 134 61.83 7.47 -86.19
CA THR H 134 62.99 6.61 -86.42
C THR H 134 62.96 5.41 -85.49
N PRO H 135 63.59 4.29 -85.88
CA PRO H 135 63.69 3.15 -84.95
C PRO H 135 64.38 3.55 -83.65
N SER H 136 63.67 3.38 -82.53
CA SER H 136 64.18 3.69 -81.21
C SER H 136 64.60 2.42 -80.46
N SER H 137 65.60 2.58 -79.58
CA SER H 137 66.06 1.49 -78.73
C SER H 137 64.96 0.94 -77.82
N THR H 138 64.24 1.82 -77.13
CA THR H 138 63.13 1.42 -76.27
C THR H 138 61.83 1.67 -77.01
N VAL H 139 60.83 0.86 -76.73
CA VAL H 139 59.58 1.01 -77.42
C VAL H 139 58.51 0.42 -76.52
N THR H 140 57.43 1.15 -76.36
CA THR H 140 56.34 0.69 -75.53
C THR H 140 55.17 0.43 -76.47
N LEU H 141 54.61 -0.76 -76.36
CA LEU H 141 53.52 -1.23 -77.20
C LEU H 141 52.35 -1.59 -76.30
N GLY H 142 51.17 -1.73 -76.89
CA GLY H 142 50.06 -2.03 -76.00
C GLY H 142 48.79 -2.48 -76.71
N CYS H 143 47.77 -2.69 -75.89
CA CYS H 143 46.45 -3.07 -76.36
C CYS H 143 45.41 -2.20 -75.67
N LEU H 144 44.52 -1.64 -76.48
CA LEU H 144 43.37 -0.90 -75.99
C LEU H 144 42.16 -1.82 -76.04
N VAL H 145 41.58 -2.07 -74.88
CA VAL H 145 40.46 -2.99 -74.72
C VAL H 145 39.22 -2.14 -74.44
N LYS H 146 38.35 -2.03 -75.45
CA LYS H 146 37.34 -0.98 -75.47
C LYS H 146 35.94 -1.57 -75.64
N GLY H 147 35.00 -1.07 -74.84
CA GLY H 147 33.60 -1.30 -75.11
C GLY H 147 33.02 -2.61 -74.63
N TYR H 148 33.35 -3.05 -73.42
CA TYR H 148 32.91 -4.34 -72.95
C TYR H 148 32.00 -4.19 -71.74
N LEU H 149 31.25 -5.25 -71.45
CA LEU H 149 30.35 -5.31 -70.30
C LEU H 149 29.96 -6.78 -70.01
N PRO H 150 30.04 -7.22 -68.74
CA PRO H 150 30.53 -6.59 -67.51
C PRO H 150 32.05 -6.67 -67.38
N GLU H 151 32.58 -5.99 -66.39
CA GLU H 151 33.85 -6.37 -65.86
C GLU H 151 33.78 -7.80 -65.32
N PRO H 152 34.92 -8.49 -65.20
CA PRO H 152 36.26 -8.08 -65.59
C PRO H 152 36.69 -8.62 -66.94
N VAL H 153 37.75 -8.01 -67.47
CA VAL H 153 38.61 -8.65 -68.46
C VAL H 153 39.92 -9.00 -67.77
N THR H 154 40.60 -9.99 -68.32
N THR H 154 40.58 -10.01 -68.31
CA THR H 154 41.95 -10.31 -67.88
CA THR H 154 41.94 -10.35 -67.92
C THR H 154 42.86 -10.16 -69.08
C THR H 154 42.84 -10.12 -69.12
N VAL H 155 43.93 -9.39 -68.91
CA VAL H 155 44.89 -9.15 -69.97
C VAL H 155 46.19 -9.78 -69.55
N THR H 156 46.69 -10.68 -70.36
CA THR H 156 48.03 -11.23 -70.23
C THR H 156 48.83 -10.89 -71.50
N TRP H 157 50.14 -11.07 -71.40
CA TRP H 157 51.05 -10.89 -72.53
C TRP H 157 51.82 -12.17 -72.76
N ASN H 158 51.96 -12.56 -74.03
CA ASN H 158 52.69 -13.79 -74.41
C ASN H 158 52.25 -14.97 -73.54
N SER H 159 50.94 -15.09 -73.35
CA SER H 159 50.33 -16.19 -72.58
C SER H 159 50.88 -16.27 -71.16
N GLY H 160 51.11 -15.11 -70.55
CA GLY H 160 51.56 -15.05 -69.19
C GLY H 160 53.06 -15.18 -68.98
N THR H 161 53.83 -15.44 -70.03
CA THR H 161 55.28 -15.56 -69.90
C THR H 161 56.01 -14.22 -69.97
N LEU H 162 55.33 -13.14 -70.38
CA LEU H 162 55.85 -11.78 -70.35
C LEU H 162 55.05 -10.98 -69.32
N THR H 163 55.70 -10.59 -68.21
CA THR H 163 55.06 -9.71 -67.23
C THR H 163 55.96 -8.58 -66.74
N ASN H 164 57.28 -8.71 -66.80
CA ASN H 164 58.17 -7.58 -66.59
C ASN H 164 57.97 -6.50 -67.66
N GLY H 165 57.92 -5.25 -67.21
CA GLY H 165 57.66 -4.15 -68.10
C GLY H 165 56.20 -3.95 -68.43
N VAL H 166 55.29 -4.65 -67.77
CA VAL H 166 53.88 -4.58 -68.11
C VAL H 166 53.16 -3.63 -67.15
N ARG H 167 52.30 -2.77 -67.70
CA ARG H 167 51.48 -1.83 -66.94
C ARG H 167 50.07 -1.92 -67.48
N THR H 168 49.15 -2.40 -66.67
CA THR H 168 47.74 -2.51 -67.05
C THR H 168 46.94 -1.51 -66.23
N PHE H 169 46.35 -0.66 -66.87
CA PHE H 169 45.75 0.45 -66.16
C PHE H 169 44.35 0.09 -65.66
N PRO H 170 43.90 0.72 -64.59
CA PRO H 170 42.52 0.48 -64.15
C PRO H 170 41.54 0.78 -65.28
N SER H 171 40.48 -0.02 -65.37
CA SER H 171 39.42 0.24 -66.34
C SER H 171 38.70 1.55 -66.03
N VAL H 172 38.03 2.06 -67.05
CA VAL H 172 37.22 3.28 -66.96
C VAL H 172 35.84 2.97 -67.52
N ARG H 173 34.79 3.27 -66.75
N ARG H 173 34.80 3.28 -66.76
CA ARG H 173 33.42 3.13 -67.22
CA ARG H 173 33.42 3.16 -67.21
C ARG H 173 33.05 4.40 -67.97
C ARG H 173 33.06 4.42 -67.98
N GLN H 174 32.68 4.26 -69.24
CA GLN H 174 32.25 5.40 -70.03
C GLN H 174 30.79 5.76 -69.76
N SER H 175 30.37 6.92 -70.29
CA SER H 175 29.00 7.36 -70.11
C SER H 175 27.98 6.29 -70.53
N SER H 176 28.31 5.48 -71.54
CA SER H 176 27.40 4.44 -72.01
C SER H 176 27.21 3.30 -71.01
N GLY H 177 28.05 3.24 -69.97
CA GLY H 177 28.03 2.07 -69.10
C GLY H 177 28.95 0.95 -69.55
N LEU H 178 29.60 1.09 -70.71
CA LEU H 178 30.61 0.14 -71.14
C LEU H 178 31.97 0.51 -70.56
N TYR H 179 32.88 -0.46 -70.56
CA TYR H 179 34.18 -0.29 -69.95
C TYR H 179 35.30 -0.28 -70.98
N SER H 180 36.37 0.44 -70.67
CA SER H 180 37.58 0.43 -71.49
C SER H 180 38.80 0.30 -70.60
N LEU H 181 39.81 -0.40 -71.08
CA LEU H 181 41.07 -0.41 -70.37
C LEU H 181 42.19 -0.60 -71.37
N SER H 182 43.39 -0.19 -70.95
CA SER H 182 44.59 -0.33 -71.77
C SER H 182 45.65 -1.03 -70.96
N SER H 183 46.46 -1.82 -71.66
CA SER H 183 47.63 -2.45 -71.11
C SER H 183 48.79 -2.17 -72.06
N VAL H 184 49.95 -1.85 -71.50
CA VAL H 184 51.14 -1.55 -72.28
C VAL H 184 52.32 -2.33 -71.72
N VAL H 185 53.29 -2.64 -72.59
CA VAL H 185 54.49 -3.35 -72.16
C VAL H 185 55.70 -2.66 -72.77
N SER H 186 56.71 -2.40 -71.96
CA SER H 186 57.92 -1.76 -72.43
C SER H 186 58.94 -2.81 -72.82
N VAL H 187 59.35 -2.81 -74.09
CA VAL H 187 60.36 -3.72 -74.61
C VAL H 187 61.43 -2.92 -75.36
N THR H 188 62.28 -3.61 -76.08
CA THR H 188 63.40 -2.98 -76.78
C THR H 188 63.35 -3.35 -78.26
N SER H 189 64.19 -2.70 -79.04
CA SER H 189 64.17 -2.95 -80.46
C SER H 189 64.60 -4.39 -80.77
N SER H 190 65.25 -5.08 -79.84
CA SER H 190 65.64 -6.46 -80.09
C SER H 190 64.53 -7.46 -79.80
N SER H 191 63.46 -7.02 -79.16
N SER H 191 63.46 -7.01 -79.14
CA SER H 191 62.38 -7.91 -78.79
CA SER H 191 62.39 -7.93 -78.78
C SER H 191 61.67 -8.45 -80.02
C SER H 191 61.69 -8.45 -80.02
N GLN H 192 61.08 -9.63 -79.88
CA GLN H 192 60.17 -10.13 -80.87
C GLN H 192 58.82 -9.44 -80.70
N PRO H 193 57.92 -9.58 -81.65
CA PRO H 193 56.56 -9.06 -81.45
C PRO H 193 55.99 -9.55 -80.14
N VAL H 194 55.13 -8.74 -79.55
CA VAL H 194 54.43 -9.08 -78.30
C VAL H 194 52.94 -9.24 -78.60
N THR H 195 52.32 -10.20 -77.91
CA THR H 195 50.90 -10.50 -78.09
C THR H 195 50.16 -10.35 -76.77
N CYS H 196 49.09 -9.55 -76.79
CA CYS H 196 48.20 -9.43 -75.64
C CYS H 196 47.08 -10.44 -75.78
N ASN H 197 46.79 -11.13 -74.69
CA ASN H 197 45.67 -12.06 -74.65
C ASN H 197 44.58 -11.45 -73.77
N VAL H 198 43.39 -11.29 -74.33
CA VAL H 198 42.31 -10.49 -73.74
C VAL H 198 41.14 -11.43 -73.56
N ALA H 199 40.90 -11.85 -72.32
CA ALA H 199 39.81 -12.76 -72.01
C ALA H 199 38.66 -11.99 -71.39
N HIS H 200 37.43 -12.32 -71.81
CA HIS H 200 36.22 -11.70 -71.29
C HIS H 200 35.25 -12.83 -70.94
N PRO H 201 35.34 -13.39 -69.75
CA PRO H 201 34.60 -14.62 -69.46
C PRO H 201 33.11 -14.45 -69.60
N ALA H 202 32.54 -13.29 -69.25
CA ALA H 202 31.09 -13.17 -69.38
C ALA H 202 30.60 -13.53 -70.78
N THR H 203 31.37 -13.23 -71.83
CA THR H 203 31.00 -13.58 -73.20
C THR H 203 31.78 -14.78 -73.74
N ASN H 204 32.64 -15.38 -72.94
CA ASN H 204 33.44 -16.55 -73.33
C ASN H 204 34.28 -16.23 -74.56
N THR H 205 34.87 -15.03 -74.55
CA THR H 205 35.73 -14.57 -75.63
C THR H 205 37.16 -14.51 -75.11
N LYS H 206 38.10 -14.90 -75.96
CA LYS H 206 39.50 -14.63 -75.69
C LYS H 206 40.09 -14.27 -77.04
N VAL H 207 40.69 -13.09 -77.12
CA VAL H 207 41.19 -12.51 -78.35
C VAL H 207 42.69 -12.35 -78.17
N ASP H 208 43.45 -12.62 -79.23
CA ASP H 208 44.87 -12.29 -79.28
C ASP H 208 45.10 -11.15 -80.26
N LYS H 209 46.09 -10.33 -79.96
CA LYS H 209 46.49 -9.25 -80.85
C LYS H 209 48.00 -9.12 -80.74
N THR H 210 48.72 -9.42 -81.82
CA THR H 210 50.18 -9.29 -81.85
C THR H 210 50.55 -7.89 -82.28
N VAL H 211 51.28 -7.20 -81.41
CA VAL H 211 51.66 -5.80 -81.61
C VAL H 211 53.17 -5.77 -81.85
N ALA H 212 53.56 -5.06 -82.90
CA ALA H 212 54.98 -4.83 -83.18
C ALA H 212 55.05 -3.44 -83.77
N PRO H 213 56.14 -2.72 -83.56
CA PRO H 213 56.19 -1.35 -84.06
C PRO H 213 56.02 -1.35 -85.57
N SER H 214 55.52 -0.22 -86.07
CA SER H 214 55.40 -0.02 -87.52
C SER H 214 54.77 -1.25 -88.19
N ASP I 1 20.53 18.45 31.11
CA ASP I 1 19.23 18.17 31.69
C ASP I 1 18.48 19.46 32.12
N ILE I 2 17.67 19.32 33.17
CA ILE I 2 16.88 20.43 33.67
C ILE I 2 17.79 21.43 34.39
N VAL I 3 17.60 22.71 34.07
CA VAL I 3 18.38 23.79 34.69
C VAL I 3 17.49 24.48 35.71
N MET I 4 18.07 24.79 36.86
CA MET I 4 17.38 25.45 37.97
C MET I 4 17.93 26.85 38.10
N THR I 5 17.11 27.86 37.82
CA THR I 5 17.54 29.24 37.89
C THR I 5 16.94 29.89 39.12
N GLN I 6 17.81 30.48 39.95
CA GLN I 6 17.39 31.08 41.22
C GLN I 6 17.61 32.59 41.16
N THR I 7 16.62 33.34 41.64
CA THR I 7 16.70 34.80 41.64
C THR I 7 15.99 35.35 42.88
N PRO I 8 16.42 36.51 43.39
CA PRO I 8 17.58 37.31 42.98
C PRO I 8 18.84 36.64 43.50
N ALA I 9 20.03 37.12 43.12
CA ALA I 9 21.23 36.54 43.69
C ALA I 9 21.47 37.02 45.12
N SER I 10 21.02 38.22 45.47
CA SER I 10 21.07 38.66 46.86
C SER I 10 19.92 39.62 47.11
N VAL I 11 19.53 39.73 48.36
CA VAL I 11 18.40 40.54 48.76
C VAL I 11 18.64 41.05 50.16
N GLU I 12 18.23 42.30 50.38
CA GLU I 12 18.29 42.95 51.69
C GLU I 12 16.87 43.12 52.19
N ALA I 13 16.62 42.76 53.45
CA ALA I 13 15.33 43.01 54.08
C ALA I 13 15.54 43.51 55.50
N ALA I 14 14.72 44.50 55.88
CA ALA I 14 14.65 44.92 57.26
C ALA I 14 14.10 43.81 58.14
N VAL I 15 14.57 43.77 59.39
CA VAL I 15 13.93 42.92 60.40
C VAL I 15 12.44 43.19 60.38
N GLY I 16 11.66 42.11 60.26
CA GLY I 16 10.20 42.21 60.21
C GLY I 16 9.61 42.26 58.84
N GLY I 17 10.42 42.43 57.81
CA GLY I 17 9.89 42.53 56.47
C GLY I 17 9.61 41.17 55.89
N THR I 18 9.12 41.17 54.65
CA THR I 18 8.89 39.93 53.94
C THR I 18 9.84 39.87 52.74
N VAL I 19 10.36 38.69 52.48
CA VAL I 19 11.29 38.48 51.38
C VAL I 19 10.85 37.23 50.63
N ALA I 20 10.88 37.31 49.29
CA ALA I 20 10.46 36.23 48.41
C ALA I 20 11.60 35.83 47.48
N ILE I 21 11.95 34.56 47.48
CA ILE I 21 13.06 34.04 46.68
C ILE I 21 12.48 33.06 45.68
N LYS I 22 12.85 33.21 44.41
CA LYS I 22 12.25 32.43 43.34
C LYS I 22 13.24 31.44 42.76
N CYS I 23 12.69 30.35 42.26
N CYS I 23 12.71 30.29 42.36
CA CYS I 23 13.46 29.28 41.64
CA CYS I 23 13.46 29.31 41.60
C CYS I 23 12.67 28.78 40.44
C CYS I 23 12.63 28.89 40.41
N GLN I 24 13.27 28.84 39.26
CA GLN I 24 12.62 28.44 38.02
C GLN I 24 13.25 27.14 37.52
N ALA I 25 12.41 26.21 37.13
CA ALA I 25 12.85 24.99 36.46
C ALA I 25 12.54 25.10 34.97
N SER I 26 13.50 24.67 34.13
CA SER I 26 13.31 24.73 32.68
C SER I 26 12.36 23.65 32.17
N GLN I 27 12.15 22.59 32.92
CA GLN I 27 11.09 21.63 32.62
C GLN I 27 10.27 21.45 33.88
N SER I 28 9.02 21.03 33.72
CA SER I 28 8.17 20.90 34.89
C SER I 28 8.70 19.78 35.79
N ILE I 29 8.72 20.04 37.10
CA ILE I 29 9.02 19.02 38.08
C ILE I 29 7.86 18.83 39.04
N ARG I 30 6.66 19.23 38.60
CA ARG I 30 5.48 19.18 39.43
C ARG I 30 5.85 19.82 40.76
N SER I 31 5.73 19.09 41.87
CA SER I 31 5.93 19.70 43.18
C SER I 31 7.28 19.33 43.81
N TYR I 32 8.17 18.66 43.07
CA TYR I 32 9.35 18.02 43.66
C TYR I 32 10.52 19.00 43.67
N LEU I 33 10.48 19.87 44.66
CA LEU I 33 11.40 20.98 44.80
C LEU I 33 11.57 21.20 46.30
N ALA I 34 12.81 21.25 46.76
CA ALA I 34 13.09 21.49 48.16
C ALA I 34 13.85 22.81 48.33
N TRP I 35 13.84 23.33 49.54
CA TRP I 35 14.50 24.57 49.86
C TRP I 35 15.36 24.38 51.10
N TYR I 36 16.58 24.92 51.04
CA TYR I 36 17.54 24.84 52.11
C TYR I 36 18.01 26.21 52.58
N GLN I 37 18.37 26.25 53.85
CA GLN I 37 19.04 27.40 54.47
C GLN I 37 20.46 26.97 54.81
N GLN I 38 21.44 27.84 54.51
CA GLN I 38 22.81 27.58 54.90
C GLN I 38 23.45 28.81 55.54
N LYS I 39 23.86 28.68 56.80
CA LYS I 39 24.71 29.67 57.47
C LYS I 39 26.17 29.43 57.12
N PRO I 40 26.98 30.48 56.94
CA PRO I 40 28.41 30.26 56.70
C PRO I 40 29.02 29.29 57.68
N GLY I 41 29.78 28.32 57.15
CA GLY I 41 30.47 27.35 57.96
C GLY I 41 29.64 26.19 58.47
N GLN I 42 28.36 26.10 58.13
CA GLN I 42 27.52 24.99 58.53
C GLN I 42 27.09 24.22 57.30
N PRO I 43 26.69 22.96 57.45
CA PRO I 43 25.99 22.29 56.37
C PRO I 43 24.62 22.91 56.18
N PRO I 44 24.03 22.76 54.99
CA PRO I 44 22.67 23.25 54.77
C PRO I 44 21.66 22.54 55.66
N LYS I 45 20.49 23.18 55.81
N LYS I 45 20.51 23.20 55.85
CA LYS I 45 19.40 22.73 56.64
CA LYS I 45 19.40 22.69 56.65
C LYS I 45 18.13 22.71 55.80
C LYS I 45 18.15 22.71 55.80
N LEU I 46 17.43 21.59 55.79
CA LEU I 46 16.17 21.52 55.06
C LEU I 46 15.09 22.39 55.71
N LEU I 47 14.47 23.25 54.90
CA LEU I 47 13.35 24.12 55.25
C LEU I 47 12.02 23.59 54.75
N ILE I 48 11.94 23.32 53.45
CA ILE I 48 10.71 23.02 52.74
C ILE I 48 11.02 21.85 51.80
N TYR I 49 10.11 20.90 51.74
CA TYR I 49 10.17 19.86 50.72
C TYR I 49 8.82 19.75 50.03
N GLU I 50 8.84 19.21 48.81
CA GLU I 50 7.65 19.08 47.99
C GLU I 50 6.96 20.43 47.80
N ALA I 51 7.77 21.47 47.63
CA ALA I 51 7.40 22.81 47.18
C ALA I 51 6.81 23.66 48.30
N SER I 52 6.16 23.04 49.28
CA SER I 52 5.41 23.77 50.30
C SER I 52 5.28 23.05 51.64
N LYS I 53 5.77 21.81 51.77
CA LYS I 53 5.68 21.13 53.07
C LYS I 53 6.83 21.59 53.97
N LEU I 54 6.48 21.98 55.20
CA LEU I 54 7.48 22.46 56.16
C LEU I 54 8.20 21.30 56.83
N ALA I 55 9.51 21.37 56.89
CA ALA I 55 10.30 20.36 57.55
C ALA I 55 10.21 20.51 59.08
N SER I 56 10.57 19.45 59.77
CA SER I 56 10.42 19.43 61.21
C SER I 56 11.24 20.54 61.88
N GLY I 57 10.59 21.30 62.74
CA GLY I 57 11.32 22.24 63.54
C GLY I 57 11.71 23.52 62.83
N VAL I 58 11.02 23.88 61.76
CA VAL I 58 11.32 25.08 60.98
C VAL I 58 10.28 26.13 61.30
N PRO I 59 10.67 27.36 61.66
CA PRO I 59 9.66 28.35 62.05
C PRO I 59 8.63 28.56 60.97
N SER I 60 7.41 28.88 61.40
CA SER I 60 6.27 29.13 60.53
C SER I 60 6.45 30.33 59.61
N ARG I 61 7.44 31.18 59.85
CA ARG I 61 7.62 32.31 58.95
C ARG I 61 8.20 31.88 57.61
N PHE I 62 8.66 30.64 57.50
CA PHE I 62 9.05 30.08 56.22
C PHE I 62 7.85 29.42 55.56
N SER I 63 7.63 29.74 54.28
CA SER I 63 6.63 29.04 53.48
C SER I 63 7.11 28.90 52.05
N GLY I 64 6.55 27.90 51.38
CA GLY I 64 6.86 27.64 49.99
C GLY I 64 5.59 27.49 49.18
N SER I 65 5.65 27.96 47.94
CA SER I 65 4.55 27.86 47.00
C SER I 65 5.09 27.42 45.63
N GLY I 66 4.18 27.17 44.71
CA GLY I 66 4.56 26.94 43.33
C GLY I 66 4.44 25.49 42.93
N SER I 67 4.53 25.28 41.62
CA SER I 67 4.36 23.94 41.09
C SER I 67 4.68 23.97 39.60
N GLY I 68 5.21 22.84 39.12
CA GLY I 68 5.62 22.74 37.74
C GLY I 68 6.96 23.37 37.48
N THR I 69 6.93 24.66 37.17
CA THR I 69 8.08 25.38 36.66
C THR I 69 8.51 26.56 37.53
N GLN I 70 7.65 27.05 38.43
CA GLN I 70 7.92 28.27 39.16
C GLN I 70 7.64 28.06 40.63
N PHE I 71 8.60 28.45 41.47
CA PHE I 71 8.52 28.24 42.90
C PHE I 71 9.00 29.47 43.64
N THR I 72 8.51 29.60 44.87
CA THR I 72 8.79 30.77 45.68
C THR I 72 8.98 30.33 47.13
N LEU I 73 10.12 30.68 47.70
CA LEU I 73 10.35 30.67 49.14
C LEU I 73 10.04 32.07 49.68
N THR I 74 9.11 32.15 50.62
CA THR I 74 8.75 33.40 51.30
C THR I 74 9.14 33.31 52.76
N ILE I 75 9.86 34.33 53.24
CA ILE I 75 10.11 34.51 54.66
C ILE I 75 9.27 35.70 55.10
N SER I 76 8.26 35.45 55.93
CA SER I 76 7.29 36.48 56.33
C SER I 76 7.61 36.94 57.75
N GLY I 77 8.32 38.07 57.86
CA GLY I 77 8.78 38.58 59.14
C GLY I 77 10.22 38.20 59.41
N VAL I 78 11.11 38.76 58.60
CA VAL I 78 12.50 38.33 58.64
C VAL I 78 13.14 38.65 59.98
N GLU I 79 13.97 37.73 60.48
CA GLU I 79 14.74 37.93 61.69
C GLU I 79 16.22 37.90 61.38
N CYS I 80 17.03 38.38 62.34
CA CYS I 80 18.48 38.39 62.14
C CYS I 80 19.02 36.97 61.92
N ASP I 81 18.41 35.98 62.56
CA ASP I 81 18.83 34.59 62.40
C ASP I 81 18.65 34.09 60.96
N ASP I 82 17.85 34.79 60.16
CA ASP I 82 17.57 34.36 58.81
C ASP I 82 18.64 34.81 57.83
N ALA I 83 19.63 35.59 58.29
CA ALA I 83 20.71 36.01 57.42
C ALA I 83 21.52 34.78 57.02
N ALA I 84 21.41 34.38 55.77
CA ALA I 84 21.95 33.10 55.30
C ALA I 84 21.87 33.08 53.77
N THR I 85 22.32 31.98 53.19
CA THR I 85 22.14 31.75 51.77
C THR I 85 21.12 30.64 51.63
N TYR I 86 20.15 30.83 50.75
CA TYR I 86 19.08 29.88 50.52
C TYR I 86 19.22 29.26 49.14
N TYR I 87 19.00 27.94 49.06
CA TYR I 87 19.10 27.18 47.83
C TYR I 87 17.80 26.42 47.57
N CYS I 88 17.34 26.44 46.32
CA CYS I 88 16.36 25.43 45.93
C CYS I 88 17.07 24.19 45.34
N GLN I 89 16.38 23.05 45.37
CA GLN I 89 16.91 21.79 44.87
C GLN I 89 15.85 21.01 44.13
N ARG I 90 16.18 20.63 42.89
CA ARG I 90 15.35 19.75 42.10
C ARG I 90 15.32 18.36 42.74
N ASN I 91 14.12 17.78 42.89
CA ASN I 91 13.93 16.53 43.60
C ASN I 91 13.32 15.44 42.72
N TYR I 92 13.38 15.61 41.40
CA TYR I 92 12.80 14.67 40.45
C TYR I 92 13.68 14.65 39.20
N ASP I 93 13.74 13.51 38.54
CA ASP I 93 14.61 13.30 37.39
C ASP I 93 13.75 12.81 36.24
N SER I 94 13.65 13.63 35.19
CA SER I 94 12.77 13.30 34.06
C SER I 94 13.25 12.06 33.32
N TYR I 95 14.56 11.93 33.10
CA TYR I 95 15.11 10.78 32.39
C TYR I 95 14.70 9.47 33.07
N SER I 96 15.03 9.33 34.35
CA SER I 96 14.87 8.05 35.02
C SER I 96 13.50 7.85 35.65
N GLY I 97 12.73 8.92 35.84
CA GLY I 97 11.51 8.86 36.61
C GLY I 97 11.69 8.75 38.11
N ALA I 98 12.91 8.84 38.63
CA ALA I 98 13.13 8.67 40.06
C ALA I 98 13.10 10.03 40.77
N TYR I 99 13.01 10.00 42.11
CA TYR I 99 12.78 11.21 42.90
C TYR I 99 13.89 11.48 43.91
N TYR I 100 15.14 11.22 43.54
CA TYR I 100 16.25 11.58 44.40
C TYR I 100 16.51 13.09 44.37
N PRO I 101 17.09 13.64 45.43
CA PRO I 101 17.39 15.08 45.44
C PRO I 101 18.67 15.35 44.64
N ASN I 102 18.60 16.26 43.67
CA ASN I 102 19.76 16.46 42.81
C ASN I 102 20.18 17.93 42.60
N GLY I 103 20.03 18.46 41.40
CA GLY I 103 20.66 19.72 41.08
C GLY I 103 20.09 20.86 41.90
N PHE I 104 20.97 21.78 42.30
CA PHE I 104 20.66 22.95 43.10
C PHE I 104 20.50 24.18 42.23
N GLY I 105 19.72 25.13 42.72
CA GLY I 105 19.82 26.49 42.23
C GLY I 105 21.12 27.15 42.66
N GLY I 106 21.42 28.28 42.02
CA GLY I 106 22.64 29.03 42.30
C GLY I 106 22.69 29.72 43.66
N GLY I 107 21.56 29.82 44.34
CA GLY I 107 21.61 30.33 45.71
C GLY I 107 21.24 31.81 45.78
N THR I 108 20.61 32.19 46.88
CA THR I 108 20.27 33.61 47.13
C THR I 108 20.74 34.01 48.52
N GLU I 109 21.57 35.05 48.60
CA GLU I 109 22.03 35.57 49.87
C GLU I 109 20.97 36.55 50.41
N VAL I 110 20.59 36.39 51.68
CA VAL I 110 19.66 37.27 52.37
C VAL I 110 20.46 38.01 53.45
N VAL I 111 20.57 39.32 53.27
CA VAL I 111 21.14 40.25 54.26
C VAL I 111 20.00 40.88 55.05
N VAL I 112 20.15 40.96 56.37
CA VAL I 112 19.07 41.45 57.23
C VAL I 112 19.50 42.77 57.86
N LYS I 113 18.69 43.83 57.64
N LYS I 113 18.67 43.81 57.67
CA LYS I 113 19.01 45.17 58.15
CA LYS I 113 18.98 45.16 58.14
C LYS I 113 18.40 45.32 59.54
C LYS I 113 18.40 45.33 59.54
N GLY I 114 19.26 45.40 60.55
CA GLY I 114 18.85 45.56 61.91
C GLY I 114 19.12 46.96 62.40
N ASP I 115 19.14 47.09 63.71
CA ASP I 115 19.31 48.41 64.32
C ASP I 115 20.76 48.86 64.17
N PRO I 116 21.00 50.15 63.93
CA PRO I 116 22.41 50.60 63.79
C PRO I 116 23.17 50.51 65.11
N VAL I 117 24.40 50.01 65.02
N VAL I 117 24.40 50.01 65.06
CA VAL I 117 25.31 49.82 66.15
CA VAL I 117 25.24 50.00 66.26
C VAL I 117 26.70 50.30 65.74
C VAL I 117 26.66 50.32 65.82
N ALA I 118 27.29 51.22 66.55
CA ALA I 118 28.59 51.79 66.21
C ALA I 118 29.70 50.86 66.69
N PRO I 119 30.74 50.67 65.89
CA PRO I 119 31.76 49.70 66.26
C PRO I 119 32.69 50.20 67.36
N SER I 120 33.22 49.25 68.11
N SER I 120 33.21 49.24 68.12
CA SER I 120 34.42 49.47 68.90
CA SER I 120 34.43 49.43 68.90
C SER I 120 35.61 49.11 68.01
C SER I 120 35.61 49.12 67.99
N VAL I 121 36.67 49.93 68.08
CA VAL I 121 37.79 49.84 67.15
C VAL I 121 39.07 49.58 67.91
N LEU I 122 39.84 48.62 67.45
CA LEU I 122 41.03 48.11 68.13
C LEU I 122 42.15 47.99 67.12
N ILE I 123 43.35 48.45 67.47
CA ILE I 123 44.51 48.23 66.62
C ILE I 123 45.55 47.46 67.43
N PHE I 124 46.17 46.48 66.79
CA PHE I 124 47.13 45.56 67.41
C PHE I 124 48.46 45.70 66.68
N PRO I 125 49.53 46.20 67.32
CA PRO I 125 50.82 46.22 66.66
C PRO I 125 51.40 44.81 66.60
N PRO I 126 52.32 44.56 65.67
CA PRO I 126 52.82 43.19 65.48
C PRO I 126 53.69 42.76 66.65
N ALA I 127 53.43 41.55 67.16
CA ALA I 127 54.31 40.98 68.17
C ALA I 127 55.75 40.97 67.69
N ALA I 128 56.67 40.96 68.65
CA ALA I 128 58.08 41.09 68.31
C ALA I 128 58.56 39.93 67.43
N ASP I 129 57.98 38.74 67.61
CA ASP I 129 58.43 37.60 66.83
C ASP I 129 58.10 37.73 65.36
N GLN I 130 57.07 38.50 65.02
CA GLN I 130 56.71 38.68 63.61
C GLN I 130 57.89 39.25 62.83
N VAL I 131 58.56 40.27 63.38
CA VAL I 131 59.56 41.00 62.60
C VAL I 131 60.71 40.09 62.21
N ALA I 132 61.21 39.29 63.16
CA ALA I 132 62.30 38.37 62.87
C ALA I 132 62.00 37.51 61.66
N THR I 133 60.71 37.25 61.42
CA THR I 133 60.32 36.49 60.24
C THR I 133 60.45 37.33 58.97
N GLY I 134 60.69 38.63 59.10
CA GLY I 134 60.80 39.54 57.98
C GLY I 134 59.49 40.02 57.41
N THR I 135 58.35 39.51 57.89
CA THR I 135 57.03 39.99 57.51
C THR I 135 56.26 40.39 58.77
N VAL I 136 55.51 41.49 58.67
CA VAL I 136 54.78 42.08 59.79
C VAL I 136 53.34 42.23 59.37
N THR I 137 52.41 41.78 60.22
CA THR I 137 50.99 41.96 59.97
C THR I 137 50.43 42.81 61.09
N ILE I 138 49.87 43.97 60.75
CA ILE I 138 49.17 44.84 61.69
C ILE I 138 47.68 44.56 61.56
N VAL I 139 47.00 44.35 62.70
CA VAL I 139 45.61 43.93 62.71
C VAL I 139 44.76 45.05 63.30
N CYS I 140 43.70 45.40 62.59
CA CYS I 140 42.69 46.35 63.08
C CYS I 140 41.35 45.63 63.14
N VAL I 141 40.64 45.79 64.25
CA VAL I 141 39.37 45.11 64.47
C VAL I 141 38.28 46.15 64.68
N ALA I 142 37.15 45.97 63.99
CA ALA I 142 35.94 46.72 64.21
C ALA I 142 34.92 45.71 64.74
N ASN I 143 34.58 45.84 66.00
CA ASN I 143 33.71 44.83 66.61
C ASN I 143 32.28 45.32 66.77
N LYS I 144 31.34 44.40 66.52
CA LYS I 144 29.91 44.53 66.82
C LYS I 144 29.33 45.82 66.25
N TYR I 145 29.04 45.82 64.96
CA TYR I 145 28.58 47.03 64.28
C TYR I 145 27.57 46.68 63.19
N PHE I 146 26.64 47.63 62.94
CA PHE I 146 25.76 47.62 61.77
C PHE I 146 25.38 49.05 61.49
N PRO I 147 25.32 49.45 60.22
CA PRO I 147 25.58 48.79 58.94
C PRO I 147 27.07 48.73 58.65
N ASP I 148 27.42 48.38 57.41
CA ASP I 148 28.81 48.18 57.06
C ASP I 148 29.66 49.44 57.32
N VAL I 149 30.96 49.22 57.55
CA VAL I 149 31.90 50.31 57.75
C VAL I 149 32.86 50.37 56.55
N THR I 150 33.66 51.42 56.50
N THR I 150 33.62 51.46 56.50
CA THR I 150 34.79 51.43 55.60
CA THR I 150 34.79 51.60 55.62
C THR I 150 36.06 51.68 56.38
C THR I 150 36.05 51.61 56.47
N VAL I 151 37.10 50.93 56.02
CA VAL I 151 38.36 50.94 56.73
C VAL I 151 39.43 51.55 55.84
N THR I 152 40.12 52.56 56.36
N THR I 152 40.12 52.55 56.38
CA THR I 152 41.23 53.18 55.65
CA THR I 152 41.22 53.21 55.70
C THR I 152 42.47 53.09 56.52
C THR I 152 42.47 53.01 56.55
N TRP I 153 43.58 52.73 55.90
CA TRP I 153 44.85 52.60 56.58
C TRP I 153 45.75 53.75 56.16
N GLU I 154 46.42 54.35 57.14
CA GLU I 154 47.44 55.35 56.84
C GLU I 154 48.76 55.01 57.52
N VAL I 155 49.85 55.38 56.85
CA VAL I 155 51.19 55.19 57.40
C VAL I 155 51.93 56.51 57.27
N ASP I 156 52.32 57.07 58.42
CA ASP I 156 52.81 58.45 58.52
C ASP I 156 51.96 59.39 57.65
N GLY I 157 50.65 59.24 57.77
CA GLY I 157 49.71 60.09 57.04
C GLY I 157 49.48 59.72 55.60
N THR I 158 50.19 58.73 55.06
CA THR I 158 49.96 58.31 53.68
C THR I 158 48.96 57.17 53.65
N THR I 159 47.93 57.30 52.81
CA THR I 159 46.93 56.26 52.65
C THR I 159 47.53 55.01 52.01
N GLN I 160 47.13 53.86 52.53
CA GLN I 160 47.65 52.59 52.05
C GLN I 160 46.67 51.98 51.05
N THR I 161 47.21 51.62 49.88
CA THR I 161 46.46 51.05 48.77
C THR I 161 46.65 49.55 48.62
N THR I 162 47.71 48.99 49.19
CA THR I 162 48.05 47.59 48.95
C THR I 162 48.39 46.95 50.28
N GLY I 163 48.37 45.62 50.28
CA GLY I 163 48.72 44.86 51.47
C GLY I 163 47.61 44.72 52.48
N ILE I 164 46.37 45.02 52.11
CA ILE I 164 45.26 45.07 53.05
C ILE I 164 44.31 43.92 52.75
N GLU I 165 43.98 43.15 53.78
CA GLU I 165 43.02 42.04 53.69
C GLU I 165 41.96 42.24 54.74
N ASN I 166 40.69 42.10 54.33
CA ASN I 166 39.56 42.28 55.21
C ASN I 166 38.78 40.99 55.34
N SER I 167 38.33 40.71 56.56
CA SER I 167 37.54 39.52 56.81
C SER I 167 36.42 39.88 57.77
N LYS I 168 35.18 39.60 57.37
CA LYS I 168 33.97 40.01 58.09
C LYS I 168 33.18 38.77 58.52
N THR I 169 32.86 38.69 59.80
CA THR I 169 32.08 37.57 60.29
C THR I 169 30.66 37.60 59.69
N PRO I 170 29.96 36.48 59.69
CA PRO I 170 28.54 36.51 59.35
C PRO I 170 27.76 37.37 60.33
N GLN I 171 26.64 37.89 59.86
CA GLN I 171 25.76 38.67 60.74
C GLN I 171 25.33 37.87 61.96
N ASN I 172 25.30 38.52 63.11
CA ASN I 172 25.02 37.85 64.36
C ASN I 172 23.56 37.42 64.38
N SER I 173 23.27 36.22 64.83
CA SER I 173 21.90 35.73 64.74
C SER I 173 20.97 36.45 65.70
N ALA I 174 21.49 37.19 66.68
CA ALA I 174 20.62 37.90 67.61
C ALA I 174 20.45 39.38 67.29
N ASP I 175 21.49 40.07 66.84
CA ASP I 175 21.36 41.52 66.66
C ASP I 175 21.80 42.01 65.29
N CYS I 176 22.09 41.09 64.36
CA CYS I 176 22.40 41.38 62.97
C CYS I 176 23.77 41.99 62.78
N THR I 177 24.57 42.14 63.82
CA THR I 177 25.81 42.89 63.69
C THR I 177 26.91 42.06 63.03
N TYR I 178 27.90 42.80 62.55
CA TYR I 178 29.13 42.26 61.96
C TYR I 178 30.30 42.45 62.91
N ASN I 179 31.39 41.76 62.62
CA ASN I 179 32.70 42.05 63.15
C ASN I 179 33.67 41.99 61.98
N LEU I 180 34.69 42.85 62.03
CA LEU I 180 35.61 43.01 60.91
C LEU I 180 37.05 42.91 61.40
N SER I 181 37.84 42.10 60.71
CA SER I 181 39.30 42.12 60.88
C SER I 181 39.91 42.69 59.61
N SER I 182 40.68 43.76 59.75
CA SER I 182 41.42 44.35 58.63
C SER I 182 42.90 44.24 58.94
N THR I 183 43.67 43.69 58.02
CA THR I 183 45.09 43.49 58.26
C THR I 183 45.91 44.22 57.21
N LEU I 184 46.98 44.85 57.66
CA LEU I 184 47.97 45.48 56.78
C LEU I 184 49.26 44.68 56.93
N THR I 185 49.73 44.11 55.83
CA THR I 185 50.96 43.32 55.83
C THR I 185 52.07 44.07 55.11
N LEU I 186 53.23 44.15 55.74
CA LEU I 186 54.40 44.81 55.19
C LEU I 186 55.63 43.95 55.45
N THR I 187 56.64 44.13 54.62
CA THR I 187 57.95 43.56 54.94
C THR I 187 58.45 44.25 56.20
N SER I 188 59.26 43.52 56.97
CA SER I 188 59.82 44.09 58.20
C SER I 188 60.58 45.39 57.96
N THR I 189 61.08 45.63 56.75
CA THR I 189 61.90 46.83 56.54
C THR I 189 61.03 48.03 56.21
N GLN I 190 59.97 47.84 55.42
CA GLN I 190 58.93 48.85 55.36
C GLN I 190 58.50 49.28 56.75
N TYR I 191 58.24 48.30 57.62
CA TYR I 191 57.60 48.59 58.89
C TYR I 191 58.52 49.42 59.79
N ASN I 192 59.82 49.11 59.78
CA ASN I 192 60.80 49.85 60.57
C ASN I 192 61.12 51.21 59.97
N SER I 193 60.89 51.40 58.67
CA SER I 193 61.14 52.69 58.05
C SER I 193 60.20 53.75 58.59
N HIS I 194 58.99 53.38 58.98
CA HIS I 194 57.93 54.32 59.27
C HIS I 194 57.51 54.27 60.74
N LYS I 195 56.81 55.31 61.16
CA LYS I 195 56.52 55.59 62.57
C LYS I 195 55.05 55.43 62.95
N GLU I 196 54.13 56.05 62.21
CA GLU I 196 52.71 56.13 62.59
C GLU I 196 51.85 55.18 61.79
N TYR I 197 51.17 54.27 62.51
CA TYR I 197 50.27 53.29 61.94
C TYR I 197 48.85 53.61 62.39
N THR I 198 47.95 53.80 61.42
CA THR I 198 46.64 54.35 61.67
C THR I 198 45.58 53.50 61.01
N CYS I 199 44.58 53.10 61.80
CA CYS I 199 43.39 52.44 61.29
C CYS I 199 42.22 53.38 61.49
N LYS I 200 41.60 53.79 60.40
CA LYS I 200 40.43 54.66 60.47
C LYS I 200 39.21 53.86 60.04
N VAL I 201 38.21 53.81 60.90
CA VAL I 201 36.99 53.07 60.63
C VAL I 201 35.85 54.09 60.55
N THR I 202 35.21 54.13 59.39
CA THR I 202 34.15 55.09 59.13
C THR I 202 32.82 54.35 59.06
N GLN I 203 31.83 54.90 59.75
CA GLN I 203 30.43 54.45 59.67
C GLN I 203 29.57 55.70 59.57
N GLY I 204 28.90 55.87 58.44
CA GLY I 204 28.01 57.01 58.31
C GLY I 204 28.77 58.31 58.54
N THR I 205 28.32 59.09 59.51
CA THR I 205 28.85 60.44 59.70
C THR I 205 30.07 60.52 60.60
N THR I 206 30.50 59.39 61.14
CA THR I 206 31.51 59.31 62.19
C THR I 206 32.68 58.45 61.74
N SER I 207 33.89 58.98 61.90
CA SER I 207 35.11 58.18 61.84
C SER I 207 35.77 58.10 63.21
N VAL I 208 36.30 56.91 63.48
CA VAL I 208 37.09 56.63 64.67
C VAL I 208 38.47 56.25 64.19
N VAL I 209 39.49 56.91 64.72
CA VAL I 209 40.85 56.70 64.27
C VAL I 209 41.62 56.11 65.42
N GLN I 210 42.20 54.94 65.20
CA GLN I 210 43.08 54.32 66.16
C GLN I 210 44.47 54.24 65.55
N SER I 211 45.45 54.76 66.29
CA SER I 211 46.82 54.87 65.81
C SER I 211 47.79 54.35 66.86
N PHE I 212 48.98 53.95 66.40
CA PHE I 212 50.11 53.74 67.31
C PHE I 212 51.40 54.13 66.60
N ASN I 213 52.43 54.40 67.41
CA ASN I 213 53.79 54.67 66.93
C ASN I 213 54.64 53.44 67.16
N ARG I 214 55.36 53.03 66.12
CA ARG I 214 56.15 51.81 66.21
C ARG I 214 57.02 51.82 67.46
N GLY I 215 57.61 52.98 67.77
CA GLY I 215 58.55 53.03 68.87
C GLY I 215 57.92 52.91 70.24
N ASP I 216 56.64 53.29 70.37
CA ASP I 216 55.99 53.33 71.68
C ASP I 216 55.45 51.99 72.14
N CYS I 217 55.48 50.97 71.28
CA CYS I 217 54.86 49.70 71.66
C CYS I 217 55.91 48.64 71.86
N LEU J 2 25.36 11.57 60.61
CA LEU J 2 26.24 11.24 59.50
C LEU J 2 27.56 11.92 59.74
N VAL J 3 28.67 11.27 59.40
CA VAL J 3 29.96 11.93 59.47
C VAL J 3 30.82 11.50 58.29
N GLU J 4 31.31 12.47 57.53
CA GLU J 4 32.23 12.23 56.44
C GLU J 4 33.64 12.15 56.97
N SER J 5 34.45 11.33 56.32
CA SER J 5 35.86 11.17 56.66
C SER J 5 36.66 10.93 55.39
N GLY J 6 37.96 11.21 55.47
CA GLY J 6 38.85 10.96 54.35
C GLY J 6 39.42 12.21 53.70
N GLY J 7 38.96 13.39 54.05
CA GLY J 7 39.48 14.58 53.41
C GLY J 7 40.89 14.93 53.88
N GLY J 8 41.48 15.89 53.18
CA GLY J 8 42.82 16.32 53.48
C GLY J 8 43.44 16.95 52.25
N LEU J 9 44.76 17.12 52.29
CA LEU J 9 45.50 17.72 51.19
C LEU J 9 46.05 16.63 50.27
N VAL J 10 45.84 16.80 48.96
CA VAL J 10 46.33 15.87 47.94
C VAL J 10 46.81 16.67 46.74
N GLN J 11 47.65 16.07 45.99
CA GLN J 11 48.27 16.71 44.85
C GLN J 11 47.40 16.56 43.62
N PRO J 12 47.50 17.47 42.65
CA PRO J 12 46.74 17.28 41.41
C PRO J 12 47.11 15.95 40.80
N GLY J 13 46.14 15.29 40.19
CA GLY J 13 46.33 13.94 39.67
C GLY J 13 46.03 12.82 40.65
N ALA J 14 45.93 13.12 41.93
CA ALA J 14 45.69 12.10 42.94
C ALA J 14 44.27 11.53 42.84
N SER J 15 44.13 10.32 43.38
CA SER J 15 42.84 9.72 43.72
C SER J 15 42.62 9.80 45.22
N LEU J 16 41.35 9.81 45.63
CA LEU J 16 41.00 9.85 47.04
C LEU J 16 39.66 9.18 47.26
N THR J 17 39.50 8.52 48.41
CA THR J 17 38.22 7.95 48.78
C THR J 17 37.71 8.62 50.06
N LEU J 18 36.49 9.11 50.01
CA LEU J 18 35.80 9.64 51.17
C LEU J 18 34.76 8.64 51.63
N THR J 19 34.56 8.56 52.94
CA THR J 19 33.55 7.69 53.51
C THR J 19 32.52 8.52 54.29
N CYS J 20 31.27 8.14 54.12
CA CYS J 20 30.14 8.65 54.89
C CYS J 20 29.66 7.55 55.82
N THR J 21 29.71 7.82 57.12
CA THR J 21 29.34 6.81 58.12
C THR J 21 28.06 7.21 58.84
N ALA J 22 27.09 6.29 58.85
CA ALA J 22 25.85 6.45 59.59
C ALA J 22 26.00 5.97 61.03
N SER J 23 25.42 6.73 61.95
CA SER J 23 25.25 6.27 63.33
C SER J 23 23.79 6.46 63.73
N GLY J 24 23.31 5.56 64.59
CA GLY J 24 21.95 5.60 65.10
C GLY J 24 20.90 5.13 64.13
N PHE J 25 21.29 4.68 62.95
CA PHE J 25 20.35 4.09 62.01
C PHE J 25 21.16 3.31 61.00
N SER J 26 20.46 2.64 60.10
CA SER J 26 21.16 1.79 59.14
C SER J 26 20.32 1.67 57.87
N PHE J 27 20.92 1.06 56.89
CA PHE J 27 20.22 0.83 55.64
C PHE J 27 19.31 -0.41 55.70
N SER J 28 18.92 -0.89 56.88
CA SER J 28 17.74 -1.75 56.91
C SER J 28 16.51 -1.01 56.41
N SER J 29 16.52 0.32 56.46
CA SER J 29 15.51 1.14 55.81
C SER J 29 16.13 1.75 54.56
N ASP J 30 15.29 2.12 53.61
CA ASP J 30 15.73 2.54 52.29
C ASP J 30 15.83 4.05 52.22
N TYR J 31 16.93 4.54 51.64
CA TYR J 31 17.17 5.96 51.51
C TYR J 31 17.95 6.22 50.23
N TYR J 32 17.89 7.46 49.78
CA TYR J 32 18.94 8.01 48.93
C TYR J 32 20.02 8.60 49.85
N MET J 33 21.25 8.18 49.65
CA MET J 33 22.42 8.78 50.26
C MET J 33 23.14 9.53 49.15
N CYS J 34 23.44 10.79 49.37
CA CYS J 34 24.02 11.62 48.33
C CYS J 34 25.28 12.32 48.81
N TRP J 35 26.13 12.67 47.84
CA TRP J 35 27.28 13.51 48.05
C TRP J 35 27.05 14.84 47.34
N VAL J 36 27.34 15.92 48.05
CA VAL J 36 27.18 17.29 47.59
C VAL J 36 28.47 18.00 47.96
N ARG J 37 28.99 18.84 47.07
CA ARG J 37 30.19 19.57 47.42
C ARG J 37 29.97 21.08 47.31
N GLN J 38 30.91 21.80 47.89
CA GLN J 38 30.81 23.25 47.90
C GLN J 38 32.22 23.82 47.97
N ALA J 39 32.64 24.46 46.88
CA ALA J 39 33.93 25.12 46.89
C ALA J 39 33.84 26.34 47.78
N PRO J 40 34.98 26.77 48.32
CA PRO J 40 34.96 27.92 49.23
C PRO J 40 34.37 29.15 48.53
N GLY J 41 33.36 29.73 49.17
CA GLY J 41 32.72 30.90 48.63
C GLY J 41 31.69 30.65 47.55
N LYS J 42 31.44 29.40 47.16
CA LYS J 42 30.52 29.16 46.06
C LYS J 42 29.34 28.32 46.54
N GLY J 43 28.48 27.92 45.60
CA GLY J 43 27.22 27.29 45.91
C GLY J 43 27.31 25.77 46.04
N LEU J 44 26.19 25.17 46.44
CA LEU J 44 26.09 23.73 46.58
C LEU J 44 26.06 23.11 45.20
N GLU J 45 26.75 21.97 45.05
CA GLU J 45 26.84 21.27 43.77
C GLU J 45 26.60 19.80 44.03
N TRP J 46 25.53 19.27 43.45
CA TRP J 46 25.20 17.86 43.62
C TRP J 46 26.20 16.99 42.84
N ILE J 47 26.63 15.88 43.43
CA ILE J 47 27.55 14.93 42.80
C ILE J 47 26.85 13.65 42.40
N ALA J 48 26.17 13.00 43.34
CA ALA J 48 25.63 11.68 43.08
C ALA J 48 24.73 11.28 44.24
N CYS J 49 23.79 10.38 43.94
CA CYS J 49 22.97 9.69 44.92
C CYS J 49 22.96 8.20 44.62
N ILE J 50 22.80 7.43 45.68
CA ILE J 50 22.63 5.98 45.61
C ILE J 50 21.40 5.57 46.42
N TRP J 51 20.54 4.74 45.83
CA TRP J 51 19.43 4.11 46.54
C TRP J 51 19.94 2.89 47.28
N THR J 52 19.84 2.93 48.61
CA THR J 52 20.55 2.00 49.45
C THR J 52 19.99 0.58 49.35
N ALA J 53 18.78 0.40 48.78
CA ALA J 53 18.19 -0.92 48.72
C ALA J 53 18.87 -1.79 47.67
N ASN J 54 19.30 -1.17 46.57
CA ASN J 54 19.81 -1.93 45.44
C ASN J 54 21.05 -1.31 44.81
N SER J 55 21.61 -0.26 45.43
CA SER J 55 22.83 0.41 45.00
C SER J 55 22.67 1.08 43.63
N ILE J 56 21.45 1.24 43.14
CA ILE J 56 21.25 2.00 41.92
C ILE J 56 21.63 3.46 42.16
N SER J 57 22.36 4.04 41.21
CA SER J 57 23.04 5.29 41.43
C SER J 57 22.78 6.27 40.30
N TYR J 58 22.80 7.55 40.66
CA TYR J 58 22.60 8.63 39.72
C TYR J 58 23.72 9.63 39.90
N TYR J 59 24.20 10.19 38.79
CA TYR J 59 25.37 11.05 38.77
C TYR J 59 25.11 12.34 38.01
N ALA J 60 25.70 13.43 38.51
CA ALA J 60 25.84 14.63 37.70
C ALA J 60 26.69 14.34 36.47
N ARG J 61 26.43 15.09 35.41
CA ARG J 61 27.14 14.89 34.15
C ARG J 61 28.64 15.05 34.31
N TRP J 62 29.09 15.93 35.19
CA TRP J 62 30.51 16.15 35.34
C TRP J 62 31.16 15.11 36.24
N ALA J 63 30.37 14.33 36.98
CA ALA J 63 30.91 13.34 37.90
C ALA J 63 31.00 11.92 37.30
N LYS J 64 30.03 11.53 36.49
CA LYS J 64 30.03 10.16 35.95
C LYS J 64 31.24 9.95 35.05
N GLY J 65 32.03 8.94 35.36
CA GLY J 65 33.30 8.67 34.69
C GLY J 65 34.51 9.05 35.52
N ARG J 66 34.35 9.80 36.60
CA ARG J 66 35.48 10.25 37.41
C ARG J 66 35.27 10.05 38.91
N PHE J 67 34.02 10.20 39.36
N PHE J 67 34.02 10.17 39.37
CA PHE J 67 33.60 9.91 40.73
CA PHE J 67 33.64 9.90 40.75
C PHE J 67 32.74 8.64 40.73
C PHE J 67 32.67 8.72 40.79
N THR J 68 32.84 7.86 41.79
CA THR J 68 32.03 6.66 41.96
C THR J 68 31.43 6.62 43.36
N ILE J 69 30.11 6.46 43.44
CA ILE J 69 29.42 6.32 44.72
C ILE J 69 29.14 4.84 44.94
N SER J 70 29.28 4.39 46.19
CA SER J 70 29.12 2.98 46.54
C SER J 70 28.54 2.88 47.95
N LYS J 71 27.67 1.88 48.15
CA LYS J 71 27.23 1.46 49.48
C LYS J 71 28.13 0.29 49.87
N THR J 72 28.96 0.49 50.87
CA THR J 72 29.94 -0.51 51.25
C THR J 72 29.54 -1.31 52.49
N SER J 73 28.49 -0.92 53.20
CA SER J 73 27.98 -1.65 54.35
C SER J 73 26.60 -1.08 54.71
N SER J 74 26.00 -1.66 55.74
CA SER J 74 24.71 -1.15 56.21
C SER J 74 24.83 0.21 56.88
N THR J 75 26.05 0.69 57.16
CA THR J 75 26.25 2.03 57.70
C THR J 75 27.28 2.88 56.95
N THR J 76 27.73 2.51 55.76
CA THR J 76 28.73 3.32 55.09
C THR J 76 28.47 3.45 53.60
N VAL J 77 28.70 4.66 53.07
CA VAL J 77 28.70 4.95 51.64
C VAL J 77 30.00 5.67 51.30
N THR J 78 30.59 5.37 50.14
CA THR J 78 31.87 5.94 49.77
C THR J 78 31.71 6.80 48.51
N LEU J 79 32.69 7.66 48.32
CA LEU J 79 32.81 8.46 47.11
C LEU J 79 34.27 8.35 46.71
N GLN J 80 34.55 7.64 45.62
CA GLN J 80 35.91 7.48 45.12
C GLN J 80 36.10 8.55 44.04
N MET J 81 37.20 9.26 44.11
CA MET J 81 37.50 10.38 43.24
C MET J 81 38.83 10.10 42.58
N THR J 82 38.92 10.41 41.29
CA THR J 82 40.15 10.23 40.53
C THR J 82 40.50 11.51 39.74
N SER J 83 41.78 11.60 39.38
CA SER J 83 42.30 12.67 38.51
C SER J 83 41.88 14.04 39.06
N LEU J 84 42.16 14.22 40.34
CA LEU J 84 41.76 15.42 41.04
C LEU J 84 42.56 16.62 40.54
N THR J 85 41.88 17.78 40.55
CA THR J 85 42.44 19.05 40.15
C THR J 85 42.14 20.06 41.24
N ALA J 86 42.84 21.19 41.16
CA ALA J 86 42.60 22.29 42.08
C ALA J 86 41.11 22.65 42.14
N ALA J 87 40.42 22.54 41.00
CA ALA J 87 39.00 22.89 40.93
C ALA J 87 38.11 21.90 41.68
N ASP J 88 38.65 20.78 42.15
CA ASP J 88 37.88 19.88 43.00
C ASP J 88 38.00 20.22 44.50
N THR J 89 38.78 21.26 44.85
CA THR J 89 38.89 21.74 46.23
C THR J 89 37.51 22.19 46.74
N ALA J 90 37.07 21.58 47.83
CA ALA J 90 35.71 21.86 48.27
C ALA J 90 35.47 21.17 49.60
N THR J 91 34.41 21.59 50.30
CA THR J 91 33.86 20.77 51.37
C THR J 91 32.93 19.74 50.75
N TYR J 92 33.15 18.47 51.08
CA TYR J 92 32.29 17.40 50.62
C TYR J 92 31.36 16.95 51.75
N PHE J 93 30.06 17.03 51.48
CA PHE J 93 28.99 16.64 52.40
C PHE J 93 28.31 15.36 51.93
N CYS J 94 27.99 14.47 52.85
N CYS J 94 27.93 14.53 52.89
CA CYS J 94 26.99 13.47 52.54
CA CYS J 94 27.02 13.43 52.69
C CYS J 94 25.68 13.84 53.20
C CYS J 94 25.66 13.80 53.26
N ALA J 95 24.58 13.39 52.60
CA ALA J 95 23.24 13.70 53.06
C ALA J 95 22.31 12.53 52.79
N ARG J 96 21.19 12.50 53.51
CA ARG J 96 20.22 11.42 53.43
C ARG J 96 18.85 12.00 53.09
N GLY J 97 18.21 11.42 52.07
CA GLY J 97 16.90 11.86 51.66
C GLY J 97 15.99 10.65 51.46
N GLY J 98 14.69 10.93 51.46
CA GLY J 98 13.71 9.94 51.05
C GLY J 98 13.45 10.00 49.57
N SER J 99 12.28 9.53 49.16
CA SER J 99 11.81 9.71 47.80
C SER J 99 11.01 11.01 47.75
N GLY J 100 11.53 11.99 47.02
CA GLY J 100 10.81 13.22 46.77
C GLY J 100 10.73 14.23 47.90
N ASP J 101 11.42 14.00 49.03
CA ASP J 101 11.26 14.79 50.25
C ASP J 101 12.54 15.49 50.71
N GLY J 102 13.34 16.03 49.79
CA GLY J 102 14.59 16.69 50.17
C GLY J 102 15.57 15.81 50.98
N GLN J 103 16.53 16.50 51.61
CA GLN J 103 17.57 15.85 52.43
C GLN J 103 17.54 16.47 53.80
N SER J 104 17.01 15.76 54.78
CA SER J 104 16.85 16.32 56.10
C SER J 104 18.06 16.11 56.98
N LEU J 105 18.92 15.17 56.66
CA LEU J 105 20.07 14.87 57.49
C LEU J 105 21.34 15.08 56.68
N TRP J 106 22.27 15.85 57.24
CA TRP J 106 23.56 16.14 56.61
C TRP J 106 24.70 15.89 57.59
N GLY J 107 25.84 15.48 57.07
CA GLY J 107 27.07 15.51 57.83
C GLY J 107 27.65 16.90 57.91
N PRO J 108 28.69 17.06 58.73
CA PRO J 108 29.38 18.35 58.84
C PRO J 108 30.27 18.66 57.66
N GLY J 109 30.61 17.67 56.85
CA GLY J 109 31.45 17.88 55.70
C GLY J 109 32.90 17.58 56.01
N THR J 110 33.62 17.14 54.99
CA THR J 110 35.06 16.93 55.08
C THR J 110 35.71 17.75 53.96
N LEU J 111 36.81 18.41 54.29
CA LEU J 111 37.42 19.35 53.38
C LEU J 111 38.52 18.67 52.57
N VAL J 112 38.40 18.76 51.25
CA VAL J 112 39.39 18.21 50.34
C VAL J 112 40.10 19.39 49.71
N THR J 113 41.40 19.41 49.83
CA THR J 113 42.22 20.46 49.22
C THR J 113 43.17 19.83 48.22
N VAL J 114 43.06 20.23 46.96
CA VAL J 114 43.90 19.71 45.89
C VAL J 114 44.89 20.80 45.50
N SER J 115 46.17 20.55 45.76
CA SER J 115 47.16 21.61 45.59
C SER J 115 48.55 21.01 45.49
N SER J 116 49.39 21.68 44.71
CA SER J 116 50.80 21.35 44.62
C SER J 116 51.61 21.75 45.86
N GLY J 117 51.07 22.58 46.75
CA GLY J 117 51.83 23.00 47.92
C GLY J 117 51.91 21.91 48.97
N GLN J 118 52.94 21.96 49.73
CA GLN J 118 53.11 20.97 50.78
C GLN J 118 52.44 21.46 52.05
N PRO J 119 51.98 20.55 52.91
CA PRO J 119 51.34 21.01 54.13
C PRO J 119 52.30 21.89 54.92
N LYS J 120 51.75 22.93 55.53
CA LYS J 120 52.54 23.87 56.32
C LYS J 120 51.78 24.17 57.60
N ALA J 121 52.42 23.94 58.75
CA ALA J 121 51.79 24.25 60.03
C ALA J 121 51.72 25.77 60.22
N PRO J 122 50.82 26.26 61.07
CA PRO J 122 50.72 27.70 61.25
C PRO J 122 51.76 28.25 62.22
N SER J 123 52.12 29.52 61.98
CA SER J 123 52.78 30.36 62.99
C SER J 123 51.71 31.12 63.76
N VAL J 124 51.82 31.14 65.09
CA VAL J 124 50.81 31.76 65.94
C VAL J 124 51.46 32.94 66.64
N PHE J 125 50.83 34.11 66.53
CA PHE J 125 51.38 35.31 67.12
C PHE J 125 50.36 35.96 68.04
N PRO J 126 50.78 36.47 69.18
CA PRO J 126 49.83 37.13 70.06
C PRO J 126 49.37 38.47 69.51
N LEU J 127 48.11 38.79 69.78
CA LEU J 127 47.53 40.09 69.47
C LEU J 127 47.13 40.76 70.78
N ALA J 128 47.74 41.91 71.06
CA ALA J 128 47.46 42.67 72.27
C ALA J 128 47.69 44.14 71.97
N PRO J 129 47.09 45.03 72.76
CA PRO J 129 47.28 46.45 72.52
C PRO J 129 48.72 46.87 72.77
N CYS J 130 49.04 48.05 72.29
CA CYS J 130 50.32 48.68 72.53
C CYS J 130 50.66 48.68 74.03
N CYS J 131 51.88 48.19 74.35
CA CYS J 131 52.33 48.13 75.74
C CYS J 131 52.11 49.45 76.49
N GLY J 132 52.20 50.58 75.78
CA GLY J 132 52.17 51.86 76.46
C GLY J 132 50.84 52.17 77.13
N ASP J 133 49.74 52.03 76.40
CA ASP J 133 48.53 52.75 76.77
C ASP J 133 48.05 52.34 78.16
N THR J 134 47.41 53.29 78.87
CA THR J 134 47.09 53.10 80.29
C THR J 134 46.28 51.82 80.48
N PRO J 135 46.33 51.21 81.68
CA PRO J 135 45.46 50.05 81.94
C PRO J 135 43.99 50.40 81.75
N SER J 136 43.34 49.68 80.84
CA SER J 136 41.93 49.86 80.53
C SER J 136 41.07 48.78 81.18
N SER J 137 39.83 49.14 81.52
CA SER J 137 38.86 48.19 82.07
C SER J 137 38.57 47.03 81.12
N THR J 138 38.29 47.31 79.85
CA THR J 138 38.05 46.29 78.84
C THR J 138 39.31 46.11 78.02
N VAL J 139 39.53 44.91 77.54
CA VAL J 139 40.73 44.65 76.78
C VAL J 139 40.44 43.48 75.88
N THR J 140 40.79 43.60 74.62
CA THR J 140 40.57 42.54 73.67
C THR J 140 41.94 42.02 73.27
N LEU J 141 42.12 40.72 73.39
CA LEU J 141 43.35 40.02 73.13
C LEU J 141 43.11 39.00 72.03
N GLY J 142 44.18 38.50 71.43
CA GLY J 142 43.92 37.54 70.36
C GLY J 142 45.13 36.77 69.89
N CYS J 143 44.88 35.94 68.87
CA CYS J 143 45.91 35.14 68.24
C CYS J 143 45.79 35.30 66.73
N LEU J 144 46.91 35.59 66.10
CA LEU J 144 47.02 35.62 64.65
C LEU J 144 47.64 34.30 64.19
N VAL J 145 46.87 33.56 63.40
CA VAL J 145 47.25 32.24 62.91
C VAL J 145 47.59 32.38 61.43
N LYS J 146 48.88 32.33 61.11
CA LYS J 146 49.37 32.81 59.83
C LYS J 146 50.17 31.72 59.10
N GLY J 147 49.90 31.56 57.81
CA GLY J 147 50.79 30.82 56.95
C GLY J 147 50.64 29.31 56.96
N TYR J 148 49.41 28.80 56.95
CA TYR J 148 49.21 27.36 57.05
C TYR J 148 48.55 26.83 55.78
N LEU J 149 48.65 25.50 55.62
CA LEU J 149 48.05 24.80 54.48
C LEU J 149 47.98 23.28 54.79
N PRO J 150 46.83 22.63 54.56
CA PRO J 150 45.51 23.12 54.13
C PRO J 150 44.68 23.68 55.28
N GLU J 151 43.57 24.28 54.95
CA GLU J 151 42.50 24.37 55.91
C GLU J 151 42.06 22.97 56.34
N PRO J 152 41.43 22.85 57.50
CA PRO J 152 41.13 23.87 58.50
C PRO J 152 42.13 23.91 59.64
N VAL J 153 42.11 25.01 60.38
CA VAL J 153 42.59 25.06 61.75
C VAL J 153 41.37 25.16 62.65
N THR J 154 41.54 24.72 63.89
N THR J 154 41.55 24.71 63.88
CA THR J 154 40.53 24.93 64.90
CA THR J 154 40.57 24.90 64.93
C THR J 154 41.17 25.73 66.03
C THR J 154 41.20 25.77 66.00
N VAL J 155 40.52 26.83 66.40
CA VAL J 155 41.01 27.71 67.44
C VAL J 155 40.03 27.62 68.59
N THR J 156 40.52 27.25 69.76
CA THR J 156 39.78 27.33 71.00
C THR J 156 40.52 28.26 71.96
N TRP J 157 39.82 28.66 73.02
CA TRP J 157 40.41 29.45 74.08
C TRP J 157 40.25 28.73 75.41
N ASN J 158 41.31 28.76 76.22
CA ASN J 158 41.31 28.09 77.53
C ASN J 158 40.74 26.67 77.42
N SER J 159 41.19 25.94 76.40
CA SER J 159 40.80 24.55 76.16
C SER J 159 39.29 24.39 76.05
N GLY J 160 38.63 25.36 75.41
CA GLY J 160 37.22 25.29 75.18
C GLY J 160 36.34 25.78 76.31
N THR J 161 36.91 26.13 77.46
CA THR J 161 36.11 26.62 78.57
C THR J 161 35.84 28.13 78.51
N LEU J 162 36.52 28.86 77.63
CA LEU J 162 36.25 30.27 77.34
C LEU J 162 35.69 30.38 75.92
N THR J 163 34.41 30.75 75.79
CA THR J 163 33.85 31.01 74.46
C THR J 163 32.98 32.27 74.39
N ASN J 164 32.43 32.75 75.51
CA ASN J 164 31.82 34.07 75.54
C ASN J 164 32.85 35.17 75.29
N GLY J 165 32.47 36.13 74.45
CA GLY J 165 33.39 37.17 74.08
C GLY J 165 34.36 36.80 72.99
N VAL J 166 34.20 35.63 72.36
CA VAL J 166 35.16 35.16 71.36
C VAL J 166 34.64 35.45 69.96
N ARG J 167 35.53 35.95 69.09
CA ARG J 167 35.23 36.24 67.71
C ARG J 167 36.37 35.68 66.87
N THR J 168 36.07 34.67 66.07
CA THR J 168 37.07 34.05 65.20
C THR J 168 36.72 34.39 63.75
N PHE J 169 37.56 35.01 63.14
CA PHE J 169 37.21 35.55 61.84
C PHE J 169 37.43 34.52 60.73
N PRO J 170 36.68 34.62 59.65
CA PRO J 170 36.93 33.71 58.53
C PRO J 170 38.40 33.81 58.08
N SER J 171 38.98 32.66 57.70
CA SER J 171 40.31 32.66 57.13
C SER J 171 40.37 33.41 55.81
N VAL J 172 41.59 33.81 55.45
CA VAL J 172 41.88 34.49 54.20
C VAL J 172 43.02 33.76 53.52
N ARG J 173 42.82 33.38 52.25
N ARG J 173 42.82 33.40 52.25
CA ARG J 173 43.88 32.77 51.45
CA ARG J 173 43.87 32.80 51.43
C ARG J 173 44.72 33.89 50.84
C ARG J 173 44.71 33.91 50.85
N GLN J 174 46.02 33.90 51.13
CA GLN J 174 46.91 34.89 50.56
C GLN J 174 47.34 34.50 49.15
N SER J 175 48.01 35.45 48.48
CA SER J 175 48.49 35.19 47.12
C SER J 175 49.33 33.92 47.04
N SER J 176 50.07 33.59 48.11
CA SER J 176 50.92 32.40 48.10
C SER J 176 50.12 31.10 48.12
N GLY J 177 48.82 31.16 48.36
CA GLY J 177 48.06 29.95 48.57
C GLY J 177 48.04 29.48 50.01
N LEU J 178 48.76 30.15 50.92
CA LEU J 178 48.67 29.85 52.33
C LEU J 178 47.52 30.63 52.97
N TYR J 179 47.10 30.18 54.15
CA TYR J 179 45.95 30.75 54.83
C TYR J 179 46.34 31.49 56.10
N SER J 180 45.56 32.51 56.44
CA SER J 180 45.73 33.22 57.71
C SER J 180 44.37 33.43 58.35
N LEU J 181 44.34 33.37 59.67
CA LEU J 181 43.12 33.74 60.36
C LEU J 181 43.48 34.30 61.72
N SER J 182 42.55 35.07 62.27
CA SER J 182 42.71 35.67 63.58
C SER J 182 41.50 35.33 64.43
N SER J 183 41.75 35.16 65.72
CA SER J 183 40.72 34.99 66.72
C SER J 183 41.02 35.96 67.87
N VAL J 184 39.98 36.62 68.37
CA VAL J 184 40.13 37.57 69.46
C VAL J 184 39.08 37.27 70.53
N VAL J 185 39.39 37.63 71.77
CA VAL J 185 38.45 37.44 72.87
C VAL J 185 38.43 38.70 73.71
N SER J 186 37.24 39.17 74.04
CA SER J 186 37.09 40.37 74.84
C SER J 186 36.97 39.98 76.31
N VAL J 187 37.90 40.46 77.12
CA VAL J 187 37.89 40.24 78.57
C VAL J 187 38.04 41.56 79.31
N THR J 188 38.30 41.49 80.60
CA THR J 188 38.39 42.69 81.43
C THR J 188 39.72 42.70 82.16
N SER J 189 40.02 43.81 82.81
CA SER J 189 41.30 43.91 83.50
C SER J 189 41.37 42.92 84.65
N SER J 190 40.25 42.38 85.12
CA SER J 190 40.28 41.41 86.22
C SER J 190 40.54 39.99 85.72
N SER J 191 40.48 39.76 84.42
N SER J 191 40.47 39.75 84.42
CA SER J 191 40.65 38.43 83.89
CA SER J 191 40.64 38.42 83.90
C SER J 191 42.08 37.94 84.10
C SER J 191 42.07 37.94 84.11
N GLN J 192 42.23 36.63 84.17
CA GLN J 192 43.54 36.01 84.12
C GLN J 192 44.01 36.00 82.66
N PRO J 193 45.28 35.70 82.42
CA PRO J 193 45.73 35.52 81.04
C PRO J 193 44.83 34.52 80.31
N VAL J 194 44.70 34.73 79.01
CA VAL J 194 43.93 33.85 78.14
C VAL J 194 44.88 33.12 77.19
N THR J 195 44.56 31.86 76.89
CA THR J 195 45.39 31.02 76.03
C THR J 195 44.57 30.53 74.84
N CYS J 196 45.08 30.77 73.63
CA CYS J 196 44.48 30.22 72.43
C CYS J 196 45.13 28.88 72.12
N ASN J 197 44.30 27.90 71.79
CA ASN J 197 44.78 26.58 71.37
C ASN J 197 44.51 26.45 69.88
N VAL J 198 45.57 26.20 69.11
CA VAL J 198 45.54 26.29 67.65
C VAL J 198 45.93 24.92 67.13
N ALA J 199 44.95 24.16 66.65
CA ALA J 199 45.18 22.83 66.13
C ALA J 199 45.17 22.86 64.62
N HIS J 200 46.12 22.13 64.00
CA HIS J 200 46.21 22.03 62.55
C HIS J 200 46.37 20.54 62.22
N PRO J 201 45.25 19.82 62.09
CA PRO J 201 45.36 18.35 62.01
C PRO J 201 46.18 17.88 60.83
N ALA J 202 46.13 18.56 59.68
CA ALA J 202 46.91 18.08 58.55
C ALA J 202 48.38 17.87 58.92
N THR J 203 48.95 18.70 59.79
CA THR J 203 50.34 18.56 60.23
C THR J 203 50.46 17.97 61.64
N ASN J 204 49.34 17.64 62.28
CA ASN J 204 49.33 17.06 63.62
C ASN J 204 50.03 18.00 64.61
N THR J 205 49.75 19.29 64.48
CA THR J 205 50.29 20.31 65.35
C THR J 205 49.16 20.87 66.21
N LYS J 206 49.48 21.14 67.46
CA LYS J 206 48.59 21.92 68.31
C LYS J 206 49.51 22.80 69.12
N VAL J 207 49.29 24.10 69.04
CA VAL J 207 50.14 25.10 69.65
C VAL J 207 49.29 25.87 70.65
N ASP J 208 49.88 26.20 71.79
CA ASP J 208 49.26 27.11 72.74
C ASP J 208 50.02 28.43 72.76
N LYS J 209 49.29 29.51 73.00
CA LYS J 209 49.89 30.83 73.13
C LYS J 209 49.08 31.57 74.18
N THR J 210 49.70 31.88 75.32
CA THR J 210 49.05 32.62 76.39
C THR J 210 49.25 34.12 76.17
N VAL J 211 48.14 34.83 76.05
CA VAL J 211 48.14 36.26 75.72
C VAL J 211 47.66 37.00 76.97
N ALA J 212 48.39 38.02 77.34
CA ALA J 212 47.97 38.91 78.43
C ALA J 212 48.47 40.28 78.04
N PRO J 213 47.77 41.34 78.44
CA PRO J 213 48.19 42.67 78.01
C PRO J 213 49.60 42.95 78.48
N SER J 214 50.27 43.83 77.76
CA SER J 214 51.61 44.29 78.13
C SER J 214 52.50 43.10 78.53
N ASP K 1 -37.16 17.75 -5.82
CA ASP K 1 -37.06 16.80 -6.92
C ASP K 1 -37.10 17.50 -8.30
N ILE K 2 -37.65 16.79 -9.28
CA ILE K 2 -37.73 17.29 -10.65
C ILE K 2 -38.78 18.40 -10.73
N VAL K 3 -38.43 19.51 -11.37
CA VAL K 3 -39.34 20.63 -11.56
C VAL K 3 -39.83 20.62 -13.00
N MET K 4 -41.13 20.88 -13.17
CA MET K 4 -41.78 20.89 -14.46
C MET K 4 -42.16 22.33 -14.78
N THR K 5 -41.54 22.91 -15.80
CA THR K 5 -41.80 24.29 -16.16
C THR K 5 -42.62 24.31 -17.45
N GLN K 6 -43.76 24.99 -17.41
CA GLN K 6 -44.68 25.05 -18.52
C GLN K 6 -44.75 26.47 -19.08
N THR K 7 -44.71 26.59 -20.40
CA THR K 7 -44.75 27.90 -21.07
C THR K 7 -45.52 27.78 -22.39
N PRO K 8 -46.17 28.86 -22.82
CA PRO K 8 -46.35 30.15 -22.16
C PRO K 8 -47.40 30.00 -21.07
N ALA K 9 -47.61 31.01 -20.24
CA ALA K 9 -48.68 30.90 -19.25
C ALA K 9 -50.06 31.09 -19.88
N SER K 10 -50.16 31.86 -20.96
CA SER K 10 -51.41 31.95 -21.70
C SER K 10 -51.10 32.23 -23.15
N VAL K 11 -52.04 31.86 -24.02
CA VAL K 11 -51.86 31.99 -25.44
C VAL K 11 -53.22 32.22 -26.08
N GLU K 12 -53.22 33.07 -27.10
CA GLU K 12 -54.40 33.36 -27.90
C GLU K 12 -54.18 32.78 -29.28
N ALA K 13 -55.19 32.07 -29.81
CA ALA K 13 -55.14 31.59 -31.18
C ALA K 13 -56.49 31.78 -31.85
N ALA K 14 -56.46 32.19 -33.11
CA ALA K 14 -57.66 32.22 -33.93
C ALA K 14 -58.17 30.80 -34.17
N VAL K 15 -59.49 30.68 -34.30
CA VAL K 15 -60.08 29.44 -34.78
C VAL K 15 -59.38 29.03 -36.05
N GLY K 16 -58.90 27.78 -36.07
CA GLY K 16 -58.18 27.24 -37.22
C GLY K 16 -56.69 27.36 -37.15
N GLY K 17 -56.15 28.08 -36.19
CA GLY K 17 -54.73 28.25 -36.11
C GLY K 17 -54.07 27.08 -35.42
N THR K 18 -52.75 27.15 -35.31
CA THR K 18 -52.01 26.14 -34.57
C THR K 18 -51.39 26.78 -33.34
N VAL K 19 -51.39 26.03 -32.25
CA VAL K 19 -50.86 26.51 -30.99
C VAL K 19 -49.99 25.41 -30.40
N ALA K 20 -48.82 25.79 -29.88
CA ALA K 20 -47.83 24.87 -29.32
C ALA K 20 -47.54 25.24 -27.88
N ILE K 21 -47.70 24.28 -26.98
CA ILE K 21 -47.51 24.50 -25.54
C ILE K 21 -46.35 23.61 -25.10
N LYS K 22 -45.40 24.20 -24.38
CA LYS K 22 -44.17 23.51 -24.02
C LYS K 22 -44.12 23.22 -22.53
N CYS K 23 -43.41 22.14 -22.22
N CYS K 23 -43.51 22.08 -22.22
CA CYS K 23 -43.22 21.69 -20.85
CA CYS K 23 -43.18 21.72 -20.85
C CYS K 23 -41.80 21.18 -20.73
C CYS K 23 -41.74 21.27 -20.81
N GLN K 24 -41.02 21.77 -19.82
CA GLN K 24 -39.62 21.43 -19.62
C GLN K 24 -39.48 20.69 -18.30
N ALA K 25 -38.73 19.60 -18.32
CA ALA K 25 -38.33 18.88 -17.12
C ALA K 25 -36.87 19.19 -16.81
N SER K 26 -36.58 19.43 -15.53
CA SER K 26 -35.21 19.73 -15.11
C SER K 26 -34.30 18.50 -15.11
N GLN K 27 -34.87 17.30 -15.06
CA GLN K 27 -34.11 16.08 -15.28
C GLN K 27 -34.85 15.27 -16.33
N SER K 28 -34.11 14.41 -17.03
CA SER K 28 -34.76 13.65 -18.08
C SER K 28 -35.78 12.70 -17.50
N ILE K 29 -36.96 12.63 -18.14
CA ILE K 29 -37.98 11.65 -17.80
C ILE K 29 -38.27 10.75 -18.99
N ARG K 30 -37.33 10.69 -19.93
CA ARG K 30 -37.51 9.94 -21.16
C ARG K 30 -38.87 10.34 -21.73
N SER K 31 -39.79 9.40 -21.91
CA SER K 31 -41.05 9.72 -22.58
C SER K 31 -42.23 9.83 -21.62
N TYR K 32 -41.98 9.81 -20.30
CA TYR K 32 -43.06 9.63 -19.32
C TYR K 32 -43.60 10.99 -18.89
N LEU K 33 -44.48 11.49 -19.75
CA LEU K 33 -45.03 12.83 -19.65
C LEU K 33 -46.44 12.74 -20.22
N ALA K 34 -47.42 13.22 -19.48
CA ALA K 34 -48.80 13.24 -19.94
C ALA K 34 -49.29 14.68 -20.07
N TRP K 35 -50.36 14.83 -20.83
CA TRP K 35 -50.97 16.13 -21.06
C TRP K 35 -52.46 16.06 -20.81
N TYR K 36 -52.97 17.06 -20.11
CA TYR K 36 -54.38 17.16 -19.75
C TYR K 36 -55.01 18.45 -20.25
N GLN K 37 -56.31 18.36 -20.51
CA GLN K 37 -57.16 19.49 -20.80
C GLN K 37 -58.12 19.67 -19.64
N GLN K 38 -58.32 20.90 -19.20
CA GLN K 38 -59.30 21.19 -18.17
C GLN K 38 -60.18 22.39 -18.54
N LYS K 39 -61.48 22.16 -18.66
CA LYS K 39 -62.47 23.23 -18.77
C LYS K 39 -62.84 23.75 -17.38
N PRO K 40 -63.06 25.04 -17.20
CA PRO K 40 -63.51 25.53 -15.89
C PRO K 40 -64.66 24.72 -15.33
N GLY K 41 -64.54 24.34 -14.06
CA GLY K 41 -65.58 23.60 -13.39
C GLY K 41 -65.64 22.11 -13.66
N GLN K 42 -64.74 21.56 -14.47
CA GLN K 42 -64.70 20.13 -14.72
C GLN K 42 -63.41 19.55 -14.18
N PRO K 43 -63.34 18.25 -13.93
CA PRO K 43 -62.06 17.62 -13.71
C PRO K 43 -61.26 17.60 -14.99
N PRO K 44 -59.94 17.50 -14.89
CA PRO K 44 -59.11 17.38 -16.10
C PRO K 44 -59.43 16.12 -16.89
N LYS K 45 -59.01 16.14 -18.15
N LYS K 45 -59.06 16.16 -18.17
CA LYS K 45 -59.24 15.08 -19.12
CA LYS K 45 -59.25 15.05 -19.10
C LYS K 45 -57.90 14.72 -19.75
C LYS K 45 -57.91 14.72 -19.74
N LEU K 46 -57.56 13.44 -19.74
CA LEU K 46 -56.33 13.00 -20.39
C LEU K 46 -56.41 13.13 -21.91
N LEU K 47 -55.40 13.80 -22.47
CA LEU K 47 -55.19 14.00 -23.90
C LEU K 47 -54.14 13.07 -24.47
N ILE K 48 -52.94 13.11 -23.87
CA ILE K 48 -51.73 12.47 -24.39
C ILE K 48 -51.05 11.82 -23.20
N TYR K 49 -50.57 10.60 -23.41
CA TYR K 49 -49.70 9.96 -22.44
C TYR K 49 -48.45 9.42 -23.15
N GLU K 50 -47.38 9.25 -22.38
CA GLU K 50 -46.09 8.81 -22.90
C GLU K 50 -45.62 9.73 -24.02
N ALA K 51 -45.85 11.03 -23.83
CA ALA K 51 -45.28 12.14 -24.60
C ALA K 51 -46.00 12.37 -25.92
N SER K 52 -46.56 11.31 -26.52
CA SER K 52 -47.12 11.39 -27.86
C SER K 52 -48.24 10.39 -28.14
N LYS K 53 -48.58 9.50 -27.21
CA LYS K 53 -49.67 8.58 -27.47
C LYS K 53 -51.01 9.25 -27.17
N LEU K 54 -51.94 9.17 -28.12
CA LEU K 54 -53.26 9.79 -27.99
C LEU K 54 -54.19 8.94 -27.13
N ALA K 55 -54.85 9.56 -26.19
CA ALA K 55 -55.81 8.86 -25.34
C ALA K 55 -57.10 8.61 -26.10
N SER K 56 -57.88 7.68 -25.58
CA SER K 56 -59.09 7.26 -26.28
C SER K 56 -60.06 8.42 -26.45
N GLY K 57 -60.52 8.61 -27.68
CA GLY K 57 -61.58 9.57 -27.90
C GLY K 57 -61.14 11.01 -27.94
N VAL K 58 -59.87 11.27 -28.22
CA VAL K 58 -59.33 12.63 -28.25
C VAL K 58 -59.13 13.02 -29.71
N PRO K 59 -59.63 14.17 -30.15
CA PRO K 59 -59.52 14.51 -31.58
C PRO K 59 -58.07 14.50 -32.04
N SER K 60 -57.89 14.14 -33.31
CA SER K 60 -56.58 14.07 -33.97
C SER K 60 -55.87 15.41 -34.05
N ARG K 61 -56.54 16.53 -33.80
CA ARG K 61 -55.83 17.79 -33.84
C ARG K 61 -54.92 17.97 -32.65
N PHE K 62 -55.03 17.13 -31.64
CA PHE K 62 -54.07 17.10 -30.55
C PHE K 62 -52.92 16.16 -30.88
N SER K 63 -51.69 16.63 -30.69
CA SER K 63 -50.52 15.79 -30.79
C SER K 63 -49.46 16.20 -29.77
N GLY K 64 -48.62 15.24 -29.44
CA GLY K 64 -47.53 15.46 -28.51
C GLY K 64 -46.22 14.97 -29.09
N SER K 65 -45.16 15.71 -28.77
CA SER K 65 -43.80 15.35 -29.19
C SER K 65 -42.84 15.51 -28.02
N GLY K 66 -41.61 15.11 -28.21
CA GLY K 66 -40.56 15.40 -27.26
C GLY K 66 -40.14 14.18 -26.46
N SER K 67 -39.02 14.33 -25.77
CA SER K 67 -38.47 13.22 -25.03
C SER K 67 -37.31 13.73 -24.19
N GLY K 68 -37.13 13.09 -23.04
CA GLY K 68 -36.09 13.49 -22.12
C GLY K 68 -36.50 14.68 -21.28
N THR K 69 -36.21 15.87 -21.82
CA THR K 69 -36.30 17.11 -21.07
C THR K 69 -37.26 18.13 -21.68
N GLN K 70 -37.66 17.96 -22.94
CA GLN K 70 -38.44 18.98 -23.63
C GLN K 70 -39.61 18.34 -24.33
N PHE K 71 -40.80 18.91 -24.12
CA PHE K 71 -42.03 18.34 -24.66
C PHE K 71 -42.91 19.45 -25.20
N THR K 72 -43.77 19.07 -26.13
CA THR K 72 -44.63 20.02 -26.82
C THR K 72 -45.98 19.38 -27.04
N LEU K 73 -47.04 20.07 -26.56
CA LEU K 73 -48.42 19.81 -26.97
C LEU K 73 -48.75 20.77 -28.11
N THR K 74 -49.15 20.21 -29.26
CA THR K 74 -49.58 21.00 -30.41
C THR K 74 -51.06 20.75 -30.67
N ILE K 75 -51.82 21.85 -30.80
CA ILE K 75 -53.20 21.78 -31.27
C ILE K 75 -53.20 22.35 -32.68
N SER K 76 -53.46 21.50 -33.68
CA SER K 76 -53.36 21.89 -35.09
C SER K 76 -54.77 22.10 -35.64
N GLY K 77 -55.21 23.37 -35.69
CA GLY K 77 -56.56 23.71 -36.10
C GLY K 77 -57.47 23.95 -34.92
N VAL K 78 -57.17 25.02 -34.18
CA VAL K 78 -57.83 25.23 -32.90
C VAL K 78 -59.33 25.47 -33.11
N GLU K 79 -60.15 24.91 -32.23
CA GLU K 79 -61.59 25.14 -32.22
C GLU K 79 -62.01 25.83 -30.93
N CYS K 80 -63.22 26.37 -30.93
CA CYS K 80 -63.73 27.06 -29.74
C CYS K 80 -63.78 26.11 -28.54
N ASP K 81 -64.06 24.83 -28.78
CA ASP K 81 -64.11 23.84 -27.70
C ASP K 81 -62.76 23.66 -27.02
N ASP K 82 -61.68 24.11 -27.66
CA ASP K 82 -60.35 23.91 -27.12
C ASP K 82 -59.97 25.01 -26.11
N ALA K 83 -60.84 26.00 -25.92
CA ALA K 83 -60.58 27.05 -24.94
C ALA K 83 -60.61 26.40 -23.55
N ALA K 84 -59.44 26.30 -22.92
CA ALA K 84 -59.27 25.53 -21.70
C ALA K 84 -57.88 25.83 -21.13
N THR K 85 -57.57 25.20 -20.01
CA THR K 85 -56.23 25.27 -19.47
C THR K 85 -55.64 23.88 -19.64
N TYR K 86 -54.40 23.83 -20.13
CA TYR K 86 -53.70 22.59 -20.40
C TYR K 86 -52.53 22.43 -19.43
N TYR K 87 -52.36 21.19 -18.93
CA TYR K 87 -51.31 20.86 -17.98
C TYR K 87 -50.48 19.70 -18.49
N CYS K 88 -49.17 19.81 -18.36
CA CYS K 88 -48.36 18.60 -18.45
C CYS K 88 -48.16 17.96 -17.06
N GLN K 89 -47.86 16.66 -17.06
CA GLN K 89 -47.66 15.91 -15.82
C GLN K 89 -46.50 14.94 -15.95
N ARG K 90 -45.57 15.04 -15.01
CA ARG K 90 -44.48 14.08 -14.90
C ARG K 90 -45.03 12.72 -14.50
N ASN K 91 -44.60 11.67 -15.20
CA ASN K 91 -45.14 10.33 -15.02
C ASN K 91 -44.06 9.32 -14.60
N TYR K 92 -42.92 9.79 -14.10
CA TYR K 92 -41.81 8.95 -13.70
C TYR K 92 -41.12 9.60 -12.52
N ASP K 93 -40.56 8.77 -11.64
CA ASP K 93 -39.94 9.25 -10.41
C ASP K 93 -38.53 8.71 -10.36
N SER K 94 -37.55 9.62 -10.41
CA SER K 94 -36.14 9.21 -10.48
C SER K 94 -35.70 8.51 -9.19
N TYR K 95 -36.11 9.02 -8.03
CA TYR K 95 -35.74 8.42 -6.75
C TYR K 95 -36.14 6.95 -6.71
N SER K 96 -37.43 6.67 -6.89
CA SER K 96 -37.95 5.33 -6.66
C SER K 96 -37.86 4.43 -7.88
N GLY K 97 -37.68 4.98 -9.08
CA GLY K 97 -37.79 4.22 -10.30
C GLY K 97 -39.20 3.85 -10.71
N ALA K 98 -40.24 4.33 -10.03
CA ALA K 98 -41.61 3.96 -10.34
C ALA K 98 -42.23 4.96 -11.33
N TYR K 99 -43.36 4.59 -11.93
CA TYR K 99 -43.96 5.36 -13.02
C TYR K 99 -45.37 5.84 -12.70
N TYR K 100 -45.62 6.25 -11.45
CA TYR K 100 -46.91 6.83 -11.11
C TYR K 100 -47.00 8.26 -11.65
N PRO K 101 -48.21 8.76 -11.90
CA PRO K 101 -48.37 10.14 -12.38
C PRO K 101 -48.26 11.10 -11.20
N ASN K 102 -47.37 12.09 -11.32
CA ASN K 102 -47.14 12.97 -10.17
C ASN K 102 -47.17 14.48 -10.48
N GLY K 103 -46.03 15.16 -10.39
CA GLY K 103 -46.04 16.61 -10.38
C GLY K 103 -46.51 17.17 -11.71
N PHE K 104 -47.28 18.25 -11.64
CA PHE K 104 -47.85 18.95 -12.78
C PHE K 104 -47.00 20.16 -13.16
N GLY K 105 -47.08 20.54 -14.42
CA GLY K 105 -46.69 21.88 -14.81
C GLY K 105 -47.69 22.90 -14.31
N GLY K 106 -47.26 24.17 -14.37
CA GLY K 106 -48.08 25.30 -13.91
C GLY K 106 -49.30 25.60 -14.77
N GLY K 107 -49.39 25.05 -15.96
CA GLY K 107 -50.61 25.19 -16.73
C GLY K 107 -50.52 26.31 -17.76
N THR K 108 -51.20 26.12 -18.88
CA THR K 108 -51.26 27.13 -19.94
C THR K 108 -52.71 27.36 -20.34
N GLU K 109 -53.17 28.61 -20.24
CA GLU K 109 -54.52 28.97 -20.67
C GLU K 109 -54.50 29.25 -22.17
N VAL K 110 -55.45 28.64 -22.90
CA VAL K 110 -55.63 28.86 -24.33
C VAL K 110 -56.96 29.58 -24.51
N VAL K 111 -56.86 30.82 -24.99
CA VAL K 111 -57.99 31.65 -25.41
C VAL K 111 -58.17 31.52 -26.93
N VAL K 112 -59.41 31.34 -27.38
CA VAL K 112 -59.67 31.11 -28.81
C VAL K 112 -60.43 32.31 -29.37
N LYS K 113 -59.87 32.93 -30.42
N LYS K 113 -59.88 32.89 -30.45
CA LYS K 113 -60.46 34.10 -31.04
CA LYS K 113 -60.45 34.09 -31.06
C LYS K 113 -61.42 33.65 -32.15
C LYS K 113 -61.42 33.66 -32.17
N GLY K 114 -62.70 33.86 -31.93
CA GLY K 114 -63.72 33.51 -32.88
C GLY K 114 -64.29 34.74 -33.56
N ASP K 115 -65.45 34.56 -34.13
CA ASP K 115 -66.07 35.64 -34.90
C ASP K 115 -66.62 36.70 -33.95
N PRO K 116 -66.54 37.98 -34.29
CA PRO K 116 -67.06 39.01 -33.37
C PRO K 116 -68.58 38.96 -33.29
N VAL K 117 -69.07 39.08 -32.03
N VAL K 117 -69.11 39.07 -32.07
CA VAL K 117 -70.50 39.04 -31.71
CA VAL K 117 -70.56 39.14 -31.89
C VAL K 117 -70.77 40.16 -30.70
C VAL K 117 -70.85 40.14 -30.77
N ALA K 118 -71.78 41.03 -31.03
CA ALA K 118 -72.09 42.17 -30.17
C ALA K 118 -73.02 41.73 -29.05
N PRO K 119 -72.80 42.20 -27.83
CA PRO K 119 -73.60 41.71 -26.71
C PRO K 119 -75.00 42.29 -26.68
N SER K 120 -75.91 41.51 -26.11
N SER K 120 -75.91 41.51 -26.12
CA SER K 120 -77.17 42.05 -25.61
CA SER K 120 -77.17 42.02 -25.59
C SER K 120 -76.95 42.46 -24.15
C SER K 120 -76.92 42.47 -24.16
N VAL K 121 -77.50 43.61 -23.77
CA VAL K 121 -77.18 44.23 -22.49
C VAL K 121 -78.47 44.38 -21.68
N LEU K 122 -78.41 43.99 -20.42
CA LEU K 122 -79.56 43.90 -19.54
C LEU K 122 -79.18 44.52 -18.20
N ILE K 123 -80.06 45.35 -17.65
CA ILE K 123 -79.85 45.87 -16.30
C ILE K 123 -81.05 45.45 -15.46
N PHE K 124 -80.77 45.02 -14.23
CA PHE K 124 -81.76 44.50 -13.28
C PHE K 124 -81.74 45.36 -12.03
N PRO K 125 -82.80 46.10 -11.72
CA PRO K 125 -82.81 46.84 -10.46
C PRO K 125 -83.03 45.88 -9.29
N PRO K 126 -82.63 46.27 -8.08
CA PRO K 126 -82.70 45.34 -6.95
C PRO K 126 -84.13 45.07 -6.54
N ALA K 127 -84.46 43.80 -6.35
CA ALA K 127 -85.76 43.44 -5.81
C ALA K 127 -86.00 44.17 -4.49
N ALA K 128 -87.28 44.34 -4.16
CA ALA K 128 -87.65 45.13 -3.00
C ALA K 128 -87.08 44.53 -1.71
N ASP K 129 -86.96 43.21 -1.64
CA ASP K 129 -86.48 42.58 -0.42
C ASP K 129 -85.02 42.90 -0.14
N GLN K 130 -84.25 43.20 -1.19
CA GLN K 130 -82.84 43.53 -0.98
C GLN K 130 -82.70 44.72 -0.03
N VAL K 131 -83.50 45.76 -0.23
CA VAL K 131 -83.28 47.01 0.48
C VAL K 131 -83.46 46.81 1.99
N ALA K 132 -84.54 46.11 2.38
CA ALA K 132 -84.78 45.85 3.79
C ALA K 132 -83.57 45.25 4.46
N THR K 133 -82.76 44.52 3.70
CA THR K 133 -81.53 43.97 4.25
C THR K 133 -80.47 45.04 4.44
N GLY K 134 -80.71 46.26 3.95
CA GLY K 134 -79.77 47.35 4.04
C GLY K 134 -78.64 47.33 3.02
N THR K 135 -78.54 46.28 2.20
CA THR K 135 -77.60 46.22 1.09
C THR K 135 -78.34 45.94 -0.21
N VAL K 136 -77.91 46.60 -1.28
CA VAL K 136 -78.57 46.54 -2.58
C VAL K 136 -77.53 46.14 -3.61
N THR K 137 -77.85 45.16 -4.44
CA THR K 137 -76.96 44.75 -5.53
C THR K 137 -77.70 44.99 -6.84
N ILE K 138 -77.13 45.84 -7.69
CA ILE K 138 -77.64 46.06 -9.04
C ILE K 138 -76.84 45.20 -10.01
N VAL K 139 -77.53 44.47 -10.88
CA VAL K 139 -76.89 43.50 -11.76
C VAL K 139 -77.02 43.97 -13.20
N CYS K 140 -75.89 43.98 -13.92
CA CYS K 140 -75.86 44.26 -15.35
C CYS K 140 -75.29 43.04 -16.05
N VAL K 141 -75.94 42.61 -17.12
CA VAL K 141 -75.54 41.43 -17.87
C VAL K 141 -75.22 41.82 -19.30
N ALA K 142 -74.08 41.32 -19.80
CA ALA K 142 -73.71 41.39 -21.20
C ALA K 142 -73.71 39.96 -21.70
N ASN K 143 -74.67 39.62 -22.54
CA ASN K 143 -74.80 38.23 -22.96
C ASN K 143 -74.28 38.00 -24.37
N LYS K 144 -73.62 36.85 -24.54
CA LYS K 144 -73.21 36.28 -25.82
C LYS K 144 -72.44 37.27 -26.68
N TYR K 145 -71.15 37.45 -26.38
CA TYR K 145 -70.35 38.46 -27.05
C TYR K 145 -68.92 37.97 -27.23
N PHE K 146 -68.26 38.44 -28.30
CA PHE K 146 -66.83 38.34 -28.51
C PHE K 146 -66.40 39.48 -29.39
N PRO K 147 -65.24 40.10 -29.12
CA PRO K 147 -64.24 39.93 -28.07
C PRO K 147 -64.68 40.58 -26.78
N ASP K 148 -63.74 40.73 -25.84
CA ASP K 148 -64.08 41.24 -24.52
C ASP K 148 -64.70 42.63 -24.59
N VAL K 149 -65.51 42.95 -23.58
CA VAL K 149 -66.13 44.26 -23.46
C VAL K 149 -65.52 45.01 -22.27
N THR K 150 -65.86 46.28 -22.15
N THR K 150 -65.83 46.31 -22.19
CA THR K 150 -65.59 46.99 -20.92
CA THR K 150 -65.59 47.14 -21.02
C THR K 150 -66.87 47.58 -20.37
C THR K 150 -66.94 47.49 -20.39
N VAL K 151 -67.02 47.46 -19.06
CA VAL K 151 -68.25 47.85 -18.37
C VAL K 151 -67.96 49.05 -17.48
N THR K 152 -68.74 50.11 -17.66
N THR K 152 -68.75 50.09 -17.67
CA THR K 152 -68.62 51.30 -16.83
CA THR K 152 -68.67 51.30 -16.87
C THR K 152 -69.97 51.55 -16.17
C THR K 152 -70.00 51.47 -16.15
N TRP K 153 -69.94 51.86 -14.88
CA TRP K 153 -71.14 52.14 -14.13
C TRP K 153 -71.19 53.62 -13.82
N GLU K 154 -72.36 54.22 -13.99
CA GLU K 154 -72.58 55.60 -13.58
C GLU K 154 -73.79 55.72 -12.67
N VAL K 155 -73.72 56.67 -11.74
CA VAL K 155 -74.82 56.96 -10.84
C VAL K 155 -75.06 58.45 -10.86
N ASP K 156 -76.26 58.85 -11.30
CA ASP K 156 -76.57 60.23 -11.64
C ASP K 156 -75.42 60.89 -12.40
N GLY K 157 -74.90 60.16 -13.40
CA GLY K 157 -73.84 60.65 -14.24
C GLY K 157 -72.44 60.58 -13.65
N THR K 158 -72.29 60.14 -12.41
CA THR K 158 -70.97 60.00 -11.81
C THR K 158 -70.46 58.58 -12.01
N THR K 159 -69.24 58.45 -12.53
CA THR K 159 -68.64 57.14 -12.73
C THR K 159 -68.35 56.46 -11.39
N GLN K 160 -68.62 55.16 -11.34
CA GLN K 160 -68.42 54.39 -10.12
C GLN K 160 -67.08 53.68 -10.18
N THR K 161 -66.30 53.87 -9.12
CA THR K 161 -64.97 53.30 -8.95
C THR K 161 -64.92 52.11 -8.01
N THR K 162 -65.92 51.95 -7.15
CA THR K 162 -65.86 50.93 -6.11
C THR K 162 -67.19 50.21 -6.06
N GLY K 163 -67.18 49.05 -5.43
CA GLY K 163 -68.39 48.25 -5.26
C GLY K 163 -68.77 47.41 -6.46
N ILE K 164 -67.87 47.24 -7.42
CA ILE K 164 -68.19 46.57 -8.68
C ILE K 164 -67.47 45.23 -8.73
N GLU K 165 -68.23 44.17 -9.02
CA GLU K 165 -67.70 42.82 -9.18
C GLU K 165 -68.13 42.29 -10.53
N ASN K 166 -67.19 41.71 -11.26
CA ASN K 166 -67.43 41.18 -12.59
C ASN K 166 -67.18 39.68 -12.61
N SER K 167 -68.04 38.96 -13.31
CA SER K 167 -67.90 37.52 -13.44
C SER K 167 -68.22 37.13 -14.87
N LYS K 168 -67.29 36.44 -15.51
CA LYS K 168 -67.37 36.11 -16.94
C LYS K 168 -67.37 34.60 -17.12
N THR K 169 -68.36 34.08 -17.85
CA THR K 169 -68.42 32.65 -18.10
C THR K 169 -67.23 32.22 -18.96
N PRO K 170 -66.90 30.93 -18.94
CA PRO K 170 -65.93 30.41 -19.92
C PRO K 170 -66.45 30.60 -21.35
N GLN K 171 -65.51 30.69 -22.29
CA GLN K 171 -65.88 30.78 -23.70
C GLN K 171 -66.75 29.60 -24.13
N ASN K 172 -67.76 29.90 -24.93
CA ASN K 172 -68.74 28.90 -25.32
C ASN K 172 -68.07 27.89 -26.26
N SER K 173 -68.33 26.61 -26.05
CA SER K 173 -67.61 25.62 -26.84
C SER K 173 -68.03 25.62 -28.31
N ALA K 174 -69.14 26.27 -28.67
CA ALA K 174 -69.57 26.29 -30.06
C ALA K 174 -69.20 27.58 -30.79
N ASP K 175 -69.29 28.73 -30.15
CA ASP K 175 -69.08 29.98 -30.89
C ASP K 175 -68.08 30.91 -30.22
N CYS K 176 -67.39 30.46 -29.18
CA CYS K 176 -66.30 31.15 -28.51
C CYS K 176 -66.77 32.33 -27.68
N THR K 177 -68.07 32.56 -27.56
CA THR K 177 -68.53 33.80 -26.93
C THR K 177 -68.45 33.70 -25.40
N TYR K 178 -68.49 34.88 -24.80
CA TYR K 178 -68.54 35.07 -23.35
C TYR K 178 -69.93 35.54 -22.93
N ASN K 179 -70.17 35.46 -21.63
CA ASN K 179 -71.25 36.18 -20.98
C ASN K 179 -70.67 36.81 -19.72
N LEU K 180 -71.20 37.98 -19.38
CA LEU K 180 -70.64 38.78 -18.29
C LEU K 180 -71.74 39.20 -17.34
N SER K 181 -71.50 39.01 -16.05
CA SER K 181 -72.32 39.61 -15.00
C SER K 181 -71.49 40.67 -14.29
N SER K 182 -71.96 41.90 -14.28
CA SER K 182 -71.32 42.99 -13.56
C SER K 182 -72.29 43.47 -12.48
N THR K 183 -71.83 43.54 -11.24
CA THR K 183 -72.71 43.92 -10.14
C THR K 183 -72.16 45.16 -9.45
N LEU K 184 -73.05 46.07 -9.11
CA LEU K 184 -72.75 47.25 -8.30
C LEU K 184 -73.47 47.08 -6.97
N THR K 185 -72.72 47.04 -5.88
CA THR K 185 -73.29 46.87 -4.54
C THR K 185 -73.17 48.17 -3.77
N LEU K 186 -74.28 48.61 -3.16
CA LEU K 186 -74.34 49.82 -2.37
C LEU K 186 -75.13 49.53 -1.11
N THR K 187 -74.87 50.33 -0.07
CA THR K 187 -75.76 50.32 1.08
C THR K 187 -77.11 50.84 0.63
N SER K 188 -78.17 50.38 1.30
CA SER K 188 -79.52 50.84 0.95
C SER K 188 -79.66 52.35 0.99
N THR K 189 -78.83 53.06 1.76
CA THR K 189 -79.02 54.51 1.88
C THR K 189 -78.33 55.25 0.76
N GLN K 190 -77.13 54.81 0.35
CA GLN K 190 -76.59 55.26 -0.93
C GLN K 190 -77.64 55.12 -2.02
N TYR K 191 -78.27 53.96 -2.10
CA TYR K 191 -79.11 53.65 -3.25
C TYR K 191 -80.33 54.56 -3.31
N ASN K 192 -80.93 54.84 -2.15
CA ASN K 192 -82.09 55.73 -2.09
C ASN K 192 -81.72 57.20 -2.25
N SER K 193 -80.46 57.56 -2.00
CA SER K 193 -80.03 58.94 -2.18
C SER K 193 -80.07 59.34 -3.66
N HIS K 194 -79.84 58.39 -4.56
CA HIS K 194 -79.62 58.68 -5.96
C HIS K 194 -80.72 58.12 -6.84
N LYS K 195 -80.76 58.63 -8.09
CA LYS K 195 -81.87 58.42 -9.01
C LYS K 195 -81.53 57.55 -10.21
N GLU K 196 -80.45 57.87 -10.94
CA GLU K 196 -80.13 57.24 -12.22
C GLU K 196 -79.02 56.22 -12.10
N TYR K 197 -79.34 54.97 -12.46
CA TYR K 197 -78.40 53.85 -12.44
C TYR K 197 -78.15 53.41 -13.88
N THR K 198 -76.87 53.41 -14.27
CA THR K 198 -76.48 53.27 -15.67
C THR K 198 -75.41 52.22 -15.79
N CYS K 199 -75.63 51.25 -16.68
CA CYS K 199 -74.63 50.28 -17.07
C CYS K 199 -74.26 50.54 -18.52
N LYS K 200 -73.01 50.89 -18.76
CA LYS K 200 -72.53 51.12 -20.11
C LYS K 200 -71.57 50.01 -20.50
N VAL K 201 -71.87 49.32 -21.59
CA VAL K 201 -71.07 48.21 -22.06
C VAL K 201 -70.46 48.62 -23.40
N THR K 202 -69.13 48.66 -23.45
CA THR K 202 -68.41 49.08 -24.63
C THR K 202 -67.73 47.88 -25.27
N GLN K 203 -67.89 47.77 -26.59
CA GLN K 203 -67.17 46.80 -27.41
C GLN K 203 -66.67 47.53 -28.64
N GLY K 204 -65.37 47.64 -28.78
CA GLY K 204 -64.84 48.29 -29.98
C GLY K 204 -65.40 49.69 -30.12
N THR K 205 -66.05 49.97 -31.25
CA THR K 205 -66.47 51.32 -31.58
C THR K 205 -67.84 51.70 -31.04
N THR K 206 -68.52 50.78 -30.37
CA THR K 206 -69.91 50.90 -29.99
C THR K 206 -70.06 50.77 -28.48
N SER K 207 -70.76 51.71 -27.86
CA SER K 207 -71.27 51.57 -26.51
C SER K 207 -72.80 51.46 -26.50
N VAL K 208 -73.28 50.60 -25.63
CA VAL K 208 -74.70 50.43 -25.36
C VAL K 208 -74.91 50.80 -23.91
N VAL K 209 -75.86 51.69 -23.66
CA VAL K 209 -76.09 52.21 -22.33
C VAL K 209 -77.47 51.76 -21.91
N GLN K 210 -77.54 51.04 -20.80
CA GLN K 210 -78.80 50.65 -20.21
C GLN K 210 -78.90 51.33 -18.85
N SER K 211 -80.01 52.04 -18.64
CA SER K 211 -80.23 52.85 -17.45
C SER K 211 -81.61 52.57 -16.87
N PHE K 212 -81.75 52.83 -15.58
CA PHE K 212 -83.08 52.93 -14.96
C PHE K 212 -83.06 53.99 -13.88
N ASN K 213 -84.26 54.49 -13.54
CA ASN K 213 -84.47 55.43 -12.42
C ASN K 213 -85.07 54.66 -11.26
N ARG K 214 -84.48 54.87 -10.08
CA ARG K 214 -84.93 54.12 -8.91
C ARG K 214 -86.42 54.21 -8.75
N GLY K 215 -86.99 55.41 -8.99
CA GLY K 215 -88.40 55.62 -8.73
C GLY K 215 -89.31 54.90 -9.71
N ASP K 216 -88.83 54.66 -10.94
CA ASP K 216 -89.69 54.11 -11.99
C ASP K 216 -89.84 52.60 -11.93
N CYS K 217 -89.09 51.93 -11.07
CA CYS K 217 -89.14 50.47 -11.07
C CYS K 217 -89.79 49.95 -9.81
N LEU L 2 -65.49 7.03 -10.64
CA LEU L 2 -64.92 7.37 -9.36
C LEU L 2 -65.75 8.48 -8.77
N VAL L 3 -65.96 8.48 -7.45
CA VAL L 3 -66.63 9.60 -6.81
C VAL L 3 -65.97 9.86 -5.46
N GLU L 4 -65.54 11.09 -5.26
CA GLU L 4 -65.00 11.54 -3.99
C GLU L 4 -66.14 11.95 -3.06
N SER L 5 -65.93 11.75 -1.78
CA SER L 5 -66.89 12.14 -0.75
C SER L 5 -66.14 12.57 0.49
N GLY L 6 -66.81 13.36 1.34
CA GLY L 6 -66.23 13.79 2.59
C GLY L 6 -65.92 15.27 2.69
N GLY L 7 -66.03 16.03 1.61
CA GLY L 7 -65.71 17.43 1.68
C GLY L 7 -66.78 18.25 2.41
N GLY L 8 -66.43 19.49 2.68
CA GLY L 8 -67.33 20.38 3.38
C GLY L 8 -66.53 21.47 4.04
N LEU L 9 -67.19 22.19 4.96
CA LEU L 9 -66.55 23.28 5.69
C LEU L 9 -65.99 22.78 7.02
N VAL L 10 -64.74 23.15 7.30
CA VAL L 10 -64.06 22.79 8.55
C VAL L 10 -63.23 23.97 9.01
N GLN L 11 -62.95 23.98 10.25
CA GLN L 11 -62.24 25.07 10.88
C GLN L 11 -60.73 24.86 10.79
N PRO L 12 -59.93 25.91 10.79
CA PRO L 12 -58.48 25.71 10.81
C PRO L 12 -58.12 24.85 12.00
N GLY L 13 -57.11 23.98 11.82
CA GLY L 13 -56.73 23.02 12.84
C GLY L 13 -57.46 21.68 12.77
N ALA L 14 -58.56 21.61 12.02
CA ALA L 14 -59.33 20.39 11.93
C ALA L 14 -58.58 19.30 11.16
N SER L 15 -58.99 18.04 11.42
CA SER L 15 -58.68 16.90 10.59
C SER L 15 -59.91 16.52 9.76
N LEU L 16 -59.68 15.88 8.61
CA LEU L 16 -60.75 15.44 7.75
C LEU L 16 -60.32 14.22 6.96
N THR L 17 -61.27 13.31 6.69
CA THR L 17 -61.01 12.18 5.83
C THR L 17 -61.90 12.25 4.61
N LEU L 18 -61.28 12.15 3.44
CA LEU L 18 -61.99 12.05 2.17
C LEU L 18 -61.91 10.62 1.68
N THR L 19 -62.98 10.16 1.04
CA THR L 19 -63.01 8.83 0.44
C THR L 19 -63.22 8.93 -1.06
N CYS L 20 -62.48 8.10 -1.77
CA CYS L 20 -62.64 7.87 -3.21
C CYS L 20 -63.25 6.49 -3.41
N THR L 21 -64.42 6.44 -4.03
CA THR L 21 -65.13 5.18 -4.23
C THR L 21 -65.16 4.81 -5.71
N ALA L 22 -64.72 3.58 -6.00
CA ALA L 22 -64.80 3.01 -7.34
C ALA L 22 -66.14 2.32 -7.57
N SER L 23 -66.68 2.52 -8.76
CA SER L 23 -67.83 1.73 -9.22
C SER L 23 -67.51 1.17 -10.61
N GLY L 24 -68.04 -0.02 -10.88
CA GLY L 24 -67.86 -0.69 -12.16
C GLY L 24 -66.51 -1.34 -12.34
N PHE L 25 -65.64 -1.27 -11.35
CA PHE L 25 -64.37 -1.98 -11.41
C PHE L 25 -63.85 -2.08 -9.98
N SER L 26 -62.73 -2.76 -9.83
CA SER L 26 -62.20 -2.97 -8.49
C SER L 26 -60.69 -3.14 -8.56
N PHE L 27 -60.09 -3.19 -7.40
CA PHE L 27 -58.66 -3.41 -7.33
C PHE L 27 -58.28 -4.89 -7.45
N SER L 28 -59.15 -5.76 -7.98
CA SER L 28 -58.63 -7.03 -8.49
C SER L 28 -57.61 -6.80 -9.59
N SER L 29 -57.66 -5.65 -10.26
CA SER L 29 -56.62 -5.22 -11.19
C SER L 29 -55.82 -4.13 -10.49
N ASP L 30 -54.58 -3.95 -10.95
CA ASP L 30 -53.62 -3.09 -10.27
C ASP L 30 -53.60 -1.71 -10.91
N TYR L 31 -53.61 -0.68 -10.07
CA TYR L 31 -53.61 0.70 -10.52
C TYR L 31 -52.84 1.55 -9.54
N TYR L 32 -52.41 2.72 -10.01
CA TYR L 32 -52.16 3.85 -9.13
C TYR L 32 -53.46 4.61 -8.96
N MET L 33 -53.87 4.81 -7.72
CA MET L 33 -54.95 5.72 -7.37
C MET L 33 -54.32 6.93 -6.72
N CYS L 34 -54.65 8.11 -7.20
CA CYS L 34 -54.00 9.32 -6.73
C CYS L 34 -55.02 10.38 -6.31
N TRP L 35 -54.55 11.27 -5.44
CA TRP L 35 -55.28 12.45 -5.04
C TRP L 35 -54.54 13.68 -5.58
N VAL L 36 -55.32 14.57 -6.19
CA VAL L 36 -54.84 15.80 -6.79
C VAL L 36 -55.77 16.89 -6.29
N ARG L 37 -55.22 18.06 -5.94
CA ARG L 37 -56.10 19.15 -5.52
C ARG L 37 -55.90 20.38 -6.38
N GLN L 38 -56.85 21.29 -6.25
CA GLN L 38 -56.82 22.51 -7.03
C GLN L 38 -57.53 23.60 -6.26
N ALA L 39 -56.78 24.59 -5.80
CA ALA L 39 -57.38 25.71 -5.14
C ALA L 39 -58.14 26.53 -6.16
N PRO L 40 -59.14 27.27 -5.72
CA PRO L 40 -59.94 28.06 -6.66
C PRO L 40 -59.06 29.03 -7.44
N GLY L 41 -59.15 28.96 -8.76
CA GLY L 41 -58.37 29.81 -9.61
C GLY L 41 -56.94 29.40 -9.84
N LYS L 42 -56.47 28.30 -9.26
CA LYS L 42 -55.07 27.94 -9.42
C LYS L 42 -54.95 26.59 -10.11
N GLY L 43 -53.71 26.09 -10.20
CA GLY L 43 -53.40 24.93 -10.98
C GLY L 43 -53.56 23.61 -10.22
N LEU L 44 -53.38 22.51 -10.95
CA LEU L 44 -53.46 21.18 -10.38
C LEU L 44 -52.21 20.94 -9.53
N GLU L 45 -52.39 20.29 -8.39
CA GLU L 45 -51.31 20.01 -7.45
C GLU L 45 -51.43 18.56 -7.03
N TRP L 46 -50.41 17.77 -7.35
CA TRP L 46 -50.40 16.37 -6.98
C TRP L 46 -50.18 16.22 -5.47
N ILE L 47 -50.90 15.30 -4.83
CA ILE L 47 -50.77 15.02 -3.39
C ILE L 47 -50.08 13.69 -3.15
N ALA L 48 -50.59 12.61 -3.73
CA ALA L 48 -50.11 11.28 -3.40
C ALA L 48 -50.71 10.28 -4.37
N CYS L 49 -50.00 9.17 -4.53
CA CYS L 49 -50.48 7.99 -5.22
C CYS L 49 -50.20 6.75 -4.38
N ILE L 50 -51.07 5.76 -4.55
CA ILE L 50 -50.93 4.44 -3.93
C ILE L 50 -51.07 3.37 -5.02
N TRP L 51 -50.14 2.40 -5.02
CA TRP L 51 -50.24 1.22 -5.87
C TRP L 51 -51.14 0.20 -5.17
N THR L 52 -52.28 -0.11 -5.82
CA THR L 52 -53.33 -0.82 -5.14
C THR L 52 -52.98 -2.26 -4.84
N ALA L 53 -51.92 -2.81 -5.46
CA ALA L 53 -51.59 -4.22 -5.24
C ALA L 53 -50.97 -4.42 -3.86
N ASN L 54 -50.21 -3.46 -3.39
CA ASN L 54 -49.43 -3.64 -2.16
C ASN L 54 -49.46 -2.42 -1.26
N SER L 55 -50.28 -1.40 -1.59
CA SER L 55 -50.45 -0.18 -0.81
C SER L 55 -49.19 0.65 -0.70
N ILE L 56 -48.18 0.38 -1.53
CA ILE L 56 -47.00 1.24 -1.57
C ILE L 56 -47.39 2.61 -2.08
N SER L 57 -46.90 3.65 -1.41
CA SER L 57 -47.43 4.98 -1.59
C SER L 57 -46.29 5.99 -1.82
N TYR L 58 -46.64 7.03 -2.57
CA TYR L 58 -45.71 8.10 -2.89
C TYR L 58 -46.40 9.41 -2.58
N TYR L 59 -45.64 10.36 -2.05
CA TYR L 59 -46.17 11.63 -1.55
C TYR L 59 -45.39 12.82 -2.08
N ALA L 60 -46.11 13.90 -2.36
CA ALA L 60 -45.45 15.19 -2.51
C ALA L 60 -44.76 15.59 -1.22
N ARG L 61 -43.70 16.39 -1.36
CA ARG L 61 -42.92 16.81 -0.20
C ARG L 61 -43.76 17.56 0.81
N TRP L 62 -44.75 18.31 0.36
CA TRP L 62 -45.55 19.09 1.30
C TRP L 62 -46.64 18.26 1.95
N ALA L 63 -46.92 17.07 1.42
CA ALA L 63 -47.97 16.21 1.96
C ALA L 63 -47.49 15.16 2.96
N LYS L 64 -46.32 14.58 2.73
CA LYS L 64 -45.84 13.52 3.62
C LYS L 64 -45.60 14.08 5.02
N GLY L 65 -46.25 13.46 6.00
CA GLY L 65 -46.24 13.93 7.38
C GLY L 65 -47.54 14.59 7.81
N ARG L 66 -48.43 14.93 6.87
CA ARG L 66 -49.67 15.63 7.19
C ARG L 66 -50.90 15.01 6.52
N PHE L 67 -50.71 14.49 5.30
N PHE L 67 -50.72 14.48 5.32
CA PHE L 67 -51.72 13.74 4.57
CA PHE L 67 -51.77 13.74 4.60
C PHE L 67 -51.32 12.27 4.53
C PHE L 67 -51.36 12.29 4.40
N THR L 68 -52.32 11.39 4.56
CA THR L 68 -52.08 9.95 4.45
C THR L 68 -53.04 9.33 3.44
N ILE L 69 -52.49 8.61 2.47
CA ILE L 69 -53.30 7.88 1.49
C ILE L 69 -53.36 6.42 1.91
N SER L 70 -54.53 5.80 1.73
CA SER L 70 -54.77 4.42 2.16
C SER L 70 -55.74 3.76 1.20
N LYS L 71 -55.51 2.47 0.93
CA LYS L 71 -56.47 1.60 0.26
C LYS L 71 -57.23 0.88 1.37
N THR L 72 -58.52 1.18 1.51
CA THR L 72 -59.31 0.65 2.61
C THR L 72 -60.21 -0.51 2.19
N SER L 73 -60.35 -0.78 0.90
CA SER L 73 -61.12 -1.91 0.40
C SER L 73 -60.81 -2.09 -1.09
N SER L 74 -61.44 -3.10 -1.68
CA SER L 74 -61.26 -3.33 -3.12
C SER L 74 -61.91 -2.24 -3.97
N THR L 75 -62.72 -1.35 -3.37
CA THR L 75 -63.30 -0.22 -4.10
C THR L 75 -63.12 1.14 -3.41
N THR L 76 -62.27 1.28 -2.41
CA THR L 76 -62.15 2.58 -1.76
C THR L 76 -60.70 2.92 -1.43
N VAL L 77 -60.35 4.20 -1.62
CA VAL L 77 -59.08 4.78 -1.18
C VAL L 77 -59.40 6.05 -0.40
N THR L 78 -58.64 6.31 0.67
CA THR L 78 -58.90 7.45 1.53
C THR L 78 -57.73 8.42 1.49
N LEU L 79 -58.02 9.64 1.90
CA LEU L 79 -57.01 10.67 2.10
C LEU L 79 -57.33 11.29 3.43
N GLN L 80 -56.49 11.05 4.44
CA GLN L 80 -56.68 11.62 5.76
C GLN L 80 -55.82 12.87 5.82
N MET L 81 -56.41 13.96 6.30
CA MET L 81 -55.76 15.26 6.33
C MET L 81 -55.81 15.75 7.76
N THR L 82 -54.71 16.35 8.19
CA THR L 82 -54.61 16.91 9.54
C THR L 82 -54.08 18.35 9.51
N SER L 83 -54.36 19.07 10.61
CA SER L 83 -53.82 20.43 10.81
C SER L 83 -54.13 21.31 9.61
N LEU L 84 -55.38 21.29 9.23
CA LEU L 84 -55.83 22.00 8.04
C LEU L 84 -55.76 23.51 8.26
N THR L 85 -55.45 24.23 7.16
CA THR L 85 -55.36 25.68 7.14
C THR L 85 -56.19 26.18 5.97
N ALA L 86 -56.45 27.47 5.99
CA ALA L 86 -57.16 28.11 4.88
C ALA L 86 -56.52 27.78 3.55
N ALA L 87 -55.19 27.64 3.51
CA ALA L 87 -54.47 27.35 2.28
C ALA L 87 -54.71 25.93 1.78
N ASP L 88 -55.37 25.07 2.55
CA ASP L 88 -55.77 23.76 2.06
C ASP L 88 -57.15 23.77 1.38
N THR L 89 -57.83 24.93 1.31
CA THR L 89 -59.10 25.06 0.61
C THR L 89 -58.91 24.75 -0.86
N ALA L 90 -59.67 23.77 -1.36
CA ALA L 90 -59.42 23.32 -2.72
C ALA L 90 -60.49 22.32 -3.11
N THR L 91 -60.61 22.06 -4.42
CA THR L 91 -61.31 20.86 -4.86
C THR L 91 -60.31 19.71 -4.82
N TYR L 92 -60.70 18.62 -4.18
CA TYR L 92 -59.89 17.41 -4.12
C TYR L 92 -60.46 16.37 -5.07
N PHE L 93 -59.62 15.93 -6.01
CA PHE L 93 -59.93 14.91 -7.01
C PHE L 93 -59.20 13.62 -6.71
N CYS L 94 -59.86 12.48 -6.90
N CYS L 94 -59.87 12.51 -7.00
CA CYS L 94 -59.11 11.24 -7.04
CA CYS L 94 -59.26 11.20 -7.07
C CYS L 94 -59.09 10.84 -8.51
C CYS L 94 -59.13 10.80 -8.54
N ALA L 95 -58.04 10.12 -8.88
CA ALA L 95 -57.83 9.71 -10.28
C ALA L 95 -57.16 8.35 -10.31
N ARG L 96 -57.27 7.67 -11.44
CA ARG L 96 -56.74 6.32 -11.63
C ARG L 96 -55.80 6.32 -12.83
N GLY L 97 -54.60 5.78 -12.64
CA GLY L 97 -53.63 5.68 -13.70
C GLY L 97 -53.03 4.28 -13.72
N GLY L 98 -52.41 3.96 -14.86
CA GLY L 98 -51.61 2.77 -14.97
C GLY L 98 -50.17 3.06 -14.59
N SER L 99 -49.26 2.23 -15.10
CA SER L 99 -47.83 2.50 -15.01
C SER L 99 -47.42 3.29 -16.24
N GLY L 100 -47.03 4.54 -16.03
CA GLY L 100 -46.46 5.36 -17.08
C GLY L 100 -47.45 5.94 -18.09
N ASP L 101 -48.76 5.79 -17.91
CA ASP L 101 -49.76 6.12 -18.92
C ASP L 101 -50.77 7.17 -18.46
N GLY L 102 -50.33 8.21 -17.74
CA GLY L 102 -51.25 9.23 -17.24
C GLY L 102 -52.42 8.71 -16.38
N GLN L 103 -53.44 9.57 -16.24
CA GLN L 103 -54.63 9.27 -15.45
C GLN L 103 -55.84 9.48 -16.34
N SER L 104 -56.46 8.40 -16.78
CA SER L 104 -57.55 8.52 -17.73
C SER L 104 -58.90 8.66 -17.04
N LEU L 105 -59.01 8.28 -15.78
CA LEU L 105 -60.27 8.33 -15.08
C LEU L 105 -60.14 9.25 -13.88
N TRP L 106 -61.08 10.20 -13.77
CA TRP L 106 -61.13 11.15 -12.66
C TRP L 106 -62.53 11.20 -12.05
N GLY L 107 -62.60 11.46 -10.76
CA GLY L 107 -63.84 11.83 -10.14
C GLY L 107 -64.18 13.29 -10.41
N PRO L 108 -65.39 13.69 -10.01
CA PRO L 108 -65.81 15.08 -10.15
C PRO L 108 -65.19 16.02 -9.14
N GLY L 109 -64.62 15.49 -8.07
CA GLY L 109 -64.00 16.30 -7.05
C GLY L 109 -64.95 16.59 -5.93
N THR L 110 -64.38 16.75 -4.73
CA THR L 110 -65.13 17.18 -3.56
C THR L 110 -64.44 18.43 -3.00
N LEU L 111 -65.25 19.40 -2.61
CA LEU L 111 -64.73 20.70 -2.24
C LEU L 111 -64.52 20.77 -0.72
N VAL L 112 -63.31 21.10 -0.33
CA VAL L 112 -62.96 21.27 1.07
C VAL L 112 -62.73 22.75 1.29
N THR L 113 -63.45 23.31 2.24
CA THR L 113 -63.29 24.71 2.60
C THR L 113 -62.86 24.80 4.06
N VAL L 114 -61.68 25.39 4.28
CA VAL L 114 -61.13 25.55 5.61
C VAL L 114 -61.24 27.01 6.00
N SER L 115 -62.07 27.30 7.01
CA SER L 115 -62.38 28.68 7.32
C SER L 115 -62.94 28.78 8.73
N SER L 116 -62.64 29.91 9.36
CA SER L 116 -63.22 30.27 10.65
C SER L 116 -64.70 30.68 10.58
N GLY L 117 -65.24 30.97 9.39
CA GLY L 117 -66.62 31.39 9.30
C GLY L 117 -67.59 30.23 9.47
N GLN L 118 -68.74 30.54 9.93
CA GLN L 118 -69.74 29.51 10.13
C GLN L 118 -70.56 29.34 8.86
N PRO L 119 -71.11 28.16 8.61
CA PRO L 119 -71.89 27.99 7.39
C PRO L 119 -73.03 29.00 7.38
N LYS L 120 -73.33 29.53 6.19
CA LYS L 120 -74.40 30.50 6.03
C LYS L 120 -75.18 30.14 4.77
N ALA L 121 -76.48 29.95 4.91
CA ALA L 121 -77.33 29.65 3.76
C ALA L 121 -77.46 30.91 2.89
N PRO L 122 -77.80 30.75 1.60
CA PRO L 122 -77.92 31.92 0.73
C PRO L 122 -79.26 32.62 0.88
N SER L 123 -79.23 33.93 0.64
CA SER L 123 -80.42 34.72 0.33
C SER L 123 -80.61 34.74 -1.19
N VAL L 124 -81.85 34.50 -1.64
CA VAL L 124 -82.13 34.40 -3.07
C VAL L 124 -83.04 35.56 -3.43
N PHE L 125 -82.66 36.31 -4.45
CA PHE L 125 -83.44 37.47 -4.86
C PHE L 125 -83.78 37.39 -6.33
N PRO L 126 -85.00 37.75 -6.71
CA PRO L 126 -85.34 37.71 -8.13
C PRO L 126 -84.64 38.80 -8.92
N LEU L 127 -84.29 38.48 -10.16
CA LEU L 127 -83.74 39.42 -11.13
C LEU L 127 -84.73 39.53 -12.28
N ALA L 128 -85.26 40.73 -12.49
CA ALA L 128 -86.20 40.99 -13.57
C ALA L 128 -86.05 42.44 -14.01
N PRO L 129 -86.47 42.77 -15.23
CA PRO L 129 -86.35 44.16 -15.68
C PRO L 129 -87.25 45.08 -14.87
N CYS L 130 -86.97 46.36 -15.01
CA CYS L 130 -87.79 47.41 -14.43
C CYS L 130 -89.27 47.21 -14.76
N CYS L 131 -90.12 47.24 -13.73
CA CYS L 131 -91.57 47.07 -13.91
C CYS L 131 -92.12 47.94 -15.02
N GLY L 132 -91.54 49.12 -15.23
CA GLY L 132 -92.13 50.07 -16.14
C GLY L 132 -92.11 49.61 -17.59
N ASP L 133 -90.95 49.18 -18.08
CA ASP L 133 -90.72 49.20 -19.51
C ASP L 133 -91.73 48.31 -20.25
N THR L 134 -92.07 48.70 -21.50
CA THR L 134 -93.16 48.06 -22.23
C THR L 134 -92.96 46.56 -22.30
N PRO L 135 -94.03 45.77 -22.44
CA PRO L 135 -93.85 44.33 -22.65
C PRO L 135 -93.00 44.02 -23.88
N SER L 136 -91.89 43.33 -23.66
CA SER L 136 -90.97 42.96 -24.71
C SER L 136 -91.13 41.48 -25.11
N SER L 137 -90.86 41.20 -26.38
CA SER L 137 -90.89 39.82 -26.88
C SER L 137 -89.91 38.89 -26.15
N THR L 138 -88.66 39.32 -25.99
CA THR L 138 -87.65 38.55 -25.28
C THR L 138 -87.51 39.14 -23.88
N VAL L 139 -87.19 38.29 -22.92
CA VAL L 139 -87.08 38.77 -21.56
C VAL L 139 -86.13 37.81 -20.85
N THR L 140 -85.18 38.37 -20.13
CA THR L 140 -84.23 37.57 -19.40
C THR L 140 -84.52 37.81 -17.92
N LEU L 141 -84.69 36.71 -17.20
CA LEU L 141 -85.04 36.72 -15.79
C LEU L 141 -83.96 35.96 -15.04
N GLY L 142 -83.92 36.13 -13.72
CA GLY L 142 -82.84 35.43 -13.02
C GLY L 142 -82.99 35.39 -11.52
N CYS L 143 -81.98 34.80 -10.89
CA CYS L 143 -81.89 34.70 -9.44
C CYS L 143 -80.50 35.13 -9.00
N LEU L 144 -80.46 36.02 -8.02
CA LEU L 144 -79.24 36.43 -7.38
C LEU L 144 -79.10 35.65 -6.06
N VAL L 145 -78.05 34.86 -5.97
CA VAL L 145 -77.79 33.98 -4.84
C VAL L 145 -76.63 34.59 -4.05
N LYS L 146 -76.96 35.18 -2.90
CA LYS L 146 -76.05 36.10 -2.23
C LYS L 146 -75.78 35.68 -0.79
N GLY L 147 -74.51 35.72 -0.39
CA GLY L 147 -74.16 35.66 1.01
C GLY L 147 -74.09 34.28 1.64
N TYR L 148 -73.51 33.30 0.94
CA TYR L 148 -73.50 31.94 1.43
C TYR L 148 -72.07 31.48 1.72
N LEU L 149 -71.97 30.41 2.51
CA LEU L 149 -70.68 29.79 2.85
C LEU L 149 -70.91 28.37 3.41
N PRO L 150 -70.16 27.37 2.93
CA PRO L 150 -69.18 27.32 1.87
C PRO L 150 -69.82 27.18 0.47
N GLU L 151 -69.01 27.29 -0.55
CA GLU L 151 -69.36 26.69 -1.81
C GLU L 151 -69.53 25.19 -1.63
N PRO L 152 -70.27 24.52 -2.53
CA PRO L 152 -71.01 25.06 -3.66
C PRO L 152 -72.48 25.27 -3.36
N VAL L 153 -73.13 26.05 -4.23
CA VAL L 153 -74.56 25.98 -4.43
C VAL L 153 -74.80 25.33 -5.79
N THR L 154 -75.97 24.73 -5.95
N THR L 154 -75.97 24.72 -5.93
CA THR L 154 -76.40 24.24 -7.24
CA THR L 154 -76.44 24.22 -7.21
C THR L 154 -77.69 24.96 -7.60
C THR L 154 -77.69 25.02 -7.56
N VAL L 155 -77.72 25.55 -8.78
CA VAL L 155 -78.88 26.28 -9.26
C VAL L 155 -79.44 25.53 -10.44
N THR L 156 -80.69 25.13 -10.34
CA THR L 156 -81.45 24.60 -11.47
C THR L 156 -82.65 25.50 -11.73
N TRP L 157 -83.26 25.30 -12.89
CA TRP L 157 -84.48 26.01 -13.27
C TRP L 157 -85.58 25.01 -13.56
N ASN L 158 -86.78 25.29 -13.09
CA ASN L 158 -87.95 24.40 -13.30
C ASN L 158 -87.58 22.95 -12.99
N SER L 159 -86.88 22.76 -11.87
CA SER L 159 -86.49 21.42 -11.39
C SER L 159 -85.68 20.65 -12.44
N GLY L 160 -84.82 21.36 -13.16
CA GLY L 160 -83.95 20.75 -14.13
C GLY L 160 -84.54 20.52 -15.50
N THR L 161 -85.82 20.82 -15.70
CA THR L 161 -86.45 20.65 -17.01
C THR L 161 -86.28 21.84 -17.93
N LEU L 162 -85.80 22.98 -17.41
CA LEU L 162 -85.43 24.16 -18.19
C LEU L 162 -83.91 24.35 -18.09
N THR L 163 -83.20 24.14 -19.22
CA THR L 163 -81.76 24.44 -19.23
C THR L 163 -81.31 25.17 -20.50
N ASN L 164 -82.03 25.10 -21.61
CA ASN L 164 -81.79 25.97 -22.75
C ASN L 164 -82.05 27.43 -22.38
N GLY L 165 -81.14 28.30 -22.81
CA GLY L 165 -81.24 29.69 -22.47
C GLY L 165 -80.72 30.04 -21.09
N VAL L 166 -80.08 29.10 -20.39
CA VAL L 166 -79.65 29.34 -19.02
C VAL L 166 -78.17 29.68 -18.98
N ARG L 167 -77.82 30.71 -18.20
CA ARG L 167 -76.45 31.16 -18.01
C ARG L 167 -76.23 31.35 -16.51
N THR L 168 -75.38 30.53 -15.92
CA THR L 168 -75.07 30.63 -14.50
C THR L 168 -73.64 31.10 -14.35
N PHE L 169 -73.49 32.15 -13.77
CA PHE L 169 -72.18 32.77 -13.77
C PHE L 169 -71.30 32.21 -12.66
N PRO L 170 -69.99 32.23 -12.84
CA PRO L 170 -69.11 31.81 -11.74
C PRO L 170 -69.39 32.62 -10.48
N SER L 171 -69.32 31.97 -9.32
CA SER L 171 -69.44 32.68 -8.06
C SER L 171 -68.31 33.67 -7.85
N VAL L 172 -68.56 34.61 -6.95
CA VAL L 172 -67.59 35.63 -6.55
C VAL L 172 -67.51 35.65 -5.03
N ARG L 173 -66.30 35.51 -4.51
N ARG L 173 -66.30 35.53 -4.50
CA ARG L 173 -66.08 35.64 -3.06
CA ARG L 173 -66.06 35.65 -3.07
C ARG L 173 -65.94 37.11 -2.71
C ARG L 173 -65.94 37.14 -2.73
N GLN L 174 -66.80 37.61 -1.84
CA GLN L 174 -66.72 39.00 -1.41
C GLN L 174 -65.67 39.18 -0.30
N SER L 175 -65.38 40.44 0.01
CA SER L 175 -64.40 40.74 1.06
C SER L 175 -64.72 40.02 2.36
N SER L 176 -66.01 39.81 2.67
CA SER L 176 -66.39 39.14 3.90
C SER L 176 -66.03 37.65 3.92
N GLY L 177 -65.64 37.08 2.78
CA GLY L 177 -65.47 35.65 2.71
C GLY L 177 -66.73 34.90 2.35
N LEU L 178 -67.87 35.59 2.21
CA LEU L 178 -69.09 34.95 1.71
C LEU L 178 -69.11 34.99 0.19
N TYR L 179 -69.95 34.15 -0.39
CA TYR L 179 -70.02 34.00 -1.84
C TYR L 179 -71.34 34.50 -2.41
N SER L 180 -71.28 34.98 -3.65
CA SER L 180 -72.48 35.37 -4.38
C SER L 180 -72.42 34.83 -5.80
N LEU L 181 -73.58 34.45 -6.32
CA LEU L 181 -73.61 34.09 -7.73
C LEU L 181 -74.99 34.42 -8.26
N SER L 182 -75.04 34.56 -9.59
CA SER L 182 -76.29 34.84 -10.30
C SER L 182 -76.47 33.83 -11.41
N SER L 183 -77.73 33.50 -11.64
CA SER L 183 -78.14 32.67 -12.76
C SER L 183 -79.29 33.38 -13.47
N VAL L 184 -79.25 33.38 -14.80
CA VAL L 184 -80.29 34.02 -15.60
C VAL L 184 -80.74 33.06 -16.70
N VAL L 185 -81.99 33.23 -17.13
CA VAL L 185 -82.53 32.39 -18.20
C VAL L 185 -83.26 33.30 -19.17
N SER L 186 -83.00 33.11 -20.46
CA SER L 186 -83.64 33.91 -21.49
C SER L 186 -84.88 33.18 -21.99
N VAL L 187 -86.04 33.81 -21.83
CA VAL L 187 -87.32 33.26 -22.31
C VAL L 187 -88.04 34.32 -23.13
N THR L 188 -89.30 34.07 -23.43
CA THR L 188 -90.09 34.97 -24.29
C THR L 188 -91.36 35.38 -23.56
N SER L 189 -92.07 36.33 -24.14
CA SER L 189 -93.27 36.81 -23.48
C SER L 189 -94.33 35.71 -23.40
N SER L 190 -94.22 34.64 -24.20
CA SER L 190 -95.19 33.56 -24.13
C SER L 190 -94.88 32.55 -23.04
N SER L 191 -93.70 32.63 -22.44
N SER L 191 -93.68 32.61 -22.45
CA SER L 191 -93.30 31.66 -21.44
CA SER L 191 -93.30 31.65 -21.45
C SER L 191 -94.15 31.81 -20.19
C SER L 191 -94.16 31.80 -20.20
N GLN L 192 -94.27 30.71 -19.46
CA GLN L 192 -94.84 30.76 -18.12
C GLN L 192 -93.77 31.28 -17.17
N PRO L 193 -94.15 31.63 -15.95
CA PRO L 193 -93.13 31.99 -14.94
C PRO L 193 -92.06 30.90 -14.86
N VAL L 194 -90.85 31.32 -14.53
CA VAL L 194 -89.72 30.42 -14.33
C VAL L 194 -89.32 30.42 -12.87
N THR L 195 -88.91 29.25 -12.37
CA THR L 195 -88.52 29.08 -10.98
C THR L 195 -87.10 28.57 -10.89
N CYS L 196 -86.27 29.28 -10.12
CA CYS L 196 -84.92 28.82 -9.82
C CYS L 196 -84.94 28.01 -8.55
N ASN L 197 -84.27 26.87 -8.57
CA ASN L 197 -84.11 26.03 -7.38
C ASN L 197 -82.66 26.14 -6.92
N VAL L 198 -82.47 26.56 -5.68
CA VAL L 198 -81.17 26.96 -5.15
C VAL L 198 -80.88 26.05 -3.96
N ALA L 199 -80.01 25.09 -4.16
CA ALA L 199 -79.65 24.14 -3.12
C ALA L 199 -78.30 24.51 -2.52
N HIS L 200 -78.19 24.44 -1.19
CA HIS L 200 -76.96 24.71 -0.47
C HIS L 200 -76.74 23.57 0.51
N PRO L 201 -76.09 22.49 0.06
CA PRO L 201 -76.07 21.28 0.89
C PRO L 201 -75.40 21.49 2.23
N ALA L 202 -74.37 22.32 2.32
CA ALA L 202 -73.73 22.52 3.63
C ALA L 202 -74.73 22.88 4.72
N THR L 203 -75.77 23.65 4.39
CA THR L 203 -76.82 24.02 5.35
C THR L 203 -78.11 23.23 5.16
N ASN L 204 -78.15 22.32 4.21
CA ASN L 204 -79.34 21.50 3.94
C ASN L 204 -80.54 22.39 3.61
N THR L 205 -80.29 23.42 2.81
CA THR L 205 -81.32 24.34 2.39
C THR L 205 -81.57 24.14 0.89
N LYS L 206 -82.82 24.23 0.50
CA LYS L 206 -83.16 24.32 -0.92
C LYS L 206 -84.31 25.30 -0.97
N VAL L 207 -84.14 26.36 -1.74
CA VAL L 207 -85.07 27.46 -1.83
C VAL L 207 -85.57 27.53 -3.25
N ASP L 208 -86.85 27.81 -3.44
CA ASP L 208 -87.41 28.11 -4.74
C ASP L 208 -87.78 29.59 -4.81
N LYS L 209 -87.66 30.15 -6.00
CA LYS L 209 -88.05 31.53 -6.24
C LYS L 209 -88.62 31.58 -7.66
N THR L 210 -89.92 31.86 -7.78
CA THR L 210 -90.56 31.98 -9.08
C THR L 210 -90.45 33.42 -9.56
N VAL L 211 -89.83 33.60 -10.73
CA VAL L 211 -89.56 34.90 -11.29
C VAL L 211 -90.43 35.06 -12.54
N ALA L 212 -91.11 36.18 -12.63
CA ALA L 212 -91.89 36.51 -13.82
C ALA L 212 -91.77 38.02 -13.96
N PRO L 213 -91.81 38.54 -15.18
CA PRO L 213 -91.63 39.98 -15.33
C PRO L 213 -92.70 40.72 -14.57
N SER L 214 -92.38 41.95 -14.19
CA SER L 214 -93.33 42.84 -13.53
C SER L 214 -94.09 42.10 -12.43
C1 NAG M . -31.39 18.30 -16.44
C2 NAG M . -31.01 19.24 -15.35
C3 NAG M . -31.25 20.65 -15.81
C4 NAG M . -30.56 20.92 -17.16
C5 NAG M . -30.63 19.75 -18.15
C6 NAG M . -29.54 19.81 -19.20
C7 NAG M . -31.11 18.63 -12.98
C8 NAG M . -32.00 18.40 -11.79
N2 NAG M . -31.73 18.96 -14.12
O3 NAG M . -30.76 21.54 -14.81
O4 NAG M . -31.20 21.99 -17.82
O5 NAG M . -30.53 18.45 -17.53
O6 NAG M . -29.03 18.52 -19.51
O7 NAG M . -29.88 18.52 -12.90
C1 NAG M . -31.10 23.28 -17.18
C2 NAG M . -31.06 24.34 -18.27
C3 NAG M . -30.83 25.74 -17.68
C4 NAG M . -31.80 26.02 -16.53
C5 NAG M . -31.91 24.83 -15.57
C6 NAG M . -33.03 24.98 -14.57
C7 NAG M . -28.80 23.90 -19.36
C8 NAG M . -28.10 24.05 -18.03
N2 NAG M . -30.15 24.04 -19.37
O3 NAG M . -30.98 26.68 -18.73
O4 NAG M . -31.38 27.10 -15.70
O5 NAG M . -32.14 23.60 -16.26
O6 NAG M . -34.17 24.21 -14.94
O7 NAG M . -28.18 23.64 -20.39
C1 BMA M . -31.89 28.44 -15.86
C2 BMA M . -31.48 29.20 -14.55
C3 BMA M . -31.53 30.73 -14.71
C4 BMA M . -30.87 31.18 -16.05
C5 BMA M . -31.60 30.49 -17.22
C6 BMA M . -31.12 30.89 -18.61
O2 BMA M . -30.16 28.84 -14.10
O3 BMA M . -30.98 31.43 -13.59
O4 BMA M . -30.91 32.60 -16.20
O5 BMA M . -31.41 29.07 -17.08
O6 BMA M . -30.05 31.82 -18.50
C1 NAG N . -34.04 -49.12 19.72
C2 NAG N . -35.10 -48.70 20.72
C3 NAG N . -34.56 -48.81 22.13
C4 NAG N . -33.95 -50.19 22.38
C5 NAG N . -33.02 -50.64 21.24
C6 NAG N . -32.61 -52.09 21.36
C7 NAG N . -36.66 -47.08 19.72
C8 NAG N . -37.00 -45.62 19.56
N2 NAG N . -35.58 -47.35 20.46
O3 NAG N . -35.63 -48.57 23.04
O4 NAG N . -33.17 -50.17 23.58
O5 NAG N . -33.66 -50.48 19.97
O6 NAG N . -32.45 -52.72 20.09
O7 NAG N . -37.34 -47.98 19.21
C1 NAG N . -33.96 -50.53 24.73
C2 NAG N . -33.07 -50.83 25.94
C3 NAG N . -33.94 -51.24 27.13
C4 NAG N . -35.02 -50.18 27.41
C5 NAG N . -35.81 -49.85 26.13
C6 NAG N . -36.72 -48.66 26.31
C7 NAG N . -30.77 -51.61 25.63
C8 NAG N . -29.89 -52.79 25.28
N2 NAG N . -32.08 -51.86 25.63
O3 NAG N . -33.13 -51.44 28.29
O4 NAG N . -35.92 -50.64 28.42
O5 NAG N . -34.91 -49.51 25.06
O6 NAG N . -36.07 -47.46 25.90
O7 NAG N . -30.31 -50.51 25.88
C1 NAG O . -20.96 -56.81 16.56
C2 NAG O . -22.05 -57.55 15.77
C3 NAG O . -22.35 -58.90 16.44
C4 NAG O . -21.07 -59.70 16.60
C5 NAG O . -20.01 -58.89 17.34
C6 NAG O . -18.68 -59.61 17.43
C7 NAG O . -23.78 -56.32 14.52
C8 NAG O . -25.03 -55.50 14.61
N2 NAG O . -23.27 -56.75 15.68
O3 NAG O . -23.30 -59.62 15.66
O4 NAG O . -21.33 -60.89 17.34
O5 NAG O . -19.78 -57.65 16.65
O6 NAG O . -17.59 -58.72 17.67
O7 NAG O . -23.25 -56.59 13.44
C1 NAG O . -20.94 -61.95 16.47
C2 NAG O . -20.71 -63.19 17.30
C3 NAG O . -20.20 -64.33 16.42
C4 NAG O . -21.15 -64.56 15.24
C5 NAG O . -21.49 -63.25 14.52
C6 NAG O . -22.61 -63.41 13.51
C7 NAG O . -19.91 -63.40 19.64
C8 NAG O . -18.86 -63.00 20.62
N2 NAG O . -19.76 -62.92 18.39
O3 NAG O . -20.09 -65.51 17.20
O4 NAG O . -20.56 -65.43 14.29
O5 NAG O . -21.92 -62.24 15.46
O6 NAG O . -23.70 -62.52 13.75
O7 NAG O . -20.86 -64.13 19.94
C1 NAG P . -22.82 -45.43 -4.08
C2 NAG P . -22.95 -45.04 -5.54
C3 NAG P . -24.40 -45.10 -6.02
C4 NAG P . -24.93 -46.49 -5.70
C5 NAG P . -24.52 -46.99 -4.32
C6 NAG P . -24.77 -48.49 -4.16
C7 NAG P . -21.07 -43.74 -6.40
C8 NAG P . -20.51 -42.34 -6.59
N2 NAG P . -22.24 -43.80 -5.76
O3 NAG P . -24.39 -44.92 -7.42
O4 NAG P . -26.36 -46.60 -5.75
O5 NAG P . -23.12 -46.81 -4.16
O6 NAG P . -24.24 -48.93 -2.93
O7 NAG P . -20.66 -44.61 -7.16
C1 NAG P . -26.91 -46.98 -6.97
C2 NAG P . -27.56 -48.35 -6.78
C3 NAG P . -28.09 -48.73 -8.16
C4 NAG P . -29.18 -47.72 -8.54
C5 NAG P . -28.65 -46.29 -8.44
C6 NAG P . -29.75 -45.24 -8.37
C7 NAG P . -26.70 -50.11 -5.33
C8 NAG P . -25.43 -50.75 -4.80
N2 NAG P . -26.56 -49.30 -6.38
O3 NAG P . -28.58 -50.05 -8.15
O4 NAG P . -29.46 -47.92 -9.93
O5 NAG P . -27.94 -46.04 -7.24
O6 NAG P . -30.59 -45.37 -7.24
O7 NAG P . -27.73 -50.08 -4.65
C1 NAG Q . -37.40 -15.90 6.72
C2 NAG Q . -36.68 -17.12 7.25
C3 NAG Q . -37.14 -17.49 8.66
C4 NAG Q . -36.97 -16.25 9.53
C5 NAG Q . -37.40 -14.96 8.84
C6 NAG Q . -36.91 -13.72 9.59
C7 NAG Q . -35.72 -18.54 5.51
C8 NAG Q . -35.96 -19.71 4.57
N2 NAG Q . -36.75 -18.17 6.25
O3 NAG Q . -36.29 -18.51 9.14
O4 NAG Q . -37.66 -16.30 10.79
O5 NAG Q . -36.82 -14.90 7.56
O6 NAG Q . -35.50 -13.73 9.64
O7 NAG Q . -34.54 -18.32 5.82
C1 NAG Q . -36.90 -16.54 11.91
C2 NAG Q . -37.85 -16.90 13.05
C3 NAG Q . -36.96 -17.09 14.28
C4 NAG Q . -36.05 -18.29 14.01
C5 NAG Q . -35.31 -18.13 12.68
C6 NAG Q . -34.74 -19.44 12.13
C7 NAG Q . -40.06 -15.91 13.37
C8 NAG Q . -40.86 -14.63 13.23
N2 NAG Q . -38.73 -15.77 13.29
O3 NAG Q . -37.73 -17.27 15.43
O4 NAG Q . -35.04 -18.29 15.01
O5 NAG Q . -36.13 -17.70 11.62
O6 NAG Q . -35.74 -20.40 11.84
O7 NAG Q . -40.58 -17.02 13.27
C1 BMA Q . -35.22 -19.28 16.01
C2 BMA Q . -33.83 -19.28 16.65
C3 BMA Q . -33.83 -20.11 17.94
C4 BMA Q . -34.92 -19.62 18.88
C5 BMA Q . -36.24 -19.57 18.12
C6 BMA Q . -37.24 -18.85 19.02
O2 BMA Q . -33.43 -17.94 16.78
O3 BMA Q . -32.57 -20.02 18.61
O4 BMA Q . -35.18 -20.56 19.90
O5 BMA Q . -36.19 -18.82 16.94
O6 BMA Q . -36.87 -17.51 19.36
C1 MAN Q . -32.09 -21.27 19.06
C2 MAN Q . -31.21 -21.03 20.29
C3 MAN Q . -29.90 -20.36 19.85
C4 MAN Q . -29.34 -21.12 18.65
C5 MAN Q . -30.36 -21.32 17.53
C6 MAN Q . -29.69 -22.05 16.36
O2 MAN Q . -30.88 -22.33 20.78
O3 MAN Q . -29.00 -20.14 20.91
O4 MAN Q . -28.29 -20.32 18.15
O5 MAN Q . -31.48 -22.02 18.04
O6 MAN Q . -30.56 -22.14 15.25
C1 MAN Q . -31.13 -22.54 22.16
C2 MAN Q . -29.94 -23.31 22.73
C3 MAN Q . -29.96 -24.74 22.19
C4 MAN Q . -31.32 -25.38 22.49
C5 MAN Q . -32.45 -24.56 21.86
C6 MAN Q . -33.79 -25.13 22.32
O2 MAN Q . -29.85 -23.52 24.14
O3 MAN Q . -28.89 -25.50 22.70
O4 MAN Q . -31.21 -26.67 21.94
O5 MAN Q . -32.35 -23.25 22.34
O6 MAN Q . -34.96 -24.39 22.09
C1 MAN Q . -37.74 -16.74 20.13
C2 MAN Q . -37.05 -15.52 20.73
C3 MAN Q . -35.90 -15.75 21.72
C4 MAN Q . -36.53 -16.60 22.81
C5 MAN Q . -37.18 -17.81 22.15
C6 MAN Q . -37.83 -18.82 23.08
O2 MAN Q . -37.97 -14.57 21.23
O3 MAN Q . -35.46 -14.47 22.21
O4 MAN Q . -35.48 -17.01 23.66
O5 MAN Q . -38.21 -17.49 21.24
O6 MAN Q . -38.34 -19.87 22.25
C1 MAN Q . -34.48 -13.98 21.35
C2 MAN Q . -33.57 -13.17 22.27
C3 MAN Q . -34.32 -11.91 22.68
C4 MAN Q . -34.78 -11.10 21.46
C5 MAN Q . -35.62 -12.03 20.59
C6 MAN Q . -35.86 -11.38 19.24
O2 MAN Q . -32.33 -12.81 21.63
O3 MAN Q . -33.46 -11.21 23.55
O4 MAN Q . -35.43 -10.02 22.07
O5 MAN Q . -34.99 -13.24 20.25
O6 MAN Q . -36.87 -12.04 18.49
C1 NAG R . -33.14 -12.21 -27.27
C2 NAG R . -31.98 -11.24 -27.54
C3 NAG R . -31.94 -10.80 -29.03
C4 NAG R . -32.15 -11.97 -29.98
C5 NAG R . -33.34 -12.80 -29.53
C6 NAG R . -33.58 -14.02 -30.38
C7 NAG R . -31.53 -10.01 -25.46
C8 NAG R . -31.73 -8.72 -24.71
N2 NAG R . -32.07 -10.06 -26.68
O3 NAG R . -30.65 -10.22 -29.24
O4 NAG R . -32.40 -11.58 -31.33
O5 NAG R . -33.11 -13.25 -28.19
O6 NAG R . -32.40 -14.43 -31.08
O7 NAG R . -30.89 -10.95 -24.98
C1 NAG R . -32.30 -10.16 -31.62
C2 NAG R . -31.72 -9.92 -33.01
C3 NAG R . -31.31 -8.45 -33.14
C4 NAG R . -32.49 -7.55 -32.81
C5 NAG R . -33.12 -7.92 -31.45
C6 NAG R . -34.38 -7.14 -31.14
C7 NAG R . -30.15 -11.12 -34.46
C8 NAG R . -28.98 -12.08 -34.52
N2 NAG R . -30.59 -10.82 -33.25
O3 NAG R . -30.81 -8.18 -34.44
O4 NAG R . -32.10 -6.17 -32.83
O5 NAG R . -33.45 -9.32 -31.41
O6 NAG R . -35.56 -7.90 -31.39
O7 NAG R . -30.65 -10.66 -35.49
C1 BMA R . -32.58 -5.55 -34.04
C2 BMA R . -32.02 -4.12 -34.20
C3 BMA R . -32.67 -3.49 -35.47
C4 BMA R . -32.46 -4.34 -36.78
C5 BMA R . -32.81 -5.85 -36.54
C6 BMA R . -32.14 -6.76 -37.56
O2 BMA R . -30.56 -4.05 -34.32
O3 BMA R . -32.24 -2.15 -35.68
O4 BMA R . -33.26 -3.79 -37.88
O5 BMA R . -32.35 -6.34 -35.22
O6 BMA R . -30.71 -6.53 -37.53
C1 MAN R . -33.15 -1.28 -34.99
C2 MAN R . -32.79 0.13 -35.38
C3 MAN R . -31.46 0.48 -34.71
C4 MAN R . -31.61 0.43 -33.14
C5 MAN R . -32.13 -1.00 -32.71
C6 MAN R . -32.51 -1.13 -31.21
O2 MAN R . -33.73 1.01 -34.85
O3 MAN R . -30.94 1.75 -35.21
O4 MAN R . -30.38 0.72 -32.48
O5 MAN R . -33.29 -1.42 -33.55
O6 MAN R . -33.55 -2.14 -31.04
C1 MAN R . -34.54 1.48 -35.93
C2 MAN R . -35.00 2.87 -35.47
C3 MAN R . -35.88 2.62 -34.20
C4 MAN R . -37.12 1.63 -34.51
C5 MAN R . -36.59 0.27 -35.21
C6 MAN R . -37.67 -0.65 -35.86
O2 MAN R . -35.75 3.62 -36.49
O3 MAN R . -36.22 3.85 -33.47
O4 MAN R . -37.88 1.35 -33.32
O5 MAN R . -35.61 0.58 -36.26
O6 MAN R . -37.02 -1.74 -36.64
C1 MAN R . -30.17 -6.98 -38.78
C2 MAN R . -28.70 -7.30 -38.96
C3 MAN R . -27.74 -6.17 -39.30
C4 MAN R . -28.31 -5.58 -40.59
C5 MAN R . -29.77 -5.24 -40.34
C6 MAN R . -30.53 -4.59 -41.50
O2 MAN R . -28.51 -8.41 -39.81
O3 MAN R . -26.43 -6.73 -39.51
O4 MAN R . -27.58 -4.41 -40.87
O5 MAN R . -30.58 -6.35 -40.00
O6 MAN R . -31.85 -4.35 -41.01
C1 MAN R . -25.48 -5.70 -39.40
C2 MAN R . -24.23 -6.28 -40.05
C3 MAN R . -23.68 -7.36 -39.12
C4 MAN R . -23.40 -6.80 -37.72
C5 MAN R . -24.69 -6.19 -37.20
C6 MAN R . -24.41 -5.36 -35.95
O2 MAN R . -23.23 -5.28 -40.29
O3 MAN R . -22.55 -7.89 -39.78
O4 MAN R . -22.90 -7.94 -37.06
O5 MAN R . -25.28 -5.25 -38.07
O6 MAN R . -25.58 -5.12 -35.19
C1 MAN R . -32.75 -3.57 -41.81
C2 MAN R . -33.95 -3.08 -40.99
C3 MAN R . -34.80 -4.28 -40.59
C4 MAN R . -35.24 -5.17 -41.75
C5 MAN R . -33.95 -5.47 -42.51
C6 MAN R . -34.49 -6.26 -43.70
O2 MAN R . -34.86 -2.25 -41.74
O3 MAN R . -35.96 -3.87 -39.90
O4 MAN R . -35.72 -6.31 -41.07
O5 MAN R . -33.20 -4.34 -42.90
O6 MAN R . -33.53 -6.67 -44.64
C1 NAG S . -49.14 -19.26 10.49
C2 NAG S . -50.23 -18.43 9.85
C3 NAG S . -50.45 -17.15 10.68
C4 NAG S . -50.72 -17.50 12.14
C5 NAG S . -49.71 -18.53 12.70
C6 NAG S . -50.15 -19.10 14.02
C7 NAG S . -50.54 -18.71 7.42
C8 NAG S . -50.16 -18.21 6.05
N2 NAG S . -49.94 -18.09 8.46
O3 NAG S . -51.53 -16.41 10.12
O4 NAG S . -50.60 -16.34 12.96
O5 NAG S . -49.53 -19.64 11.81
O6 NAG S . -50.27 -20.52 14.01
O7 NAG S . -51.34 -19.63 7.58
C1 NAG S . -51.90 -15.73 13.22
C2 NAG S . -52.19 -15.62 14.73
C3 NAG S . -53.50 -14.86 14.98
C4 NAG S . -53.49 -13.52 14.25
C5 NAG S . -53.20 -13.74 12.76
C6 NAG S . -53.11 -12.44 11.97
C7 NAG S . -51.64 -17.20 16.54
C8 NAG S . -51.80 -18.60 17.06
N2 NAG S . -52.23 -16.93 15.37
O3 NAG S . -53.73 -14.69 16.37
O4 NAG S . -54.76 -12.88 14.42
O5 NAG S . -51.94 -14.41 12.61
O6 NAG S . -52.41 -11.42 12.66
O7 NAG S . -50.98 -16.35 17.14
C1 NAG T . -39.91 -32.66 24.60
C2 NAG T . -40.38 -31.28 25.11
C3 NAG T . -39.63 -30.92 26.40
C4 NAG T . -39.68 -32.05 27.42
C5 NAG T . -39.30 -33.39 26.78
C6 NAG T . -39.49 -34.58 27.70
C7 NAG T . -40.94 -29.14 24.03
C8 NAG T . -40.62 -28.19 22.91
N2 NAG T . -40.18 -30.26 24.10
O3 NAG T . -40.15 -29.71 26.96
O4 NAG T . -38.80 -31.81 28.51
O5 NAG T . -40.12 -33.63 25.62
O6 NAG T . -40.36 -35.56 27.16
O7 NAG T . -41.84 -28.91 24.85
C1 NAG T . -39.49 -31.30 29.66
C2 NAG T . -39.16 -32.13 30.92
C3 NAG T . -39.88 -31.56 32.15
C4 NAG T . -39.54 -30.08 32.32
C5 NAG T . -39.88 -29.32 31.03
C6 NAG T . -39.50 -27.85 31.09
C7 NAG T . -38.77 -34.55 31.18
C8 NAG T . -39.28 -35.93 30.90
N2 NAG T . -39.51 -33.54 30.73
O3 NAG T . -39.52 -32.28 33.32
O4 NAG T . -40.25 -29.52 33.41
O5 NAG T . -39.18 -29.90 29.92
O6 NAG T . -38.24 -27.61 30.49
O7 NAG T . -37.72 -34.35 31.80
C1 NAG U . -51.08 -26.74 9.71
C2 NAG U . -50.73 -27.14 11.12
C3 NAG U . -51.57 -28.35 11.53
C4 NAG U . -53.06 -28.10 11.25
C5 NAG U . -53.32 -27.48 9.87
C6 NAG U . -54.74 -26.99 9.71
C7 NAG U . -48.42 -26.45 11.54
C8 NAG U . -46.98 -26.90 11.67
N2 NAG U . -49.32 -27.42 11.28
O3 NAG U . -51.35 -28.61 12.91
O4 NAG U . -53.80 -29.33 11.23
O5 NAG U . -52.44 -26.38 9.63
O6 NAG U . -54.81 -25.73 9.06
O7 NAG U . -48.74 -25.27 11.67
C1 NAG U . -54.79 -29.43 12.26
C2 NAG U . -56.15 -29.98 11.78
C3 NAG U . -57.10 -30.15 12.96
C4 NAG U . -56.44 -30.98 14.07
C5 NAG U . -55.07 -30.39 14.43
C6 NAG U . -54.28 -31.25 15.39
C7 NAG U . -57.22 -29.57 9.60
C8 NAG U . -57.81 -28.54 8.68
N2 NAG U . -56.75 -29.10 10.76
O3 NAG U . -58.32 -30.76 12.55
O4 NAG U . -57.24 -31.00 15.24
O5 NAG U . -54.25 -30.29 13.24
O6 NAG U . -53.16 -31.83 14.74
O7 NAG U . -57.16 -30.76 9.29
C1 NAG V . -45.81 -36.55 -9.74
C2 NAG V . -45.05 -37.30 -8.66
C3 NAG V . -44.96 -38.80 -9.01
C4 NAG V . -46.31 -39.38 -9.43
C5 NAG V . -47.04 -38.47 -10.44
C6 NAG V . -48.47 -38.89 -10.71
C7 NAG V . -42.92 -37.02 -7.45
C8 NAG V . -41.57 -36.35 -7.44
N2 NAG V . -43.71 -36.75 -8.50
O3 NAG V . -44.45 -39.52 -7.90
O4 NAG V . -46.07 -40.62 -10.09
O5 NAG V . -47.09 -37.14 -9.91
O6 NAG V . -49.41 -38.17 -9.93
O7 NAG V . -43.28 -37.79 -6.54
C1 NAG V . -46.51 -41.75 -9.31
C2 NAG V . -46.46 -42.97 -10.22
C3 NAG V . -46.96 -44.20 -9.46
C4 NAG V . -46.12 -44.39 -8.20
C5 NAG V . -46.08 -43.11 -7.35
C6 NAG V . -45.09 -43.16 -6.19
C7 NAG V . -46.78 -43.07 -12.66
C8 NAG V . -47.71 -42.79 -13.81
N2 NAG V . -47.24 -42.76 -11.44
O3 NAG V . -46.94 -45.35 -10.29
O4 NAG V . -46.57 -45.51 -7.46
O5 NAG V . -45.69 -41.98 -8.14
O6 NAG V . -43.83 -42.59 -6.53
O7 NAG V . -45.66 -43.56 -12.84
C1 BMA V . -45.61 -46.48 -7.15
C2 BMA V . -46.10 -46.96 -5.78
C3 BMA V . -45.31 -48.19 -5.32
C4 BMA V . -45.35 -49.28 -6.39
C5 BMA V . -44.93 -48.67 -7.72
C6 BMA V . -45.22 -49.71 -8.81
O2 BMA V . -47.49 -47.12 -5.87
O3 BMA V . -45.84 -48.73 -4.11
O4 BMA V . -44.37 -50.26 -6.17
O5 BMA V . -45.66 -47.53 -8.09
O6 BMA V . -46.52 -49.57 -9.41
C1 MAN V . -46.88 -50.45 -10.45
C2 MAN V . -47.77 -49.76 -11.48
C3 MAN V . -49.14 -49.26 -11.02
C4 MAN V . -49.83 -50.50 -10.47
C5 MAN V . -48.90 -51.11 -9.43
C6 MAN V . -49.41 -52.36 -8.70
O2 MAN V . -47.86 -50.52 -12.67
O3 MAN V . -49.82 -48.75 -12.18
O4 MAN V . -51.02 -50.08 -9.86
O5 MAN V . -47.64 -51.52 -9.93
O6 MAN V . -48.40 -52.72 -7.76
C1 MAN V . -49.66 -47.36 -12.21
C2 MAN V . -50.95 -46.85 -12.86
C3 MAN V . -50.92 -47.23 -14.33
C4 MAN V . -49.67 -46.68 -15.03
C5 MAN V . -48.46 -47.20 -14.27
C6 MAN V . -47.21 -46.46 -14.73
O2 MAN V . -51.09 -45.42 -12.71
O3 MAN V . -52.14 -46.77 -14.87
O4 MAN V . -49.87 -47.15 -16.35
O5 MAN V . -48.48 -46.93 -12.88
O6 MAN V . -46.02 -47.14 -14.38
C1 MAN V . -44.88 -48.87 -3.10
C2 MAN V . -45.40 -49.87 -2.06
C3 MAN V . -46.55 -49.24 -1.28
C4 MAN V . -46.12 -47.84 -0.83
C5 MAN V . -45.59 -46.98 -1.97
C6 MAN V . -45.23 -45.59 -1.42
O2 MAN V . -44.32 -50.08 -1.14
O3 MAN V . -47.06 -50.08 -0.28
O4 MAN V . -47.30 -47.23 -0.34
O5 MAN V . -44.48 -47.62 -2.55
O6 MAN V . -44.85 -44.71 -2.46
C1 NAG W . -46.15 -35.80 -4.36
C2 NAG W . -46.51 -37.10 -3.62
C3 NAG W . -46.91 -38.18 -4.64
C4 NAG W . -48.14 -37.68 -5.41
C5 NAG W . -47.80 -36.38 -6.15
C6 NAG W . -49.01 -35.78 -6.82
C7 NAG W . -45.53 -37.63 -1.44
C8 NAG W . -44.32 -38.14 -0.71
N2 NAG W . -45.43 -37.57 -2.77
O3 NAG W . -47.13 -39.39 -3.95
O4 NAG W . -48.66 -38.65 -6.33
O5 NAG W . -47.29 -35.39 -5.22
O6 NAG W . -48.89 -34.38 -7.01
O7 NAG W . -46.55 -37.28 -0.84
C1 NAG W . -49.50 -39.57 -5.57
C2 NAG W . -50.85 -40.01 -6.15
C3 NAG W . -51.65 -40.82 -5.11
C4 NAG W . -50.79 -41.90 -4.44
C5 NAG W . -49.41 -41.37 -4.04
C6 NAG W . -48.46 -42.46 -3.57
C7 NAG W . -52.55 -38.95 -7.58
C8 NAG W . -53.28 -37.68 -7.94
N2 NAG W . -51.63 -38.86 -6.60
O3 NAG W . -52.79 -41.42 -5.72
O4 NAG W . -51.46 -42.37 -3.27
O5 NAG W . -48.77 -40.73 -5.15
O6 NAG W . -47.85 -43.17 -4.63
O7 NAG W . -52.80 -40.03 -8.15
C1 BMA W . -51.90 -43.66 -3.33
C2 BMA W . -52.31 -43.89 -1.88
C3 BMA W . -53.05 -45.22 -1.71
C4 BMA W . -54.23 -45.28 -2.69
C5 BMA W . -53.74 -44.96 -4.08
C6 BMA W . -54.96 -44.78 -4.97
O2 BMA W . -53.00 -42.75 -1.44
O3 BMA W . -53.55 -45.38 -0.38
O4 BMA W . -54.72 -46.59 -2.81
O5 BMA W . -53.03 -43.73 -4.17
O6 BMA W . -55.59 -43.49 -4.85
C1 MAN W . -56.73 -43.23 -5.62
C2 MAN W . -57.50 -42.02 -5.09
C3 MAN W . -58.09 -42.09 -3.69
C4 MAN W . -58.99 -43.31 -3.73
C5 MAN W . -58.17 -44.50 -4.24
C6 MAN W . -58.88 -45.84 -4.32
O2 MAN W . -58.45 -41.54 -6.02
O3 MAN W . -58.84 -40.89 -3.45
O4 MAN W . -59.44 -43.55 -2.42
O5 MAN W . -57.64 -44.31 -5.54
O6 MAN W . -57.90 -46.78 -4.78
C1 NAG X . -42.68 -10.78 6.01
C2 NAG X . -42.25 -10.54 7.44
C3 NAG X . -43.04 -9.36 8.03
C4 NAG X . -42.97 -8.14 7.11
C5 NAG X . -43.21 -8.50 5.63
C6 NAG X . -42.86 -7.38 4.67
C7 NAG X . -41.71 -11.97 9.37
C8 NAG X . -42.00 -13.26 10.09
N2 NAG X . -42.42 -11.73 8.26
O3 NAG X . -42.57 -9.03 9.33
O4 NAG X . -43.93 -7.18 7.51
O5 NAG X . -42.42 -9.63 5.25
O6 NAG X . -41.45 -7.25 4.52
O7 NAG X . -40.85 -11.18 9.78
C1 NAG X . -43.15 -6.02 7.84
C2 NAG X . -43.88 -4.74 7.40
C3 NAG X . -43.04 -3.51 7.75
C4 NAG X . -42.63 -3.53 9.22
C5 NAG X . -41.94 -4.84 9.55
C6 NAG X . -41.59 -4.98 11.01
C7 NAG X . -45.20 -4.14 5.40
C8 NAG X . -45.35 -4.33 3.92
N2 NAG X . -44.18 -4.80 5.98
O3 NAG X . -43.76 -2.31 7.45
O4 NAG X . -41.76 -2.44 9.52
O5 NAG X . -42.83 -5.94 9.24
O6 NAG X . -42.64 -5.60 11.75
O7 NAG X . -45.97 -3.42 6.05
C1 NAG Y . 29.13 6.12 -26.56
C2 NAG Y . 27.98 6.85 -27.17
C3 NAG Y . 28.50 8.09 -27.86
C4 NAG Y . 29.36 8.94 -26.93
C5 NAG Y . 30.28 8.12 -26.00
C6 NAG Y . 30.69 8.88 -24.77
C7 NAG Y . 25.93 5.73 -27.91
C8 NAG Y . 25.30 4.86 -28.97
N2 NAG Y . 27.23 6.02 -28.09
O3 NAG Y . 27.39 8.84 -28.33
O4 NAG Y . 30.25 9.75 -27.67
O5 NAG Y . 29.68 6.89 -25.53
O6 NAG Y . 30.74 8.05 -23.62
O7 NAG Y . 25.29 6.16 -26.94
C1 NAG Y . 29.63 10.76 -28.50
C2 NAG Y . 30.58 11.96 -28.55
C3 NAG Y . 29.94 13.14 -29.29
C4 NAG Y . 29.38 12.69 -30.64
C5 NAG Y . 28.58 11.38 -30.53
C6 NAG Y . 28.22 10.80 -31.89
C7 NAG Y . 30.48 12.81 -26.15
C8 NAG Y . 28.98 12.93 -26.21
N2 NAG Y . 31.12 12.35 -27.25
O3 NAG Y . 30.94 14.13 -29.45
O4 NAG Y . 28.43 13.63 -31.19
O5 NAG Y . 29.30 10.37 -29.82
O6 NAG Y . 29.08 9.72 -32.23
O7 NAG Y . 31.11 13.09 -25.13
C1 BMA Y . 28.81 14.61 -32.17
C2 BMA Y . 27.45 15.13 -32.77
C3 BMA Y . 27.62 16.49 -33.50
C4 BMA Y . 28.49 17.49 -32.66
C5 BMA Y . 29.87 16.83 -32.42
C6 BMA Y . 30.88 17.72 -31.67
O2 BMA Y . 26.44 15.29 -31.75
O3 BMA Y . 26.36 17.08 -33.86
O4 BMA Y . 28.65 18.73 -33.34
O5 BMA Y . 29.67 15.65 -31.62
O6 BMA Y . 30.27 18.96 -31.35
C1 NAG Z . -1.37 -62.13 -10.09
C2 NAG Z . -1.76 -62.45 -11.52
C3 NAG Z . -3.27 -62.64 -11.62
C4 NAG Z . -3.77 -63.63 -10.57
C5 NAG Z . -3.19 -63.36 -9.18
C6 NAG Z . -3.49 -64.47 -8.19
C7 NAG Z . -0.16 -61.48 -13.12
C8 NAG Z . 0.14 -60.32 -14.03
N2 NAG Z . -1.32 -61.42 -12.44
O3 NAG Z . -3.57 -63.11 -12.93
O4 NAG Z . -5.19 -63.55 -10.47
O5 NAG Z . -1.76 -63.20 -9.23
O6 NAG Z . -2.44 -64.65 -7.24
O7 NAG Z . 0.61 -62.44 -12.99
C1 NAG Z . -5.83 -64.48 -11.36
C2 NAG Z . -7.32 -64.63 -11.02
C3 NAG Z . -7.97 -65.65 -11.98
C4 NAG Z . -7.72 -65.27 -13.43
C5 NAG Z . -6.23 -65.01 -13.70
C6 NAG Z . -5.95 -64.41 -15.05
C7 NAG Z . -8.12 -64.24 -8.73
C8 NAG Z . -8.22 -64.81 -7.34
N2 NAG Z . -7.50 -65.03 -9.63
O3 NAG Z . -9.37 -65.74 -11.73
O4 NAG Z . -8.19 -66.28 -14.31
O5 NAG Z . -5.70 -64.09 -12.73
O6 NAG Z . -5.90 -62.99 -14.98
O7 NAG Z . -8.57 -63.14 -9.03
C1 NAG AA . -4.66 -62.41 5.06
C2 NAG AA . -3.45 -63.35 4.89
C3 NAG AA . -3.89 -64.81 5.05
C4 NAG AA . -4.64 -64.99 6.37
C5 NAG AA . -5.79 -63.99 6.49
C6 NAG AA . -6.48 -64.06 7.84
C7 NAG AA . -1.54 -62.74 3.47
C8 NAG AA . -1.04 -62.59 2.06
N2 NAG AA . -2.81 -63.15 3.60
O3 NAG AA . -2.76 -65.67 4.99
O4 NAG AA . -5.16 -66.31 6.46
O5 NAG AA . -5.29 -62.66 6.34
O6 NAG AA . -7.21 -62.87 8.14
O7 NAG AA . -0.83 -62.49 4.44
C1 NAG AA . -4.57 -66.86 7.63
C2 NAG AA . -5.42 -68.03 8.08
C3 NAG AA . -4.86 -68.60 9.40
C4 NAG AA . -3.37 -68.94 9.25
C5 NAG AA . -2.58 -67.78 8.63
C6 NAG AA . -1.17 -68.16 8.26
C7 NAG AA . -7.84 -68.41 7.86
C8 NAG AA . -9.22 -67.84 8.08
N2 NAG AA . -6.81 -67.64 8.24
O3 NAG AA . -5.60 -69.76 9.75
O4 NAG AA . -2.80 -69.22 10.53
O5 NAG AA . -3.23 -67.31 7.43
O6 NAG AA . -0.87 -67.91 6.89
O7 NAG AA . -7.66 -69.53 7.36
C1 NAG BA . 14.43 -48.51 6.38
C2 NAG BA . 15.77 -47.90 6.69
C3 NAG BA . 16.87 -48.46 5.79
C4 NAG BA . 16.84 -49.97 5.92
C5 NAG BA . 15.43 -50.55 5.94
C6 NAG BA . 15.42 -52.00 6.42
C7 NAG BA . 15.66 -45.75 7.84
C8 NAG BA . 15.56 -44.24 7.66
N2 NAG BA . 15.64 -46.46 6.71
O3 NAG BA . 18.11 -47.98 6.27
O4 NAG BA . 17.56 -50.68 4.91
O5 NAG BA . 14.64 -49.83 6.86
O6 NAG BA . 14.08 -52.45 6.54
O7 NAG BA . 16.13 -46.15 8.89
C1 NAG BA . 18.89 -50.97 5.16
C2 NAG BA . 19.03 -52.48 5.25
C3 NAG BA . 20.50 -52.73 5.59
C4 NAG BA . 21.34 -52.23 4.41
C5 NAG BA . 20.99 -50.79 4.07
C6 NAG BA . 21.45 -50.36 2.68
C7 NAG BA . 17.36 -53.98 6.19
C8 NAG BA . 16.30 -54.11 7.27
N2 NAG BA . 18.21 -52.97 6.34
O3 NAG BA . 20.73 -54.10 5.85
O4 NAG BA . 22.71 -52.20 4.85
O5 NAG BA . 19.61 -50.54 4.01
O6 NAG BA . 20.85 -51.11 1.64
O7 NAG BA . 17.25 -54.56 5.11
C1 NAG CA . 11.57 -31.63 -23.76
C2 NAG CA . 10.77 -32.51 -22.81
C3 NAG CA . 9.74 -33.35 -23.56
C4 NAG CA . 8.88 -32.40 -24.39
C5 NAG CA . 9.69 -31.31 -25.08
C6 NAG CA . 8.79 -30.19 -25.60
C7 NAG CA . 11.86 -32.92 -20.67
C8 NAG CA . 12.82 -33.82 -19.90
N2 NAG CA . 11.68 -33.22 -21.95
O3 NAG CA . 8.92 -33.99 -22.60
O4 NAG CA . 8.10 -33.04 -25.40
O5 NAG CA . 10.55 -30.71 -24.15
O6 NAG CA . 8.10 -29.60 -24.53
O7 NAG CA . 11.04 -32.28 -20.00
C1 NAG CA . 6.75 -33.18 -25.16
C2 NAG CA . 6.18 -34.17 -26.18
C3 NAG CA . 4.69 -34.22 -25.89
C4 NAG CA . 4.51 -34.82 -24.49
C5 NAG CA . 5.33 -34.06 -23.46
C6 NAG CA . 5.56 -34.82 -22.16
C7 NAG CA . 6.93 -34.34 -28.50
C8 NAG CA . 7.43 -33.53 -29.68
N2 NAG CA . 6.39 -33.63 -27.51
O3 NAG CA . 4.02 -34.99 -26.87
O4 NAG CA . 3.14 -34.62 -24.12
O5 NAG CA . 6.65 -33.79 -23.87
O6 NAG CA . 6.27 -36.02 -22.33
O7 NAG CA . 7.27 -35.51 -28.32
C1 BMA CA . 2.35 -35.79 -24.18
C2 BMA CA . 1.13 -35.34 -23.36
C3 BMA CA . 0.00 -36.35 -23.47
C4 BMA CA . -0.34 -36.62 -24.94
C5 BMA CA . 0.95 -36.98 -25.68
C6 BMA CA . 0.63 -36.99 -27.17
O2 BMA CA . 0.82 -34.02 -23.76
O3 BMA CA . -1.19 -35.89 -22.81
O4 BMA CA . -1.11 -37.79 -25.08
O5 BMA CA . 1.97 -36.02 -25.52
O6 BMA CA . 0.16 -35.74 -27.66
C1 MAN CA . -1.80 -36.87 -22.02
C2 MAN CA . -3.30 -36.56 -21.96
C3 MAN CA . -3.52 -35.32 -21.10
C4 MAN CA . -2.72 -35.46 -19.81
C5 MAN CA . -1.26 -35.81 -20.04
C6 MAN CA . -0.53 -35.89 -18.70
O2 MAN CA . -3.88 -37.67 -21.26
O3 MAN CA . -4.88 -34.98 -20.94
O4 MAN CA . -2.77 -34.19 -19.19
O5 MAN CA . -1.17 -37.02 -20.76
O6 MAN CA . 0.85 -36.09 -18.87
C1 MAN CA . -4.98 -38.28 -21.90
C2 MAN CA . -6.04 -38.57 -20.84
C3 MAN CA . -5.55 -39.70 -19.94
C4 MAN CA . -5.18 -40.91 -20.79
C5 MAN CA . -4.09 -40.54 -21.81
C6 MAN CA . -3.87 -41.73 -22.75
O2 MAN CA . -7.34 -39.05 -21.24
O3 MAN CA . -6.49 -40.02 -18.94
O4 MAN CA . -4.74 -41.86 -19.86
O5 MAN CA . -4.57 -39.47 -22.57
O6 MAN CA . -3.13 -41.53 -23.92
C1 MAN CA . -0.12 -35.63 -29.04
C2 MAN CA . -0.99 -34.40 -29.35
C3 MAN CA . -2.39 -34.34 -28.75
C4 MAN CA . -3.07 -35.60 -29.26
C5 MAN CA . -2.18 -36.78 -28.90
C6 MAN CA . -2.70 -38.17 -29.28
O2 MAN CA . -1.01 -34.09 -30.72
O3 MAN CA . -3.04 -33.15 -29.23
O4 MAN CA . -4.31 -35.71 -28.59
O5 MAN CA . -0.89 -36.74 -29.47
O6 MAN CA . -1.71 -39.10 -28.81
C1 MAN CA . -2.74 -32.09 -28.37
C2 MAN CA . -3.98 -31.20 -28.44
C3 MAN CA . -3.99 -30.52 -29.81
C4 MAN CA . -2.71 -29.75 -30.06
C5 MAN CA . -1.54 -30.71 -29.90
C6 MAN CA . -0.23 -29.95 -29.85
O2 MAN CA . -3.99 -30.21 -27.40
O3 MAN CA . -5.17 -29.75 -29.84
O4 MAN CA . -2.95 -29.23 -31.36
O5 MAN CA . -1.54 -31.42 -28.68
O6 MAN CA . 0.89 -30.78 -30.01
C1 NAG DA . 39.63 -18.67 -8.53
C2 NAG DA . 39.32 -17.26 -8.00
C3 NAG DA . 40.61 -16.52 -7.58
C4 NAG DA . 41.56 -17.41 -6.78
C5 NAG DA . 41.72 -18.75 -7.48
C6 NAG DA . 42.59 -19.73 -6.71
C7 NAG DA . 37.27 -16.48 -9.10
C8 NAG DA . 36.70 -15.62 -10.19
N2 NAG DA . 38.61 -16.49 -9.00
O3 NAG DA . 40.20 -15.40 -6.79
O4 NAG DA . 42.87 -16.87 -6.63
O5 NAG DA . 40.44 -19.36 -7.61
O6 NAG DA . 42.66 -19.41 -5.33
O7 NAG DA . 36.56 -17.13 -8.33
C1 NAG DA . 43.07 -15.52 -7.13
C2 NAG DA . 44.03 -14.74 -6.24
C3 NAG DA . 43.95 -13.25 -6.59
C4 NAG DA . 44.21 -13.05 -8.09
C5 NAG DA . 43.30 -13.95 -8.93
C6 NAG DA . 43.61 -13.91 -10.41
C7 NAG DA . 44.60 -14.76 -3.84
C8 NAG DA . 44.10 -15.08 -2.45
N2 NAG DA . 43.72 -14.97 -4.83
O3 NAG DA . 44.88 -12.49 -5.81
O4 NAG DA . 44.03 -11.68 -8.44
O5 NAG DA . 43.44 -15.33 -8.52
O6 NAG DA . 44.39 -15.03 -10.84
O7 NAG DA . 45.74 -14.33 -4.05
C1 BMA DA . 45.34 -11.07 -8.63
C2 BMA DA . 45.21 -9.53 -8.84
C3 BMA DA . 46.64 -8.97 -9.13
C4 BMA DA . 47.70 -9.32 -8.03
C5 BMA DA . 47.66 -10.85 -7.65
C6 BMA DA . 48.25 -11.12 -6.27
O2 BMA DA . 44.62 -8.81 -7.70
O3 BMA DA . 46.61 -7.58 -9.37
O4 BMA DA . 49.04 -8.94 -8.47
O5 BMA DA . 46.29 -11.39 -7.59
O6 BMA DA . 47.55 -10.29 -5.30
C1 MAN DA . 46.44 -7.37 -10.79
C2 MAN DA . 46.60 -5.90 -11.03
C3 MAN DA . 45.39 -5.17 -10.47
C4 MAN DA . 44.06 -5.65 -11.19
C5 MAN DA . 43.94 -7.22 -11.06
C6 MAN DA . 42.79 -7.83 -11.90
O2 MAN DA . 46.57 -5.67 -12.42
O3 MAN DA . 45.58 -3.73 -10.47
O4 MAN DA . 42.90 -5.02 -10.65
O5 MAN DA . 45.22 -7.89 -11.41
O6 MAN DA . 43.12 -9.21 -12.27
C1 MAN DA . 47.89 -5.35 -12.85
C2 MAN DA . 47.70 -4.45 -14.06
C3 MAN DA . 46.99 -5.34 -15.13
C4 MAN DA . 47.84 -6.67 -15.47
C5 MAN DA . 48.22 -7.47 -14.11
C6 MAN DA . 49.30 -8.59 -14.23
O2 MAN DA . 48.95 -3.90 -14.59
O3 MAN DA . 46.49 -4.60 -16.29
O4 MAN DA . 47.15 -7.52 -16.40
O5 MAN DA . 48.68 -6.52 -13.08
O6 MAN DA . 49.69 -9.07 -12.87
C1 MAN DA . 48.41 -10.16 -4.16
C2 MAN DA . 47.88 -9.77 -2.79
C3 MAN DA . 47.73 -8.28 -2.47
C4 MAN DA . 49.13 -7.71 -2.67
C5 MAN DA . 49.59 -8.12 -4.06
C6 MAN DA . 50.97 -7.62 -4.50
O2 MAN DA . 48.54 -10.45 -1.74
O3 MAN DA . 47.31 -8.15 -1.10
O4 MAN DA . 49.03 -6.31 -2.57
O5 MAN DA . 49.66 -9.52 -4.27
O6 MAN DA . 51.17 -8.09 -5.84
C1 MAN DA . 46.76 -6.88 -0.92
C2 MAN DA . 46.76 -6.69 0.60
C3 MAN DA . 45.67 -7.60 1.18
C4 MAN DA . 44.31 -7.32 0.56
C5 MAN DA . 44.45 -7.47 -0.96
C6 MAN DA . 43.21 -6.92 -1.65
O2 MAN DA . 46.50 -5.33 0.97
O3 MAN DA . 45.74 -7.42 2.58
O4 MAN DA . 43.50 -8.26 1.23
O5 MAN DA . 45.49 -6.70 -1.52
O6 MAN DA . 43.09 -7.38 -2.98
C1 MAN DA . 52.27 -7.62 -6.59
C2 MAN DA . 52.12 -7.90 -8.09
C3 MAN DA . 52.16 -9.41 -8.32
C4 MAN DA . 53.39 -10.10 -7.75
C5 MAN DA . 53.47 -9.62 -6.30
C6 MAN DA . 54.78 -10.27 -5.85
O2 MAN DA . 53.20 -7.39 -8.89
O3 MAN DA . 52.09 -9.71 -9.69
O4 MAN DA . 53.02 -11.45 -7.83
O5 MAN DA . 53.45 -8.23 -6.12
O6 MAN DA . 55.16 -9.99 -4.52
C1 NAG EA . 13.72 -40.53 -32.68
C2 NAG EA . 14.80 -40.12 -33.67
C3 NAG EA . 14.16 -39.31 -34.80
C4 NAG EA . 12.99 -40.06 -35.43
C5 NAG EA . 12.03 -40.65 -34.38
C6 NAG EA . 11.07 -41.65 -34.97
C7 NAG EA . 17.09 -39.94 -32.79
C8 NAG EA . 18.12 -39.01 -32.18
N2 NAG EA . 15.89 -39.39 -33.05
O3 NAG EA . 15.16 -39.00 -35.77
O4 NAG EA . 12.21 -39.19 -36.25
O5 NAG EA . 12.75 -41.33 -33.33
O6 NAG EA . 11.15 -42.93 -34.36
O7 NAG EA . 17.33 -41.13 -33.02
C1 NAG EA . 12.59 -39.28 -37.65
C2 NAG EA . 11.38 -39.66 -38.54
C3 NAG EA . 11.78 -39.63 -40.01
C4 NAG EA . 12.41 -38.28 -40.38
C5 NAG EA . 13.59 -38.00 -39.45
C6 NAG EA . 14.25 -36.65 -39.69
C7 NAG EA . 9.54 -41.22 -38.07
C8 NAG EA . 9.16 -42.63 -37.72
N2 NAG EA . 10.84 -40.97 -38.18
O3 NAG EA . 10.65 -39.90 -40.85
O4 NAG EA . 12.85 -38.31 -41.73
O5 NAG EA . 13.14 -38.01 -38.08
O6 NAG EA . 13.31 -35.62 -39.94
O7 NAG EA . 8.70 -40.33 -38.22
C1 NAG FA . -3.02 -51.46 -24.69
C2 NAG FA . -3.25 -50.58 -25.93
C3 NAG FA . -4.74 -50.24 -26.05
C4 NAG FA . -5.61 -51.50 -25.95
C5 NAG FA . -5.22 -52.34 -24.74
C6 NAG FA . -5.94 -53.67 -24.66
C7 NAG FA . -2.04 -48.72 -26.98
C8 NAG FA . -1.20 -47.49 -26.75
N2 NAG FA . -2.44 -49.38 -25.88
O3 NAG FA . -4.99 -49.56 -27.28
O4 NAG FA . -6.99 -51.16 -25.82
O5 NAG FA . -3.81 -52.64 -24.78
O6 NAG FA . -5.06 -54.79 -24.64
O7 NAG FA . -2.35 -49.10 -28.12
C1 NAG FA . -7.70 -51.28 -27.09
C2 NAG FA . -8.96 -52.15 -26.92
C3 NAG FA . -9.70 -52.24 -28.25
C4 NAG FA . -10.02 -50.85 -28.79
C5 NAG FA . -8.72 -50.04 -28.91
C6 NAG FA . -8.95 -48.62 -29.36
C7 NAG FA . -9.36 -54.14 -25.54
C8 NAG FA . -8.87 -55.51 -25.15
N2 NAG FA . -8.62 -53.48 -26.43
O3 NAG FA . -10.92 -53.00 -28.10
O4 NAG FA . -10.66 -50.92 -30.07
O5 NAG FA . -8.06 -49.98 -27.64
O6 NAG FA . -9.02 -47.71 -28.26
O7 NAG FA . -10.40 -53.67 -25.06
C1 NAG GA . 15.36 -47.69 -30.18
C2 NAG GA . 13.94 -48.23 -30.30
C3 NAG GA . 13.97 -49.75 -30.52
C4 NAG GA . 14.91 -50.10 -31.66
C5 NAG GA . 16.26 -49.35 -31.60
C6 NAG GA . 17.06 -49.50 -32.88
C7 NAG GA . 12.49 -46.72 -29.01
C8 NAG GA . 11.70 -46.52 -27.74
N2 NAG GA . 13.15 -47.88 -29.12
O3 NAG GA . 12.64 -50.19 -30.76
O4 NAG GA . 15.29 -51.48 -31.62
O5 NAG GA . 16.06 -47.94 -31.37
O6 NAG GA . 17.66 -48.28 -33.29
O7 NAG GA . 12.52 -45.86 -29.90
C1 NAG GA . 14.84 -52.24 -32.76
C2 NAG GA . 15.90 -53.19 -33.33
C3 NAG GA . 15.29 -54.04 -34.46
C4 NAG GA . 14.01 -54.71 -33.98
C5 NAG GA . 13.05 -53.70 -33.37
C6 NAG GA . 11.84 -54.33 -32.72
C7 NAG GA . 18.33 -52.79 -33.48
C8 NAG GA . 19.42 -51.93 -34.07
N2 NAG GA . 17.07 -52.46 -33.81
O3 NAG GA . 16.23 -54.99 -34.94
O4 NAG GA . 13.34 -55.37 -35.07
O5 NAG GA . 13.72 -52.98 -32.32
O6 NAG GA . 11.89 -54.20 -31.32
O7 NAG GA . 18.57 -53.74 -32.73
C1 NAG HA . 30.13 -49.43 -13.43
C2 NAG HA . 28.82 -50.01 -12.90
C3 NAG HA . 29.09 -51.20 -11.96
C4 NAG HA . 30.10 -52.19 -12.54
C5 NAG HA . 31.31 -51.48 -13.15
C6 NAG HA . 32.23 -52.41 -13.93
C7 NAG HA . 26.75 -49.13 -11.89
C8 NAG HA . 26.11 -47.96 -11.18
N2 NAG HA . 28.05 -48.99 -12.21
O3 NAG HA . 27.87 -51.86 -11.66
O4 NAG HA . 30.57 -53.02 -11.48
O5 NAG HA . 30.88 -50.46 -14.06
O6 NAG HA . 31.98 -52.36 -15.32
O7 NAG HA . 26.13 -50.16 -12.15
C1 NAG HA . 30.09 -54.37 -11.58
C2 NAG HA . 30.88 -55.20 -10.58
C3 NAG HA . 30.44 -56.66 -10.66
C4 NAG HA . 28.93 -56.75 -10.42
C5 NAG HA . 28.16 -55.82 -11.37
C6 NAG HA . 26.68 -55.70 -11.05
C7 NAG HA . 33.18 -54.85 -9.77
C8 NAG HA . 34.64 -54.74 -10.18
N2 NAG HA . 32.31 -55.07 -10.77
O3 NAG HA . 31.17 -57.46 -9.74
O4 NAG HA . 28.50 -58.11 -10.53
O5 NAG HA . 28.68 -54.48 -11.31
O6 NAG HA . 26.39 -54.58 -10.22
O7 NAG HA . 32.81 -54.75 -8.60
C1 BMA HA . 27.77 -58.60 -9.44
C2 BMA HA . 26.80 -59.55 -10.12
C3 BMA HA . 26.03 -60.38 -9.10
C4 BMA HA . 27.00 -61.10 -8.16
C5 BMA HA . 27.97 -60.08 -7.59
C6 BMA HA . 29.07 -60.86 -6.87
O2 BMA HA . 27.53 -60.27 -11.08
O3 BMA HA . 25.20 -61.36 -9.74
O4 BMA HA . 26.35 -61.57 -7.01
O5 BMA HA . 28.64 -59.32 -8.57
O6 BMA HA . 30.21 -61.16 -7.69
C1 MAN HA . 31.30 -61.83 -7.12
C2 MAN HA . 32.62 -61.39 -7.73
C3 MAN HA . 32.86 -61.65 -9.21
C4 MAN HA . 32.70 -63.16 -9.36
C5 MAN HA . 31.34 -63.53 -8.76
C6 MAN HA . 30.94 -65.01 -8.85
O2 MAN HA . 33.72 -61.80 -6.95
O3 MAN HA . 34.20 -61.23 -9.54
O4 MAN HA . 32.72 -63.45 -10.74
O5 MAN HA . 31.21 -63.22 -7.39
O6 MAN HA . 29.64 -65.10 -8.26
C1 MAN HA . 34.15 -59.94 -10.08
C2 MAN HA . 35.32 -59.91 -11.06
C3 MAN HA . 36.61 -59.88 -10.25
C4 MAN HA . 36.64 -58.70 -9.28
C5 MAN HA . 35.40 -58.81 -8.40
C6 MAN HA . 35.22 -57.52 -7.61
O2 MAN HA . 35.25 -58.77 -11.93
O3 MAN HA . 37.65 -59.89 -11.20
O4 MAN HA . 37.90 -58.88 -8.66
O5 MAN HA . 34.19 -58.91 -9.11
O6 MAN HA . 34.37 -57.68 -6.50
C1 MAN HA . 23.86 -61.31 -9.34
C2 MAN HA . 23.19 -62.63 -9.66
C3 MAN HA . 23.05 -62.77 -11.17
C4 MAN HA . 22.44 -61.48 -11.72
C5 MAN HA . 23.18 -60.22 -11.28
C6 MAN HA . 22.53 -58.99 -11.89
O2 MAN HA . 21.87 -62.56 -9.10
O3 MAN HA . 22.39 -63.95 -11.57
O4 MAN HA . 22.55 -61.57 -13.13
O5 MAN HA . 23.18 -60.17 -9.86
O6 MAN HA . 23.27 -57.82 -11.61
C1 NAG IA . 25.52 -50.19 -16.22
C2 NAG IA . 25.05 -51.64 -16.16
C3 NAG IA . 26.13 -52.51 -15.53
C4 NAG IA . 27.38 -52.44 -16.41
C5 NAG IA . 27.88 -50.99 -16.49
C6 NAG IA . 29.03 -50.82 -17.45
C7 NAG IA . 22.66 -52.18 -16.03
C8 NAG IA . 21.45 -52.28 -15.14
N2 NAG IA . 23.79 -51.77 -15.44
O3 NAG IA . 25.63 -53.83 -15.39
O4 NAG IA . 28.44 -53.29 -15.96
O5 NAG IA . 26.82 -50.12 -16.96
O6 NAG IA . 29.14 -49.52 -17.97
O7 NAG IA . 22.61 -52.47 -17.24
C1 NAG IA . 28.17 -54.64 -16.47
C2 NAG IA . 29.32 -55.46 -17.05
C3 NAG IA . 28.78 -56.76 -17.69
C4 NAG IA . 27.78 -57.48 -16.77
C5 NAG IA . 26.78 -56.52 -16.13
C6 NAG IA . 25.92 -57.16 -15.06
C7 NAG IA . 31.37 -54.96 -18.31
C8 NAG IA . 32.01 -54.07 -19.35
N2 NAG IA . 30.08 -54.70 -18.03
O3 NAG IA . 29.84 -57.64 -18.04
O4 NAG IA . 27.06 -58.46 -17.53
O5 NAG IA . 27.47 -55.42 -15.51
O6 NAG IA . 26.59 -57.27 -13.81
O7 NAG IA . 31.99 -55.86 -17.73
C1 BMA IA . 27.32 -59.76 -17.23
C2 BMA IA . 26.24 -60.47 -18.01
C3 BMA IA . 26.44 -61.99 -17.99
C4 BMA IA . 27.84 -62.32 -18.48
C5 BMA IA . 28.85 -61.51 -17.69
C6 BMA IA . 30.22 -61.68 -18.36
O2 BMA IA . 26.17 -59.88 -19.28
O3 BMA IA . 25.49 -62.65 -18.83
O4 BMA IA . 28.20 -63.65 -18.15
O5 BMA IA . 28.60 -60.12 -17.72
O6 BMA IA . 30.39 -60.85 -19.52
C1 MAN IA . 31.60 -60.95 -20.22
C2 MAN IA . 31.49 -60.35 -21.63
C3 MAN IA . 30.52 -60.99 -22.61
C4 MAN IA . 31.00 -62.44 -22.70
C5 MAN IA . 31.06 -62.99 -21.27
C6 MAN IA . 31.46 -64.45 -21.13
O2 MAN IA . 32.76 -60.13 -22.22
O3 MAN IA . 30.66 -60.32 -23.87
O4 MAN IA . 30.04 -63.14 -23.45
O5 MAN IA . 31.95 -62.30 -20.43
O6 MAN IA . 31.42 -64.74 -19.73
C1 NAG JA . 14.64 -29.30 -30.06
C2 NAG JA . 13.17 -29.23 -30.43
C3 NAG JA . 13.02 -28.69 -31.85
C4 NAG JA . 13.80 -27.38 -32.02
C5 NAG JA . 15.22 -27.46 -31.45
C6 NAG JA . 15.89 -26.11 -31.32
C7 NAG JA . 11.22 -30.69 -30.08
C8 NAG JA . 10.74 -32.11 -29.97
N2 NAG JA . 12.53 -30.54 -30.30
O3 NAG JA . 11.66 -28.49 -32.18
O4 NAG JA . 13.89 -27.05 -33.40
O5 NAG JA . 15.19 -28.00 -30.12
O6 NAG JA . 15.38 -25.35 -30.23
O7 NAG JA . 10.46 -29.73 -29.97
C1 NAG JA . 13.22 -25.78 -33.50
C2 NAG JA . 13.96 -24.89 -34.52
C3 NAG JA . 13.26 -23.53 -34.61
C4 NAG JA . 11.76 -23.71 -34.88
C5 NAG JA . 11.15 -24.63 -33.84
C6 NAG JA . 9.69 -24.94 -34.10
C7 NAG JA . 16.33 -24.47 -35.01
C8 NAG JA . 17.71 -24.35 -34.44
N2 NAG JA . 15.35 -24.73 -34.14
O3 NAG JA . 13.85 -22.73 -35.63
O4 NAG JA . 11.08 -22.46 -34.87
O5 NAG JA . 11.84 -25.90 -33.85
O6 NAG JA . 9.54 -26.10 -34.89
O7 NAG JA . 16.11 -24.33 -36.22
C1 NAG KA . 9.86 24.11 30.19
C2 NAG KA . 10.94 24.38 29.18
C3 NAG KA . 11.30 25.85 29.26
C4 NAG KA . 10.05 26.74 29.13
C5 NAG KA . 8.82 26.21 29.87
C6 NAG KA . 7.53 26.77 29.31
C7 NAG KA . 12.55 22.69 28.45
C8 NAG KA . 13.78 21.92 28.82
N2 NAG KA . 12.10 23.55 29.38
O3 NAG KA . 12.23 26.13 28.22
O4 NAG KA . 10.32 28.01 29.71
O5 NAG KA . 8.69 24.77 29.82
O6 NAG KA . 6.50 25.80 29.29
O7 NAG KA . 12.00 22.57 27.36
C1 NAG KA . 11.32 28.81 29.07
C2 NAG KA . 10.92 30.28 29.23
C3 NAG KA . 11.87 31.20 28.45
C4 NAG KA . 13.33 30.88 28.80
C5 NAG KA . 13.61 29.37 28.78
C6 NAG KA . 14.97 29.02 29.34
C7 NAG KA . 8.84 30.41 27.78
C8 NAG KA . 9.59 29.89 26.58
N2 NAG KA . 9.51 30.56 28.94
O3 NAG KA . 11.54 32.54 28.80
O4 NAG KA . 14.24 31.42 27.84
O5 NAG KA . 12.65 28.64 29.55
O6 NAG KA . 14.88 28.53 30.67
O7 NAG KA . 7.64 30.69 27.71
C1 BMA KA . 14.93 32.67 28.05
C2 BMA KA . 16.10 32.67 26.98
C3 BMA KA . 16.65 34.10 26.74
C4 BMA KA . 15.50 35.15 26.58
C5 BMA KA . 14.64 35.12 27.87
C6 BMA KA . 13.52 36.15 27.91
O2 BMA KA . 15.67 32.13 25.71
O3 BMA KA . 17.56 34.14 25.61
O4 BMA KA . 16.02 36.45 26.36
O5 BMA KA . 14.04 33.81 27.97
O6 BMA KA . 13.51 36.90 26.70
C1 NAG LA . 9.80 -52.37 33.50
C2 NAG LA . 11.25 -52.50 33.95
C3 NAG LA . 12.04 -53.29 32.92
C4 NAG LA . 11.34 -54.61 32.60
C5 NAG LA . 9.84 -54.45 32.33
C6 NAG LA . 9.11 -55.77 32.26
C7 NAG LA . 11.90 -50.59 35.35
C8 NAG LA . 12.57 -49.23 35.37
N2 NAG LA . 11.86 -51.19 34.15
O3 NAG LA . 13.34 -53.51 33.45
O4 NAG LA . 11.91 -55.17 31.41
O5 NAG LA . 9.22 -53.68 33.38
O6 NAG LA . 7.79 -55.68 32.77
O7 NAG LA . 11.44 -51.11 36.37
C1 NAG LA . 13.02 -56.06 31.74
C2 NAG LA . 13.41 -56.91 30.54
C3 NAG LA . 14.55 -57.86 30.91
C4 NAG LA . 15.73 -57.07 31.50
C5 NAG LA . 15.26 -56.15 32.65
C6 NAG LA . 16.33 -55.19 33.11
C7 NAG LA . 11.74 -57.45 28.80
C8 NAG LA . 10.57 -58.31 28.43
N2 NAG LA . 12.27 -57.66 30.02
O3 NAG LA . 14.99 -58.60 29.78
O4 NAG LA . 16.72 -57.96 32.00
O5 NAG LA . 14.16 -55.33 32.20
O6 NAG LA . 16.23 -53.94 32.41
O7 NAG LA . 12.21 -56.62 28.02
C1 NAG MA . -2.07 -57.56 24.98
C2 NAG MA . -2.48 -57.81 26.44
C3 NAG MA . -2.41 -59.31 26.76
C4 NAG MA . -3.23 -60.10 25.73
C5 NAG MA . -2.80 -59.76 24.32
C6 NAG MA . -3.66 -60.42 23.26
C7 NAG MA . -2.11 -56.12 28.19
C8 NAG MA . -1.10 -55.45 29.08
N2 NAG MA . -1.64 -57.07 27.36
O3 NAG MA . -2.88 -59.56 28.07
O4 NAG MA . -3.06 -61.50 25.94
O5 NAG MA . -2.90 -58.34 24.10
O6 NAG MA . -3.60 -59.77 21.99
O7 NAG MA . -3.32 -55.82 28.22
C1 NAG MA . -4.37 -62.00 26.20
C2 NAG MA . -4.37 -63.49 25.94
C3 NAG MA . -5.79 -64.05 26.11
C4 NAG MA . -6.35 -63.66 27.48
C5 NAG MA . -6.18 -62.17 27.77
C6 NAG MA . -6.50 -61.80 29.21
C7 NAG MA . -3.04 -64.81 24.34
C8 NAG MA . -2.59 -64.96 22.92
N2 NAG MA . -3.86 -63.78 24.61
O3 NAG MA . -5.75 -65.46 25.97
O4 NAG MA . -7.74 -63.96 27.54
O5 NAG MA . -4.82 -61.75 27.53
O6 NAG MA . -5.43 -61.14 29.86
O7 NAG MA . -2.67 -65.59 25.23
C1 NAG NA . -12.19 -37.50 32.34
C2 NAG NA . -13.10 -36.45 32.96
C3 NAG NA . -12.81 -36.25 34.45
C4 NAG NA . -12.92 -37.62 35.11
C5 NAG NA . -12.26 -38.74 34.30
C6 NAG NA . -12.68 -40.12 34.81
C7 NAG NA . -14.07 -34.90 31.35
C8 NAG NA . -13.87 -33.58 30.60
N2 NAG NA . -13.06 -35.26 32.13
O3 NAG NA . -13.82 -35.41 34.96
O4 NAG NA . -12.34 -37.68 36.43
O5 NAG NA . -12.72 -38.67 32.97
O6 NAG NA . -12.16 -41.11 33.95
O7 NAG NA . -15.22 -35.29 31.49
C1 NAG NA . -13.20 -37.42 37.49
C2 NAG NA . -13.32 -38.69 38.31
C3 NAG NA . -14.31 -38.36 39.42
C4 NAG NA . -13.67 -37.29 40.30
C5 NAG NA . -13.21 -36.10 39.46
C6 NAG NA . -12.19 -35.21 40.17
C7 NAG NA . -13.38 -40.95 37.37
C8 NAG NA . -13.84 -41.77 36.18
N2 NAG NA . -13.91 -39.73 37.47
O3 NAG NA . -14.64 -39.52 40.16
O4 NAG NA . -14.69 -36.77 41.17
O5 NAG NA . -12.51 -36.46 38.29
O6 NAG NA . -10.99 -35.87 40.49
O7 NAG NA . -12.36 -41.26 38.00
C1 NAG OA . 15.72 -17.03 34.05
C2 NAG OA . 15.27 -18.37 33.47
C3 NAG OA . 16.41 -19.37 33.40
C4 NAG OA . 17.54 -18.72 32.61
C5 NAG OA . 17.77 -17.26 32.97
C6 NAG OA . 18.65 -16.54 31.94
C7 NAG OA . 12.86 -18.75 33.65
C8 NAG OA . 11.74 -19.29 34.52
N2 NAG OA . 14.08 -18.79 34.19
O3 NAG OA . 15.94 -20.50 32.69
O4 NAG OA . 18.81 -19.38 32.73
O5 NAG OA . 16.54 -16.58 32.96
O6 NAG OA . 18.02 -16.59 30.68
O7 NAG OA . 12.66 -18.70 32.44
C1 NAG OA . 19.22 -20.15 31.65
C2 NAG OA . 20.38 -21.00 32.12
C3 NAG OA . 20.83 -21.78 30.88
C4 NAG OA . 19.68 -22.70 30.46
C5 NAG OA . 18.39 -21.91 30.30
C6 NAG OA . 17.13 -22.79 30.32
C7 NAG OA . 22.09 -20.30 33.71
C8 NAG OA . 22.91 -19.10 34.19
N2 NAG OA . 21.47 -20.14 32.54
O3 NAG OA . 22.01 -22.50 31.14
O4 NAG OA . 19.99 -23.20 29.16
O5 NAG OA . 18.13 -21.02 31.35
O6 NAG OA . 16.95 -23.47 31.54
O7 NAG OA . 21.78 -21.20 34.48
C1 BMA OA . 20.41 -24.54 29.14
C2 BMA OA . 20.26 -24.87 27.66
C3 BMA OA . 20.89 -26.22 27.33
C4 BMA OA . 22.34 -26.26 27.79
C5 BMA OA . 22.39 -25.84 29.26
C6 BMA OA . 23.86 -25.64 29.62
O2 BMA OA . 20.75 -23.77 26.93
O3 BMA OA . 20.86 -26.48 25.91
O4 BMA OA . 22.84 -27.57 27.82
O5 BMA OA . 21.78 -24.60 29.51
O6 BMA OA . 24.52 -24.64 28.83
C1 MAN OA . 20.46 -27.79 25.60
C2 MAN OA . 21.09 -28.18 24.26
C3 MAN OA . 20.44 -27.39 23.14
C4 MAN OA . 18.91 -27.47 23.30
C5 MAN OA . 18.44 -27.09 24.70
C6 MAN OA . 16.91 -27.16 24.76
O2 MAN OA . 20.76 -29.56 24.08
O3 MAN OA . 20.92 -27.72 21.87
O4 MAN OA . 18.38 -26.53 22.40
O5 MAN OA . 19.04 -27.94 25.65
O6 MAN OA . 16.41 -26.69 25.99
C1 MAN OA . 21.83 -30.42 23.80
C2 MAN OA . 21.38 -31.38 22.69
C3 MAN OA . 20.37 -32.35 23.25
C4 MAN OA . 20.95 -33.05 24.49
C5 MAN OA . 21.34 -32.03 25.55
C6 MAN OA . 22.08 -32.75 26.67
O2 MAN OA . 22.35 -32.25 22.08
O3 MAN OA . 19.92 -33.28 22.28
O4 MAN OA . 19.92 -33.91 24.91
O5 MAN OA . 22.24 -31.12 24.96
O6 MAN OA . 22.77 -31.98 27.64
C1 MAN OA . 25.87 -24.35 29.12
C2 MAN OA . 26.54 -23.58 27.98
C3 MAN OA . 26.66 -24.27 26.62
C4 MAN OA . 27.43 -25.55 26.93
C5 MAN OA . 26.71 -26.28 28.05
C6 MAN OA . 27.29 -27.62 28.48
O2 MAN OA . 27.76 -23.00 28.37
O3 MAN OA . 27.39 -23.41 25.74
O4 MAN OA . 27.43 -26.33 25.76
O5 MAN OA . 26.61 -25.55 29.26
O6 MAN OA . 26.43 -28.12 29.51
C1 MAN OA . 26.49 -22.56 25.10
C2 MAN OA . 27.12 -22.29 23.74
C3 MAN OA . 28.33 -21.39 23.94
C4 MAN OA . 27.96 -20.10 24.65
C5 MAN OA . 27.27 -20.48 25.97
C6 MAN OA . 26.62 -19.25 26.58
O2 MAN OA . 26.20 -21.68 22.83
O3 MAN OA . 28.91 -21.22 22.67
O4 MAN OA . 29.20 -19.46 24.74
O5 MAN OA . 26.20 -21.37 25.82
O6 MAN OA . 26.24 -19.45 27.92
C1 NAG PA . -10.90 2.87 43.17
C2 NAG PA . -11.22 3.84 42.02
C3 NAG PA . -12.20 4.94 42.48
C4 NAG PA . -13.34 4.39 43.33
C5 NAG PA . -12.79 3.46 44.40
C6 NAG PA . -13.88 2.80 45.23
C7 NAG PA . -9.29 3.89 40.49
C8 NAG PA . -8.06 4.64 40.07
N2 NAG PA . -10.00 4.43 41.49
O3 NAG PA . -12.70 5.55 41.29
O4 NAG PA . -14.09 5.39 44.02
O5 NAG PA . -12.06 2.40 43.76
O6 NAG PA . -15.13 2.80 44.58
O7 NAG PA . -9.63 2.83 39.96
C1 NAG PA . -13.75 6.77 43.70
C2 NAG PA . -14.98 7.67 43.71
C3 NAG PA . -14.64 9.01 43.05
C4 NAG PA . -13.44 9.64 43.75
C5 NAG PA . -12.27 8.66 43.84
C6 NAG PA . -11.10 9.18 44.67
C7 NAG PA . -17.38 7.33 43.18
C8 NAG PA . -18.36 6.51 42.39
N2 NAG PA . -16.08 7.01 43.01
O3 NAG PA . -15.77 9.88 43.07
O4 NAG PA . -13.05 10.85 43.10
O5 NAG PA . -12.69 7.42 44.45
O6 NAG PA . -11.07 8.64 45.98
O7 NAG PA . -17.72 8.24 43.93
C1 BMA PA . -13.49 11.99 43.87
C2 BMA PA . -13.25 13.31 43.11
C3 BMA PA . -13.66 14.49 44.04
C4 BMA PA . -15.13 14.38 44.60
C5 BMA PA . -15.44 12.95 45.16
C6 BMA PA . -16.94 12.66 45.19
O2 BMA PA . -14.00 13.41 41.84
O3 BMA PA . -13.45 15.75 43.44
O4 BMA PA . -15.37 15.40 45.62
O5 BMA PA . -14.85 11.87 44.34
O6 BMA PA . -17.48 12.84 43.86
C1 MAN PA . -12.10 16.18 43.78
C2 MAN PA . -11.97 17.59 43.29
C3 MAN PA . -11.92 17.57 41.76
C4 MAN PA . -10.66 16.75 41.27
C5 MAN PA . -10.71 15.29 41.88
C6 MAN PA . -9.41 14.45 41.64
O2 MAN PA . -10.73 18.10 43.70
O3 MAN PA . -12.00 18.90 41.20
O4 MAN PA . -10.60 16.66 39.84
O5 MAN PA . -10.99 15.35 43.34
O6 MAN PA . -9.25 13.49 42.72
C1 MAN PA . -10.98 19.04 44.75
C2 MAN PA . -9.82 20.03 44.65
C3 MAN PA . -8.53 19.20 44.97
C4 MAN PA . -8.63 18.48 46.41
C5 MAN PA . -10.00 17.64 46.55
C6 MAN PA . -10.40 17.16 47.98
O2 MAN PA . -9.94 21.18 45.55
O3 MAN PA . -7.29 19.90 44.68
O4 MAN PA . -7.48 17.66 46.68
O5 MAN PA . -11.13 18.42 46.03
O6 MAN PA . -11.77 16.60 47.97
C1 MAN PA . -18.88 13.06 43.99
C2 MAN PA . -19.86 12.86 42.83
C3 MAN PA . -20.07 14.01 41.85
C4 MAN PA . -20.55 15.16 42.75
C5 MAN PA . -19.53 15.33 43.87
C6 MAN PA . -19.79 16.47 44.85
O2 MAN PA . -21.08 12.32 43.26
O3 MAN PA . -21.09 13.62 40.91
O4 MAN PA . -20.60 16.32 41.94
O5 MAN PA . -19.37 14.20 44.69
O6 MAN PA . -18.69 16.45 45.77
C1 MAN PA . -21.00 14.46 39.79
C2 MAN PA . -22.33 14.26 39.08
C3 MAN PA . -22.34 12.87 38.46
C4 MAN PA . -21.15 12.67 37.52
C5 MAN PA . -19.88 12.95 38.32
C6 MAN PA . -18.69 13.06 37.38
O2 MAN PA . -22.55 15.26 38.07
O3 MAN PA . -23.60 12.73 37.86
O4 MAN PA . -21.36 11.35 37.08
O5 MAN PA . -19.86 14.19 38.97
O6 MAN PA . -17.46 12.91 38.04
C1 MAN PA . -18.54 17.51 46.70
C2 MAN PA . -17.15 17.55 47.33
C3 MAN PA . -16.95 16.30 48.19
C4 MAN PA . -18.03 16.11 49.26
C5 MAN PA . -19.35 16.22 48.49
C6 MAN PA . -20.36 16.11 49.63
O2 MAN PA . -16.93 18.65 48.23
O3 MAN PA . -15.71 16.34 48.84
O4 MAN PA . -17.78 14.78 49.67
O5 MAN PA . -19.51 17.38 47.72
O6 MAN PA . -21.71 16.22 49.26
C1 NAG QA . 22.65 -21.78 43.69
C2 NAG QA . 23.02 -20.73 44.72
C3 NAG QA . 24.31 -20.03 44.28
C4 NAG QA . 25.42 -21.05 44.00
C5 NAG QA . 24.94 -22.21 43.13
C6 NAG QA . 25.92 -23.37 43.12
C7 NAG QA . 21.17 -19.77 46.04
C8 NAG QA . 20.15 -18.68 46.14
N2 NAG QA . 21.96 -19.76 44.95
O3 NAG QA . 24.71 -19.10 45.29
O4 NAG QA . 26.50 -20.43 43.31
O5 NAG QA . 23.68 -22.75 43.60
O6 NAG QA . 25.34 -24.59 43.56
O7 NAG QA . 21.27 -20.66 46.90
C1 NAG QA . 27.56 -20.03 44.21
C2 NAG QA . 28.92 -20.67 43.83
C3 NAG QA . 30.04 -20.13 44.72
C4 NAG QA . 30.06 -18.61 44.69
C5 NAG QA . 28.69 -18.06 45.08
C6 NAG QA . 28.58 -16.55 45.02
C7 NAG QA . 29.37 -22.94 42.97
C8 NAG QA . 29.24 -24.42 43.23
N2 NAG QA . 28.86 -22.13 43.91
O3 NAG QA . 31.31 -20.66 44.32
O4 NAG QA . 31.06 -18.13 45.60
O5 NAG QA . 27.69 -18.58 44.18
O6 NAG QA . 29.24 -15.99 43.89
O7 NAG QA . 29.89 -22.49 41.95
C1 NAG RA . 23.43 -40.40 32.90
C2 NAG RA . 24.64 -39.45 32.80
C3 NAG RA . 25.44 -39.76 31.53
C4 NAG RA . 25.76 -41.26 31.44
C5 NAG RA . 24.50 -42.11 31.66
C6 NAG RA . 24.79 -43.61 31.73
C7 NAG RA . 24.99 -37.06 33.24
C8 NAG RA . 24.39 -35.68 33.19
N2 NAG RA . 24.21 -38.05 32.80
O3 NAG RA . 26.64 -38.99 31.49
O4 NAG RA . 26.29 -41.59 30.15
O5 NAG RA . 23.89 -41.75 32.90
O6 NAG RA . 24.36 -44.19 32.94
O7 NAG RA . 26.15 -37.25 33.65
C1 NAG RA . 27.73 -41.71 30.18
C2 NAG RA . 28.18 -43.05 29.57
C3 NAG RA . 29.71 -43.16 29.58
C4 NAG RA . 30.33 -41.95 28.87
C5 NAG RA . 29.83 -40.65 29.52
C6 NAG RA . 30.33 -39.41 28.82
C7 NAG RA . 27.15 -45.28 29.68
C8 NAG RA . 26.58 -46.36 30.57
N2 NAG RA . 27.59 -44.18 30.29
O3 NAG RA . 30.14 -44.36 28.96
O4 NAG RA . 31.75 -41.99 28.93
O5 NAG RA . 28.39 -40.61 29.48
O6 NAG RA . 29.38 -38.90 27.88
O7 NAG RA . 27.22 -45.43 28.45
C1 NAG SA . 19.70 -27.89 47.45
C2 NAG SA . 20.47 -28.94 46.67
C3 NAG SA . 20.64 -30.20 47.53
C4 NAG SA . 21.23 -29.84 48.89
C5 NAG SA . 20.55 -28.62 49.53
C6 NAG SA . 21.30 -28.10 50.74
C7 NAG SA . 20.00 -28.56 44.28
C8 NAG SA . 19.24 -29.02 43.07
N2 NAG SA . 19.81 -29.25 45.41
O3 NAG SA . 21.49 -31.10 46.83
O4 NAG SA . 21.03 -30.88 49.84
O5 NAG SA . 20.44 -27.53 48.60
O6 NAG SA . 21.38 -26.68 50.78
O7 NAG SA . 20.77 -27.58 44.25
C1 NAG SA . 22.24 -31.48 50.33
C2 NAG SA . 22.26 -31.71 51.85
C3 NAG SA . 23.55 -32.45 52.25
C4 NAG SA . 23.73 -33.71 51.40
C5 NAG SA . 23.62 -33.37 49.92
C6 NAG SA . 23.63 -34.60 49.04
C7 NAG SA . 21.26 -30.28 53.58
C8 NAG SA . 21.27 -28.93 54.24
N2 NAG SA . 22.14 -30.46 52.59
O3 NAG SA . 23.54 -32.76 53.64
O4 NAG SA . 25.00 -34.31 51.65
O5 NAG SA . 22.38 -32.71 49.66
O6 NAG SA . 22.35 -34.80 48.44
O7 NAG SA . 20.49 -31.17 53.94
C1 NAG TA . -2.00 -26.91 52.92
C2 NAG TA . -1.85 -28.10 51.98
C3 NAG TA . -2.81 -29.23 52.39
C4 NAG TA . -2.76 -29.52 53.90
C5 NAG TA . -2.80 -28.24 54.74
C6 NAG TA . -2.52 -28.47 56.21
C7 NAG TA . -1.78 -28.46 49.55
C8 NAG TA . -2.12 -27.89 48.19
N2 NAG TA . -2.11 -27.69 50.60
O3 NAG TA . -2.50 -30.40 51.66
O4 NAG TA . -3.91 -30.29 54.24
O5 NAG TA . -1.79 -27.33 54.26
O6 NAG TA . -1.18 -28.21 56.56
O7 NAG TA . -1.26 -29.56 49.68
C1 NAG TA . -3.59 -31.65 54.58
C2 NAG TA . -4.85 -32.27 55.18
C3 NAG TA . -4.56 -33.71 55.60
C4 NAG TA . -4.07 -34.49 54.38
C5 NAG TA . -2.86 -33.80 53.71
C6 NAG TA . -2.46 -34.41 52.38
C7 NAG TA . -6.63 -31.15 56.47
C8 NAG TA . -6.95 -30.34 57.70
N2 NAG TA . -5.35 -31.49 56.31
O3 NAG TA . -5.71 -34.30 56.18
O4 NAG TA . -3.77 -35.84 54.76
O5 NAG TA . -3.18 -32.42 53.44
O6 NAG TA . -3.06 -33.75 51.27
O7 NAG TA . -7.50 -31.49 55.66
C1 BMA TA . -4.40 -36.83 54.00
C2 BMA TA . -3.33 -37.92 53.98
C3 BMA TA . -3.87 -39.22 53.39
C4 BMA TA . -5.15 -39.65 54.10
C5 BMA TA . -6.11 -38.46 54.13
C6 BMA TA . -7.27 -38.83 55.07
O2 BMA TA . -2.83 -38.01 55.29
O3 BMA TA . -2.91 -40.28 53.49
O4 BMA TA . -5.86 -40.62 53.37
O5 BMA TA . -5.56 -37.29 54.67
O6 BMA TA . -7.05 -38.41 56.42
C1 MAN TA . -8.07 -38.66 57.37
C2 MAN TA . -8.15 -37.57 58.42
C3 MAN TA . -6.95 -37.34 59.33
C4 MAN TA . -6.74 -38.70 60.00
C5 MAN TA . -6.63 -39.75 58.90
C6 MAN TA . -6.37 -41.18 59.35
O2 MAN TA . -9.36 -37.63 59.16
O3 MAN TA . -7.30 -36.32 60.28
O4 MAN TA . -5.53 -38.62 60.71
O5 MAN TA . -7.78 -39.86 58.08
O6 MAN TA . -6.28 -41.96 58.16
C1 MAN TA . -6.80 -35.09 59.83
C2 MAN TA . -6.47 -34.34 61.11
C3 MAN TA . -7.79 -33.94 61.77
C4 MAN TA . -8.67 -33.13 60.82
C5 MAN TA . -8.88 -33.96 59.56
C6 MAN TA . -9.50 -33.09 58.47
O2 MAN TA . -5.68 -33.17 60.85
O3 MAN TA . -7.44 -33.28 62.97
O4 MAN TA . -9.80 -32.88 61.63
O5 MAN TA . -7.69 -34.41 58.96
O6 MAN TA . -10.07 -33.85 57.44
C1 MAN TA . -2.65 -40.90 52.26
C2 MAN TA . -2.04 -42.29 52.53
C3 MAN TA . -0.63 -42.11 53.09
C4 MAN TA . 0.13 -41.12 52.21
C5 MAN TA . -0.63 -39.82 51.99
C6 MAN TA . 0.23 -38.87 51.14
O2 MAN TA . -1.93 -42.91 51.26
O3 MAN TA . 0.03 -43.33 53.34
O4 MAN TA . 1.32 -40.82 52.91
O5 MAN TA . -1.88 -40.09 51.40
O6 MAN TA . -0.37 -37.60 51.02
C1 NAG UA . 2.63 -28.90 50.88
C2 NAG UA . 2.79 -30.38 51.20
C3 NAG UA . 1.75 -30.82 52.21
C4 NAG UA . 1.93 -30.02 53.49
C5 NAG UA . 1.77 -28.53 53.19
C6 NAG UA . 2.07 -27.66 54.39
C7 NAG UA . 3.80 -31.92 49.57
C8 NAG UA . 3.58 -32.74 48.32
N2 NAG UA . 2.75 -31.22 49.99
O3 NAG UA . 1.85 -32.23 52.40
O4 NAG UA . 1.05 -30.41 54.54
O5 NAG UA . 2.67 -28.11 52.14
O6 NAG UA . 2.48 -26.35 54.05
O7 NAG UA . 4.89 -31.92 50.15
C1 NAG UA . 1.63 -31.58 55.20
C2 NAG UA . 1.61 -31.67 56.73
C3 NAG UA . 2.44 -32.89 57.20
C4 NAG UA . 2.09 -34.16 56.42
C5 NAG UA . 1.98 -33.90 54.92
C6 NAG UA . 1.44 -35.09 54.14
C7 NAG UA . 1.77 -30.05 58.57
C8 NAG UA . 2.38 -28.76 59.06
N2 NAG UA . 2.12 -30.44 57.34
O3 NAG UA . 2.25 -33.10 58.60
O4 NAG UA . 3.09 -35.13 56.65
O5 NAG UA . 1.10 -32.78 54.66
O6 NAG UA . 0.02 -35.18 54.20
O7 NAG UA . 0.98 -30.70 59.26
C1 BMA UA . 2.70 -36.23 57.37
C2 BMA UA . 3.91 -37.15 57.20
C3 BMA UA . 3.81 -38.37 58.09
C4 BMA UA . 3.59 -37.95 59.54
C5 BMA UA . 2.41 -36.98 59.60
C6 BMA UA . 2.38 -36.39 61.00
O2 BMA UA . 5.06 -36.35 57.37
O3 BMA UA . 4.99 -39.18 58.02
O4 BMA UA . 3.14 -39.03 60.32
O5 BMA UA . 2.55 -35.88 58.73
O6 BMA UA . 3.32 -35.33 61.20
C1 MAN UA . 3.37 -34.71 62.46
C2 MAN UA . 4.67 -33.91 62.65
C3 MAN UA . 5.99 -34.67 62.62
C4 MAN UA . 5.85 -35.70 63.73
C5 MAN UA . 4.56 -36.48 63.47
C6 MAN UA . 4.25 -37.62 64.45
O2 MAN UA . 4.59 -33.04 63.75
O3 MAN UA . 7.04 -33.73 62.91
O4 MAN UA . 6.96 -36.56 63.64
O5 MAN UA . 3.39 -35.70 63.48
O6 MAN UA . 3.03 -38.22 63.98
C1 NAG VA . 19.86 -12.21 37.82
C2 NAG VA . 20.87 -12.70 36.80
C3 NAG VA . 22.19 -11.96 37.00
C4 NAG VA . 21.97 -10.45 37.03
C5 NAG VA . 20.80 -10.04 37.92
C6 NAG VA . 20.37 -8.59 37.73
C7 NAG VA . 21.47 -14.90 35.87
C8 NAG VA . 21.61 -16.38 36.14
N2 NAG VA . 21.06 -14.14 36.90
O3 NAG VA . 23.12 -12.30 35.98
O4 NAG VA . 23.16 -9.80 37.48
O5 NAG VA . 19.65 -10.82 37.63
O6 NAG VA . 19.65 -8.41 36.52
O7 NAG VA . 21.74 -14.42 34.77
C1 NAG VA . 23.54 -8.96 36.39
C2 NAG VA . 24.10 -7.63 36.92
C3 NAG VA . 24.50 -6.72 35.76
C4 NAG VA . 25.44 -7.47 34.80
C5 NAG VA . 24.81 -8.78 34.36
C6 NAG VA . 25.71 -9.62 33.49
C7 NAG VA . 23.43 -6.12 38.75
C8 NAG VA . 22.28 -5.55 39.53
N2 NAG VA . 23.11 -6.98 37.78
O3 NAG VA . 25.13 -5.53 36.23
O4 NAG VA . 25.74 -6.68 33.66
O5 NAG VA . 24.51 -9.57 35.52
O6 NAG VA . 26.50 -10.51 34.27
O7 NAG VA . 24.60 -5.81 39.00
C1 NAG WA . -39.40 -52.90 7.22
C2 NAG WA . -39.84 -54.36 7.12
C3 NAG WA . -39.63 -54.88 5.71
C4 NAG WA . -40.35 -53.99 4.69
C5 NAG WA . -39.92 -52.53 4.86
C6 NAG WA . -40.73 -51.60 3.99
C7 NAG WA . -39.62 -55.44 9.32
C8 NAG WA . -38.76 -56.32 10.19
N2 NAG WA . -39.14 -55.19 8.09
O3 NAG WA . -40.10 -56.22 5.59
O4 NAG WA . -40.04 -54.42 3.36
O5 NAG WA . -40.11 -52.11 6.22
O6 NAG WA . -40.99 -50.34 4.60
O7 NAG WA . -40.68 -54.97 9.72
C1 NAG XA . -39.00 -4.35 -21.16
C2 NAG XA . -39.90 -3.13 -21.45
C3 NAG XA . -41.09 -3.55 -22.34
C4 NAG XA . -40.61 -4.32 -23.58
C5 NAG XA . -39.71 -5.48 -23.17
C6 NAG XA . -39.11 -6.22 -24.34
C7 NAG XA . -40.53 -1.21 -20.04
C8 NAG XA . -41.03 -0.77 -18.68
N2 NAG XA . -40.38 -2.53 -20.21
O3 NAG XA . -41.85 -2.42 -22.75
O4 NAG XA . -41.72 -4.83 -24.32
O5 NAG XA . -38.60 -4.97 -22.39
O6 NAG XA . -37.82 -5.74 -24.69
O7 NAG XA . -40.28 -0.40 -20.93
C1 NAG YA . -58.92 -19.35 -7.62
C2 NAG YA . -60.07 -20.31 -7.35
C3 NAG YA . -60.91 -20.51 -8.62
C4 NAG YA . -61.29 -19.17 -9.25
C5 NAG YA . -60.08 -18.25 -9.39
C6 NAG YA . -60.45 -16.85 -9.85
C7 NAG YA . -60.22 -22.37 -6.00
C8 NAG YA . -59.54 -23.65 -5.62
N2 NAG YA . -59.56 -21.59 -6.87
O3 NAG YA . -62.09 -21.25 -8.30
O4 NAG YA . -61.86 -19.38 -10.55
O5 NAG YA . -59.42 -18.12 -8.12
O6 NAG YA . -59.75 -15.83 -9.16
O7 NAG YA . -61.33 -22.04 -5.55
C1 NAG ZA . -53.92 -8.51 -24.70
C2 NAG ZA . -53.56 -7.80 -26.01
C3 NAG ZA . -53.33 -6.30 -25.77
C4 NAG ZA . -54.50 -5.68 -25.02
C5 NAG ZA . -54.80 -6.48 -23.75
C6 NAG ZA . -56.03 -5.99 -23.02
C7 NAG ZA . -52.45 -9.31 -27.61
C8 NAG ZA . -51.12 -9.82 -28.11
N2 NAG ZA . -52.38 -8.41 -26.62
O3 NAG ZA . -53.15 -5.63 -27.02
O4 NAG ZA . -54.20 -4.32 -24.67
O5 NAG ZA . -55.05 -7.85 -24.08
O6 NAG ZA . -55.73 -5.66 -21.66
O7 NAG ZA . -53.51 -9.69 -28.08
C1 NAG AB . -55.22 -32.27 -8.91
C2 NAG AB . -55.08 -33.66 -9.52
C3 NAG AB . -56.43 -34.41 -9.47
C4 NAG AB . -57.10 -34.30 -8.11
C5 NAG AB . -57.07 -32.87 -7.57
C6 NAG AB . -57.56 -32.76 -6.14
C7 NAG AB . -53.85 -34.50 -11.49
C8 NAG AB . -53.45 -34.21 -12.92
N2 NAG AB . -54.60 -33.57 -10.90
O3 NAG AB . -56.23 -35.79 -9.81
O4 NAG AB . -58.49 -34.67 -8.19
O5 NAG AB . -55.72 -32.38 -7.58
O6 NAG AB . -57.42 -31.45 -5.61
O7 NAG AB . -53.51 -35.54 -10.92
C1 NAG BB . -4.63 16.66 -36.98
C2 NAG BB . -3.59 17.17 -37.98
C3 NAG BB . -3.48 16.22 -39.19
C4 NAG BB . -3.26 14.78 -38.72
C5 NAG BB . -4.33 14.38 -37.71
C6 NAG BB . -4.10 13.00 -37.12
C7 NAG BB . -3.88 19.60 -37.63
C8 NAG BB . -4.22 20.92 -38.28
N2 NAG BB . -3.91 18.53 -38.44
O3 NAG BB . -2.41 16.67 -40.01
O4 NAG BB . -3.33 13.86 -39.80
O5 NAG BB . -4.32 15.31 -36.61
O6 NAG BB . -4.23 13.00 -35.71
O7 NAG BB . -3.60 19.51 -36.43
C1 NAG CB . -13.64 4.99 -30.86
C2 NAG CB . -14.97 5.55 -31.40
C3 NAG CB . -15.94 4.42 -31.71
C4 NAG CB . -15.30 3.37 -32.62
C5 NAG CB . -14.00 2.88 -31.99
C6 NAG CB . -13.25 1.87 -32.85
C7 NAG CB . -15.07 7.70 -30.19
C8 NAG CB . -15.86 8.52 -29.20
N2 NAG CB . -15.57 6.48 -30.45
O3 NAG CB . -17.12 4.94 -32.30
O4 NAG CB . -16.19 2.27 -32.81
O5 NAG CB . -13.12 3.99 -31.78
O6 NAG CB . -12.12 2.44 -33.48
O7 NAG CB . -14.04 8.11 -30.73
C1 NAG DB . 12.20 -64.83 -7.30
C2 NAG DB . 12.49 -66.27 -6.89
C3 NAG DB . 13.65 -66.30 -5.88
C4 NAG DB . 14.86 -65.61 -6.48
C5 NAG DB . 14.52 -64.20 -6.94
C6 NAG DB . 15.67 -63.52 -7.66
C7 NAG DB . 10.45 -67.62 -7.07
C8 NAG DB . 9.28 -68.22 -6.33
N2 NAG DB . 11.31 -66.91 -6.33
O3 NAG DB . 13.97 -67.66 -5.55
O4 NAG DB . 15.90 -65.54 -5.49
O5 NAG DB . 13.40 -64.23 -7.84
O6 NAG DB . 15.24 -62.69 -8.73
O7 NAG DB . 10.59 -67.77 -8.30
C1 NAG EB . 36.93 -15.80 -19.39
C2 NAG EB . 37.61 -15.06 -20.56
C3 NAG EB . 38.96 -15.73 -20.90
C4 NAG EB . 39.82 -15.91 -19.66
C5 NAG EB . 39.04 -16.62 -18.56
C6 NAG EB . 39.81 -16.73 -17.26
C7 NAG EB . 36.65 -13.99 -22.56
C8 NAG EB . 35.68 -14.14 -23.72
N2 NAG EB . 36.73 -15.03 -21.73
O3 NAG EB . 39.66 -14.98 -21.89
O4 NAG EB . 41.00 -16.66 -19.97
O5 NAG EB . 37.84 -15.88 -18.28
O6 NAG EB . 39.52 -15.67 -16.36
O7 NAG EB . 37.31 -12.96 -22.40
C1 NAG FB . 47.04 -25.06 -27.40
C2 NAG FB . 48.03 -23.99 -26.94
C3 NAG FB . 47.71 -22.63 -27.60
C4 NAG FB . 47.58 -22.78 -29.12
C5 NAG FB . 46.60 -23.90 -29.47
C6 NAG FB . 46.52 -24.16 -30.96
C7 NAG FB . 48.93 -24.44 -24.71
C8 NAG FB . 48.76 -24.20 -23.22
N2 NAG FB . 48.02 -23.86 -25.50
O3 NAG FB . 48.73 -21.69 -27.30
O4 NAG FB . 47.13 -21.55 -29.69
O5 NAG FB . 47.02 -25.13 -28.85
O6 NAG FB . 45.19 -24.07 -31.43
O7 NAG FB . 49.85 -25.13 -25.15
C1 NAG GB . 34.30 -40.64 -32.84
C2 NAG GB . 34.60 -42.03 -33.37
C3 NAG GB . 36.12 -42.28 -33.40
C4 NAG GB . 36.86 -41.13 -34.09
C5 NAG GB . 36.41 -39.77 -33.56
C6 NAG GB . 36.99 -38.60 -34.35
C7 NAG GB . 33.49 -44.20 -33.03
C8 NAG GB . 32.84 -45.11 -32.02
N2 NAG GB . 33.96 -43.04 -32.54
O3 NAG GB . 36.40 -43.50 -34.08
O4 NAG GB . 38.27 -41.25 -33.92
O5 NAG GB . 34.98 -39.67 -33.64
O6 NAG GB . 36.04 -37.57 -34.59
O7 NAG GB . 33.61 -44.51 -34.21
C1 NAG HB . 33.77 -49.98 -23.12
C2 NAG HB . 34.25 -50.99 -22.08
C3 NAG HB . 34.84 -52.24 -22.76
C4 NAG HB . 33.95 -52.76 -23.90
C5 NAG HB . 33.44 -51.61 -24.79
C6 NAG HB . 32.41 -52.06 -25.80
C7 NAG HB . 35.42 -50.73 -19.91
C8 NAG HB . 36.49 -49.97 -19.18
N2 NAG HB . 35.24 -50.38 -21.20
O3 NAG HB . 35.04 -53.27 -21.80
O4 NAG HB . 34.66 -53.66 -24.75
O5 NAG HB . 32.83 -50.60 -23.99
O6 NAG HB . 31.88 -50.99 -26.56
O7 NAG HB . 34.76 -51.62 -19.38
C1 NAG IB . 34.81 21.07 3.18
C2 NAG IB . 35.22 22.20 4.14
C3 NAG IB . 36.23 21.70 5.18
C4 NAG IB . 35.72 20.43 5.87
C5 NAG IB . 35.33 19.38 4.83
C6 NAG IB . 34.70 18.15 5.45
C7 NAG IB . 35.03 24.11 2.58
C8 NAG IB . 35.76 25.25 1.93
N2 NAG IB . 35.75 23.35 3.41
O3 NAG IB . 36.46 22.74 6.12
O4 NAG IB . 36.71 19.85 6.70
O5 NAG IB . 34.35 19.95 3.93
O6 NAG IB . 33.51 17.76 4.77
O7 NAG IB . 33.84 23.88 2.35
C1 NAG JB . 33.65 5.58 -0.50
C2 NAG JB . 34.75 5.62 -1.58
C3 NAG JB . 35.47 4.28 -1.65
C4 NAG JB . 35.98 3.86 -0.27
C5 NAG JB . 34.82 3.85 0.72
C6 NAG JB . 35.24 3.50 2.14
C7 NAG JB . 33.71 7.17 -3.21
C8 NAG JB . 33.20 7.31 -4.62
N2 NAG JB . 34.18 5.95 -2.88
O3 NAG JB . 36.55 4.37 -2.57
O4 NAG JB . 36.57 2.56 -0.34
O5 NAG JB . 34.21 5.15 0.77
O6 NAG JB . 35.26 4.64 3.00
O7 NAG JB . 33.69 8.10 -2.40
C1 NAG KB . 1.01 -49.50 44.18
C2 NAG KB . 0.52 -50.73 44.94
C3 NAG KB . -0.91 -50.48 45.45
C4 NAG KB . -0.97 -49.22 46.29
C5 NAG KB . -0.40 -48.02 45.51
C6 NAG KB . -0.29 -46.77 46.36
C7 NAG KB . 1.64 -52.75 44.10
C8 NAG KB . 1.53 -53.94 43.20
N2 NAG KB . 0.57 -51.92 44.12
O3 NAG KB . -1.35 -51.60 46.22
O4 NAG KB . -2.32 -48.93 46.66
O5 NAG KB . 0.92 -48.32 45.02
O6 NAG KB . 0.85 -45.99 46.05
O7 NAG KB . 2.64 -52.53 44.78
C1 NAG LB . -0.03 6.72 44.06
C2 NAG LB . 0.68 7.93 44.70
C3 NAG LB . 0.36 8.00 46.21
C4 NAG LB . -1.14 7.94 46.47
C5 NAG LB . -1.75 6.73 45.76
C6 NAG LB . -3.26 6.67 45.88
C7 NAG LB . 2.90 8.92 44.24
C8 NAG LB . 4.37 8.63 44.04
N2 NAG LB . 2.12 7.85 44.48
O3 NAG LB . 0.90 9.20 46.78
O4 NAG LB . -1.42 7.87 47.85
O5 NAG LB . -1.44 6.78 44.35
O6 NAG LB . -3.92 7.25 44.77
O7 NAG LB . 2.44 10.06 44.18
C1 NAG MB . 13.19 -12.93 59.68
C2 NAG MB . 13.52 -13.89 60.81
C3 NAG MB . 12.84 -13.44 62.12
C4 NAG MB . 13.11 -11.96 62.40
C5 NAG MB . 12.84 -11.09 61.18
C6 NAG MB . 13.26 -9.65 61.36
C7 NAG MB . 13.74 -16.35 60.88
C8 NAG MB . 13.16 -17.65 60.42
N2 NAG MB . 13.10 -15.24 60.47
O3 NAG MB . 13.32 -14.22 63.20
O4 NAG MB . 12.29 -11.50 63.47
O5 NAG MB . 13.58 -11.60 60.05
O6 NAG MB . 13.91 -9.10 60.23
O7 NAG MB . 14.75 -16.28 61.61
C1 NAG NB . 2.38 4.89 59.66
C2 NAG NB . 1.51 6.16 59.71
C3 NAG NB . 2.23 7.34 59.06
C4 NAG NB . 3.64 7.51 59.64
C5 NAG NB . 4.41 6.20 59.58
C6 NAG NB . 5.75 6.27 60.26
C7 NAG NB . -0.90 5.62 59.71
C8 NAG NB . -2.13 5.42 58.87
N2 NAG NB . 0.23 5.92 59.05
O3 NAG NB . 1.48 8.53 59.26
O4 NAG NB . 4.34 8.53 58.92
O5 NAG NB . 3.66 5.17 60.26
O6 NAG NB . 6.80 5.89 59.37
O7 NAG NB . -0.93 5.52 60.94
C1 NAG OB . 4.88 -23.56 59.92
C2 NAG OB . 3.73 -24.47 60.37
C3 NAG OB . 4.07 -25.14 61.71
C4 NAG OB . 5.50 -25.71 61.74
C5 NAG OB . 6.51 -24.73 61.15
C6 NAG OB . 7.89 -25.34 60.98
C7 NAG OB . 1.28 -24.23 60.28
C8 NAG OB . 0.12 -23.28 60.42
N2 NAG OB . 2.49 -23.71 60.48
O3 NAG OB . 3.13 -26.17 62.00
O4 NAG OB . 5.91 -25.99 63.07
O5 NAG OB . 6.08 -24.31 59.85
O6 NAG OB . 8.80 -24.45 60.35
O7 NAG OB . 1.12 -25.43 59.98
C1 NAG PB . -19.16 32.68 15.19
C2 NAG PB . -20.19 33.61 14.56
C3 NAG PB . -21.59 33.37 15.16
C4 NAG PB . -21.95 31.89 15.11
C5 NAG PB . -20.85 31.06 15.75
C6 NAG PB . -21.10 29.57 15.63
C7 NAG PB . -18.74 35.56 14.11
C8 NAG PB . -18.51 37.02 14.37
N2 NAG PB . -19.81 35.01 14.72
O3 NAG PB . -22.53 34.17 14.45
O4 NAG PB . -23.16 31.62 15.83
O5 NAG PB . -19.61 31.32 15.08
O6 NAG PB . -19.95 28.87 15.17
O7 NAG PB . -17.97 34.89 13.40
C1 NAG QB . -15.29 19.54 23.38
C2 NAG QB . -14.85 20.30 24.64
C3 NAG QB . -15.14 19.46 25.91
C4 NAG QB . -16.58 19.00 25.94
C5 NAG QB . -16.92 18.25 24.65
C6 NAG QB . -18.37 17.81 24.58
C7 NAG QB . -12.94 21.57 23.75
C8 NAG QB . -11.46 21.81 23.86
N2 NAG QB . -13.44 20.65 24.59
O3 NAG QB . -14.81 20.22 27.07
O4 NAG QB . -16.78 18.13 27.06
O5 NAG QB . -16.67 19.12 23.52
O6 NAG QB . -19.13 18.60 23.68
O7 NAG QB . -13.65 22.19 22.96
#